data_7CZL
#
_entry.id   7CZL
#
_cell.length_a   1.00
_cell.length_b   1.00
_cell.length_c   1.00
_cell.angle_alpha   90.00
_cell.angle_beta   90.00
_cell.angle_gamma   90.00
#
_symmetry.space_group_name_H-M   'P 1'
#
loop_
_entity.id
_entity.type
_entity.pdbx_description
1 polymer 'Photosystem II protein D1'
2 polymer 'Photosystem II CP47 reaction center protein'
3 polymer 'Photosystem II CP43 reaction center protein'
4 polymer 'Photosystem II D2 protein'
5 polymer 'Cytochrome b559 subunit alpha'
6 polymer 'Cytochrome b559 subunit beta'
7 polymer 'Photosystem II reaction center protein H'
8 polymer 'Photosystem II reaction center protein I'
9 polymer 'Photosystem II reaction center protein K'
10 polymer 'Photosystem II reaction center protein L'
11 polymer 'Photosystem II reaction center protein M'
12 polymer 'Photosystem II reaction center protein T'
13 polymer 'Photosystem II reaction center protein Z'
14 polymer 'Photosystem II reaction center protein Ycf12'
15 polymer Psb27
16 polymer 'Photosystem II reaction center protein X'
17 non-polymer 'CHLOROPHYLL A'
18 non-polymer 'PHEOPHYTIN A'
19 non-polymer 5-[(2E,6E,10E,14E,18E,22E)-3,7,11,15,19,23,27-HEPTAMETHYLOCTACOSA-2,6,10,14,18,22,26-HEPTAENYL]-2,3-DIMETHYLBENZO-1,4-QUINONE
20 non-polymer BETA-CAROTENE
21 non-polymer 1,2-DIPALMITOYL-PHOSPHATIDYL-GLYCEROLE
22 non-polymer DODECYL-BETA-D-MALTOSIDE
23 non-polymer 1,2-DI-O-ACYL-3-O-[6-DEOXY-6-SULFO-ALPHA-D-GLUCOPYRANOSYL]-SN-GLYCEROL
24 non-polymer 'BICARBONATE ION'
25 non-polymer '(1S)-2-(ALPHA-L-ALLOPYRANOSYLOXY)-1-[(TRIDECANOYLOXY)METHYL]ETHYL PALMITATE'
26 non-polymer 'DIGALACTOSYL DIACYL GLYCEROL (DGDG)'
27 non-polymer 'CALCIUM ION'
28 non-polymer 'FE (II) ION'
29 non-polymer 'PROTOPORPHYRIN IX CONTAINING FE'
30 non-polymer 'CHLORIDE ION'
#
loop_
_entity_poly.entity_id
_entity_poly.type
_entity_poly.pdbx_seq_one_letter_code
_entity_poly.pdbx_strand_id
1 'polypeptide(L)'
;SANLWERFCNWVTSTDNRLYVGWFGVIMIPTLLAATICFVIAFIAAPPVDIDGIREPVSGSLLYGNNIITGAVVPSSNAI
GLHFYPIWEAASLDEWLYNGGPYQLIIFHFLLGASCYMGRQWELSYRLGMRPWICVAYSAPLASAFAVFLIYPIGQGSFS
DGMPLGISGTFNFMIVFQAEHNILMHPFHQLGVAGVFGGALFCAMHGSLVTSSLIRETTETESANYGYKFGQEEETYNIV
AAHGYFGRLIFQYASFNNSRSLHFFLAAWPVVGVWFTALGISTMAFNLNGFNFNHSVIDAKGNVINTWADIINRANLGME
VMHE
;
A,a
2 'polypeptide(L)'
;GLPWYRVHTVLINDPGRLIAAHLMHTALVAGWAGSMALYELATFDPSDPVLNPMWRQGMFVLPFMARLGVTGSWSGWSIT
GETGIDPGFWSFEGVALAHIVLSGLLFLAACWHWVYWDLELFRDPRTGEPALDLPKMFGIHLFLAGLLCFGFGAFHLTGL
FGPGMWVSDPYGLTGSVQPVAPEWGPDGFNPYNPGGVVAHHIAAGIVGIIAGLFHILVRPPQRLYKALRMGNIETVLSSS
IAAVFFAAFVVAGTMWYGSATTPIELFGPTRYQWDSSYFQQEINRRVQASLASGATLEEAWSAIPEKLAFYDYIGNNPAK
GGLFRTGPMNKGDGIAQAWKGHAVFRNKEGEELFVRRMPAFFESFPVILTDKNGVVKADIPFRRAESKYSFEQQGVTVSF
YGGELNGQTFTDPPTVKSYARKAIFGEIFEFDTETLNSDGIFRTSPRGWFTFAHAVFALLFFFGHIWHGARTLFRDVFSG
IDPELSPEQVEWGFYQKVGDVTTRR
;
B,b
3 'polypeptide(L)'
;DQESSGFAWWAGNARLINLSGKLLGAHVAHAGLIVFWAGAMTLFELAHFIPEKPMYEQGLILIPHIATLGWGVGPGGEVV
DTFPFFVVGVVHLISSAVLGFGGVYHAIRGPETLEEYSSFFGYDWKDKNKMTTILGFHLIVLGIGALLLVAKAMFFGGLY
DTWAPGGGDVRVITNPTLDPRVIFGYLLKSPFGGEGWIVSVNNLEDVVGGHIWIGLICIAGGIWHILTTPFGWARRAFIW
SGEAYLSYSLGALSMMGFIATCFVWFNNTVYPSEFYGPTGPEASQAQAMTFLIRDQKLGANVGSAQGPTGLGKYLMRSPT
GEIIFGGETMRFWDFRGPWLEPLRGPNGLDLNKIKNDIQPWQERRAAEYMTHAPLGSLNSVGGVATEINSVNFVSPRSWL
ATSHFVLAFFFLVGHLWHAGRARAAAAGFEKGIDRESEPVLSMPSL
;
C,c
4 'polypeptide(L)'
;GWFDILDDWLKRDRFVFVGWSGILLFPCAYLALGGWLTGTTFVTSWYTHGLASSYLEGCNFLTVAVSTPANSMGHSLLLL
WGPEAQGDFTRWCQLGGLWTFIALHGAFGLIGFMLRQFEIARLVGVRPYNAIAFSAPIAVFVSVFLIYPLGQSSWFFAPS
FGVAAIFRFLLFFQGFHNWTLNPFHMMGVAGVLGGALLCAIHGATVENTLFQDGEGASTFRAFNPTQAEETYSMVTANRF
WSQIFGIAFSNKRWLHFFMLFVPVTGLWMSAIGVVGLALNLRSYDFISQEIRAAEDPEFETFYTKNLLLNEGIRAWMAPQ
DQPHENFVFPEEVLPRGNA
;
D,d
5 'polypeptide(L)' WVIHSITIPALFIAGWLFVSTGLAYDVFGTPRPDSYYAQEQRSIPLVTDRFEAKQQVETFLEQLK E,e
6 'polypeptide(L)' PIFTVRWVAVHTLAVPTIFFLGAIAAMQFIQ F,f
7 'polypeptide(L)' ARRTWLGDILRPLNSEYGKVAPGWGTTPLMAVFMGLFLVFLLIILEIYNSTLILDGVNVSWK H,h
8 'polypeptide(L)' METLKITVYIVVTFFVLLFVFGFLSGDPARNPKR I,i
9 'polypeptide(L)' KLPEAYAIFDPLVDVLPVIPVLFLALAFVWQAAVGFR K,k
10 'polypeptide(L)' MEPNPNRQPVELNRTSLYLGLLLILVLALLFSSYFFN L,l
11 'polypeptide(L)' MEVNQLGLIATALFVLVPSVFLIILYVQTESQQ M,m
12 'polypeptide(L)' METITYVFIFACIIALFFFAIFFREPPRIT T,t
13 'polypeptide(L)' MTILFQLALAALVILSFVMVIGVPVAYASPQDWDRSKQLIFLGSGLWIALVLVVGVLNFFVV Z,z
14 'polypeptide(L)' EVIAQLTMIAMIGIAGPMIIFLLAVRRGNL Y,y
15 'polypeptide(L)'
;TGLTGNFREDTLALISSLREAIALPENDPNKKAAQAEARKKLNDFFALYRRDDSLRSLSSFMTMQTALNSLAGHYSSYPN
RPLPEKLKARLEQEFKQVELALDREAKS
;
n,N
16 'polypeptide(L)' TITPSLKGFFIGLLSGAVVLGLTFAVLIAISQIDKVQRSL X,x
#
# COMPACT_ATOMS: atom_id res chain seq x y z
N SER A 1 -29.86 -7.26 48.80
CA SER A 1 -29.08 -8.05 49.73
C SER A 1 -29.19 -7.49 51.15
N ALA A 2 -28.33 -7.98 52.03
CA ALA A 2 -28.38 -7.56 53.43
C ALA A 2 -27.51 -6.35 53.71
N ASN A 3 -26.70 -5.90 52.75
CA ASN A 3 -25.70 -4.88 52.96
C ASN A 3 -25.01 -4.61 51.63
N LEU A 4 -24.40 -3.43 51.51
CA LEU A 4 -23.65 -3.14 50.30
C LEU A 4 -22.29 -3.83 50.31
N TRP A 5 -21.53 -3.63 51.39
CA TRP A 5 -20.21 -4.23 51.51
C TRP A 5 -20.26 -5.74 51.34
N GLU A 6 -20.93 -6.41 52.29
CA GLU A 6 -21.04 -7.86 52.27
C GLU A 6 -21.48 -8.36 50.91
N ARG A 7 -22.29 -7.58 50.20
CA ARG A 7 -22.63 -7.93 48.83
C ARG A 7 -21.48 -7.62 47.88
N PHE A 8 -20.87 -6.44 48.04
CA PHE A 8 -19.74 -6.08 47.19
C PHE A 8 -18.59 -7.06 47.34
N CYS A 9 -18.17 -7.31 48.59
CA CYS A 9 -17.14 -8.29 48.85
C CYS A 9 -17.44 -9.59 48.15
N ASN A 10 -18.70 -10.02 48.17
CA ASN A 10 -19.08 -11.22 47.46
C ASN A 10 -18.89 -11.10 45.96
N TRP A 11 -18.91 -9.89 45.42
CA TRP A 11 -18.75 -9.76 43.98
C TRP A 11 -17.29 -9.84 43.56
N VAL A 12 -16.40 -9.18 44.30
CA VAL A 12 -14.98 -9.26 43.97
C VAL A 12 -14.52 -10.71 43.99
N THR A 13 -14.75 -11.38 45.12
CA THR A 13 -14.35 -12.78 45.24
C THR A 13 -15.03 -13.66 44.21
N SER A 14 -16.19 -13.27 43.72
CA SER A 14 -17.02 -14.17 42.93
C SER A 14 -16.28 -14.71 41.72
N THR A 15 -16.53 -15.97 41.40
CA THR A 15 -15.85 -16.66 40.31
C THR A 15 -16.59 -16.52 38.98
N ASP A 16 -17.83 -16.06 39.00
CA ASP A 16 -18.60 -15.96 37.76
C ASP A 16 -18.03 -14.96 36.78
N ASN A 17 -17.11 -14.11 37.19
CA ASN A 17 -16.59 -13.08 36.31
C ASN A 17 -15.81 -13.69 35.17
N ARG A 18 -15.90 -13.07 34.00
CA ARG A 18 -15.10 -13.54 32.87
C ARG A 18 -13.62 -13.35 33.11
N LEU A 19 -13.24 -12.35 33.89
CA LEU A 19 -11.88 -12.24 34.41
C LEU A 19 -11.95 -12.20 35.92
N TYR A 20 -11.32 -13.16 36.56
CA TYR A 20 -11.33 -13.20 38.01
C TYR A 20 -10.49 -12.06 38.55
N VAL A 21 -11.09 -11.24 39.38
CA VAL A 21 -10.36 -10.25 40.16
C VAL A 21 -10.46 -10.63 41.62
N GLY A 22 -9.38 -11.15 42.16
CA GLY A 22 -9.31 -11.40 43.58
C GLY A 22 -8.97 -10.12 44.31
N TRP A 23 -8.72 -10.26 45.60
CA TRP A 23 -8.33 -9.08 46.36
C TRP A 23 -7.02 -8.52 45.85
N PHE A 24 -6.13 -9.37 45.38
CA PHE A 24 -4.93 -8.87 44.73
C PHE A 24 -5.27 -8.09 43.47
N GLY A 25 -6.33 -8.49 42.78
CA GLY A 25 -6.75 -7.72 41.64
C GLY A 25 -7.07 -6.28 41.98
N VAL A 26 -7.41 -6.02 43.24
CA VAL A 26 -7.73 -4.65 43.64
C VAL A 26 -6.49 -3.78 43.51
N ILE A 27 -5.31 -4.33 43.81
CA ILE A 27 -4.09 -3.62 43.43
C ILE A 27 -3.77 -3.85 41.97
N MET A 28 -3.78 -5.12 41.54
CA MET A 28 -3.23 -5.47 40.24
C MET A 28 -3.87 -4.67 39.12
N ILE A 29 -5.19 -4.68 39.03
CA ILE A 29 -5.87 -4.10 37.88
C ILE A 29 -5.54 -2.62 37.76
N PRO A 30 -5.77 -1.79 38.78
CA PRO A 30 -5.48 -0.36 38.60
C PRO A 30 -4.03 -0.08 38.35
N THR A 31 -3.10 -0.77 39.01
CA THR A 31 -1.70 -0.42 38.81
C THR A 31 -1.24 -0.76 37.40
N LEU A 32 -1.50 -1.98 36.92
CA LEU A 32 -1.07 -2.35 35.59
C LEU A 32 -1.76 -1.48 34.55
N LEU A 33 -3.07 -1.35 34.64
CA LEU A 33 -3.80 -0.46 33.76
C LEU A 33 -3.23 0.95 33.83
N ALA A 34 -2.69 1.34 34.98
CA ALA A 34 -2.01 2.62 35.06
C ALA A 34 -0.60 2.55 34.51
N ALA A 35 0.05 1.40 34.61
CA ALA A 35 1.37 1.27 34.02
C ALA A 35 1.28 1.37 32.50
N THR A 36 0.45 0.52 31.90
CA THR A 36 0.35 0.48 30.44
C THR A 36 0.03 1.85 29.87
N ILE A 37 -1.00 2.50 30.40
CA ILE A 37 -1.39 3.81 29.88
C ILE A 37 -0.22 4.78 29.93
N CYS A 38 0.42 4.89 31.09
CA CYS A 38 1.59 5.75 31.16
C CYS A 38 2.79 5.16 30.44
N PHE A 39 2.72 3.91 30.02
CA PHE A 39 3.80 3.33 29.23
C PHE A 39 3.66 3.69 27.76
N VAL A 40 2.65 3.10 27.10
CA VAL A 40 2.49 3.25 25.66
C VAL A 40 2.59 4.71 25.24
N ILE A 41 1.99 5.59 26.02
CA ILE A 41 2.13 7.02 25.75
C ILE A 41 3.58 7.43 25.85
N ALA A 42 4.19 7.19 27.01
CA ALA A 42 5.59 7.58 27.19
C ALA A 42 6.49 6.92 26.17
N PHE A 43 6.16 5.70 25.77
CA PHE A 43 6.93 5.07 24.71
C PHE A 43 6.77 5.81 23.40
N ILE A 44 5.55 6.24 23.07
CA ILE A 44 5.32 6.95 21.83
C ILE A 44 5.90 8.36 21.91
N ALA A 45 5.48 9.16 22.88
CA ALA A 45 5.99 10.52 23.02
C ALA A 45 6.76 10.62 24.33
N ALA A 46 8.08 10.59 24.23
CA ALA A 46 9.00 10.88 25.32
C ALA A 46 9.88 12.03 24.90
N PRO A 47 9.90 13.14 25.62
CA PRO A 47 10.92 14.14 25.39
C PRO A 47 12.29 13.49 25.47
N PRO A 48 13.28 14.06 24.82
CA PRO A 48 14.57 13.39 24.74
C PRO A 48 15.19 13.25 26.11
N VAL A 49 14.73 12.25 26.85
CA VAL A 49 15.19 12.03 28.22
C VAL A 49 16.71 12.04 28.26
N ASP A 50 17.24 12.69 29.29
CA ASP A 50 18.68 12.86 29.44
C ASP A 50 19.18 11.89 30.50
N ILE A 51 20.19 11.10 30.15
CA ILE A 51 20.81 10.23 31.14
C ILE A 51 21.81 10.99 31.99
N ASP A 52 22.58 11.90 31.40
CA ASP A 52 23.53 12.71 32.15
C ASP A 52 23.32 14.17 31.79
N GLY A 53 23.03 14.99 32.80
CA GLY A 53 22.71 16.38 32.57
C GLY A 53 23.85 17.16 31.95
N ILE A 54 24.99 16.48 31.77
CA ILE A 54 26.19 17.10 31.23
C ILE A 54 26.03 17.43 29.75
N ARG A 55 24.87 17.04 29.20
CA ARG A 55 24.35 17.10 27.82
C ARG A 55 24.76 16.12 26.72
N GLU A 56 24.29 14.88 26.88
CA GLU A 56 23.70 14.11 25.80
C GLU A 56 22.25 13.74 26.13
N PRO A 57 21.28 14.40 25.52
CA PRO A 57 19.91 13.91 25.61
C PRO A 57 19.74 12.72 24.71
N VAL A 58 18.93 11.76 25.14
CA VAL A 58 18.67 10.55 24.38
C VAL A 58 17.19 10.50 24.04
N SER A 59 16.89 10.31 22.77
CA SER A 59 15.52 10.15 22.33
C SER A 59 15.26 8.67 22.10
N GLY A 60 14.50 8.06 22.99
CA GLY A 60 14.07 6.70 22.79
C GLY A 60 12.62 6.67 22.42
N SER A 61 12.03 7.86 22.29
CA SER A 61 10.61 7.94 21.99
C SER A 61 10.33 7.47 20.58
N LEU A 62 9.07 7.12 20.35
CA LEU A 62 8.68 6.60 19.06
C LEU A 62 8.43 7.71 18.05
N LEU A 63 7.98 8.89 18.51
CA LEU A 63 7.72 9.97 17.57
C LEU A 63 8.97 10.40 16.85
N TYR A 64 10.12 10.32 17.51
CA TYR A 64 11.35 10.79 16.88
C TYR A 64 11.98 9.57 16.21
N GLY A 65 11.80 9.47 14.90
CA GLY A 65 12.63 8.64 14.04
C GLY A 65 13.03 7.28 14.55
N ASN A 66 12.17 6.59 15.29
CA ASN A 66 12.56 5.34 15.93
C ASN A 66 11.65 4.21 15.47
N ASN A 67 12.26 3.16 14.93
CA ASN A 67 11.54 1.93 14.76
C ASN A 67 11.22 1.33 16.12
N ILE A 68 10.27 0.41 16.14
CA ILE A 68 10.01 -0.32 17.38
C ILE A 68 11.31 -0.87 17.94
N ILE A 69 12.19 -1.34 17.06
CA ILE A 69 13.44 -1.91 17.50
C ILE A 69 14.26 -0.89 18.28
N THR A 70 14.45 0.29 17.72
CA THR A 70 15.29 1.27 18.38
C THR A 70 14.59 1.98 19.52
N GLY A 71 13.26 2.04 19.50
CA GLY A 71 12.55 2.84 20.48
C GLY A 71 12.54 2.17 21.84
N ALA A 72 12.74 2.98 22.87
CA ALA A 72 12.68 2.49 24.23
C ALA A 72 12.43 3.66 25.17
N VAL A 73 11.97 3.35 26.37
CA VAL A 73 11.84 4.36 27.41
C VAL A 73 13.17 4.47 28.11
N VAL A 74 13.78 5.65 28.05
CA VAL A 74 15.08 5.82 28.69
C VAL A 74 14.91 5.73 30.20
N PRO A 75 15.80 5.07 30.91
CA PRO A 75 15.69 5.06 32.37
C PRO A 75 16.03 6.42 32.95
N SER A 76 15.94 6.57 34.27
CA SER A 76 16.19 7.85 34.89
C SER A 76 17.67 8.21 34.79
N SER A 77 17.94 9.50 34.96
CA SER A 77 19.31 9.98 34.82
C SER A 77 20.17 9.56 36.01
N ASN A 78 21.46 9.87 35.91
CA ASN A 78 22.31 9.77 37.09
C ASN A 78 22.15 10.97 37.99
N ALA A 79 21.88 12.13 37.41
CA ALA A 79 21.66 13.33 38.21
C ALA A 79 20.56 13.08 39.24
N ILE A 80 19.52 12.36 38.84
CA ILE A 80 18.47 12.04 39.80
C ILE A 80 18.94 10.97 40.76
N GLY A 81 19.98 10.23 40.40
CA GLY A 81 20.44 9.17 41.27
C GLY A 81 19.34 8.15 41.48
N LEU A 82 19.29 7.62 42.69
CA LEU A 82 18.30 6.63 43.06
C LEU A 82 17.10 7.23 43.79
N HIS A 83 17.07 8.56 43.96
CA HIS A 83 16.02 9.19 44.72
C HIS A 83 14.64 8.83 44.19
N PHE A 84 13.73 8.59 45.11
CA PHE A 84 12.33 8.54 44.76
C PHE A 84 11.94 9.86 44.14
N TYR A 85 11.40 9.83 42.92
CA TYR A 85 11.25 11.04 42.11
C TYR A 85 9.87 11.05 41.49
N PRO A 86 8.85 11.26 42.28
CA PRO A 86 7.49 11.28 41.74
C PRO A 86 7.23 12.56 40.97
N ILE A 87 6.00 12.72 40.49
CA ILE A 87 5.60 13.92 39.78
C ILE A 87 5.81 15.14 40.65
N TRP A 88 5.03 15.24 41.74
CA TRP A 88 4.96 16.49 42.49
C TRP A 88 6.31 16.90 43.05
N GLU A 89 7.15 15.93 43.42
CA GLU A 89 8.45 16.29 43.96
C GLU A 89 9.28 17.02 42.93
N ALA A 90 9.16 16.64 41.66
CA ALA A 90 9.87 17.35 40.60
C ALA A 90 9.33 18.76 40.45
N ALA A 91 10.21 19.69 40.09
CA ALA A 91 9.86 21.10 40.05
C ALA A 91 8.78 21.37 38.99
N SER A 92 9.08 21.06 37.73
CA SER A 92 8.17 21.31 36.64
C SER A 92 7.82 20.00 35.95
N LEU A 93 6.65 19.97 35.30
CA LEU A 93 6.27 18.78 34.55
C LEU A 93 7.36 18.41 33.56
N ASP A 94 7.71 19.35 32.68
CA ASP A 94 8.76 19.09 31.72
C ASP A 94 10.07 18.75 32.42
N GLU A 95 10.28 19.29 33.62
CA GLU A 95 11.43 18.86 34.40
C GLU A 95 11.32 17.39 34.76
N TRP A 96 10.12 16.94 35.11
CA TRP A 96 9.95 15.57 35.52
C TRP A 96 10.13 14.61 34.34
N LEU A 97 9.84 15.05 33.14
CA LEU A 97 10.08 14.20 31.98
C LEU A 97 11.54 14.25 31.56
N TYR A 98 12.14 15.43 31.59
CA TYR A 98 13.49 15.57 31.05
C TYR A 98 14.49 14.78 31.86
N ASN A 99 14.21 14.53 33.13
CA ASN A 99 15.09 13.75 33.98
C ASN A 99 14.74 12.28 34.01
N GLY A 100 13.83 11.83 33.17
CA GLY A 100 13.51 10.41 33.12
C GLY A 100 12.55 9.96 34.18
N GLY A 101 11.56 10.77 34.49
CA GLY A 101 10.51 10.36 35.38
C GLY A 101 9.78 9.10 34.92
N PRO A 102 9.20 9.11 33.71
CA PRO A 102 8.26 8.05 33.35
C PRO A 102 8.83 6.66 33.51
N TYR A 103 10.14 6.51 33.38
CA TYR A 103 10.75 5.23 33.71
C TYR A 103 10.47 4.87 35.16
N GLN A 104 10.99 5.66 36.08
CA GLN A 104 10.80 5.39 37.50
C GLN A 104 9.33 5.25 37.86
N LEU A 105 8.44 5.82 37.06
CA LEU A 105 7.02 5.65 37.34
C LEU A 105 6.53 4.29 36.88
N ILE A 106 6.96 3.83 35.71
CA ILE A 106 6.41 2.60 35.16
C ILE A 106 6.84 1.41 36.00
N ILE A 107 8.13 1.31 36.28
CA ILE A 107 8.62 0.08 36.89
C ILE A 107 8.05 -0.12 38.28
N PHE A 108 7.83 0.95 39.03
CA PHE A 108 7.17 0.81 40.32
C PHE A 108 5.77 0.25 40.17
N HIS A 109 4.93 0.90 39.38
CA HIS A 109 3.60 0.35 39.20
C HIS A 109 3.65 -1.01 38.54
N PHE A 110 4.64 -1.25 37.69
CA PHE A 110 4.75 -2.55 37.05
C PHE A 110 5.09 -3.62 38.07
N LEU A 111 6.22 -3.46 38.75
CA LEU A 111 6.63 -4.43 39.77
C LEU A 111 5.53 -4.66 40.78
N LEU A 112 5.16 -3.60 41.51
CA LEU A 112 4.09 -3.71 42.48
C LEU A 112 2.82 -4.25 41.85
N GLY A 113 2.69 -4.12 40.53
CA GLY A 113 1.65 -4.84 39.82
C GLY A 113 2.01 -6.29 39.60
N ALA A 114 3.27 -6.54 39.25
CA ALA A 114 3.67 -7.92 38.97
C ALA A 114 3.55 -8.78 40.21
N SER A 115 3.93 -8.26 41.38
CA SER A 115 3.80 -9.02 42.60
C SER A 115 2.36 -9.45 42.82
N CYS A 116 1.46 -8.48 42.90
CA CYS A 116 0.07 -8.81 43.18
C CYS A 116 -0.49 -9.78 42.16
N TYR A 117 0.00 -9.73 40.92
CA TYR A 117 -0.39 -10.75 39.97
C TYR A 117 0.02 -12.13 40.47
N MET A 118 1.26 -12.27 40.93
CA MET A 118 1.73 -13.56 41.41
C MET A 118 0.79 -14.15 42.44
N GLY A 119 0.20 -13.30 43.25
CA GLY A 119 -0.79 -13.78 44.18
C GLY A 119 -2.13 -14.01 43.53
N ARG A 120 -2.50 -13.16 42.56
CA ARG A 120 -3.84 -13.31 41.99
C ARG A 120 -3.99 -14.68 41.36
N GLN A 121 -2.93 -15.20 40.75
CA GLN A 121 -2.97 -16.59 40.33
C GLN A 121 -3.21 -17.51 41.52
N TRP A 122 -2.65 -17.19 42.68
CA TRP A 122 -2.90 -18.03 43.83
C TRP A 122 -4.35 -17.94 44.27
N GLU A 123 -4.84 -16.74 44.59
CA GLU A 123 -6.13 -16.70 45.24
C GLU A 123 -7.26 -17.06 44.30
N LEU A 124 -7.01 -17.24 43.01
CA LEU A 124 -7.99 -17.96 42.22
C LEU A 124 -7.88 -19.45 42.48
N SER A 125 -6.68 -20.00 42.39
CA SER A 125 -6.50 -21.44 42.54
C SER A 125 -7.07 -21.93 43.85
N TYR A 126 -6.99 -21.11 44.89
CA TYR A 126 -7.58 -21.53 46.16
C TYR A 126 -9.10 -21.61 46.07
N ARG A 127 -9.71 -20.80 45.22
CA ARG A 127 -11.17 -20.75 45.17
C ARG A 127 -11.76 -21.65 44.09
N LEU A 128 -10.93 -22.29 43.28
CA LEU A 128 -11.41 -23.35 42.41
C LEU A 128 -11.17 -24.72 43.00
N GLY A 129 -10.63 -24.80 44.20
CA GLY A 129 -10.41 -26.09 44.80
C GLY A 129 -9.37 -26.89 44.07
N MET A 130 -8.17 -26.33 43.96
CA MET A 130 -7.10 -27.03 43.28
C MET A 130 -5.78 -26.72 43.96
N ARG A 131 -4.90 -27.70 43.94
CA ARG A 131 -3.58 -27.57 44.52
C ARG A 131 -2.87 -26.34 43.98
N PRO A 132 -2.46 -25.42 44.82
CA PRO A 132 -2.00 -24.12 44.34
C PRO A 132 -0.49 -23.92 44.22
N TRP A 133 0.22 -24.57 43.30
CA TRP A 133 1.64 -24.26 43.21
C TRP A 133 2.02 -23.35 42.05
N ILE A 134 1.10 -23.00 41.16
CA ILE A 134 1.45 -22.12 40.04
C ILE A 134 2.24 -20.91 40.51
N CYS A 135 1.75 -20.24 41.56
CA CYS A 135 2.42 -19.07 42.09
C CYS A 135 3.87 -19.35 42.46
N VAL A 136 4.22 -20.60 42.75
CA VAL A 136 5.63 -20.93 42.88
C VAL A 136 6.31 -20.84 41.53
N ALA A 137 5.74 -21.50 40.54
CA ALA A 137 6.33 -21.48 39.20
C ALA A 137 6.44 -20.06 38.68
N TYR A 138 5.46 -19.23 38.97
CA TYR A 138 5.52 -17.87 38.45
C TYR A 138 6.58 -17.03 39.12
N SER A 139 7.11 -17.48 40.26
CA SER A 139 8.14 -16.69 40.91
C SER A 139 9.37 -16.56 40.03
N ALA A 140 9.59 -17.53 39.15
CA ALA A 140 10.82 -17.51 38.35
C ALA A 140 10.94 -16.25 37.50
N PRO A 141 9.97 -15.89 36.66
CA PRO A 141 10.08 -14.60 35.98
C PRO A 141 10.11 -13.45 36.96
N LEU A 142 9.20 -13.47 37.93
CA LEU A 142 9.11 -12.35 38.84
C LEU A 142 10.41 -12.17 39.60
N ALA A 143 11.12 -13.25 39.86
CA ALA A 143 12.48 -13.14 40.37
C ALA A 143 13.34 -12.35 39.41
N SER A 144 13.28 -12.70 38.13
CA SER A 144 14.09 -12.00 37.14
C SER A 144 13.67 -10.54 37.03
N ALA A 145 12.37 -10.28 37.09
CA ALA A 145 11.90 -8.90 37.03
C ALA A 145 12.56 -8.04 38.09
N PHE A 146 12.32 -8.36 39.35
CA PHE A 146 12.93 -7.61 40.44
C PHE A 146 14.44 -7.53 40.29
N ALA A 147 15.06 -8.59 39.81
CA ALA A 147 16.51 -8.61 39.71
C ALA A 147 17.01 -7.53 38.76
N VAL A 148 16.51 -7.55 37.53
CA VAL A 148 17.04 -6.63 36.53
C VAL A 148 16.48 -5.23 36.71
N PHE A 149 15.20 -5.11 37.05
CA PHE A 149 14.62 -3.78 37.22
C PHE A 149 14.99 -3.18 38.57
N LEU A 150 14.51 -3.79 39.65
CA LEU A 150 14.62 -3.14 40.95
C LEU A 150 15.99 -3.31 41.58
N ILE A 151 16.52 -4.53 41.58
CA ILE A 151 17.70 -4.82 42.40
C ILE A 151 18.94 -4.20 41.79
N TYR A 152 19.34 -4.70 40.64
CA TYR A 152 20.62 -4.39 40.02
C TYR A 152 20.98 -2.91 40.09
N PRO A 153 20.06 -1.99 39.86
CA PRO A 153 20.42 -0.59 40.06
C PRO A 153 20.78 -0.25 41.48
N ILE A 154 20.16 -0.90 42.48
CA ILE A 154 20.58 -0.64 43.86
C ILE A 154 22.06 -0.96 44.02
N GLY A 155 22.52 -2.04 43.42
CA GLY A 155 23.94 -2.29 43.40
C GLY A 155 24.72 -1.18 42.76
N GLN A 156 24.13 -0.50 41.78
CA GLN A 156 24.76 0.65 41.18
C GLN A 156 24.29 1.95 41.78
N GLY A 157 23.37 1.91 42.73
CA GLY A 157 22.89 3.11 43.36
C GLY A 157 22.14 4.07 42.47
N SER A 158 21.87 3.70 41.22
CA SER A 158 21.09 4.57 40.34
C SER A 158 20.28 3.75 39.37
N PHE A 159 19.05 4.19 39.12
CA PHE A 159 18.22 3.48 38.15
C PHE A 159 18.73 3.66 36.73
N SER A 160 19.66 4.59 36.51
CA SER A 160 20.23 4.74 35.18
C SER A 160 20.76 3.40 34.67
N ASP A 161 21.51 2.71 35.53
CA ASP A 161 22.05 1.41 35.13
C ASP A 161 20.99 0.33 35.07
N GLY A 162 19.78 0.61 35.52
CA GLY A 162 18.69 -0.33 35.34
C GLY A 162 18.41 -0.56 33.87
N MET A 163 17.65 -1.60 33.60
CA MET A 163 17.34 -1.94 32.23
C MET A 163 16.54 -0.85 31.55
N PRO A 164 17.05 -0.21 30.50
CA PRO A 164 16.15 0.53 29.62
C PRO A 164 15.21 -0.45 28.98
N LEU A 165 13.92 -0.18 29.08
CA LEU A 165 12.91 -1.13 28.63
C LEU A 165 12.54 -0.83 27.19
N GLY A 166 12.91 -1.74 26.30
CA GLY A 166 12.76 -1.62 24.88
C GLY A 166 13.65 -2.63 24.19
N ILE A 167 13.38 -2.86 22.91
CA ILE A 167 14.04 -3.99 22.29
C ILE A 167 15.50 -3.69 22.00
N SER A 168 15.82 -2.45 21.64
CA SER A 168 17.23 -2.10 21.56
C SER A 168 17.81 -1.81 22.93
N GLY A 169 17.02 -1.16 23.78
CA GLY A 169 17.51 -0.86 25.11
C GLY A 169 18.00 -2.09 25.83
N THR A 170 17.27 -3.19 25.70
CA THR A 170 17.67 -4.42 26.36
C THR A 170 19.01 -4.91 25.84
N PHE A 171 19.17 -4.94 24.53
CA PHE A 171 20.44 -5.38 23.97
C PHE A 171 21.59 -4.52 24.46
N ASN A 172 21.40 -3.21 24.45
CA ASN A 172 22.42 -2.33 25.01
C ASN A 172 22.75 -2.72 26.43
N PHE A 173 21.74 -3.08 27.21
CA PHE A 173 21.96 -3.40 28.60
C PHE A 173 22.89 -4.60 28.76
N MET A 174 22.52 -5.74 28.19
CA MET A 174 23.33 -6.93 28.34
C MET A 174 24.79 -6.68 27.97
N ILE A 175 25.00 -6.17 26.76
CA ILE A 175 26.36 -5.98 26.27
C ILE A 175 27.17 -5.17 27.28
N VAL A 176 26.64 -4.02 27.67
CA VAL A 176 27.33 -3.23 28.69
C VAL A 176 27.45 -4.02 29.98
N PHE A 177 26.38 -4.73 30.36
CA PHE A 177 26.46 -5.56 31.54
C PHE A 177 27.53 -6.62 31.38
N GLN A 178 27.64 -7.17 30.18
CA GLN A 178 28.71 -8.13 29.91
C GLN A 178 30.07 -7.49 30.08
N ALA A 179 30.21 -6.22 29.75
CA ALA A 179 31.52 -5.59 29.84
C ALA A 179 32.04 -5.65 31.27
N GLU A 180 31.22 -5.22 32.22
CA GLU A 180 31.72 -5.02 33.57
C GLU A 180 31.83 -6.34 34.31
N HIS A 181 30.77 -7.13 34.33
CA HIS A 181 30.71 -8.25 35.25
C HIS A 181 31.06 -9.59 34.63
N ASN A 182 31.28 -9.65 33.33
CA ASN A 182 31.69 -10.88 32.66
C ASN A 182 30.70 -12.01 32.96
N ILE A 183 29.43 -11.74 32.66
CA ILE A 183 28.37 -12.63 33.12
C ILE A 183 28.48 -14.00 32.48
N LEU A 184 29.01 -14.08 31.26
CA LEU A 184 29.04 -15.37 30.58
C LEU A 184 29.78 -16.42 31.39
N MET A 185 30.97 -16.07 31.86
CA MET A 185 31.74 -17.04 32.62
C MET A 185 31.15 -17.33 33.97
N HIS A 186 30.18 -16.55 34.41
CA HIS A 186 29.58 -16.80 35.71
C HIS A 186 28.84 -18.13 35.71
N PRO A 187 28.95 -18.92 36.76
CA PRO A 187 28.27 -20.21 36.76
C PRO A 187 26.76 -20.09 36.80
N PHE A 188 26.21 -19.20 37.62
CA PHE A 188 24.75 -19.17 37.78
C PHE A 188 24.07 -18.97 36.44
N HIS A 189 24.55 -18.02 35.65
CA HIS A 189 24.04 -17.89 34.30
C HIS A 189 24.21 -19.19 33.53
N GLN A 190 25.41 -19.77 33.58
CA GLN A 190 25.67 -20.99 32.84
C GLN A 190 24.71 -22.10 33.21
N LEU A 191 24.08 -22.04 34.38
CA LEU A 191 22.97 -22.94 34.61
C LEU A 191 21.70 -22.41 33.98
N GLY A 192 21.47 -21.10 34.06
CA GLY A 192 20.26 -20.55 33.49
C GLY A 192 20.08 -20.93 32.04
N VAL A 193 21.17 -20.96 31.29
CA VAL A 193 21.11 -21.45 29.92
C VAL A 193 20.54 -22.85 29.90
N ALA A 194 21.15 -23.76 30.66
CA ALA A 194 20.62 -25.11 30.76
C ALA A 194 19.17 -25.09 31.15
N GLY A 195 18.81 -24.22 32.08
CA GLY A 195 17.43 -24.14 32.50
C GLY A 195 16.50 -23.74 31.38
N VAL A 196 16.95 -22.85 30.51
CA VAL A 196 16.08 -22.42 29.41
C VAL A 196 16.05 -23.47 28.31
N PHE A 197 17.22 -23.92 27.85
CA PHE A 197 17.24 -24.95 26.81
C PHE A 197 16.46 -26.19 27.23
N GLY A 198 16.91 -26.84 28.29
CA GLY A 198 16.22 -28.03 28.74
C GLY A 198 14.74 -27.82 28.91
N GLY A 199 14.34 -26.59 29.21
CA GLY A 199 12.94 -26.27 29.15
C GLY A 199 12.45 -26.38 27.73
N ALA A 200 13.08 -25.65 26.82
CA ALA A 200 12.67 -25.72 25.43
C ALA A 200 12.84 -27.13 24.88
N LEU A 201 13.95 -27.78 25.23
CA LEU A 201 14.17 -29.17 24.86
C LEU A 201 13.00 -30.05 25.27
N PHE A 202 12.84 -30.24 26.58
CA PHE A 202 11.74 -31.05 27.09
C PHE A 202 10.42 -30.60 26.50
N CYS A 203 10.23 -29.28 26.36
CA CYS A 203 9.03 -28.79 25.71
C CYS A 203 8.84 -29.41 24.35
N ALA A 204 9.92 -29.73 23.66
CA ALA A 204 9.76 -30.40 22.37
C ALA A 204 9.41 -31.87 22.55
N MET A 205 10.20 -32.60 23.34
CA MET A 205 9.96 -34.03 23.45
C MET A 205 8.60 -34.31 24.06
N HIS A 206 8.37 -33.84 25.29
CA HIS A 206 7.07 -34.09 25.90
C HIS A 206 5.95 -33.56 25.04
N GLY A 207 6.22 -32.55 24.23
CA GLY A 207 5.26 -32.16 23.22
C GLY A 207 5.21 -33.17 22.10
N SER A 208 6.37 -33.68 21.70
CA SER A 208 6.39 -34.58 20.55
C SER A 208 5.83 -35.94 20.89
N LEU A 209 6.38 -36.59 21.92
CA LEU A 209 6.03 -37.98 22.19
C LEU A 209 4.53 -38.15 22.38
N VAL A 210 3.86 -37.17 22.97
CA VAL A 210 2.44 -37.35 23.18
C VAL A 210 1.66 -37.07 21.91
N THR A 211 2.07 -36.07 21.13
CA THR A 211 1.47 -35.92 19.81
C THR A 211 1.74 -37.14 18.94
N SER A 212 2.91 -37.75 19.09
CA SER A 212 3.23 -38.94 18.32
C SER A 212 2.19 -40.02 18.53
N SER A 213 1.79 -40.23 19.77
CA SER A 213 0.85 -41.27 20.14
C SER A 213 -0.53 -40.67 20.31
N LEU A 214 -1.41 -40.91 19.36
CA LEU A 214 -2.79 -40.43 19.44
C LEU A 214 -3.74 -41.54 19.08
N ILE A 215 -4.55 -41.97 20.05
CA ILE A 215 -5.68 -42.82 19.74
C ILE A 215 -6.54 -42.12 18.71
N ARG A 216 -6.83 -42.79 17.62
CA ARG A 216 -7.36 -42.14 16.43
C ARG A 216 -8.89 -42.18 16.46
N GLU A 217 -9.50 -41.03 16.69
CA GLU A 217 -10.92 -40.85 16.50
C GLU A 217 -11.26 -40.17 15.18
N THR A 218 -10.26 -39.85 14.36
CA THR A 218 -10.43 -39.00 13.20
C THR A 218 -10.22 -39.79 11.91
N THR A 219 -10.89 -39.34 10.85
CA THR A 219 -10.58 -39.81 9.51
C THR A 219 -9.34 -39.11 8.97
N GLU A 220 -8.69 -39.75 7.99
CA GLU A 220 -7.46 -39.18 7.44
C GLU A 220 -7.71 -37.82 6.81
N THR A 221 -8.83 -37.66 6.11
CA THR A 221 -9.15 -36.37 5.50
C THR A 221 -9.36 -35.31 6.57
N GLU A 222 -10.17 -35.63 7.58
CA GLU A 222 -10.48 -34.68 8.64
C GLU A 222 -9.22 -34.31 9.42
N SER A 223 -9.25 -33.16 10.05
CA SER A 223 -8.16 -32.76 10.92
C SER A 223 -7.95 -33.78 12.01
N ALA A 224 -6.69 -33.97 12.41
CA ALA A 224 -6.39 -34.93 13.46
C ALA A 224 -6.78 -34.41 14.84
N ASN A 225 -6.79 -33.10 15.02
CA ASN A 225 -7.05 -32.52 16.33
C ASN A 225 -8.52 -32.70 16.72
N TYR A 226 -9.42 -32.38 15.80
CA TYR A 226 -10.83 -32.23 16.14
C TYR A 226 -11.42 -33.46 16.79
N GLY A 227 -10.80 -34.63 16.60
CA GLY A 227 -11.33 -35.84 17.22
C GLY A 227 -11.36 -35.76 18.73
N TYR A 228 -10.47 -34.98 19.32
CA TYR A 228 -10.49 -34.81 20.76
C TYR A 228 -11.72 -34.02 21.16
N LYS A 229 -12.55 -34.61 22.01
CA LYS A 229 -13.77 -33.97 22.48
C LYS A 229 -13.50 -33.37 23.85
N PHE A 230 -13.71 -32.07 23.99
CA PHE A 230 -13.44 -31.44 25.26
C PHE A 230 -14.23 -32.14 26.35
N GLY A 231 -13.52 -32.63 27.36
CA GLY A 231 -14.14 -33.44 28.38
C GLY A 231 -14.08 -34.93 28.14
N GLN A 232 -13.26 -35.41 27.20
CA GLN A 232 -13.07 -36.85 27.07
C GLN A 232 -12.50 -37.39 28.38
N GLU A 233 -13.15 -38.41 28.91
CA GLU A 233 -12.57 -39.17 30.01
C GLU A 233 -11.82 -40.39 29.52
N GLU A 234 -11.70 -40.58 28.22
CA GLU A 234 -10.71 -41.50 27.70
C GLU A 234 -9.34 -40.86 27.76
N GLU A 235 -8.32 -41.71 27.80
CA GLU A 235 -6.94 -41.23 27.67
C GLU A 235 -6.65 -41.00 26.19
N THR A 236 -6.34 -39.76 25.83
CA THR A 236 -6.19 -39.43 24.42
C THR A 236 -4.88 -39.95 23.85
N TYR A 237 -3.92 -40.28 24.70
CA TYR A 237 -2.61 -40.70 24.22
C TYR A 237 -2.12 -41.92 24.98
N ASN A 238 -1.70 -42.94 24.24
CA ASN A 238 -1.18 -44.15 24.86
C ASN A 238 0.16 -43.88 25.54
N ILE A 239 0.23 -44.17 26.83
CA ILE A 239 1.52 -44.20 27.48
C ILE A 239 2.29 -45.46 27.11
N VAL A 240 1.61 -46.61 27.12
CA VAL A 240 2.27 -47.88 26.81
C VAL A 240 2.97 -47.82 25.46
N ALA A 241 2.32 -47.21 24.47
CA ALA A 241 2.95 -47.06 23.17
C ALA A 241 4.15 -46.12 23.24
N ALA A 242 3.95 -44.92 23.78
CA ALA A 242 5.01 -43.93 23.80
C ALA A 242 6.11 -44.26 24.81
N HIS A 243 5.77 -44.98 25.88
CA HIS A 243 6.77 -45.39 26.86
C HIS A 243 7.90 -46.16 26.20
N GLY A 244 7.58 -47.34 25.66
CA GLY A 244 8.60 -48.14 25.00
C GLY A 244 9.34 -47.39 23.92
N TYR A 245 8.67 -46.43 23.28
CA TYR A 245 9.32 -45.63 22.25
C TYR A 245 10.57 -44.97 22.79
N PHE A 246 10.39 -43.99 23.66
CA PHE A 246 11.55 -43.41 24.33
C PHE A 246 12.30 -44.47 25.12
N GLY A 247 11.60 -45.52 25.55
CA GLY A 247 12.25 -46.58 26.29
C GLY A 247 13.11 -47.46 25.42
N ARG A 248 12.77 -47.59 24.14
CA ARG A 248 13.68 -48.25 23.21
C ARG A 248 14.73 -47.29 22.67
N LEU A 249 14.33 -46.06 22.34
CA LEU A 249 15.27 -45.10 21.76
C LEU A 249 16.54 -45.00 22.60
N ILE A 250 16.38 -44.83 23.90
CA ILE A 250 17.50 -44.93 24.82
C ILE A 250 17.20 -46.17 25.64
N PHE A 251 18.00 -46.44 26.67
CA PHE A 251 17.75 -47.60 27.50
C PHE A 251 16.43 -47.46 28.26
N GLN A 252 15.76 -48.59 28.48
CA GLN A 252 14.40 -48.62 29.01
C GLN A 252 14.32 -48.14 30.46
N TYR A 253 15.45 -47.91 31.12
CA TYR A 253 15.42 -47.61 32.55
C TYR A 253 14.93 -46.20 32.85
N ALA A 254 15.21 -45.23 31.98
CA ALA A 254 15.05 -43.81 32.29
C ALA A 254 13.72 -43.22 31.82
N SER A 255 12.80 -44.04 31.32
CA SER A 255 11.67 -43.53 30.55
C SER A 255 10.62 -42.78 31.37
N PHE A 256 10.73 -42.73 32.70
CA PHE A 256 9.77 -41.98 33.52
C PHE A 256 8.34 -42.49 33.29
N ASN A 257 8.09 -43.69 33.82
CA ASN A 257 6.78 -44.30 33.66
C ASN A 257 5.64 -43.36 34.03
N ASN A 258 5.83 -42.58 35.09
CA ASN A 258 4.74 -41.87 35.74
C ASN A 258 4.62 -40.45 35.19
N SER A 259 3.47 -40.15 34.59
CA SER A 259 3.23 -38.78 34.12
C SER A 259 3.33 -37.78 35.26
N ARG A 260 2.65 -38.07 36.37
CA ARG A 260 2.76 -37.19 37.52
C ARG A 260 4.20 -37.01 37.96
N SER A 261 5.03 -38.03 37.74
CA SER A 261 6.45 -37.85 37.99
C SER A 261 7.09 -37.01 36.91
N LEU A 262 6.77 -37.30 35.66
CA LEU A 262 7.29 -36.53 34.54
C LEU A 262 6.96 -35.06 34.64
N HIS A 263 5.67 -34.73 34.55
CA HIS A 263 5.27 -33.34 34.42
C HIS A 263 5.85 -32.46 35.49
N PHE A 264 6.00 -32.98 36.70
CA PHE A 264 6.69 -32.18 37.72
C PHE A 264 8.11 -31.88 37.26
N PHE A 265 8.88 -32.92 36.98
CA PHE A 265 10.22 -32.71 36.46
C PHE A 265 10.20 -31.83 35.23
N LEU A 266 9.12 -31.87 34.47
CA LEU A 266 9.01 -30.98 33.33
C LEU A 266 8.98 -29.53 33.80
N ALA A 267 8.34 -29.27 34.92
CA ALA A 267 8.22 -27.92 35.44
C ALA A 267 9.29 -27.55 36.45
N ALA A 268 10.09 -28.51 36.90
CA ALA A 268 11.18 -28.16 37.81
C ALA A 268 12.37 -27.65 37.04
N TRP A 269 12.68 -28.26 35.92
CA TRP A 269 13.91 -27.94 35.21
C TRP A 269 13.96 -26.49 34.77
N PRO A 270 12.97 -25.96 34.06
CA PRO A 270 13.07 -24.56 33.63
C PRO A 270 13.07 -23.58 34.79
N VAL A 271 12.17 -23.79 35.74
CA VAL A 271 12.03 -22.88 36.87
C VAL A 271 13.35 -22.75 37.60
N VAL A 272 13.76 -23.85 38.25
CA VAL A 272 15.00 -23.81 39.01
C VAL A 272 16.14 -23.27 38.17
N GLY A 273 16.12 -23.57 36.87
CA GLY A 273 17.09 -22.96 35.99
C GLY A 273 17.05 -21.45 36.02
N VAL A 274 15.86 -20.88 36.10
CA VAL A 274 15.74 -19.43 36.01
C VAL A 274 16.10 -18.77 37.32
N TRP A 275 15.70 -19.36 38.45
CA TRP A 275 16.02 -18.78 39.75
C TRP A 275 17.49 -18.44 39.87
N PHE A 276 18.36 -19.36 39.46
CA PHE A 276 19.79 -19.11 39.59
C PHE A 276 20.21 -17.84 38.87
N THR A 277 19.61 -17.56 37.71
CA THR A 277 19.93 -16.34 37.00
C THR A 277 19.57 -15.12 37.84
N ALA A 278 18.31 -15.02 38.26
CA ALA A 278 17.92 -13.92 39.12
C ALA A 278 18.75 -13.90 40.39
N LEU A 279 19.36 -15.01 40.77
CA LEU A 279 20.42 -14.96 41.76
C LEU A 279 21.73 -14.56 41.14
N GLY A 280 22.01 -15.05 39.93
CA GLY A 280 23.25 -14.67 39.26
C GLY A 280 23.38 -13.18 39.05
N ILE A 281 22.27 -12.51 38.74
CA ILE A 281 22.30 -11.06 38.63
C ILE A 281 22.57 -10.43 39.99
N SER A 282 21.76 -10.76 40.98
CA SER A 282 21.93 -10.16 42.29
C SER A 282 23.33 -10.40 42.83
N THR A 283 23.92 -11.54 42.48
CA THR A 283 25.32 -11.73 42.79
C THR A 283 26.19 -10.73 42.06
N MET A 284 25.79 -10.33 40.86
CA MET A 284 26.58 -9.35 40.13
C MET A 284 26.33 -7.94 40.64
N ALA A 285 25.08 -7.61 40.92
CA ALA A 285 24.75 -6.25 41.32
C ALA A 285 25.62 -5.78 42.48
N PHE A 286 26.05 -6.70 43.32
CA PHE A 286 26.89 -6.39 44.46
C PHE A 286 28.37 -6.43 44.12
N ASN A 287 28.68 -6.54 42.83
CA ASN A 287 30.05 -6.71 42.35
C ASN A 287 30.69 -7.93 43.01
N LEU A 288 30.05 -9.06 42.79
CA LEU A 288 30.67 -10.38 42.94
C LEU A 288 30.53 -11.04 41.59
N ASN A 289 31.63 -11.18 40.87
CA ASN A 289 31.56 -11.40 39.45
C ASN A 289 31.85 -12.84 39.09
N GLY A 290 31.66 -13.15 37.81
CA GLY A 290 31.98 -14.47 37.32
C GLY A 290 33.48 -14.64 37.25
N PHE A 291 33.96 -15.75 37.79
CA PHE A 291 35.40 -15.98 37.77
C PHE A 291 35.90 -16.00 36.34
N ASN A 292 36.86 -15.14 36.06
CA ASN A 292 37.50 -15.05 34.76
C ASN A 292 38.92 -15.58 34.92
N PHE A 293 39.18 -16.76 34.39
CA PHE A 293 40.50 -17.34 34.50
C PHE A 293 41.41 -16.58 33.54
N ASN A 294 42.45 -15.97 34.08
CA ASN A 294 43.29 -15.08 33.30
C ASN A 294 44.74 -15.34 33.66
N HIS A 295 45.59 -15.36 32.64
CA HIS A 295 46.95 -15.87 32.76
C HIS A 295 46.97 -17.20 33.50
N SER A 296 45.97 -18.03 33.20
CA SER A 296 45.98 -19.38 33.75
C SER A 296 47.19 -20.15 33.23
N VAL A 297 47.68 -19.77 32.06
CA VAL A 297 48.85 -20.39 31.45
C VAL A 297 49.95 -19.35 31.37
N ILE A 298 51.18 -19.80 31.64
CA ILE A 298 52.35 -18.98 31.41
C ILE A 298 53.52 -19.90 31.14
N ASP A 299 54.44 -19.45 30.30
CA ASP A 299 55.64 -20.22 30.02
C ASP A 299 56.69 -19.95 31.09
N ALA A 300 57.82 -20.65 30.98
CA ALA A 300 58.94 -20.37 31.86
C ALA A 300 59.56 -19.02 31.57
N LYS A 301 59.31 -18.46 30.40
CA LYS A 301 59.93 -17.21 29.96
C LYS A 301 59.11 -15.99 30.34
N GLY A 302 58.02 -16.17 31.08
CA GLY A 302 57.18 -15.06 31.47
C GLY A 302 56.22 -14.57 30.40
N ASN A 303 56.33 -15.09 29.18
CA ASN A 303 55.41 -14.71 28.14
C ASN A 303 54.02 -15.27 28.44
N VAL A 304 53.02 -14.64 27.84
CA VAL A 304 51.62 -14.99 28.08
C VAL A 304 51.16 -15.89 26.95
N ILE A 305 50.83 -17.14 27.28
CA ILE A 305 50.35 -18.06 26.27
C ILE A 305 48.95 -17.67 25.82
N ASN A 306 48.25 -16.85 26.60
CA ASN A 306 47.05 -16.14 26.16
C ASN A 306 45.92 -17.11 25.81
N THR A 307 45.40 -17.75 26.85
CA THR A 307 44.25 -18.65 26.65
C THR A 307 43.00 -17.86 26.27
N TRP A 308 42.02 -18.60 25.73
CA TRP A 308 40.79 -18.00 25.21
C TRP A 308 40.19 -16.95 26.12
N ALA A 309 40.04 -17.28 27.40
CA ALA A 309 39.34 -16.37 28.30
C ALA A 309 39.90 -14.96 28.19
N ASP A 310 41.20 -14.83 27.92
CA ASP A 310 41.77 -13.50 27.74
C ASP A 310 41.12 -12.77 26.58
N ILE A 311 40.86 -13.46 25.47
CA ILE A 311 40.14 -12.84 24.36
C ILE A 311 38.86 -12.21 24.88
N ILE A 312 38.06 -12.98 25.59
CA ILE A 312 36.88 -12.44 26.24
C ILE A 312 37.28 -11.32 27.20
N ASN A 313 38.28 -11.59 28.04
CA ASN A 313 38.76 -10.55 28.95
C ASN A 313 39.14 -9.30 28.20
N ARG A 314 39.64 -9.45 26.98
CA ARG A 314 39.95 -8.26 26.20
C ARG A 314 38.68 -7.62 25.65
N ALA A 315 37.81 -8.42 25.04
CA ALA A 315 36.58 -7.88 24.48
C ALA A 315 35.81 -7.07 25.49
N ASN A 316 35.62 -7.62 26.69
CA ASN A 316 35.01 -6.85 27.76
C ASN A 316 35.82 -5.60 28.05
N LEU A 317 37.11 -5.77 28.32
CA LEU A 317 37.99 -4.62 28.49
C LEU A 317 37.84 -3.66 27.33
N GLY A 318 37.55 -4.19 26.14
CA GLY A 318 37.24 -3.32 25.02
C GLY A 318 35.96 -2.53 25.25
N MET A 319 34.88 -3.21 25.63
CA MET A 319 33.60 -2.53 25.76
C MET A 319 33.67 -1.44 26.82
N GLU A 320 34.19 -1.77 28.01
CA GLU A 320 34.09 -0.82 29.12
C GLU A 320 34.68 0.53 28.75
N VAL A 321 35.82 0.53 28.07
CA VAL A 321 36.39 1.79 27.61
C VAL A 321 35.40 2.52 26.72
N MET A 322 34.68 1.78 25.88
CA MET A 322 33.74 2.40 24.95
C MET A 322 32.63 3.11 25.68
N HIS A 323 32.02 2.43 26.66
CA HIS A 323 30.91 3.03 27.38
C HIS A 323 31.32 4.35 28.01
N GLU A 324 32.41 4.34 28.79
CA GLU A 324 33.11 5.55 29.19
C GLU A 324 34.40 5.20 29.91
N GLY B 1 -14.56 -30.22 5.99
CA GLY B 1 -14.04 -31.19 6.93
C GLY B 1 -12.56 -31.41 6.73
N LEU B 2 -11.85 -30.32 6.41
CA LEU B 2 -10.45 -30.43 6.08
C LEU B 2 -9.73 -29.20 6.61
N PRO B 3 -8.52 -29.35 7.12
CA PRO B 3 -7.78 -28.19 7.61
C PRO B 3 -7.35 -27.32 6.45
N TRP B 4 -7.01 -26.07 6.78
CA TRP B 4 -6.64 -25.15 5.73
C TRP B 4 -5.26 -25.44 5.15
N TYR B 5 -4.42 -26.16 5.86
CA TYR B 5 -3.10 -26.51 5.33
C TYR B 5 -3.08 -27.86 4.65
N ARG B 6 -4.18 -28.60 4.65
CA ARG B 6 -4.27 -29.84 3.91
C ARG B 6 -5.02 -29.69 2.59
N VAL B 7 -5.52 -28.50 2.26
CA VAL B 7 -6.58 -28.37 1.27
C VAL B 7 -6.24 -29.05 -0.04
N HIS B 8 -4.97 -29.06 -0.40
CA HIS B 8 -4.62 -29.63 -1.69
C HIS B 8 -4.51 -31.14 -1.64
N THR B 9 -4.73 -31.76 -0.50
CA THR B 9 -4.78 -33.21 -0.47
C THR B 9 -5.84 -33.73 -1.42
N VAL B 10 -6.87 -32.93 -1.70
CA VAL B 10 -8.01 -33.35 -2.50
C VAL B 10 -7.55 -33.91 -3.84
N LEU B 11 -6.39 -33.47 -4.31
CA LEU B 11 -5.80 -34.02 -5.53
C LEU B 11 -5.24 -35.41 -5.36
N ILE B 12 -5.23 -35.95 -4.13
CA ILE B 12 -4.37 -37.09 -3.80
C ILE B 12 -4.49 -38.18 -4.87
N ASN B 13 -5.71 -38.64 -5.12
CA ASN B 13 -6.00 -39.32 -6.37
C ASN B 13 -7.08 -38.54 -7.11
N ASP B 14 -6.63 -37.67 -8.02
CA ASP B 14 -7.44 -37.24 -9.16
C ASP B 14 -6.48 -36.94 -10.29
N PRO B 15 -5.82 -37.96 -10.83
CA PRO B 15 -4.67 -37.71 -11.71
C PRO B 15 -4.96 -36.68 -12.79
N GLY B 16 -6.21 -36.53 -13.19
CA GLY B 16 -6.53 -35.45 -14.08
C GLY B 16 -6.34 -34.12 -13.38
N ARG B 17 -7.08 -33.90 -12.29
CA ARG B 17 -6.99 -32.62 -11.61
C ARG B 17 -5.57 -32.28 -11.27
N LEU B 18 -4.76 -33.29 -10.97
CA LEU B 18 -3.35 -33.06 -10.68
C LEU B 18 -2.66 -32.39 -11.85
N ILE B 19 -2.81 -32.96 -13.05
CA ILE B 19 -2.16 -32.38 -14.21
C ILE B 19 -2.61 -30.96 -14.40
N ALA B 20 -3.83 -30.63 -13.96
CA ALA B 20 -4.27 -29.26 -14.02
C ALA B 20 -3.43 -28.37 -13.12
N ALA B 21 -3.16 -28.82 -11.91
CA ALA B 21 -2.35 -28.03 -10.99
C ALA B 21 -1.00 -27.72 -11.62
N HIS B 22 -0.19 -28.75 -11.85
CA HIS B 22 1.17 -28.54 -12.32
C HIS B 22 1.20 -27.57 -13.49
N LEU B 23 0.31 -27.75 -14.46
CA LEU B 23 0.19 -26.77 -15.52
C LEU B 23 0.04 -25.37 -14.95
N MET B 24 -1.07 -25.13 -14.24
CA MET B 24 -1.31 -23.80 -13.73
C MET B 24 -0.10 -23.26 -13.01
N HIS B 25 0.54 -24.10 -12.20
CA HIS B 25 1.82 -23.71 -11.63
C HIS B 25 2.83 -23.40 -12.72
N THR B 26 3.00 -24.31 -13.66
CA THR B 26 3.95 -24.07 -14.73
C THR B 26 3.61 -22.80 -15.47
N ALA B 27 2.39 -22.70 -15.99
CA ALA B 27 1.97 -21.48 -16.66
C ALA B 27 2.21 -20.26 -15.79
N LEU B 28 2.11 -20.42 -14.48
CA LEU B 28 2.31 -19.26 -13.62
C LEU B 28 3.77 -18.92 -13.44
N VAL B 29 4.68 -19.87 -13.60
CA VAL B 29 6.09 -19.53 -13.48
C VAL B 29 6.57 -18.81 -14.72
N ALA B 30 6.23 -19.32 -15.90
CA ALA B 30 6.67 -18.68 -17.13
C ALA B 30 6.23 -17.23 -17.14
N GLY B 31 4.97 -16.98 -16.83
CA GLY B 31 4.50 -15.62 -16.74
C GLY B 31 5.39 -14.76 -15.87
N TRP B 32 5.89 -15.32 -14.78
CA TRP B 32 6.91 -14.61 -14.02
C TRP B 32 8.12 -14.35 -14.90
N ALA B 33 8.82 -15.41 -15.26
CA ALA B 33 10.08 -15.26 -15.99
C ALA B 33 9.90 -14.42 -17.23
N GLY B 34 8.72 -14.47 -17.83
CA GLY B 34 8.44 -13.56 -18.92
C GLY B 34 8.36 -12.15 -18.42
N SER B 35 7.48 -11.89 -17.45
CA SER B 35 7.23 -10.53 -17.04
C SER B 35 8.48 -9.89 -16.44
N MET B 36 9.08 -10.55 -15.47
CA MET B 36 10.28 -9.99 -14.84
C MET B 36 11.29 -9.56 -15.88
N ALA B 37 11.46 -10.35 -16.93
CA ALA B 37 12.38 -9.98 -17.99
C ALA B 37 12.09 -8.59 -18.50
N LEU B 38 10.83 -8.33 -18.88
CA LEU B 38 10.47 -7.01 -19.36
C LEU B 38 10.74 -5.95 -18.30
N TYR B 39 10.25 -6.18 -17.08
CA TYR B 39 10.46 -5.19 -16.03
C TYR B 39 11.93 -4.89 -15.85
N GLU B 40 12.75 -5.93 -15.65
CA GLU B 40 14.19 -5.72 -15.60
C GLU B 40 14.67 -4.98 -16.83
N LEU B 41 14.23 -5.43 -18.00
CA LEU B 41 14.59 -4.76 -19.23
C LEU B 41 14.04 -3.34 -19.30
N ALA B 42 12.85 -3.10 -18.74
CA ALA B 42 12.24 -1.79 -18.86
C ALA B 42 13.09 -0.73 -18.20
N THR B 43 13.74 -1.06 -17.09
CA THR B 43 14.54 -0.09 -16.36
C THR B 43 16.01 -0.17 -16.68
N PHE B 44 16.42 -1.03 -17.61
CA PHE B 44 17.83 -1.23 -17.88
C PHE B 44 18.35 -0.14 -18.81
N ASP B 45 19.60 0.26 -18.59
CA ASP B 45 20.26 1.20 -19.47
C ASP B 45 21.44 0.54 -20.16
N PRO B 46 21.42 0.37 -21.47
CA PRO B 46 22.60 -0.12 -22.18
C PRO B 46 23.74 0.87 -22.19
N SER B 47 23.48 2.12 -21.77
CA SER B 47 24.30 3.27 -22.16
C SER B 47 25.79 3.03 -21.97
N ASP B 48 26.20 2.67 -20.76
CA ASP B 48 27.62 2.65 -20.41
C ASP B 48 28.01 1.28 -19.89
N PRO B 49 28.02 0.27 -20.77
CA PRO B 49 28.34 -1.09 -20.30
C PRO B 49 29.79 -1.26 -19.93
N VAL B 50 30.68 -0.41 -20.43
CA VAL B 50 32.10 -0.55 -20.11
C VAL B 50 32.31 -0.38 -18.61
N LEU B 51 31.96 0.79 -18.09
CA LEU B 51 32.17 1.06 -16.68
C LEU B 51 31.06 0.49 -15.82
N ASN B 52 29.81 0.64 -16.25
CA ASN B 52 28.66 0.22 -15.47
C ASN B 52 28.00 -0.99 -16.10
N PRO B 53 28.23 -2.16 -15.59
CA PRO B 53 27.70 -3.36 -16.22
C PRO B 53 26.30 -3.71 -15.80
N MET B 54 25.89 -4.91 -16.19
CA MET B 54 24.55 -5.39 -15.94
C MET B 54 24.39 -5.96 -14.54
N TRP B 55 25.42 -6.60 -14.00
CA TRP B 55 25.35 -7.06 -12.62
C TRP B 55 25.19 -5.90 -11.66
N ARG B 56 26.00 -4.86 -11.83
CA ARG B 56 25.89 -3.71 -10.95
C ARG B 56 24.57 -2.98 -11.13
N GLN B 57 23.87 -3.26 -12.22
CA GLN B 57 22.67 -2.52 -12.54
C GLN B 57 21.47 -3.01 -11.74
N GLY B 58 21.68 -3.97 -10.85
CA GLY B 58 20.61 -4.60 -10.13
C GLY B 58 19.82 -5.60 -10.92
N MET B 59 20.09 -5.73 -12.22
CA MET B 59 19.31 -6.60 -13.06
C MET B 59 19.61 -8.05 -12.74
N PHE B 60 18.57 -8.82 -12.47
CA PHE B 60 18.74 -10.18 -11.99
C PHE B 60 18.51 -11.23 -13.07
N VAL B 61 17.29 -11.28 -13.61
CA VAL B 61 16.99 -12.30 -14.60
C VAL B 61 17.81 -12.10 -15.85
N LEU B 62 17.92 -10.86 -16.31
CA LEU B 62 18.61 -10.56 -17.58
C LEU B 62 19.91 -11.30 -17.79
N PRO B 63 20.87 -11.30 -16.86
CA PRO B 63 22.16 -11.93 -17.16
C PRO B 63 22.08 -13.41 -17.46
N PHE B 64 20.99 -14.08 -17.12
CA PHE B 64 20.85 -15.48 -17.53
C PHE B 64 20.64 -15.58 -19.02
N MET B 65 19.67 -14.83 -19.55
CA MET B 65 19.45 -14.84 -20.99
C MET B 65 20.75 -14.64 -21.74
N ALA B 66 21.60 -13.75 -21.24
CA ALA B 66 22.91 -13.57 -21.86
C ALA B 66 23.78 -14.79 -21.69
N ARG B 67 23.63 -15.51 -20.59
CA ARG B 67 24.53 -16.62 -20.32
C ARG B 67 24.41 -17.71 -21.37
N LEU B 68 23.26 -17.82 -22.01
CA LEU B 68 23.07 -18.79 -23.07
C LEU B 68 23.24 -18.20 -24.46
N GLY B 69 23.56 -16.92 -24.57
CA GLY B 69 23.85 -16.33 -25.86
C GLY B 69 22.78 -15.46 -26.46
N VAL B 70 21.77 -15.06 -25.68
CA VAL B 70 20.80 -14.08 -26.15
C VAL B 70 21.34 -12.70 -25.83
N THR B 71 21.62 -11.92 -26.86
CA THR B 71 22.20 -10.60 -26.69
C THR B 71 21.54 -9.62 -27.62
N GLY B 72 21.57 -8.35 -27.24
CA GLY B 72 20.91 -7.33 -28.00
C GLY B 72 19.42 -7.30 -27.74
N SER B 73 18.75 -6.49 -28.54
CA SER B 73 17.30 -6.34 -28.47
C SER B 73 16.84 -5.63 -29.72
N TRP B 74 15.55 -5.35 -29.80
CA TRP B 74 15.07 -4.51 -30.89
C TRP B 74 15.49 -3.05 -30.71
N SER B 75 15.74 -2.63 -29.47
CA SER B 75 16.13 -1.24 -29.23
C SER B 75 17.48 -0.92 -29.83
N GLY B 76 18.21 -1.89 -30.35
CA GLY B 76 19.45 -1.61 -31.04
C GLY B 76 20.66 -1.48 -30.16
N TRP B 77 20.69 -2.16 -29.02
CA TRP B 77 21.83 -2.13 -28.12
C TRP B 77 22.26 -3.54 -27.80
N SER B 78 23.50 -3.87 -28.13
CA SER B 78 24.08 -5.13 -27.74
C SER B 78 24.46 -5.12 -26.27
N ILE B 79 24.66 -6.32 -25.73
CA ILE B 79 25.24 -6.44 -24.40
C ILE B 79 26.59 -5.74 -24.33
N THR B 80 27.52 -6.16 -25.18
CA THR B 80 28.89 -5.68 -25.09
C THR B 80 29.02 -4.21 -25.48
N GLY B 81 28.03 -3.67 -26.20
CA GLY B 81 27.93 -2.23 -26.40
C GLY B 81 28.28 -1.72 -27.78
N GLU B 82 28.92 -2.52 -28.64
CA GLU B 82 29.29 -2.03 -29.96
C GLU B 82 28.05 -1.77 -30.81
N THR B 83 26.94 -2.43 -30.47
CA THR B 83 25.62 -2.20 -31.07
C THR B 83 25.56 -2.39 -32.58
N GLY B 84 26.53 -3.12 -33.15
CA GLY B 84 26.30 -3.72 -34.45
C GLY B 84 25.37 -4.86 -34.17
N ILE B 85 24.22 -4.90 -34.85
CA ILE B 85 23.17 -5.86 -34.52
C ILE B 85 22.73 -6.66 -35.73
N ASP B 86 22.64 -7.97 -35.49
CA ASP B 86 21.78 -8.86 -36.28
C ASP B 86 21.04 -9.71 -35.27
N PRO B 87 20.12 -9.11 -34.51
CA PRO B 87 19.60 -9.77 -33.31
C PRO B 87 18.77 -10.99 -33.61
N GLY B 88 18.27 -11.12 -34.83
CA GLY B 88 17.31 -12.16 -35.12
C GLY B 88 16.02 -11.90 -34.36
N PHE B 89 15.12 -12.86 -34.47
CA PHE B 89 13.89 -12.76 -33.69
C PHE B 89 14.18 -12.84 -32.21
N TRP B 90 15.25 -13.53 -31.83
CA TRP B 90 15.49 -13.89 -30.45
C TRP B 90 16.31 -12.81 -29.78
N SER B 91 15.68 -12.10 -28.86
CA SER B 91 16.34 -11.08 -28.08
C SER B 91 15.54 -10.96 -26.79
N PHE B 92 15.87 -9.94 -26.00
CA PHE B 92 15.35 -9.92 -24.63
C PHE B 92 13.84 -9.84 -24.62
N GLU B 93 13.25 -8.95 -25.41
CA GLU B 93 11.81 -8.98 -25.54
C GLU B 93 11.36 -10.31 -26.13
N GLY B 94 12.04 -10.77 -27.18
CA GLY B 94 11.72 -12.04 -27.80
C GLY B 94 11.71 -13.19 -26.82
N VAL B 95 12.82 -13.38 -26.10
CA VAL B 95 12.85 -14.39 -25.06
C VAL B 95 11.73 -14.14 -24.05
N ALA B 96 11.58 -12.88 -23.63
CA ALA B 96 10.51 -12.53 -22.70
C ALA B 96 9.16 -12.91 -23.29
N LEU B 97 8.78 -12.24 -24.37
CA LEU B 97 7.45 -12.43 -24.94
C LEU B 97 7.18 -13.90 -25.21
N ALA B 98 8.19 -14.64 -25.65
CA ALA B 98 8.00 -16.07 -25.89
C ALA B 98 7.49 -16.77 -24.65
N HIS B 99 8.02 -16.41 -23.48
CA HIS B 99 7.53 -17.01 -22.26
C HIS B 99 6.09 -16.60 -21.97
N ILE B 100 5.79 -15.31 -22.13
CA ILE B 100 4.43 -14.86 -21.86
C ILE B 100 3.44 -15.64 -22.70
N VAL B 101 3.67 -15.69 -24.01
CA VAL B 101 2.81 -16.49 -24.87
C VAL B 101 2.80 -17.93 -24.40
N LEU B 102 3.94 -18.44 -23.96
CA LEU B 102 3.96 -19.79 -23.40
C LEU B 102 3.09 -19.87 -22.17
N SER B 103 3.20 -18.88 -21.28
CA SER B 103 2.38 -18.91 -20.08
C SER B 103 0.91 -18.99 -20.44
N GLY B 104 0.50 -18.26 -21.45
CA GLY B 104 -0.90 -18.29 -21.83
C GLY B 104 -1.34 -19.67 -22.29
N LEU B 105 -0.66 -20.20 -23.29
CA LEU B 105 -1.09 -21.47 -23.87
C LEU B 105 -1.13 -22.58 -22.85
N LEU B 106 -0.29 -22.50 -21.82
CA LEU B 106 -0.40 -23.47 -20.75
C LEU B 106 -1.61 -23.18 -19.88
N PHE B 107 -1.78 -21.91 -19.49
CA PHE B 107 -2.89 -21.55 -18.63
C PHE B 107 -4.20 -22.03 -19.21
N LEU B 108 -4.46 -21.74 -20.48
CA LEU B 108 -5.64 -22.29 -21.12
C LEU B 108 -5.65 -23.80 -21.02
N ALA B 109 -4.57 -24.44 -21.44
CA ALA B 109 -4.48 -25.89 -21.34
C ALA B 109 -4.81 -26.36 -19.93
N ALA B 110 -4.35 -25.63 -18.93
CA ALA B 110 -4.67 -26.01 -17.55
C ALA B 110 -6.17 -26.06 -17.33
N CYS B 111 -6.89 -25.08 -17.87
CA CYS B 111 -8.33 -25.08 -17.66
C CYS B 111 -8.96 -26.32 -18.26
N TRP B 112 -8.45 -26.79 -19.39
CA TRP B 112 -9.05 -27.97 -20.01
C TRP B 112 -9.03 -29.15 -19.05
N HIS B 113 -7.83 -29.60 -18.69
CA HIS B 113 -7.74 -30.75 -17.78
C HIS B 113 -8.50 -30.50 -16.50
N TRP B 114 -8.50 -29.28 -15.99
CA TRP B 114 -9.29 -29.03 -14.80
C TRP B 114 -10.76 -29.23 -15.06
N VAL B 115 -11.22 -28.91 -16.26
CA VAL B 115 -12.63 -29.11 -16.58
C VAL B 115 -12.94 -30.59 -16.71
N TYR B 116 -12.14 -31.31 -17.50
CA TYR B 116 -12.35 -32.74 -17.66
C TYR B 116 -11.31 -33.43 -16.82
N TRP B 117 -11.71 -33.89 -15.63
CA TRP B 117 -10.80 -34.67 -14.81
C TRP B 117 -10.84 -36.14 -15.17
N ASP B 118 -12.04 -36.68 -15.37
CA ASP B 118 -12.19 -38.09 -15.65
C ASP B 118 -11.75 -38.42 -17.06
N LEU B 119 -10.87 -39.39 -17.19
CA LEU B 119 -10.38 -39.82 -18.48
C LEU B 119 -10.19 -41.32 -18.47
N GLU B 120 -10.58 -41.97 -19.56
CA GLU B 120 -10.47 -43.41 -19.67
C GLU B 120 -9.02 -43.87 -19.61
N LEU B 121 -8.06 -42.94 -19.71
CA LEU B 121 -6.66 -43.31 -19.64
C LEU B 121 -6.23 -43.67 -18.23
N PHE B 122 -6.84 -43.07 -17.22
CA PHE B 122 -6.27 -43.08 -15.88
C PHE B 122 -6.75 -44.21 -14.99
N ARG B 123 -7.57 -45.14 -15.49
CA ARG B 123 -8.11 -46.20 -14.64
C ARG B 123 -7.86 -47.54 -15.30
N ASP B 124 -6.98 -48.34 -14.70
CA ASP B 124 -6.61 -49.62 -15.29
C ASP B 124 -7.82 -50.57 -15.28
N PRO B 125 -7.79 -51.62 -16.10
CA PRO B 125 -8.97 -52.49 -16.19
C PRO B 125 -9.31 -53.21 -14.90
N ARG B 126 -8.32 -53.80 -14.23
CA ARG B 126 -8.62 -54.67 -13.09
C ARG B 126 -9.26 -53.91 -11.94
N THR B 127 -8.97 -52.61 -11.81
CA THR B 127 -9.48 -51.81 -10.71
C THR B 127 -10.14 -50.56 -11.27
N GLY B 128 -11.42 -50.38 -10.97
CA GLY B 128 -12.09 -49.16 -11.38
C GLY B 128 -11.48 -47.91 -10.78
N GLU B 129 -10.76 -48.05 -9.67
CA GLU B 129 -10.19 -46.89 -9.00
C GLU B 129 -9.05 -46.30 -9.83
N PRO B 130 -8.80 -44.99 -9.70
CA PRO B 130 -7.74 -44.38 -10.49
C PRO B 130 -6.37 -44.87 -10.08
N ALA B 131 -5.49 -44.95 -11.07
CA ALA B 131 -4.11 -45.34 -10.85
C ALA B 131 -3.26 -44.85 -12.01
N LEU B 132 -1.96 -44.86 -11.80
CA LEU B 132 -1.02 -44.62 -12.89
C LEU B 132 0.30 -45.29 -12.51
N ASP B 133 1.11 -45.62 -13.50
CA ASP B 133 2.26 -46.48 -13.24
C ASP B 133 3.47 -45.64 -12.88
N LEU B 134 3.85 -45.67 -11.61
CA LEU B 134 4.95 -44.83 -11.19
C LEU B 134 6.28 -45.29 -11.77
N PRO B 135 6.62 -46.58 -11.77
CA PRO B 135 7.84 -46.98 -12.46
C PRO B 135 7.80 -46.67 -13.93
N LYS B 136 6.69 -46.99 -14.58
CA LYS B 136 6.59 -46.82 -16.03
C LYS B 136 6.54 -45.36 -16.40
N MET B 137 5.72 -44.57 -15.69
CA MET B 137 5.66 -43.14 -15.97
C MET B 137 7.02 -42.50 -15.85
N PHE B 138 7.87 -43.03 -14.97
CA PHE B 138 9.18 -42.45 -14.79
C PHE B 138 10.04 -42.63 -16.03
N GLY B 139 10.17 -43.86 -16.51
CA GLY B 139 11.09 -44.12 -17.60
C GLY B 139 10.90 -43.17 -18.76
N ILE B 140 9.65 -42.90 -19.12
CA ILE B 140 9.37 -42.00 -20.22
C ILE B 140 9.99 -40.64 -19.95
N HIS B 141 9.53 -39.96 -18.90
CA HIS B 141 10.03 -38.63 -18.60
C HIS B 141 11.56 -38.61 -18.61
N LEU B 142 12.18 -39.59 -17.98
CA LEU B 142 13.63 -39.66 -17.99
C LEU B 142 14.14 -39.81 -19.42
N PHE B 143 13.67 -40.84 -20.12
CA PHE B 143 14.09 -41.04 -21.49
C PHE B 143 13.81 -39.82 -22.34
N LEU B 144 12.80 -39.04 -21.97
CA LEU B 144 12.55 -37.81 -22.68
C LEU B 144 13.51 -36.71 -22.25
N ALA B 145 13.79 -36.62 -20.95
CA ALA B 145 14.67 -35.57 -20.46
C ALA B 145 16.07 -35.73 -21.03
N GLY B 146 16.67 -36.90 -20.85
CA GLY B 146 18.00 -37.13 -21.40
C GLY B 146 18.06 -36.82 -22.88
N LEU B 147 17.03 -37.20 -23.63
CA LEU B 147 17.00 -36.89 -25.05
C LEU B 147 16.94 -35.40 -25.28
N LEU B 148 16.40 -34.65 -24.33
CA LEU B 148 16.54 -33.20 -24.38
C LEU B 148 17.88 -32.75 -23.84
N CYS B 149 18.51 -33.55 -22.98
CA CYS B 149 19.84 -33.21 -22.51
C CYS B 149 20.86 -33.38 -23.62
N PHE B 150 21.02 -34.62 -24.10
CA PHE B 150 21.94 -34.88 -25.20
C PHE B 150 21.76 -33.88 -26.32
N GLY B 151 20.53 -33.49 -26.59
CA GLY B 151 20.31 -32.46 -27.58
C GLY B 151 20.93 -31.15 -27.15
N PHE B 152 20.54 -30.65 -25.99
CA PHE B 152 21.09 -29.39 -25.52
C PHE B 152 22.61 -29.43 -25.52
N GLY B 153 23.18 -30.56 -25.13
CA GLY B 153 24.63 -30.65 -25.13
C GLY B 153 25.21 -30.66 -26.52
N ALA B 154 24.63 -31.47 -27.41
CA ALA B 154 25.20 -31.60 -28.74
C ALA B 154 24.91 -30.36 -29.56
N PHE B 155 23.65 -30.10 -29.85
CA PHE B 155 23.36 -29.13 -30.90
C PHE B 155 23.53 -27.70 -30.45
N HIS B 156 23.18 -27.37 -29.21
CA HIS B 156 23.19 -25.96 -28.80
C HIS B 156 24.56 -25.52 -28.31
N LEU B 157 24.99 -26.03 -27.16
CA LEU B 157 26.26 -25.60 -26.59
C LEU B 157 27.39 -25.68 -27.60
N THR B 158 27.50 -26.80 -28.29
CA THR B 158 28.61 -26.99 -29.22
C THR B 158 28.64 -25.91 -30.28
N GLY B 159 27.54 -25.20 -30.48
CA GLY B 159 27.42 -24.32 -31.62
C GLY B 159 27.31 -25.05 -32.93
N LEU B 160 27.23 -26.38 -32.90
CA LEU B 160 27.04 -27.19 -34.08
C LEU B 160 25.87 -26.65 -34.89
N PHE B 161 24.65 -26.81 -34.39
CA PHE B 161 23.50 -26.10 -34.92
C PHE B 161 22.98 -25.22 -33.78
N GLY B 162 23.37 -23.95 -33.77
CA GLY B 162 22.92 -23.03 -32.74
C GLY B 162 23.99 -22.02 -32.38
N PRO B 163 23.65 -21.09 -31.51
CA PRO B 163 24.66 -20.21 -30.93
C PRO B 163 25.46 -20.95 -29.87
N GLY B 164 26.58 -20.35 -29.50
CA GLY B 164 27.45 -20.95 -28.50
C GLY B 164 27.21 -20.40 -27.11
N MET B 165 27.69 -21.15 -26.12
CA MET B 165 27.63 -20.71 -24.75
C MET B 165 28.48 -19.46 -24.56
N TRP B 166 28.17 -18.70 -23.51
CA TRP B 166 29.06 -17.63 -23.11
C TRP B 166 30.38 -18.22 -22.65
N VAL B 167 31.47 -17.51 -22.95
CA VAL B 167 32.78 -17.86 -22.42
C VAL B 167 33.58 -16.59 -22.34
N SER B 168 34.54 -16.55 -21.42
CA SER B 168 35.26 -15.33 -21.12
C SER B 168 36.72 -15.64 -20.82
N ASP B 169 37.52 -14.58 -20.77
CA ASP B 169 38.85 -14.64 -20.23
C ASP B 169 38.80 -14.68 -18.71
N PRO B 170 39.86 -15.13 -18.06
CA PRO B 170 39.82 -15.19 -16.59
C PRO B 170 39.73 -13.83 -15.93
N TYR B 171 40.21 -12.78 -16.59
CA TYR B 171 40.14 -11.46 -15.99
C TYR B 171 38.78 -10.81 -16.19
N GLY B 172 37.88 -11.43 -16.94
CA GLY B 172 36.60 -10.81 -17.20
C GLY B 172 36.65 -9.62 -18.12
N LEU B 173 37.78 -9.40 -18.79
CA LEU B 173 37.91 -8.24 -19.65
C LEU B 173 37.27 -8.45 -21.02
N THR B 174 37.30 -9.67 -21.54
CA THR B 174 36.88 -9.93 -22.91
C THR B 174 35.46 -10.50 -22.87
N GLY B 175 34.48 -9.67 -23.22
CA GLY B 175 33.13 -10.17 -23.38
C GLY B 175 33.05 -10.98 -24.65
N SER B 176 32.50 -12.19 -24.55
CA SER B 176 32.54 -13.07 -25.71
C SER B 176 31.41 -14.08 -25.65
N VAL B 177 30.94 -14.48 -26.83
CA VAL B 177 30.01 -15.60 -26.97
C VAL B 177 30.48 -16.43 -28.15
N GLN B 178 30.85 -17.68 -27.90
CA GLN B 178 31.37 -18.54 -28.96
C GLN B 178 30.86 -19.95 -28.79
N PRO B 179 30.85 -20.74 -29.87
CA PRO B 179 30.62 -22.17 -29.73
C PRO B 179 31.76 -22.81 -28.97
N VAL B 180 31.42 -23.61 -27.98
CA VAL B 180 32.41 -24.20 -27.09
C VAL B 180 32.73 -25.59 -27.59
N ALA B 181 33.97 -25.81 -27.97
CA ALA B 181 34.38 -27.15 -28.36
C ALA B 181 34.40 -28.04 -27.12
N PRO B 182 33.61 -29.10 -27.07
CA PRO B 182 33.63 -29.97 -25.90
C PRO B 182 34.98 -30.64 -25.75
N GLU B 183 35.53 -30.56 -24.55
CA GLU B 183 36.74 -31.28 -24.21
C GLU B 183 36.46 -32.12 -23.00
N TRP B 184 36.45 -33.43 -23.16
CA TRP B 184 36.21 -34.35 -22.07
C TRP B 184 37.48 -35.15 -21.82
N GLY B 185 38.08 -34.91 -20.66
CA GLY B 185 39.31 -35.54 -20.27
C GLY B 185 39.55 -35.20 -18.82
N PRO B 186 40.77 -35.41 -18.35
CA PRO B 186 41.08 -35.05 -16.95
C PRO B 186 40.71 -33.62 -16.63
N ASP B 187 41.03 -32.68 -17.52
CA ASP B 187 40.72 -31.29 -17.27
C ASP B 187 39.23 -31.02 -17.30
N GLY B 188 38.47 -31.87 -18.00
CA GLY B 188 37.06 -31.58 -18.22
C GLY B 188 36.27 -31.37 -16.96
N PHE B 189 36.81 -31.74 -15.82
CA PHE B 189 36.14 -31.53 -14.54
C PHE B 189 36.63 -30.29 -13.82
N ASN B 190 37.54 -29.54 -14.41
CA ASN B 190 37.74 -28.21 -13.91
C ASN B 190 36.53 -27.37 -14.28
N PRO B 191 35.70 -26.98 -13.33
CA PRO B 191 34.50 -26.22 -13.70
C PRO B 191 34.82 -24.87 -14.26
N TYR B 192 36.02 -24.37 -14.03
CA TYR B 192 36.44 -23.14 -14.67
C TYR B 192 36.71 -23.30 -16.15
N ASN B 193 36.64 -24.53 -16.64
CA ASN B 193 36.78 -24.78 -18.07
C ASN B 193 35.45 -25.26 -18.61
N PRO B 194 34.72 -24.46 -19.38
CA PRO B 194 33.42 -24.91 -19.89
C PRO B 194 33.52 -26.10 -20.80
N GLY B 195 34.71 -26.39 -21.34
CA GLY B 195 34.87 -27.50 -22.26
C GLY B 195 34.41 -28.83 -21.71
N GLY B 196 34.31 -28.95 -20.39
CA GLY B 196 33.66 -30.08 -19.80
C GLY B 196 32.15 -29.94 -19.80
N VAL B 197 31.67 -28.74 -19.44
CA VAL B 197 30.24 -28.53 -19.26
C VAL B 197 29.47 -28.99 -20.48
N VAL B 198 29.98 -28.70 -21.67
CA VAL B 198 29.40 -29.26 -22.87
C VAL B 198 29.43 -30.78 -22.76
N ALA B 199 30.64 -31.33 -22.76
CA ALA B 199 30.79 -32.77 -22.77
C ALA B 199 30.02 -33.43 -21.64
N HIS B 200 29.86 -32.73 -20.54
CA HIS B 200 28.94 -33.19 -19.50
C HIS B 200 27.61 -33.62 -20.07
N HIS B 201 26.83 -32.65 -20.55
CA HIS B 201 25.49 -32.96 -21.00
C HIS B 201 25.50 -34.05 -22.06
N ILE B 202 26.40 -33.94 -23.04
CA ILE B 202 26.49 -34.98 -24.04
C ILE B 202 26.79 -36.32 -23.40
N ALA B 203 27.61 -36.32 -22.35
CA ALA B 203 27.78 -37.57 -21.61
C ALA B 203 26.58 -37.85 -20.72
N ALA B 204 25.92 -36.81 -20.21
CA ALA B 204 24.74 -37.04 -19.40
C ALA B 204 23.61 -37.59 -20.24
N GLY B 205 23.33 -36.95 -21.38
CA GLY B 205 22.23 -37.38 -22.22
C GLY B 205 22.28 -38.85 -22.56
N ILE B 206 23.46 -39.35 -22.92
CA ILE B 206 23.60 -40.77 -23.22
C ILE B 206 23.21 -41.60 -22.01
N VAL B 207 23.87 -41.36 -20.88
CA VAL B 207 23.45 -42.00 -19.65
C VAL B 207 22.01 -41.64 -19.33
N GLY B 208 21.57 -40.46 -19.75
CA GLY B 208 20.17 -40.12 -19.62
C GLY B 208 19.28 -41.04 -20.43
N ILE B 209 19.69 -41.33 -21.67
CA ILE B 209 18.87 -42.20 -22.51
C ILE B 209 18.89 -43.63 -22.01
N ILE B 210 20.08 -44.18 -21.82
CA ILE B 210 20.19 -45.61 -21.51
C ILE B 210 19.34 -45.96 -20.30
N ALA B 211 19.41 -45.14 -19.26
CA ALA B 211 18.56 -45.35 -18.10
C ALA B 211 17.09 -45.26 -18.50
N GLY B 212 16.71 -44.13 -19.10
CA GLY B 212 15.33 -43.96 -19.54
C GLY B 212 14.87 -45.10 -20.42
N LEU B 213 15.75 -45.59 -21.28
CA LEU B 213 15.44 -46.81 -22.01
C LEU B 213 15.12 -47.95 -21.06
N PHE B 214 15.89 -48.07 -19.97
CA PHE B 214 15.82 -49.28 -19.16
C PHE B 214 14.51 -49.36 -18.40
N HIS B 215 14.20 -48.33 -17.60
CA HIS B 215 13.06 -48.45 -16.71
C HIS B 215 11.75 -48.64 -17.47
N ILE B 216 11.63 -48.10 -18.67
CA ILE B 216 10.46 -48.39 -19.46
C ILE B 216 10.37 -49.87 -19.76
N LEU B 217 11.51 -50.50 -19.99
CA LEU B 217 11.52 -51.87 -20.48
C LEU B 217 11.21 -52.90 -19.40
N VAL B 218 11.37 -52.57 -18.13
CA VAL B 218 11.24 -53.57 -17.08
C VAL B 218 10.71 -52.90 -15.81
N ARG B 219 10.05 -53.69 -14.99
CA ARG B 219 9.46 -53.32 -13.72
C ARG B 219 10.42 -53.57 -12.57
N PRO B 220 10.29 -52.79 -11.49
CA PRO B 220 11.23 -52.90 -10.38
C PRO B 220 10.97 -54.16 -9.56
N PRO B 221 11.90 -54.56 -8.71
CA PRO B 221 11.77 -55.81 -7.98
C PRO B 221 10.69 -55.74 -6.91
N GLN B 222 10.18 -56.91 -6.56
CA GLN B 222 9.17 -57.06 -5.53
C GLN B 222 9.63 -56.46 -4.21
N ARG B 223 10.61 -57.11 -3.57
CA ARG B 223 11.01 -56.73 -2.22
C ARG B 223 11.30 -55.24 -2.12
N LEU B 224 11.93 -54.68 -3.16
CA LEU B 224 12.16 -53.24 -3.16
C LEU B 224 10.85 -52.49 -3.25
N TYR B 225 10.07 -52.79 -4.30
CA TYR B 225 8.81 -52.10 -4.55
C TYR B 225 7.96 -52.02 -3.29
N LYS B 226 7.93 -53.10 -2.52
CA LYS B 226 7.17 -53.10 -1.28
C LYS B 226 7.71 -52.07 -0.31
N ALA B 227 9.03 -51.96 -0.23
CA ALA B 227 9.64 -51.09 0.79
C ALA B 227 9.34 -49.63 0.51
N LEU B 228 9.67 -49.16 -0.68
CA LEU B 228 9.56 -47.74 -0.99
C LEU B 228 8.13 -47.26 -1.13
N ARG B 229 7.14 -48.14 -1.06
CA ARG B 229 5.75 -47.75 -1.21
C ARG B 229 5.49 -47.12 -2.57
N MET B 230 6.16 -47.60 -3.60
CA MET B 230 5.87 -47.15 -4.94
C MET B 230 4.39 -47.37 -5.23
N GLY B 231 3.82 -46.46 -6.01
CA GLY B 231 2.40 -46.44 -6.22
C GLY B 231 1.67 -45.45 -5.34
N ASN B 232 2.29 -45.04 -4.24
CA ASN B 232 1.78 -43.95 -3.43
C ASN B 232 2.49 -42.70 -3.92
N ILE B 233 1.73 -41.79 -4.55
CA ILE B 233 2.33 -40.64 -5.22
C ILE B 233 3.35 -39.96 -4.34
N GLU B 234 3.07 -39.84 -3.05
CA GLU B 234 3.95 -39.09 -2.18
C GLU B 234 5.37 -39.63 -2.21
N THR B 235 5.56 -40.93 -2.37
CA THR B 235 6.92 -41.44 -2.42
C THR B 235 7.68 -40.88 -3.60
N VAL B 236 6.97 -40.47 -4.64
CA VAL B 236 7.65 -39.73 -5.69
C VAL B 236 7.89 -38.30 -5.23
N LEU B 237 6.97 -37.75 -4.43
CA LEU B 237 7.16 -36.40 -3.94
C LEU B 237 8.35 -36.32 -3.00
N SER B 238 8.38 -37.17 -1.98
CA SER B 238 9.50 -37.16 -1.04
C SER B 238 10.82 -37.23 -1.78
N SER B 239 11.03 -38.32 -2.52
CA SER B 239 12.27 -38.48 -3.26
C SER B 239 12.56 -37.25 -4.10
N SER B 240 11.61 -36.84 -4.93
CA SER B 240 11.85 -35.75 -5.85
C SER B 240 12.33 -34.51 -5.14
N ILE B 241 11.92 -34.29 -3.90
CA ILE B 241 12.41 -33.12 -3.18
C ILE B 241 13.90 -33.24 -2.95
N ALA B 242 14.35 -34.41 -2.51
CA ALA B 242 15.76 -34.59 -2.19
C ALA B 242 16.63 -34.18 -3.36
N ALA B 243 16.37 -34.74 -4.54
CA ALA B 243 17.14 -34.38 -5.72
C ALA B 243 17.16 -32.87 -5.92
N VAL B 244 15.98 -32.25 -5.94
CA VAL B 244 15.91 -30.80 -6.05
C VAL B 244 16.66 -30.16 -4.88
N PHE B 245 16.30 -30.56 -3.66
CA PHE B 245 17.03 -30.11 -2.48
C PHE B 245 18.52 -30.26 -2.66
N PHE B 246 18.96 -31.37 -3.23
CA PHE B 246 20.38 -31.53 -3.49
C PHE B 246 20.87 -30.48 -4.45
N ALA B 247 20.21 -30.36 -5.60
CA ALA B 247 20.69 -29.45 -6.62
C ALA B 247 20.70 -28.01 -6.15
N ALA B 248 19.74 -27.65 -5.30
CA ALA B 248 19.67 -26.27 -4.83
C ALA B 248 20.97 -25.83 -4.17
N PHE B 249 21.64 -26.75 -3.49
CA PHE B 249 22.98 -26.41 -2.99
C PHE B 249 23.95 -26.22 -4.12
N VAL B 250 24.07 -27.20 -5.00
CA VAL B 250 25.16 -27.20 -5.97
C VAL B 250 25.19 -25.92 -6.78
N VAL B 251 24.02 -25.40 -7.16
CA VAL B 251 24.00 -24.11 -7.84
C VAL B 251 24.50 -23.02 -6.91
N ALA B 252 23.96 -22.96 -5.69
CA ALA B 252 24.45 -21.99 -4.72
C ALA B 252 25.96 -22.08 -4.62
N GLY B 253 26.49 -23.30 -4.61
CA GLY B 253 27.92 -23.46 -4.63
C GLY B 253 28.53 -22.82 -5.85
N THR B 254 28.08 -23.23 -7.03
CA THR B 254 28.71 -22.70 -8.24
C THR B 254 28.38 -21.24 -8.46
N MET B 255 27.30 -20.74 -7.88
CA MET B 255 27.09 -19.30 -7.93
C MET B 255 27.96 -18.58 -6.92
N TRP B 256 27.97 -19.05 -5.68
CA TRP B 256 28.69 -18.31 -4.66
C TRP B 256 30.19 -18.42 -4.84
N TYR B 257 30.69 -19.64 -5.00
CA TYR B 257 32.05 -19.74 -5.47
C TYR B 257 32.04 -19.50 -6.97
N GLY B 258 33.20 -19.13 -7.51
CA GLY B 258 33.28 -18.94 -8.94
C GLY B 258 32.96 -20.21 -9.68
N SER B 259 32.34 -20.06 -10.84
CA SER B 259 32.24 -21.16 -11.81
C SER B 259 32.21 -20.56 -13.20
N ALA B 260 32.92 -21.20 -14.14
CA ALA B 260 32.91 -20.71 -15.51
C ALA B 260 31.51 -20.77 -16.10
N THR B 261 30.63 -21.57 -15.52
CA THR B 261 29.22 -21.48 -15.85
C THR B 261 28.73 -20.05 -15.73
N THR B 262 29.15 -19.36 -14.68
CA THR B 262 28.70 -17.99 -14.47
C THR B 262 29.88 -17.04 -14.57
N PRO B 263 30.02 -16.31 -15.67
CA PRO B 263 31.20 -15.49 -15.88
C PRO B 263 31.16 -14.23 -15.04
N ILE B 264 32.33 -13.60 -14.92
CA ILE B 264 32.44 -12.42 -14.08
C ILE B 264 31.80 -11.22 -14.75
N GLU B 265 31.74 -11.21 -16.08
CA GLU B 265 31.08 -10.07 -16.72
C GLU B 265 29.61 -10.02 -16.35
N LEU B 266 28.91 -11.15 -16.48
CA LEU B 266 27.48 -11.12 -16.26
C LEU B 266 27.15 -10.94 -14.79
N PHE B 267 27.72 -11.77 -13.94
CA PHE B 267 27.49 -11.70 -12.50
C PHE B 267 28.72 -11.08 -11.87
N GLY B 268 28.51 -10.27 -10.84
CA GLY B 268 29.60 -9.62 -10.16
C GLY B 268 30.62 -10.63 -9.67
N PRO B 269 31.86 -10.18 -9.50
CA PRO B 269 32.92 -11.09 -9.08
C PRO B 269 32.63 -11.71 -7.74
N THR B 270 32.99 -12.98 -7.59
CA THR B 270 32.68 -13.71 -6.37
C THR B 270 33.44 -13.14 -5.19
N ARG B 271 32.97 -13.48 -3.99
CA ARG B 271 33.57 -12.97 -2.77
C ARG B 271 35.06 -13.24 -2.71
N TYR B 272 35.52 -14.35 -3.27
CA TYR B 272 36.89 -14.76 -3.06
C TYR B 272 37.88 -14.08 -3.99
N GLN B 273 37.39 -13.41 -5.05
CA GLN B 273 38.30 -12.64 -5.88
C GLN B 273 38.88 -11.49 -5.10
N TRP B 274 38.10 -10.90 -4.20
CA TRP B 274 38.60 -9.82 -3.37
C TRP B 274 39.61 -10.31 -2.36
N ASP B 275 39.24 -11.34 -1.58
CA ASP B 275 40.04 -11.73 -0.44
C ASP B 275 41.40 -12.25 -0.86
N SER B 276 41.44 -13.10 -1.89
CA SER B 276 42.73 -13.53 -2.40
C SER B 276 43.52 -12.38 -3.01
N SER B 277 42.91 -11.21 -3.15
CA SER B 277 43.50 -10.10 -3.87
C SER B 277 43.84 -10.53 -5.29
N TYR B 278 42.89 -11.23 -5.91
CA TYR B 278 43.10 -11.81 -7.23
C TYR B 278 43.43 -10.73 -8.25
N PHE B 279 42.66 -9.65 -8.25
CA PHE B 279 42.87 -8.60 -9.25
C PHE B 279 44.18 -7.87 -9.02
N GLN B 280 44.42 -7.42 -7.78
CA GLN B 280 45.54 -6.53 -7.54
C GLN B 280 46.87 -7.19 -7.86
N GLN B 281 46.97 -8.49 -7.60
CA GLN B 281 48.13 -9.22 -8.09
C GLN B 281 48.19 -9.15 -9.61
N GLU B 282 47.04 -9.25 -10.26
CA GLU B 282 46.98 -9.32 -11.71
C GLU B 282 46.76 -7.96 -12.36
N ILE B 283 46.49 -6.92 -11.59
CA ILE B 283 46.63 -5.57 -12.12
C ILE B 283 48.08 -5.12 -12.10
N ASN B 284 48.75 -5.35 -10.97
CA ASN B 284 50.12 -4.86 -10.86
C ASN B 284 51.04 -5.56 -11.84
N ARG B 285 50.86 -6.86 -12.03
CA ARG B 285 51.79 -7.62 -12.87
C ARG B 285 51.82 -7.10 -14.29
N ARG B 286 50.71 -6.57 -14.80
CA ARG B 286 50.76 -5.92 -16.11
C ARG B 286 51.30 -4.50 -16.02
N VAL B 287 51.23 -3.89 -14.84
CA VAL B 287 51.84 -2.58 -14.67
C VAL B 287 53.34 -2.72 -14.45
N GLN B 288 53.73 -3.66 -13.58
CA GLN B 288 55.15 -3.98 -13.42
C GLN B 288 55.78 -4.25 -14.77
N ALA B 289 55.22 -5.21 -15.52
CA ALA B 289 55.73 -5.53 -16.84
C ALA B 289 55.72 -4.32 -17.75
N SER B 290 54.69 -3.48 -17.63
CA SER B 290 54.66 -2.24 -18.39
C SER B 290 55.80 -1.33 -17.99
N LEU B 291 56.12 -1.27 -16.70
CA LEU B 291 57.32 -0.57 -16.27
C LEU B 291 58.57 -1.40 -16.47
N ALA B 292 58.47 -2.73 -16.38
CA ALA B 292 59.54 -3.58 -16.86
C ALA B 292 59.74 -3.42 -18.36
N SER B 293 58.66 -3.10 -19.08
CA SER B 293 58.80 -2.63 -20.44
C SER B 293 59.39 -1.22 -20.47
N GLY B 294 59.03 -0.42 -19.47
CA GLY B 294 59.50 0.94 -19.34
C GLY B 294 58.55 1.92 -19.97
N ALA B 295 58.39 3.07 -19.31
CA ALA B 295 57.53 4.18 -19.70
C ALA B 295 57.52 5.17 -18.56
N THR B 296 56.86 6.30 -18.74
CA THR B 296 56.49 7.08 -17.57
C THR B 296 55.70 6.19 -16.63
N LEU B 297 56.08 6.19 -15.35
CA LEU B 297 55.31 5.41 -14.39
C LEU B 297 53.85 5.79 -14.44
N GLU B 298 53.55 7.04 -14.79
CA GLU B 298 52.17 7.42 -15.10
C GLU B 298 51.69 6.71 -16.35
N GLU B 299 52.49 6.73 -17.42
CA GLU B 299 52.10 6.08 -18.65
C GLU B 299 51.72 4.62 -18.43
N ALA B 300 52.39 3.95 -17.50
CA ALA B 300 52.04 2.57 -17.21
C ALA B 300 50.63 2.48 -16.65
N TRP B 301 50.37 3.21 -15.59
CA TRP B 301 49.03 3.16 -15.04
C TRP B 301 48.02 3.82 -15.96
N SER B 302 48.49 4.51 -17.00
CA SER B 302 47.57 5.27 -17.85
C SER B 302 46.83 4.37 -18.83
N ALA B 303 47.46 3.28 -19.26
CA ALA B 303 46.88 2.39 -20.25
C ALA B 303 46.13 1.22 -19.64
N ILE B 304 46.03 1.17 -18.32
CA ILE B 304 45.35 0.04 -17.67
C ILE B 304 43.84 0.20 -17.83
N PRO B 305 43.13 -0.82 -18.27
CA PRO B 305 41.70 -0.66 -18.53
C PRO B 305 40.92 -0.44 -17.26
N GLU B 306 39.97 0.50 -17.32
CA GLU B 306 39.14 0.79 -16.16
C GLU B 306 38.36 -0.43 -15.73
N LYS B 307 37.65 -1.06 -16.66
CA LYS B 307 36.80 -2.20 -16.33
C LYS B 307 37.54 -3.21 -15.47
N LEU B 308 38.80 -3.49 -15.80
CA LEU B 308 39.60 -4.34 -14.93
C LEU B 308 39.72 -3.74 -13.54
N ALA B 309 40.19 -2.50 -13.47
CA ALA B 309 40.30 -1.87 -12.16
C ALA B 309 38.95 -1.80 -11.47
N PHE B 310 37.89 -1.58 -12.23
CA PHE B 310 36.59 -1.42 -11.61
C PHE B 310 36.14 -2.70 -10.92
N TYR B 311 36.57 -3.85 -11.40
CA TYR B 311 36.32 -5.07 -10.65
C TYR B 311 36.96 -5.03 -9.28
N ASP B 312 37.95 -4.17 -9.06
CA ASP B 312 38.64 -4.13 -7.78
C ASP B 312 38.04 -2.97 -7.01
N TYR B 313 37.15 -3.30 -6.08
CA TYR B 313 36.48 -2.30 -5.28
C TYR B 313 35.86 -3.05 -4.11
N ILE B 314 35.64 -2.37 -3.00
CA ILE B 314 35.08 -3.13 -1.88
C ILE B 314 33.56 -3.22 -1.99
N GLY B 315 32.90 -2.12 -2.35
CA GLY B 315 31.47 -2.18 -2.55
C GLY B 315 31.10 -3.10 -3.69
N ASN B 316 32.08 -3.41 -4.54
CA ASN B 316 31.88 -4.34 -5.62
C ASN B 316 31.43 -5.71 -5.12
N ASN B 317 32.28 -6.40 -4.35
CA ASN B 317 32.05 -7.81 -4.08
C ASN B 317 30.73 -8.03 -3.37
N PRO B 318 30.14 -9.22 -3.51
CA PRO B 318 28.82 -9.45 -2.95
C PRO B 318 28.79 -9.51 -1.45
N ALA B 319 29.91 -9.85 -0.81
CA ALA B 319 29.90 -10.07 0.63
C ALA B 319 29.44 -8.83 1.37
N LYS B 320 29.79 -7.66 0.87
CA LYS B 320 29.56 -6.43 1.61
C LYS B 320 28.17 -5.93 1.26
N GLY B 321 27.27 -5.96 2.21
CA GLY B 321 25.93 -5.45 2.00
C GLY B 321 24.97 -5.94 3.05
N GLY B 322 23.83 -5.27 3.13
CA GLY B 322 22.81 -5.61 4.10
C GLY B 322 21.71 -6.47 3.52
N LEU B 323 20.97 -7.12 4.41
CA LEU B 323 19.82 -7.91 3.97
C LEU B 323 18.69 -7.01 3.51
N PHE B 324 18.27 -6.09 4.36
CA PHE B 324 17.13 -5.26 4.03
C PHE B 324 17.52 -4.01 3.27
N ARG B 325 18.80 -3.81 3.00
CA ARG B 325 19.19 -2.84 2.00
C ARG B 325 18.84 -3.41 0.64
N THR B 326 18.04 -2.69 -0.13
CA THR B 326 17.40 -3.25 -1.30
C THR B 326 17.71 -2.39 -2.51
N GLY B 327 17.51 -2.98 -3.68
CA GLY B 327 17.67 -2.25 -4.91
C GLY B 327 19.02 -2.52 -5.54
N PRO B 328 19.25 -1.92 -6.70
CA PRO B 328 20.49 -2.18 -7.43
C PRO B 328 21.69 -1.65 -6.67
N MET B 329 22.85 -2.23 -6.95
CA MET B 329 24.07 -1.76 -6.32
C MET B 329 24.27 -0.27 -6.54
N ASN B 330 23.86 0.24 -7.70
CA ASN B 330 24.04 1.65 -8.00
C ASN B 330 23.38 2.52 -6.95
N LYS B 331 22.25 2.08 -6.39
CA LYS B 331 21.63 2.84 -5.33
C LYS B 331 22.55 3.00 -4.13
N GLY B 332 23.57 2.16 -4.00
CA GLY B 332 24.44 2.34 -2.88
C GLY B 332 25.33 3.56 -2.96
N ASP B 333 26.24 3.61 -3.92
CA ASP B 333 27.15 4.72 -4.10
C ASP B 333 26.78 5.64 -5.26
N GLY B 334 25.76 5.31 -6.03
CA GLY B 334 25.46 6.03 -7.25
C GLY B 334 25.89 5.26 -8.48
N ILE B 335 25.84 5.95 -9.60
CA ILE B 335 26.37 5.41 -10.84
C ILE B 335 27.87 5.68 -10.90
N ALA B 336 28.61 4.74 -11.48
CA ALA B 336 30.04 4.93 -11.65
C ALA B 336 30.30 5.86 -12.82
N GLN B 337 30.98 6.97 -12.56
CA GLN B 337 31.22 7.97 -13.62
C GLN B 337 32.53 7.71 -14.33
N ALA B 338 33.65 7.86 -13.63
CA ALA B 338 34.94 7.54 -14.22
C ALA B 338 35.88 7.13 -13.10
N TRP B 339 37.09 6.72 -13.47
CA TRP B 339 38.03 6.13 -12.54
C TRP B 339 39.19 7.08 -12.31
N LYS B 340 39.33 7.55 -11.07
CA LYS B 340 40.34 8.52 -10.70
C LYS B 340 41.72 8.03 -11.06
N GLY B 341 42.21 7.03 -10.36
CA GLY B 341 43.51 6.48 -10.62
C GLY B 341 44.04 5.78 -9.39
N HIS B 342 45.33 5.47 -9.43
CA HIS B 342 45.99 4.76 -8.35
C HIS B 342 46.52 5.79 -7.36
N ALA B 343 45.94 5.84 -6.18
CA ALA B 343 46.38 6.80 -5.19
C ALA B 343 47.63 6.25 -4.54
N VAL B 344 48.74 6.97 -4.70
CA VAL B 344 50.00 6.60 -4.06
C VAL B 344 50.30 7.63 -2.98
N PHE B 345 50.54 7.15 -1.78
CA PHE B 345 50.80 8.01 -0.64
C PHE B 345 52.29 7.96 -0.35
N ARG B 346 52.90 9.13 -0.24
CA ARG B 346 54.30 9.20 0.09
C ARG B 346 54.48 9.84 1.45
N ASN B 347 55.59 9.50 2.09
CA ASN B 347 55.85 9.86 3.48
C ASN B 347 55.75 11.35 3.75
N LYS B 348 55.80 12.16 2.69
CA LYS B 348 56.27 13.54 2.55
C LYS B 348 57.77 13.53 2.29
N GLU B 349 58.44 12.40 2.50
CA GLU B 349 59.82 12.21 2.08
C GLU B 349 59.92 11.52 0.72
N GLY B 350 58.81 11.03 0.18
CA GLY B 350 58.77 10.30 -1.06
C GLY B 350 58.61 8.80 -0.91
N GLU B 351 58.87 8.26 0.28
CA GLU B 351 58.69 6.83 0.50
C GLU B 351 57.23 6.45 0.31
N GLU B 352 57.00 5.39 -0.45
CA GLU B 352 55.64 5.02 -0.80
C GLU B 352 54.93 4.31 0.35
N LEU B 353 53.68 4.67 0.54
CA LEU B 353 52.85 4.11 1.61
C LEU B 353 51.76 3.23 1.00
N PHE B 354 51.34 2.24 1.76
CA PHE B 354 50.26 1.36 1.36
C PHE B 354 49.12 1.49 2.36
N VAL B 355 47.91 1.59 1.86
CA VAL B 355 46.76 1.48 2.73
C VAL B 355 46.54 0.02 3.08
N ARG B 356 45.88 -0.21 4.21
CA ARG B 356 45.47 -1.56 4.59
C ARG B 356 44.06 -1.77 4.07
N ARG B 357 43.92 -2.63 3.08
CA ARG B 357 42.64 -2.74 2.41
C ARG B 357 41.62 -3.43 3.30
N MET B 358 40.37 -3.12 3.05
CA MET B 358 39.29 -3.45 3.97
C MET B 358 38.89 -4.91 3.85
N PRO B 359 39.02 -5.70 4.90
CA PRO B 359 38.49 -7.06 4.85
C PRO B 359 36.97 -7.04 4.76
N ALA B 360 36.41 -8.19 4.36
CA ALA B 360 34.99 -8.24 4.06
C ALA B 360 34.11 -8.05 5.27
N PHE B 361 34.63 -8.23 6.48
CA PHE B 361 33.79 -8.18 7.67
C PHE B 361 33.40 -6.76 8.07
N PHE B 362 34.39 -6.01 8.53
CA PHE B 362 34.15 -4.72 9.14
C PHE B 362 33.26 -3.87 8.25
N GLU B 363 32.29 -3.19 8.85
CA GLU B 363 31.58 -2.17 8.09
C GLU B 363 32.36 -0.86 8.09
N SER B 364 32.90 -0.48 9.23
CA SER B 364 33.74 0.71 9.35
C SER B 364 35.14 0.23 9.72
N PHE B 365 36.11 0.54 8.88
CA PHE B 365 37.40 -0.06 9.12
C PHE B 365 38.44 1.01 9.39
N PRO B 366 39.34 0.79 10.32
CA PRO B 366 40.34 1.82 10.63
C PRO B 366 41.22 2.06 9.43
N VAL B 367 41.32 3.32 9.04
CA VAL B 367 42.16 3.68 7.90
C VAL B 367 43.60 3.82 8.37
N ILE B 368 44.47 3.01 7.80
CA ILE B 368 45.84 2.91 8.27
C ILE B 368 46.77 3.21 7.10
N LEU B 369 47.99 3.62 7.42
CA LEU B 369 49.01 3.82 6.41
C LEU B 369 50.25 3.02 6.79
N THR B 370 50.59 2.05 5.97
CA THR B 370 51.70 1.15 6.25
C THR B 370 52.69 1.19 5.10
N ASP B 371 53.88 0.69 5.37
CA ASP B 371 54.92 0.63 4.36
C ASP B 371 55.31 -0.84 4.13
N LYS B 372 56.30 -1.03 3.25
CA LYS B 372 56.73 -2.37 2.87
C LYS B 372 57.09 -3.20 4.08
N ASN B 373 57.45 -2.57 5.20
CA ASN B 373 57.77 -3.28 6.42
C ASN B 373 56.54 -3.66 7.22
N GLY B 374 55.35 -3.22 6.81
CA GLY B 374 54.15 -3.46 7.57
C GLY B 374 53.99 -2.60 8.79
N VAL B 375 55.02 -1.84 9.18
CA VAL B 375 54.88 -0.91 10.28
C VAL B 375 53.94 0.22 9.87
N VAL B 376 53.41 0.90 10.88
CA VAL B 376 52.48 2.00 10.66
C VAL B 376 53.27 3.30 10.81
N LYS B 377 53.56 3.94 9.69
CA LYS B 377 54.22 5.24 9.71
C LYS B 377 53.25 6.40 9.54
N ALA B 378 51.97 6.13 9.38
CA ALA B 378 50.95 7.16 9.46
C ALA B 378 49.62 6.48 9.72
N ASP B 379 48.68 7.23 10.26
CA ASP B 379 47.40 6.66 10.64
C ASP B 379 46.36 7.77 10.64
N ILE B 380 45.17 7.47 11.16
CA ILE B 380 44.20 8.51 11.47
C ILE B 380 43.64 8.26 12.86
N PRO B 381 43.47 9.29 13.68
CA PRO B 381 42.80 9.12 14.97
C PRO B 381 41.31 8.93 14.78
N PHE B 382 40.67 8.47 15.85
CA PHE B 382 39.26 8.14 15.74
C PHE B 382 38.43 9.42 15.66
N ARG B 383 38.36 10.18 16.75
CA ARG B 383 37.75 11.50 16.71
C ARG B 383 38.66 12.51 17.40
N ARG B 384 38.84 12.34 18.70
CA ARG B 384 39.81 13.09 19.47
C ARG B 384 40.86 12.12 19.99
N ALA B 385 42.12 12.34 19.61
CA ALA B 385 43.19 11.51 20.12
C ALA B 385 44.49 12.31 20.07
N GLU B 386 45.42 11.95 20.96
CA GLU B 386 46.74 12.54 20.91
C GLU B 386 47.45 12.09 19.63
N SER B 387 48.21 13.01 19.04
CA SER B 387 48.66 12.83 17.67
C SER B 387 50.00 12.09 17.65
N LYS B 388 49.98 10.88 17.12
CA LYS B 388 51.17 10.16 16.70
C LYS B 388 50.82 9.44 15.41
N TYR B 389 51.67 9.59 14.40
CA TYR B 389 51.43 9.01 13.08
C TYR B 389 50.19 9.58 12.41
N SER B 390 49.72 10.75 12.85
CA SER B 390 48.61 11.40 12.17
C SER B 390 49.16 12.10 10.95
N PHE B 391 48.66 11.73 9.77
CA PHE B 391 49.33 12.11 8.53
C PHE B 391 49.46 13.62 8.41
N GLU B 392 48.49 14.37 8.93
CA GLU B 392 48.62 15.82 8.93
C GLU B 392 49.83 16.27 9.73
N GLN B 393 50.19 15.51 10.77
CA GLN B 393 51.41 15.80 11.51
C GLN B 393 52.65 15.37 10.75
N GLN B 394 52.67 14.12 10.28
CA GLN B 394 53.85 13.53 9.68
C GLN B 394 53.87 13.65 8.17
N GLY B 395 52.91 14.34 7.58
CA GLY B 395 53.00 14.69 6.18
C GLY B 395 52.52 13.58 5.28
N VAL B 396 51.90 13.96 4.17
CA VAL B 396 51.49 12.99 3.17
C VAL B 396 51.41 13.70 1.84
N THR B 397 51.75 12.99 0.77
CA THR B 397 51.59 13.51 -0.58
C THR B 397 50.84 12.44 -1.36
N VAL B 398 49.63 12.75 -1.78
CA VAL B 398 48.84 11.87 -2.62
C VAL B 398 48.91 12.38 -4.05
N SER B 399 49.31 11.49 -4.96
CA SER B 399 49.42 11.84 -6.37
C SER B 399 48.75 10.73 -7.17
N PHE B 400 47.63 11.06 -7.81
CA PHE B 400 46.92 10.05 -8.58
C PHE B 400 47.66 9.76 -9.87
N TYR B 401 47.76 8.48 -10.20
CA TYR B 401 48.35 8.06 -11.46
C TYR B 401 47.30 7.35 -12.30
N GLY B 402 47.34 7.61 -13.60
CA GLY B 402 46.38 7.00 -14.50
C GLY B 402 44.98 7.54 -14.24
N GLY B 403 44.05 7.06 -15.05
CA GLY B 403 42.70 7.51 -14.85
C GLY B 403 42.55 8.98 -15.17
N GLU B 404 41.53 9.58 -14.55
CA GLU B 404 41.06 10.89 -14.97
C GLU B 404 42.12 11.97 -14.80
N LEU B 405 42.57 12.17 -13.57
CA LEU B 405 43.54 13.22 -13.27
C LEU B 405 44.87 12.59 -12.94
N ASN B 406 45.95 13.22 -13.35
CA ASN B 406 47.27 12.65 -13.23
C ASN B 406 48.22 13.68 -12.68
N GLY B 407 49.22 13.19 -11.95
CA GLY B 407 50.27 14.06 -11.41
C GLY B 407 49.77 15.20 -10.57
N GLN B 408 48.54 15.12 -10.05
CA GLN B 408 47.92 16.23 -9.35
C GLN B 408 48.04 15.99 -7.85
N THR B 409 48.89 16.76 -7.21
CA THR B 409 49.28 16.49 -5.83
C THR B 409 48.38 17.24 -4.85
N PHE B 410 47.94 16.54 -3.82
CA PHE B 410 47.14 17.13 -2.76
C PHE B 410 47.88 16.92 -1.44
N THR B 411 48.11 17.99 -0.70
CA THR B 411 48.68 17.88 0.64
C THR B 411 47.89 18.78 1.58
N ASP B 412 47.18 18.18 2.53
CA ASP B 412 46.35 18.87 3.51
C ASP B 412 45.59 17.86 4.34
N PRO B 413 45.13 18.21 5.53
CA PRO B 413 44.24 17.32 6.28
C PRO B 413 42.93 17.07 5.55
N PRO B 414 42.21 18.10 5.07
CA PRO B 414 40.85 17.84 4.59
C PRO B 414 40.78 17.01 3.32
N THR B 415 41.62 17.28 2.33
CA THR B 415 41.45 16.59 1.06
C THR B 415 42.02 15.18 1.09
N VAL B 416 43.18 15.01 1.72
CA VAL B 416 43.80 13.69 1.77
C VAL B 416 42.88 12.70 2.45
N LYS B 417 42.48 13.00 3.68
CA LYS B 417 41.65 12.04 4.41
C LYS B 417 40.32 11.81 3.70
N SER B 418 39.87 12.75 2.90
CA SER B 418 38.72 12.49 2.05
C SER B 418 38.97 11.26 1.20
N TYR B 419 40.15 11.19 0.58
CA TYR B 419 40.51 10.01 -0.19
C TYR B 419 40.98 8.88 0.70
N ALA B 420 41.74 9.21 1.76
CA ALA B 420 42.26 8.17 2.64
C ALA B 420 41.13 7.32 3.21
N ARG B 421 40.01 7.95 3.57
CA ARG B 421 38.88 7.17 4.03
C ARG B 421 38.21 6.43 2.89
N LYS B 422 38.30 6.93 1.67
CA LYS B 422 37.83 6.15 0.52
C LYS B 422 38.87 5.15 0.06
N ALA B 423 40.15 5.45 0.23
CA ALA B 423 41.19 4.62 -0.36
C ALA B 423 41.12 3.19 0.12
N ILE B 424 40.80 2.98 1.40
CA ILE B 424 40.75 1.63 1.94
C ILE B 424 39.70 0.78 1.28
N PHE B 425 38.74 1.40 0.59
CA PHE B 425 37.75 0.65 -0.16
C PHE B 425 38.32 0.03 -1.43
N GLY B 426 39.56 0.30 -1.77
CA GLY B 426 40.07 -0.04 -3.08
C GLY B 426 40.15 1.20 -3.96
N GLU B 427 40.37 0.95 -5.25
CA GLU B 427 40.61 2.05 -6.17
C GLU B 427 39.43 3.01 -6.21
N ILE B 428 39.73 4.29 -6.38
CA ILE B 428 38.75 5.35 -6.20
C ILE B 428 37.88 5.46 -7.45
N PHE B 429 36.67 5.99 -7.28
CA PHE B 429 35.81 6.25 -8.42
C PHE B 429 34.98 7.50 -8.20
N GLU B 430 34.66 8.16 -9.31
CA GLU B 430 33.68 9.23 -9.27
C GLU B 430 32.29 8.65 -9.36
N PHE B 431 31.41 9.14 -8.52
CA PHE B 431 30.04 8.67 -8.48
C PHE B 431 29.08 9.82 -8.70
N ASP B 432 28.04 9.57 -9.48
CA ASP B 432 26.91 10.50 -9.56
C ASP B 432 25.92 10.08 -8.51
N THR B 433 25.81 10.88 -7.46
CA THR B 433 25.05 10.43 -6.30
C THR B 433 23.55 10.61 -6.50
N GLU B 434 23.13 11.80 -6.92
CA GLU B 434 21.73 12.15 -6.80
C GLU B 434 20.87 11.60 -7.93
N THR B 435 21.46 11.36 -9.11
CA THR B 435 20.68 10.90 -10.25
C THR B 435 19.76 9.73 -9.88
N LEU B 436 20.32 8.71 -9.24
CA LEU B 436 19.52 7.64 -8.70
C LEU B 436 19.24 7.84 -7.21
N ASN B 437 19.69 8.95 -6.63
CA ASN B 437 19.43 9.28 -5.23
C ASN B 437 20.09 8.25 -4.30
N SER B 438 21.37 8.01 -4.51
CA SER B 438 22.09 7.03 -3.70
C SER B 438 22.43 7.60 -2.33
N ASP B 439 22.44 6.73 -1.33
CA ASP B 439 22.75 7.13 0.04
C ASP B 439 24.22 7.10 0.38
N GLY B 440 25.03 6.39 -0.39
CA GLY B 440 26.39 6.12 0.04
C GLY B 440 26.52 4.95 0.99
N ILE B 441 25.62 3.97 0.92
CA ILE B 441 25.67 2.79 1.78
C ILE B 441 25.50 1.56 0.91
N PHE B 442 26.37 0.58 1.10
CA PHE B 442 26.57 -0.47 0.11
C PHE B 442 25.39 -1.44 0.06
N ARG B 443 25.29 -2.15 -1.06
CA ARG B 443 24.28 -3.17 -1.26
C ARG B 443 24.87 -4.32 -2.04
N THR B 444 24.30 -5.51 -1.87
CA THR B 444 24.85 -6.71 -2.45
C THR B 444 24.45 -6.88 -3.91
N SER B 445 25.27 -7.61 -4.65
CA SER B 445 25.10 -7.80 -6.08
C SER B 445 24.09 -8.91 -6.33
N PRO B 446 23.75 -9.19 -7.60
CA PRO B 446 22.91 -10.36 -7.88
C PRO B 446 23.52 -11.65 -7.40
N ARG B 447 24.82 -11.85 -7.64
CA ARG B 447 25.45 -13.09 -7.21
C ARG B 447 25.15 -13.37 -5.75
N GLY B 448 25.03 -12.33 -4.94
CA GLY B 448 24.56 -12.52 -3.59
C GLY B 448 23.12 -12.96 -3.54
N TRP B 449 22.21 -12.16 -4.09
CA TRP B 449 20.79 -12.43 -3.90
C TRP B 449 20.43 -13.81 -4.40
N PHE B 450 20.87 -14.16 -5.59
CA PHE B 450 20.53 -15.47 -6.14
C PHE B 450 20.84 -16.57 -5.15
N THR B 451 21.99 -16.46 -4.48
CA THR B 451 22.42 -17.54 -3.61
C THR B 451 21.54 -17.63 -2.37
N PHE B 452 21.42 -16.52 -1.64
CA PHE B 452 20.63 -16.52 -0.42
C PHE B 452 19.26 -17.10 -0.66
N ALA B 453 18.66 -16.81 -1.81
CA ALA B 453 17.34 -17.35 -2.07
C ALA B 453 17.37 -18.86 -2.16
N HIS B 454 18.40 -19.42 -2.77
CA HIS B 454 18.40 -20.86 -2.94
C HIS B 454 18.87 -21.58 -1.69
N ALA B 455 19.92 -21.09 -1.04
CA ALA B 455 20.37 -21.72 0.19
C ALA B 455 19.22 -21.85 1.17
N VAL B 456 18.49 -20.76 1.41
CA VAL B 456 17.30 -20.80 2.24
C VAL B 456 16.34 -21.84 1.69
N PHE B 457 15.80 -21.59 0.50
CA PHE B 457 14.81 -22.49 -0.06
C PHE B 457 15.29 -23.94 -0.06
N ALA B 458 16.58 -24.15 -0.30
CA ALA B 458 17.15 -25.47 -0.09
C ALA B 458 16.90 -25.93 1.33
N LEU B 459 17.45 -25.20 2.29
CA LEU B 459 17.41 -25.62 3.68
C LEU B 459 16.00 -25.93 4.13
N LEU B 460 15.01 -25.19 3.61
CA LEU B 460 13.63 -25.61 3.81
C LEU B 460 13.41 -27.01 3.28
N PHE B 461 13.59 -27.20 1.97
CA PHE B 461 13.20 -28.48 1.39
C PHE B 461 13.81 -29.64 2.12
N PHE B 462 14.95 -29.43 2.77
CA PHE B 462 15.45 -30.44 3.68
C PHE B 462 14.33 -30.89 4.61
N PHE B 463 13.84 -29.97 5.44
CA PHE B 463 12.69 -30.27 6.26
C PHE B 463 11.53 -30.75 5.43
N GLY B 464 11.38 -30.24 4.22
CA GLY B 464 10.35 -30.73 3.34
C GLY B 464 10.63 -32.16 2.91
N HIS B 465 11.90 -32.50 2.71
CA HIS B 465 12.22 -33.87 2.34
C HIS B 465 11.88 -34.83 3.46
N ILE B 466 12.06 -34.40 4.70
CA ILE B 466 11.77 -35.28 5.82
C ILE B 466 10.28 -35.47 5.99
N TRP B 467 9.54 -34.37 6.06
CA TRP B 467 8.12 -34.45 6.41
C TRP B 467 7.39 -35.43 5.53
N HIS B 468 7.45 -35.23 4.22
CA HIS B 468 6.84 -36.20 3.32
C HIS B 468 7.49 -37.56 3.44
N GLY B 469 8.81 -37.59 3.49
CA GLY B 469 9.51 -38.85 3.68
C GLY B 469 8.93 -39.64 4.83
N ALA B 470 8.58 -38.95 5.91
CA ALA B 470 7.89 -39.62 6.99
C ALA B 470 6.52 -40.12 6.54
N ARG B 471 5.84 -39.38 5.67
CA ARG B 471 4.47 -39.74 5.35
C ARG B 471 4.35 -40.69 4.19
N THR B 472 5.43 -40.98 3.47
CA THR B 472 5.38 -42.08 2.54
C THR B 472 5.41 -43.42 3.27
N LEU B 473 6.39 -43.59 4.16
CA LEU B 473 6.49 -44.86 4.88
C LEU B 473 5.27 -45.10 5.75
N PHE B 474 4.87 -44.08 6.48
CA PHE B 474 3.89 -44.21 7.54
C PHE B 474 2.48 -43.90 7.09
N ARG B 475 2.26 -43.71 5.79
CA ARG B 475 0.94 -43.38 5.29
C ARG B 475 -0.11 -44.35 5.80
N ASP B 476 0.28 -45.59 6.08
CA ASP B 476 -0.62 -46.53 6.74
C ASP B 476 -0.96 -46.04 8.14
N VAL B 477 0.05 -45.87 8.98
CA VAL B 477 -0.16 -45.50 10.38
C VAL B 477 -0.50 -44.04 10.55
N PHE B 478 -0.05 -43.19 9.63
CA PHE B 478 -0.05 -41.75 9.84
C PHE B 478 -1.42 -41.20 10.17
N SER B 479 -2.50 -41.89 9.79
CA SER B 479 -3.83 -41.42 10.14
C SER B 479 -3.98 -41.27 11.65
N GLY B 480 -3.44 -42.22 12.41
CA GLY B 480 -3.40 -42.15 13.86
C GLY B 480 -2.88 -43.43 14.49
N ILE B 481 -2.44 -43.37 15.75
CA ILE B 481 -1.95 -44.57 16.39
C ILE B 481 -3.12 -45.49 16.72
N ASP B 482 -2.88 -46.79 16.64
CA ASP B 482 -3.93 -47.80 16.93
C ASP B 482 -3.89 -48.13 18.43
N PRO B 483 -5.04 -48.45 19.07
CA PRO B 483 -5.07 -48.79 20.49
C PRO B 483 -4.04 -49.89 20.81
N GLU B 484 -3.08 -49.58 21.68
CA GLU B 484 -2.00 -50.54 22.08
C GLU B 484 -1.37 -51.13 20.82
N ASP C 1 8.29 -45.25 61.26
CA ASP C 1 9.10 -44.37 60.41
C ASP C 1 8.63 -44.33 58.97
N GLN C 2 8.22 -45.48 58.45
CA GLN C 2 8.29 -45.69 57.02
C GLN C 2 7.19 -44.91 56.31
N GLU C 3 7.19 -45.01 54.97
CA GLU C 3 6.25 -44.25 54.15
C GLU C 3 4.81 -44.69 54.38
N SER C 4 4.60 -45.92 54.87
CA SER C 4 3.25 -46.46 55.02
C SER C 4 2.35 -45.49 55.77
N SER C 5 2.81 -44.99 56.90
CA SER C 5 2.16 -43.88 57.58
C SER C 5 3.06 -42.68 57.40
N GLY C 6 2.67 -41.78 56.52
CA GLY C 6 3.62 -40.76 56.15
C GLY C 6 3.45 -40.39 54.69
N PHE C 7 4.59 -40.00 54.12
CA PHE C 7 4.79 -39.80 52.69
C PHE C 7 6.22 -40.21 52.37
N ALA C 8 6.70 -39.85 51.19
CA ALA C 8 7.93 -40.44 50.67
C ALA C 8 9.14 -39.96 51.47
N TRP C 9 10.30 -40.52 51.12
CA TRP C 9 11.49 -40.33 51.94
C TRP C 9 12.17 -39.00 51.67
N TRP C 10 12.27 -38.62 50.39
CA TRP C 10 13.02 -37.41 50.06
C TRP C 10 12.47 -36.20 50.78
N ALA C 11 11.18 -36.20 51.09
CA ALA C 11 10.55 -35.16 51.89
C ALA C 11 10.43 -35.54 53.36
N GLY C 12 11.01 -36.67 53.75
CA GLY C 12 10.57 -37.42 54.92
C GLY C 12 10.53 -36.65 56.22
N ASN C 13 11.14 -35.46 56.31
CA ASN C 13 11.11 -34.75 57.58
C ASN C 13 9.69 -34.45 58.04
N ALA C 14 8.84 -34.02 57.13
CA ALA C 14 7.52 -33.59 57.58
C ALA C 14 6.70 -34.74 58.16
N ARG C 15 7.21 -35.96 58.12
CA ARG C 15 6.66 -37.01 58.96
C ARG C 15 6.62 -36.61 60.42
N LEU C 16 7.41 -35.60 60.81
CA LEU C 16 7.49 -35.17 62.20
C LEU C 16 6.36 -34.27 62.65
N ILE C 17 5.47 -33.85 61.74
CA ILE C 17 4.49 -32.83 62.07
C ILE C 17 3.79 -33.13 63.38
N ASN C 18 3.38 -34.38 63.58
CA ASN C 18 2.57 -34.72 64.74
C ASN C 18 3.38 -35.26 65.91
N LEU C 19 4.69 -35.40 65.77
CA LEU C 19 5.52 -35.90 66.85
C LEU C 19 6.34 -34.75 67.40
N SER C 20 5.96 -34.26 68.58
CA SER C 20 6.70 -33.16 69.18
C SER C 20 7.99 -33.65 69.83
N GLY C 21 7.93 -34.81 70.48
CA GLY C 21 9.13 -35.37 71.07
C GLY C 21 10.27 -35.48 70.08
N LYS C 22 9.96 -35.94 68.86
CA LYS C 22 10.98 -35.90 67.83
C LYS C 22 11.27 -34.49 67.37
N LEU C 23 10.29 -33.60 67.47
CA LEU C 23 10.46 -32.28 66.86
C LEU C 23 11.50 -31.46 67.60
N LEU C 24 11.44 -31.43 68.94
CA LEU C 24 12.51 -30.79 69.69
C LEU C 24 13.86 -31.38 69.32
N GLY C 25 13.91 -32.71 69.21
CA GLY C 25 15.14 -33.35 68.80
C GLY C 25 15.72 -32.72 67.55
N ALA C 26 14.87 -32.41 66.58
CA ALA C 26 15.33 -31.75 65.37
C ALA C 26 16.00 -30.43 65.71
N HIS C 27 15.23 -29.47 66.21
CA HIS C 27 15.72 -28.11 66.37
C HIS C 27 16.98 -28.09 67.23
N VAL C 28 16.87 -28.59 68.46
CA VAL C 28 18.01 -28.55 69.37
C VAL C 28 19.25 -29.10 68.68
N ALA C 29 19.11 -30.20 67.96
CA ALA C 29 20.21 -30.69 67.14
C ALA C 29 20.60 -29.67 66.10
N HIS C 30 19.63 -29.18 65.34
CA HIS C 30 19.92 -28.23 64.28
C HIS C 30 20.58 -26.97 64.85
N ALA C 31 20.00 -26.41 65.90
CA ALA C 31 20.63 -25.29 66.56
C ALA C 31 22.06 -25.64 66.96
N GLY C 32 22.27 -26.88 67.38
CA GLY C 32 23.61 -27.32 67.68
C GLY C 32 24.57 -27.09 66.53
N LEU C 33 24.14 -27.44 65.31
CA LEU C 33 24.99 -27.21 64.15
C LEU C 33 25.34 -25.74 64.02
N ILE C 34 24.32 -24.89 63.95
CA ILE C 34 24.55 -23.46 63.74
C ILE C 34 25.56 -22.94 64.74
N VAL C 35 25.39 -23.29 66.01
CA VAL C 35 26.36 -22.90 67.02
C VAL C 35 27.72 -23.46 66.65
N PHE C 36 27.77 -24.76 66.41
CA PHE C 36 29.05 -25.40 66.11
C PHE C 36 29.71 -24.78 64.90
N TRP C 37 28.94 -24.47 63.87
CA TRP C 37 29.52 -23.79 62.73
C TRP C 37 30.10 -22.45 63.13
N ALA C 38 29.45 -21.76 64.07
CA ALA C 38 29.90 -20.42 64.42
C ALA C 38 31.30 -20.47 64.99
N GLY C 39 31.50 -21.22 66.06
CA GLY C 39 32.81 -21.28 66.66
C GLY C 39 33.85 -21.85 65.72
N ALA C 40 33.45 -22.80 64.88
CA ALA C 40 34.40 -23.41 63.96
C ALA C 40 35.07 -22.36 63.09
N MET C 41 34.27 -21.60 62.34
CA MET C 41 34.82 -20.54 61.51
C MET C 41 35.71 -19.62 62.32
N THR C 42 35.29 -19.30 63.55
CA THR C 42 36.09 -18.45 64.41
C THR C 42 37.50 -19.00 64.55
N LEU C 43 37.61 -20.24 65.03
CA LEU C 43 38.93 -20.84 65.16
C LEU C 43 39.58 -21.04 63.80
N PHE C 44 38.79 -21.53 62.83
CA PHE C 44 39.32 -21.69 61.49
C PHE C 44 39.92 -20.40 60.97
N GLU C 45 39.19 -19.30 61.11
CA GLU C 45 39.75 -18.02 60.70
C GLU C 45 40.91 -17.61 61.60
N LEU C 46 40.80 -17.88 62.90
CA LEU C 46 41.83 -17.41 63.81
C LEU C 46 43.18 -18.06 63.51
N ALA C 47 43.18 -19.29 63.02
CA ALA C 47 44.44 -19.96 62.72
C ALA C 47 45.12 -19.32 61.52
N HIS C 48 44.34 -18.96 60.50
CA HIS C 48 44.88 -18.36 59.31
C HIS C 48 44.94 -16.85 59.41
N PHE C 49 44.62 -16.30 60.57
CA PHE C 49 44.48 -14.87 60.73
C PHE C 49 45.83 -14.18 60.93
N ILE C 50 45.97 -13.01 60.32
CA ILE C 50 47.15 -12.16 60.44
C ILE C 50 46.73 -10.88 61.16
N PRO C 51 47.18 -10.65 62.39
CA PRO C 51 46.70 -9.46 63.12
C PRO C 51 47.22 -8.15 62.58
N GLU C 52 48.36 -8.14 61.90
CA GLU C 52 48.95 -6.87 61.51
C GLU C 52 48.14 -6.18 60.42
N LYS C 53 47.91 -6.88 59.31
CA LYS C 53 47.23 -6.30 58.17
C LYS C 53 45.76 -6.06 58.54
N PRO C 54 44.98 -5.42 57.66
CA PRO C 54 43.58 -5.17 58.01
C PRO C 54 42.76 -6.44 57.91
N MET C 55 41.51 -6.32 58.34
CA MET C 55 40.66 -7.51 58.40
C MET C 55 40.10 -7.87 57.05
N TYR C 56 39.54 -6.88 56.35
CA TYR C 56 38.98 -7.14 55.03
C TYR C 56 40.03 -7.68 54.07
N GLU C 57 41.29 -7.37 54.32
CA GLU C 57 42.35 -7.98 53.52
C GLU C 57 42.38 -9.49 53.72
N GLN C 58 42.02 -9.96 54.90
CA GLN C 58 42.16 -11.37 55.24
C GLN C 58 41.08 -12.25 54.64
N GLY C 59 40.03 -11.67 54.08
CA GLY C 59 38.91 -12.50 53.64
C GLY C 59 38.22 -13.11 54.84
N LEU C 60 37.72 -12.26 55.73
CA LEU C 60 37.35 -12.65 57.08
C LEU C 60 35.91 -12.21 57.33
N ILE C 61 34.98 -13.16 57.45
CA ILE C 61 33.56 -12.82 57.53
C ILE C 61 33.01 -12.81 58.94
N LEU C 62 33.82 -13.16 59.94
CA LEU C 62 33.25 -13.35 61.27
C LEU C 62 33.93 -12.48 62.31
N ILE C 63 35.23 -12.64 62.51
CA ILE C 63 36.00 -11.88 63.50
C ILE C 63 35.63 -10.40 63.49
N PRO C 64 35.39 -9.78 62.33
CA PRO C 64 34.85 -8.42 62.36
C PRO C 64 33.62 -8.27 63.25
N HIS C 65 32.69 -9.21 63.21
CA HIS C 65 31.52 -9.12 64.09
C HIS C 65 31.93 -9.10 65.54
N ILE C 66 32.69 -10.11 65.97
CA ILE C 66 33.16 -10.15 67.35
C ILE C 66 33.88 -8.86 67.68
N ALA C 67 34.80 -8.46 66.80
CA ALA C 67 35.50 -7.20 66.99
C ALA C 67 34.53 -6.03 67.10
N THR C 68 33.51 -6.01 66.24
CA THR C 68 32.58 -4.88 66.23
C THR C 68 31.97 -4.64 67.59
N LEU C 69 31.90 -5.65 68.43
CA LEU C 69 31.45 -5.40 69.79
C LEU C 69 32.57 -4.87 70.67
N GLY C 70 33.74 -4.62 70.11
CA GLY C 70 34.75 -3.89 70.85
C GLY C 70 35.65 -4.76 71.70
N TRP C 71 35.83 -6.01 71.35
CA TRP C 71 36.74 -6.88 72.07
C TRP C 71 38.02 -7.06 71.28
N GLY C 72 39.15 -6.77 71.91
CA GLY C 72 40.44 -6.96 71.29
C GLY C 72 40.71 -6.03 70.12
N VAL C 73 39.83 -5.04 69.90
CA VAL C 73 39.98 -4.15 68.76
C VAL C 73 41.09 -3.14 68.98
N GLY C 74 41.03 -2.38 70.07
CA GLY C 74 41.91 -1.27 70.27
C GLY C 74 41.55 -0.11 69.37
N PRO C 75 41.99 1.09 69.71
CA PRO C 75 41.84 2.21 68.80
C PRO C 75 42.70 2.01 67.56
N GLY C 76 42.39 2.78 66.52
CA GLY C 76 43.00 2.56 65.23
C GLY C 76 42.59 1.26 64.57
N GLY C 77 41.59 0.58 65.11
CA GLY C 77 41.28 -0.76 64.67
C GLY C 77 42.45 -1.70 64.87
N GLU C 78 43.17 -1.54 65.98
CA GLU C 78 44.47 -2.15 66.13
C GLU C 78 44.41 -3.67 66.15
N VAL C 79 43.29 -4.24 66.59
CA VAL C 79 43.16 -5.68 66.80
C VAL C 79 44.26 -6.10 67.77
N VAL C 80 44.12 -5.72 69.03
CA VAL C 80 45.23 -5.77 69.97
C VAL C 80 45.54 -7.20 70.41
N ASP C 81 44.63 -7.83 71.15
CA ASP C 81 44.85 -9.19 71.64
C ASP C 81 43.80 -10.12 71.07
N THR C 82 44.25 -11.21 70.45
CA THR C 82 43.34 -12.13 69.79
C THR C 82 42.62 -13.05 70.76
N PHE C 83 43.12 -13.17 71.99
CA PHE C 83 42.54 -14.12 72.93
C PHE C 83 41.04 -13.95 73.14
N PRO C 84 40.48 -12.74 73.22
CA PRO C 84 39.01 -12.64 73.26
C PRO C 84 38.35 -13.25 72.03
N PHE C 85 38.94 -13.06 70.85
CA PHE C 85 38.42 -13.74 69.67
C PHE C 85 38.44 -15.24 69.84
N PHE C 86 39.50 -15.77 70.45
CA PHE C 86 39.60 -17.21 70.62
C PHE C 86 38.53 -17.72 71.58
N VAL C 87 38.29 -16.99 72.68
CA VAL C 87 37.35 -17.47 73.68
C VAL C 87 35.96 -17.62 73.10
N VAL C 88 35.55 -16.67 72.27
CA VAL C 88 34.19 -16.70 71.72
C VAL C 88 33.93 -17.99 70.97
N GLY C 89 34.79 -18.31 70.00
CA GLY C 89 34.53 -19.46 69.15
C GLY C 89 34.50 -20.76 69.92
N VAL C 90 35.48 -20.97 70.79
CA VAL C 90 35.58 -22.25 71.48
C VAL C 90 34.38 -22.46 72.39
N VAL C 91 33.89 -21.38 73.00
CA VAL C 91 32.74 -21.52 73.89
C VAL C 91 31.53 -22.04 73.12
N HIS C 92 31.28 -21.49 71.94
CA HIS C 92 30.17 -22.00 71.14
C HIS C 92 30.33 -23.49 70.84
N LEU C 93 31.54 -23.93 70.51
CA LEU C 93 31.76 -25.36 70.30
C LEU C 93 31.32 -26.16 71.50
N ILE C 94 31.88 -25.85 72.67
CA ILE C 94 31.50 -26.54 73.89
C ILE C 94 30.00 -26.47 74.10
N SER C 95 29.39 -25.34 73.75
CA SER C 95 27.95 -25.22 73.87
C SER C 95 27.25 -26.20 72.94
N SER C 96 27.76 -26.34 71.72
CA SER C 96 27.15 -27.28 70.78
C SER C 96 27.22 -28.69 71.29
N ALA C 97 28.36 -29.07 71.89
CA ALA C 97 28.51 -30.42 72.42
C ALA C 97 27.36 -30.78 73.34
N VAL C 98 26.86 -29.81 74.10
CA VAL C 98 25.68 -30.06 74.91
C VAL C 98 24.45 -30.19 74.03
N LEU C 99 24.25 -29.23 73.14
CA LEU C 99 23.03 -29.16 72.35
C LEU C 99 22.74 -30.47 71.62
N GLY C 100 23.57 -30.80 70.63
CA GLY C 100 23.35 -32.02 69.88
C GLY C 100 23.15 -33.22 70.77
N PHE C 101 23.95 -33.31 71.84
CA PHE C 101 23.75 -34.36 72.82
C PHE C 101 22.31 -34.42 73.27
N GLY C 102 21.74 -33.27 73.64
CA GLY C 102 20.32 -33.23 73.90
C GLY C 102 19.50 -33.51 72.65
N GLY C 103 19.86 -32.85 71.55
CA GLY C 103 19.17 -33.10 70.30
C GLY C 103 19.06 -34.57 69.99
N VAL C 104 20.12 -35.32 70.23
CA VAL C 104 20.05 -36.77 70.10
C VAL C 104 19.10 -37.34 71.14
N TYR C 105 19.18 -36.84 72.37
CA TYR C 105 18.38 -37.44 73.44
C TYR C 105 16.90 -37.38 73.11
N HIS C 106 16.43 -36.23 72.62
CA HIS C 106 15.06 -36.18 72.16
C HIS C 106 14.87 -36.92 70.85
N ALA C 107 15.94 -37.10 70.06
CA ALA C 107 15.78 -37.78 68.79
C ALA C 107 15.44 -39.25 68.98
N ILE C 108 16.00 -39.88 70.01
CA ILE C 108 15.82 -41.32 70.17
C ILE C 108 15.22 -41.69 71.51
N ARG C 109 16.02 -41.65 72.57
CA ARG C 109 15.57 -42.19 73.84
C ARG C 109 14.55 -41.28 74.50
N GLY C 110 14.48 -40.01 74.10
CA GLY C 110 13.44 -39.13 74.59
C GLY C 110 12.08 -39.60 74.13
N PRO C 111 11.03 -39.24 74.86
CA PRO C 111 9.70 -39.74 74.52
C PRO C 111 9.26 -39.27 73.14
N GLU C 112 8.60 -40.18 72.42
CA GLU C 112 8.24 -39.90 71.04
C GLU C 112 7.14 -38.84 70.94
N THR C 113 6.42 -38.60 72.02
CA THR C 113 5.43 -37.54 72.03
C THR C 113 5.36 -36.94 73.43
N LEU C 114 5.21 -35.61 73.48
CA LEU C 114 5.32 -34.86 74.72
C LEU C 114 3.99 -34.57 75.37
N GLU C 115 2.88 -35.00 74.75
CA GLU C 115 1.56 -34.74 75.32
C GLU C 115 1.37 -35.40 76.68
N GLU C 116 2.30 -36.25 77.10
CA GLU C 116 2.15 -37.07 78.30
C GLU C 116 3.21 -36.75 79.34
N TYR C 117 4.48 -36.95 79.02
CA TYR C 117 5.56 -36.74 79.99
C TYR C 117 5.42 -35.39 80.69
N SER C 118 5.23 -34.32 79.93
CA SER C 118 4.96 -33.00 80.49
C SER C 118 3.79 -32.38 79.74
N SER C 119 2.68 -32.18 80.42
CA SER C 119 1.54 -31.52 79.80
C SER C 119 1.85 -30.07 79.49
N PHE C 120 2.63 -29.41 80.36
CA PHE C 120 3.02 -28.04 80.11
C PHE C 120 3.76 -27.91 78.78
N PHE C 121 4.81 -28.71 78.59
CA PHE C 121 5.50 -28.73 77.30
C PHE C 121 4.62 -29.27 76.19
N GLY C 122 3.61 -30.06 76.53
CA GLY C 122 2.75 -30.61 75.50
C GLY C 122 1.98 -29.50 74.79
N TYR C 123 1.83 -29.66 73.48
CA TYR C 123 1.09 -28.70 72.68
C TYR C 123 0.51 -29.41 71.47
N ASP C 124 -0.64 -28.94 71.02
CA ASP C 124 -1.21 -29.36 69.75
C ASP C 124 -1.16 -28.18 68.80
N TRP C 125 -0.71 -28.45 67.57
CA TRP C 125 -0.60 -27.38 66.59
C TRP C 125 -1.91 -26.65 66.43
N LYS C 126 -3.02 -27.39 66.35
CA LYS C 126 -4.30 -26.75 66.11
C LYS C 126 -4.77 -25.93 67.29
N ASP C 127 -4.26 -26.20 68.49
CA ASP C 127 -4.61 -25.37 69.64
C ASP C 127 -4.09 -23.96 69.45
N LYS C 128 -4.98 -22.98 69.59
CA LYS C 128 -4.61 -21.59 69.43
C LYS C 128 -4.25 -20.93 70.75
N ASN C 129 -4.15 -21.69 71.84
CA ASN C 129 -3.85 -21.12 73.16
C ASN C 129 -2.50 -21.58 73.66
N LYS C 130 -2.35 -22.87 73.99
CA LYS C 130 -1.10 -23.36 74.56
C LYS C 130 0.07 -23.07 73.64
N MET C 131 -0.17 -22.98 72.33
CA MET C 131 0.89 -22.57 71.42
C MET C 131 1.23 -21.11 71.61
N THR C 132 0.23 -20.23 71.52
CA THR C 132 0.46 -18.82 71.75
C THR C 132 1.17 -18.59 73.07
N THR C 133 0.89 -19.41 74.07
CA THR C 133 1.64 -19.36 75.31
C THR C 133 3.13 -19.47 75.05
N ILE C 134 3.54 -20.43 74.22
CA ILE C 134 4.95 -20.58 73.90
C ILE C 134 5.47 -19.33 73.20
N LEU C 135 4.71 -18.83 72.23
CA LEU C 135 5.16 -17.65 71.49
C LEU C 135 5.55 -16.52 72.44
N GLY C 136 4.92 -16.47 73.61
CA GLY C 136 5.32 -15.48 74.59
C GLY C 136 6.75 -15.67 75.04
N PHE C 137 7.07 -16.86 75.54
CA PHE C 137 8.35 -17.05 76.20
C PHE C 137 9.51 -16.66 75.30
N HIS C 138 9.54 -17.20 74.09
CA HIS C 138 10.59 -16.82 73.17
C HIS C 138 10.60 -15.32 72.96
N LEU C 139 9.44 -14.75 72.65
CA LEU C 139 9.38 -13.32 72.44
C LEU C 139 9.86 -12.57 73.67
N ILE C 140 9.73 -13.17 74.85
CA ILE C 140 10.38 -12.61 76.02
C ILE C 140 11.89 -12.82 75.94
N VAL C 141 12.30 -14.07 75.74
CA VAL C 141 13.74 -14.38 75.72
C VAL C 141 14.42 -13.61 74.62
N LEU C 142 13.90 -13.69 73.40
CA LEU C 142 14.48 -12.93 72.30
C LEU C 142 14.52 -11.44 72.62
N GLY C 143 13.60 -10.95 73.44
CA GLY C 143 13.68 -9.57 73.88
C GLY C 143 14.71 -9.35 74.96
N ILE C 144 15.02 -10.38 75.74
CA ILE C 144 16.06 -10.25 76.75
C ILE C 144 17.40 -9.94 76.10
N GLY C 145 17.79 -10.77 75.13
CA GLY C 145 19.08 -10.58 74.48
C GLY C 145 19.25 -9.19 73.91
N ALA C 146 18.20 -8.65 73.30
CA ALA C 146 18.26 -7.29 72.78
C ALA C 146 18.74 -6.34 73.86
N LEU C 147 18.13 -6.41 75.03
CA LEU C 147 18.66 -5.65 76.16
C LEU C 147 20.08 -6.07 76.47
N LEU C 148 20.35 -7.37 76.40
CA LEU C 148 21.68 -7.85 76.77
C LEU C 148 22.73 -7.27 75.84
N LEU C 149 22.35 -6.90 74.62
CA LEU C 149 23.22 -6.06 73.82
C LEU C 149 23.55 -4.77 74.54
N VAL C 150 22.52 -4.02 74.93
CA VAL C 150 22.73 -2.73 75.58
C VAL C 150 23.60 -2.89 76.82
N ALA C 151 23.48 -4.03 77.49
CA ALA C 151 24.38 -4.32 78.61
C ALA C 151 25.82 -4.24 78.16
N LYS C 152 26.12 -4.67 76.94
CA LYS C 152 27.43 -4.40 76.38
C LYS C 152 27.58 -2.94 76.03
N ALA C 153 26.52 -2.32 75.51
CA ALA C 153 26.62 -0.94 75.07
C ALA C 153 26.84 0.00 76.25
N MET C 154 25.91 0.00 77.21
CA MET C 154 25.96 1.00 78.26
C MET C 154 26.93 0.63 79.38
N PHE C 155 27.13 -0.66 79.63
CA PHE C 155 27.84 -1.09 80.83
C PHE C 155 29.18 -1.75 80.51
N PHE C 156 29.20 -2.99 80.03
CA PHE C 156 30.41 -3.77 79.97
C PHE C 156 31.23 -3.35 78.76
N GLY C 157 32.48 -2.97 78.98
CA GLY C 157 33.27 -2.44 77.87
C GLY C 157 32.52 -1.34 77.16
N GLY C 158 32.66 -1.32 75.84
CA GLY C 158 31.84 -0.46 75.02
C GLY C 158 31.88 -0.90 73.57
N LEU C 159 30.81 -0.60 72.84
CA LEU C 159 30.74 -1.04 71.47
C LEU C 159 31.57 -0.13 70.56
N TYR C 160 31.91 -0.67 69.39
CA TYR C 160 32.80 0.03 68.48
C TYR C 160 32.12 1.23 67.85
N ASP C 161 32.91 2.26 67.60
CA ASP C 161 32.43 3.54 67.10
C ASP C 161 32.84 3.71 65.65
N THR C 162 31.87 4.00 64.80
CA THR C 162 32.20 4.41 63.45
C THR C 162 32.87 5.77 63.44
N TRP C 163 32.23 6.74 64.09
CA TRP C 163 32.63 8.14 64.08
C TRP C 163 33.11 8.56 65.46
N ALA C 164 34.41 8.70 65.59
CA ALA C 164 34.97 9.37 66.75
C ALA C 164 35.62 10.64 66.25
N PRO C 165 35.72 11.66 67.09
CA PRO C 165 36.41 12.89 66.67
C PRO C 165 37.78 12.63 66.11
N GLY C 166 38.42 11.52 66.47
CA GLY C 166 39.50 10.98 65.68
C GLY C 166 39.62 9.50 65.91
N GLY C 167 40.09 8.79 64.88
CA GLY C 167 40.30 7.37 64.96
C GLY C 167 39.06 6.52 64.79
N GLY C 168 37.88 7.07 65.05
CA GLY C 168 36.64 6.37 64.78
C GLY C 168 36.58 4.96 65.33
N ASP C 169 36.75 4.76 66.64
CA ASP C 169 36.86 3.39 67.13
C ASP C 169 36.00 2.98 68.32
N VAL C 170 36.33 3.42 69.53
CA VAL C 170 35.81 2.81 70.73
C VAL C 170 35.19 3.87 71.61
N ARG C 171 33.92 3.65 71.99
CA ARG C 171 33.21 4.57 72.87
C ARG C 171 32.18 3.79 73.68
N VAL C 172 31.99 4.20 74.93
CA VAL C 172 30.94 3.66 75.78
C VAL C 172 29.84 4.69 75.82
N ILE C 173 28.68 4.36 75.23
CA ILE C 173 27.60 5.32 75.15
C ILE C 173 27.12 5.69 76.55
N THR C 174 26.85 6.96 76.74
CA THR C 174 26.32 7.44 78.01
C THR C 174 24.81 7.61 77.93
N ASN C 175 24.35 8.54 77.10
CA ASN C 175 22.92 8.78 76.96
C ASN C 175 22.40 8.20 75.66
N PRO C 176 21.64 7.12 75.70
CA PRO C 176 20.99 6.63 74.47
C PRO C 176 19.81 7.51 74.11
N THR C 177 19.61 7.69 72.81
CA THR C 177 18.47 8.47 72.34
C THR C 177 17.23 7.59 72.28
N LEU C 178 16.19 8.01 72.99
CA LEU C 178 14.92 7.30 72.90
C LEU C 178 13.78 8.31 72.96
N ASP C 179 12.86 8.18 72.00
CA ASP C 179 11.57 8.86 71.91
C ASP C 179 10.93 8.47 70.59
N PRO C 180 9.60 8.45 70.52
CA PRO C 180 8.95 8.11 69.25
C PRO C 180 9.22 9.13 68.16
N ARG C 181 9.70 10.31 68.52
CA ARG C 181 9.99 11.33 67.51
C ARG C 181 10.98 10.80 66.48
N VAL C 182 12.17 10.42 66.92
CA VAL C 182 13.22 10.00 66.01
C VAL C 182 13.33 8.48 65.90
N ILE C 183 12.42 7.74 66.51
CA ILE C 183 12.53 6.28 66.45
C ILE C 183 11.39 5.69 65.64
N PHE C 184 10.17 5.74 66.17
CA PHE C 184 9.03 5.34 65.36
C PHE C 184 9.00 6.13 64.07
N GLY C 185 9.13 7.45 64.16
CA GLY C 185 9.23 8.27 62.98
C GLY C 185 10.48 8.03 62.16
N TYR C 186 11.47 7.34 62.73
CA TYR C 186 12.69 7.07 61.98
C TYR C 186 12.41 6.14 60.80
N LEU C 187 11.83 4.97 61.08
CA LEU C 187 11.51 4.05 60.01
C LEU C 187 10.49 4.61 59.04
N LEU C 188 9.83 5.70 59.38
CA LEU C 188 8.86 6.31 58.50
C LEU C 188 9.51 6.95 57.29
N LYS C 189 10.84 7.04 57.26
CA LYS C 189 11.53 7.67 56.14
C LYS C 189 11.37 6.83 54.87
N SER C 190 11.59 7.48 53.74
CA SER C 190 11.51 6.79 52.47
C SER C 190 12.59 5.71 52.40
N PRO C 191 12.32 4.61 51.73
CA PRO C 191 13.38 3.62 51.49
C PRO C 191 14.38 4.07 50.46
N PHE C 192 13.99 4.93 49.53
CA PHE C 192 14.75 5.12 48.30
C PHE C 192 15.91 6.09 48.47
N GLY C 193 16.46 6.51 47.35
CA GLY C 193 17.68 7.28 47.27
C GLY C 193 17.78 8.46 48.21
N GLY C 194 18.90 8.52 48.92
CA GLY C 194 19.20 9.64 49.76
C GLY C 194 18.69 9.53 51.19
N GLU C 195 17.64 8.74 51.42
CA GLU C 195 17.19 8.42 52.76
C GLU C 195 17.04 6.92 52.86
N GLY C 196 17.90 6.30 53.66
CA GLY C 196 17.74 4.89 53.93
C GLY C 196 16.52 4.67 54.79
N TRP C 197 15.98 3.45 54.74
CA TRP C 197 14.80 3.19 55.54
C TRP C 197 15.21 2.90 56.99
N ILE C 198 15.77 1.73 57.25
CA ILE C 198 16.54 1.53 58.45
C ILE C 198 18.04 1.63 58.21
N VAL C 199 18.45 1.83 56.96
CA VAL C 199 19.86 1.74 56.61
C VAL C 199 20.59 3.04 56.85
N SER C 200 19.90 4.08 57.28
CA SER C 200 20.60 5.33 57.53
C SER C 200 21.39 5.22 58.84
N VAL C 201 20.69 5.22 59.97
CA VAL C 201 21.29 5.04 61.28
C VAL C 201 22.60 5.81 61.34
N ASN C 202 22.51 7.13 61.27
CA ASN C 202 23.72 7.94 61.31
C ASN C 202 24.44 7.72 62.62
N ASN C 203 23.77 8.00 63.71
CA ASN C 203 24.38 7.87 65.02
C ASN C 203 24.36 6.42 65.48
N LEU C 204 25.45 6.01 66.12
CA LEU C 204 25.47 4.74 66.84
C LEU C 204 24.34 4.69 67.85
N GLU C 205 24.23 5.73 68.67
CA GLU C 205 23.32 5.69 69.80
C GLU C 205 21.87 5.52 69.39
N ASP C 206 21.55 5.66 68.10
CA ASP C 206 20.24 5.24 67.62
C ASP C 206 19.97 3.78 67.95
N VAL C 207 20.86 2.89 67.53
CA VAL C 207 20.57 1.47 67.65
C VAL C 207 20.40 1.08 69.11
N VAL C 208 21.25 1.63 69.98
CA VAL C 208 21.15 1.30 71.39
C VAL C 208 19.82 1.78 71.95
N GLY C 209 19.57 3.08 71.84
CA GLY C 209 18.27 3.59 72.23
C GLY C 209 17.15 2.89 71.50
N GLY C 210 17.38 2.52 70.25
CA GLY C 210 16.36 1.79 69.52
C GLY C 210 16.12 0.41 70.09
N HIS C 211 17.19 -0.35 70.31
CA HIS C 211 17.02 -1.69 70.86
C HIS C 211 16.37 -1.65 72.24
N ILE C 212 16.55 -0.56 72.97
CA ILE C 212 15.81 -0.40 74.23
C ILE C 212 14.33 -0.63 74.00
N TRP C 213 13.76 0.07 73.03
CA TRP C 213 12.36 -0.13 72.71
C TRP C 213 12.10 -1.59 72.33
N ILE C 214 12.81 -2.08 71.31
CA ILE C 214 12.64 -3.47 70.92
C ILE C 214 12.91 -4.38 72.10
N GLY C 215 13.77 -3.97 73.01
CA GLY C 215 13.88 -4.67 74.26
C GLY C 215 12.58 -4.60 75.02
N LEU C 216 12.10 -3.39 75.28
CA LEU C 216 10.92 -3.25 76.12
C LEU C 216 9.61 -3.45 75.36
N ILE C 217 9.65 -3.51 74.04
CA ILE C 217 8.44 -3.89 73.32
C ILE C 217 8.21 -5.39 73.43
N CYS C 218 9.26 -6.18 73.17
CA CYS C 218 9.09 -7.62 73.18
C CYS C 218 8.71 -8.14 74.55
N ILE C 219 9.31 -7.59 75.60
CA ILE C 219 8.95 -8.01 76.95
C ILE C 219 7.48 -7.76 77.19
N ALA C 220 6.94 -6.68 76.63
CA ALA C 220 5.50 -6.51 76.63
C ALA C 220 4.83 -7.60 75.82
N GLY C 221 5.42 -7.97 74.69
CA GLY C 221 4.79 -8.97 73.82
C GLY C 221 4.48 -10.26 74.56
N GLY C 222 5.47 -10.81 75.24
CA GLY C 222 5.23 -12.03 76.00
C GLY C 222 4.16 -11.80 77.02
N ILE C 223 4.38 -10.81 77.90
CA ILE C 223 3.38 -10.45 78.89
C ILE C 223 2.03 -10.21 78.24
N TRP C 224 2.02 -9.67 77.03
CA TRP C 224 0.76 -9.54 76.30
C TRP C 224 0.22 -10.91 75.93
N HIS C 225 1.00 -11.72 75.22
CA HIS C 225 0.47 -13.00 74.76
C HIS C 225 0.25 -13.97 75.90
N ILE C 226 1.16 -14.02 76.87
CA ILE C 226 0.98 -14.94 78.00
C ILE C 226 -0.36 -14.69 78.67
N LEU C 227 -0.76 -13.43 78.78
CA LEU C 227 -1.98 -13.06 79.49
C LEU C 227 -3.18 -12.90 78.57
N THR C 228 -3.03 -13.19 77.28
CA THR C 228 -4.10 -12.97 76.31
C THR C 228 -4.33 -14.26 75.52
N THR C 229 -5.05 -14.14 74.42
CA THR C 229 -5.61 -15.22 73.64
C THR C 229 -6.20 -14.62 72.38
N PRO C 230 -6.00 -15.25 71.21
CA PRO C 230 -6.32 -14.61 69.95
C PRO C 230 -7.75 -14.12 69.89
N PHE C 231 -7.93 -12.97 69.24
CA PHE C 231 -9.24 -12.37 69.10
C PHE C 231 -9.95 -12.93 67.88
N GLY C 232 -11.19 -12.48 67.68
CA GLY C 232 -12.00 -12.99 66.61
C GLY C 232 -11.35 -12.79 65.26
N TRP C 233 -11.03 -11.54 64.93
CA TRP C 233 -10.46 -11.26 63.62
C TRP C 233 -9.20 -12.06 63.38
N ALA C 234 -8.44 -12.34 64.43
CA ALA C 234 -7.30 -13.23 64.29
C ALA C 234 -7.77 -14.63 63.91
N ARG C 235 -8.76 -15.14 64.63
CA ARG C 235 -9.20 -16.51 64.42
C ARG C 235 -9.77 -16.71 63.01
N ARG C 236 -10.42 -15.69 62.46
CA ARG C 236 -11.03 -15.86 61.14
C ARG C 236 -9.99 -16.00 60.05
N ALA C 237 -8.80 -15.44 60.24
CA ALA C 237 -7.73 -15.57 59.28
C ALA C 237 -6.62 -16.41 59.87
N PHE C 238 -5.53 -16.54 59.13
CA PHE C 238 -4.24 -17.06 59.54
C PHE C 238 -4.11 -18.57 59.50
N ILE C 239 -5.18 -19.34 59.39
CA ILE C 239 -5.05 -20.78 59.20
C ILE C 239 -4.16 -21.38 60.26
N TRP C 240 -4.66 -21.46 61.49
CA TRP C 240 -3.90 -22.08 62.56
C TRP C 240 -3.67 -23.54 62.20
N SER C 241 -2.40 -23.94 62.09
CA SER C 241 -2.05 -25.30 61.71
C SER C 241 -0.55 -25.43 61.62
N GLY C 242 -0.08 -26.68 61.71
CA GLY C 242 1.34 -26.94 61.86
C GLY C 242 2.18 -26.27 60.78
N GLU C 243 1.78 -26.46 59.52
CA GLU C 243 2.54 -25.87 58.42
C GLU C 243 2.58 -24.36 58.53
N ALA C 244 1.40 -23.74 58.54
CA ALA C 244 1.33 -22.29 58.38
C ALA C 244 2.31 -21.59 59.29
N TYR C 245 2.41 -22.03 60.54
CA TYR C 245 3.37 -21.47 61.46
C TYR C 245 4.75 -21.39 60.81
N LEU C 246 5.16 -22.49 60.19
CA LEU C 246 6.41 -22.46 59.45
C LEU C 246 6.32 -21.50 58.29
N SER C 247 5.17 -21.44 57.63
CA SER C 247 5.05 -20.57 56.48
C SER C 247 5.19 -19.12 56.88
N TYR C 248 4.55 -18.70 57.96
CA TYR C 248 4.71 -17.32 58.40
C TYR C 248 6.16 -17.05 58.75
N SER C 249 6.78 -17.96 59.48
CA SER C 249 8.17 -17.76 59.87
C SER C 249 9.02 -17.39 58.66
N LEU C 250 8.79 -18.07 57.54
CA LEU C 250 9.60 -17.80 56.35
C LEU C 250 9.44 -16.35 55.91
N GLY C 251 8.20 -15.93 55.64
CA GLY C 251 7.99 -14.59 55.13
C GLY C 251 8.71 -13.55 55.94
N ALA C 252 8.50 -13.57 57.26
CA ALA C 252 9.25 -12.69 58.14
C ALA C 252 10.74 -12.91 57.94
N LEU C 253 11.17 -14.17 58.02
CA LEU C 253 12.59 -14.47 57.90
C LEU C 253 13.13 -14.03 56.55
N SER C 254 12.31 -14.17 55.50
CA SER C 254 12.74 -13.74 54.18
C SER C 254 13.00 -12.23 54.15
N MET C 255 11.98 -11.45 54.50
CA MET C 255 12.14 -10.00 54.43
C MET C 255 13.30 -9.54 55.32
N MET C 256 13.54 -10.25 56.42
CA MET C 256 14.74 -9.95 57.20
C MET C 256 15.98 -10.03 56.34
N GLY C 257 16.07 -11.07 55.51
CA GLY C 257 17.24 -11.26 54.68
C GLY C 257 17.54 -10.05 53.82
N PHE C 258 16.55 -9.63 53.02
CA PHE C 258 16.78 -8.50 52.13
C PHE C 258 17.24 -7.27 52.91
N ILE C 259 16.72 -7.10 54.13
CA ILE C 259 17.21 -6.02 54.97
C ILE C 259 18.67 -6.27 55.35
N ALA C 260 18.97 -7.46 55.85
CA ALA C 260 20.35 -7.78 56.18
C ALA C 260 21.24 -7.64 54.96
N THR C 261 20.72 -8.01 53.79
CA THR C 261 21.45 -7.75 52.55
C THR C 261 21.71 -6.26 52.40
N CYS C 262 20.78 -5.43 52.84
CA CYS C 262 20.95 -4.01 52.57
C CYS C 262 21.98 -3.38 53.49
N PHE C 263 21.92 -3.67 54.79
CA PHE C 263 22.90 -3.10 55.71
C PHE C 263 24.32 -3.34 55.25
N VAL C 264 24.74 -4.60 55.24
CA VAL C 264 26.12 -4.94 54.95
C VAL C 264 26.58 -4.24 53.69
N TRP C 265 25.68 -4.08 52.72
CA TRP C 265 26.12 -3.49 51.47
C TRP C 265 26.24 -1.97 51.55
N PHE C 266 25.41 -1.31 52.33
CA PHE C 266 25.43 0.15 52.41
C PHE C 266 25.95 0.66 53.74
N ASN C 267 25.23 0.40 54.83
CA ASN C 267 25.43 1.12 56.07
C ASN C 267 26.87 1.03 56.54
N ASN C 268 27.49 2.19 56.71
CA ASN C 268 28.80 2.26 57.29
C ASN C 268 28.76 2.31 58.82
N THR C 269 27.67 2.81 59.39
CA THR C 269 27.63 3.04 60.82
C THR C 269 27.79 1.74 61.61
N VAL C 270 26.92 0.77 61.36
CA VAL C 270 26.98 -0.46 62.11
C VAL C 270 28.22 -1.26 61.74
N TYR C 271 28.41 -1.52 60.45
CA TYR C 271 29.61 -2.21 60.02
C TYR C 271 30.63 -1.17 59.64
N PRO C 272 31.66 -0.95 60.45
CA PRO C 272 32.62 0.11 60.15
C PRO C 272 33.37 -0.22 58.87
N SER C 273 33.45 0.75 57.98
CA SER C 273 34.22 0.55 56.76
C SER C 273 35.63 0.11 57.07
N GLU C 274 36.12 0.41 58.27
CA GLU C 274 37.51 0.13 58.61
C GLU C 274 37.80 -1.35 58.45
N PHE C 275 37.30 -2.21 59.31
CA PHE C 275 37.66 -3.61 59.21
C PHE C 275 36.61 -4.49 58.53
N TYR C 276 35.52 -3.93 58.02
CA TYR C 276 34.68 -4.65 57.08
C TYR C 276 34.98 -4.30 55.63
N GLY C 277 35.98 -3.48 55.37
CA GLY C 277 36.24 -3.05 54.03
C GLY C 277 35.29 -1.94 53.64
N PRO C 278 35.69 -1.14 52.67
CA PRO C 278 34.91 0.05 52.34
C PRO C 278 33.64 -0.32 51.62
N THR C 279 32.59 0.44 51.89
CA THR C 279 31.34 0.23 51.19
C THR C 279 31.50 0.58 49.72
N GLY C 280 30.77 -0.13 48.88
CA GLY C 280 30.80 0.10 47.46
C GLY C 280 30.67 1.57 47.09
N PRO C 281 29.68 2.25 47.64
CA PRO C 281 29.58 3.68 47.37
C PRO C 281 30.81 4.44 47.83
N GLU C 282 31.37 4.09 48.98
CA GLU C 282 32.55 4.79 49.45
C GLU C 282 33.76 4.48 48.58
N ALA C 283 33.85 3.28 48.03
CA ALA C 283 35.01 2.87 47.28
C ALA C 283 35.31 3.86 46.16
N SER C 284 34.44 3.88 45.14
CA SER C 284 34.62 4.84 44.07
C SER C 284 34.69 6.27 44.61
N GLN C 285 33.95 6.55 45.67
CA GLN C 285 34.00 7.86 46.30
C GLN C 285 35.43 8.21 46.70
N ALA C 286 36.01 7.43 47.60
CA ALA C 286 37.37 7.72 48.09
C ALA C 286 38.37 7.73 46.94
N GLN C 287 38.29 6.75 46.04
CA GLN C 287 39.18 6.76 44.89
C GLN C 287 39.09 8.08 44.15
N ALA C 288 37.88 8.59 43.98
CA ALA C 288 37.73 9.86 43.29
C ALA C 288 38.47 10.98 44.00
N MET C 289 38.60 10.90 45.32
CA MET C 289 39.31 11.98 46.01
C MET C 289 40.81 11.82 45.90
N THR C 290 41.31 10.58 45.95
CA THR C 290 42.76 10.40 45.87
C THR C 290 43.29 10.93 44.54
N PHE C 291 42.57 10.66 43.45
CA PHE C 291 42.91 11.33 42.19
C PHE C 291 42.86 12.84 42.36
N LEU C 292 41.86 13.33 43.10
CA LEU C 292 41.73 14.77 43.29
C LEU C 292 42.96 15.35 43.96
N ILE C 293 43.36 14.79 45.09
CA ILE C 293 44.44 15.39 45.88
C ILE C 293 45.76 15.27 45.15
N ARG C 294 46.01 14.12 44.51
CA ARG C 294 47.30 13.92 43.87
C ARG C 294 47.54 14.94 42.76
N ASP C 295 46.49 15.28 42.01
CA ASP C 295 46.62 16.30 40.97
C ASP C 295 46.59 17.70 41.55
N GLN C 296 45.67 17.98 42.47
CA GLN C 296 45.64 19.28 43.15
C GLN C 296 46.94 19.55 43.88
N LYS C 297 47.62 18.50 44.35
CA LYS C 297 48.89 18.68 45.03
C LYS C 297 49.91 19.41 44.15
N LEU C 298 50.00 19.00 42.89
CA LEU C 298 51.11 19.38 42.03
C LEU C 298 50.63 20.29 40.90
N GLY C 299 50.97 21.56 40.98
CA GLY C 299 50.90 22.49 39.85
C GLY C 299 49.59 22.53 39.10
N ALA C 300 48.48 22.22 39.76
CA ALA C 300 47.20 22.20 39.07
C ALA C 300 46.09 22.63 40.02
N ASN C 301 45.14 23.40 39.50
CA ASN C 301 43.96 23.83 40.25
C ASN C 301 42.73 23.29 39.55
N VAL C 302 42.02 22.38 40.22
CA VAL C 302 40.90 21.65 39.63
C VAL C 302 39.55 22.24 39.98
N GLY C 303 39.51 23.33 40.75
CA GLY C 303 38.26 23.84 41.28
C GLY C 303 37.28 24.30 40.23
N SER C 304 37.67 25.25 39.40
CA SER C 304 36.84 25.73 38.30
C SER C 304 37.40 25.15 37.02
N ALA C 305 36.69 24.17 36.44
CA ALA C 305 37.27 23.42 35.34
C ALA C 305 36.19 22.73 34.53
N GLN C 306 36.57 22.32 33.33
CA GLN C 306 35.74 21.50 32.46
C GLN C 306 36.50 20.23 32.13
N GLY C 307 35.76 19.16 31.86
CA GLY C 307 36.35 17.91 31.42
C GLY C 307 36.10 17.65 29.96
N PRO C 308 36.70 16.56 29.43
CA PRO C 308 36.35 16.15 28.07
C PRO C 308 34.91 15.72 27.93
N THR C 309 34.29 15.24 29.01
CA THR C 309 32.86 14.94 28.99
C THR C 309 32.01 16.19 29.22
N GLY C 310 32.59 17.26 29.77
CA GLY C 310 31.93 18.55 29.87
C GLY C 310 31.47 18.93 31.27
N LEU C 311 31.42 17.98 32.20
CA LEU C 311 30.90 18.26 33.53
C LEU C 311 31.94 18.87 34.46
N GLY C 312 33.18 18.95 34.06
CA GLY C 312 34.28 19.30 34.94
C GLY C 312 35.16 18.10 35.23
N LYS C 313 36.39 18.39 35.66
CA LYS C 313 37.35 17.32 35.88
C LYS C 313 37.10 16.60 37.20
N TYR C 314 36.78 17.34 38.27
CA TYR C 314 36.50 16.68 39.52
C TYR C 314 35.21 17.18 40.16
N LEU C 315 35.20 18.42 40.59
CA LEU C 315 34.09 18.93 41.38
C LEU C 315 32.98 19.42 40.48
N MET C 316 31.74 19.15 40.89
CA MET C 316 30.57 19.73 40.28
C MET C 316 29.70 20.34 41.36
N ARG C 317 28.75 21.15 40.93
CA ARG C 317 27.75 21.73 41.81
C ARG C 317 26.44 21.00 41.56
N SER C 318 25.98 20.27 42.57
CA SER C 318 24.75 19.51 42.46
C SER C 318 23.58 20.48 42.32
N PRO C 319 22.41 20.00 41.92
CA PRO C 319 21.22 20.84 42.02
C PRO C 319 20.97 21.33 43.43
N THR C 320 21.36 20.53 44.42
CA THR C 320 21.39 20.99 45.80
C THR C 320 22.57 21.94 46.02
N GLY C 321 22.48 22.72 47.10
CA GLY C 321 23.53 23.67 47.41
C GLY C 321 24.90 23.07 47.58
N GLU C 322 24.97 21.76 47.87
CA GLU C 322 26.26 21.13 48.07
C GLU C 322 26.91 20.76 46.74
N ILE C 323 28.23 20.80 46.73
CA ILE C 323 29.05 20.48 45.57
C ILE C 323 29.75 19.16 45.82
N ILE C 324 29.90 18.36 44.77
CA ILE C 324 30.24 16.95 44.90
C ILE C 324 31.40 16.63 43.96
N PHE C 325 31.77 15.35 43.94
CA PHE C 325 32.68 14.83 42.94
C PHE C 325 31.97 14.56 41.62
N GLY C 326 32.74 14.58 40.55
CA GLY C 326 32.27 14.26 39.22
C GLY C 326 32.52 12.81 38.85
N GLY C 327 32.69 12.56 37.56
CA GLY C 327 32.86 11.20 37.12
C GLY C 327 31.64 10.36 37.44
N GLU C 328 31.84 9.04 37.34
CA GLU C 328 30.78 8.12 37.74
C GLU C 328 30.36 8.34 39.18
N THR C 329 31.28 8.85 40.01
CA THR C 329 31.01 9.00 41.43
C THR C 329 29.80 9.89 41.69
N MET C 330 29.46 10.78 40.77
CA MET C 330 28.35 11.70 40.99
C MET C 330 27.06 10.97 41.32
N ARG C 331 26.91 9.74 40.83
CA ARG C 331 25.74 8.95 41.19
C ARG C 331 25.69 8.69 42.68
N PHE C 332 26.82 8.75 43.37
CA PHE C 332 26.81 8.77 44.82
C PHE C 332 27.31 10.14 45.22
N TRP C 333 26.39 11.06 45.46
CA TRP C 333 26.69 12.23 46.24
C TRP C 333 26.09 12.15 47.63
N ASP C 334 25.34 11.11 47.91
CA ASP C 334 24.67 10.98 49.18
C ASP C 334 25.57 10.42 50.26
N PHE C 335 26.63 9.72 49.86
CA PHE C 335 27.46 9.02 50.82
C PHE C 335 28.14 9.99 51.76
N ARG C 336 28.12 9.68 53.05
CA ARG C 336 28.88 10.41 54.04
C ARG C 336 29.66 9.37 54.85
N GLY C 337 30.97 9.35 54.69
CA GLY C 337 31.79 8.44 55.44
C GLY C 337 32.55 9.13 56.55
N PRO C 338 33.15 8.34 57.43
CA PRO C 338 33.86 8.94 58.56
C PRO C 338 34.96 9.91 58.14
N TRP C 339 35.69 9.57 57.09
CA TRP C 339 36.76 10.45 56.63
C TRP C 339 36.23 11.62 55.81
N LEU C 340 35.17 11.42 55.04
CA LEU C 340 34.78 12.43 54.06
C LEU C 340 34.06 13.61 54.70
N GLU C 341 33.07 13.33 55.54
CA GLU C 341 32.21 14.39 56.08
C GLU C 341 32.98 15.57 56.66
N PRO C 342 34.01 15.39 57.49
CA PRO C 342 34.72 16.57 57.99
C PRO C 342 35.35 17.38 56.87
N LEU C 343 35.88 16.71 55.85
CA LEU C 343 36.39 17.41 54.69
C LEU C 343 35.30 18.23 54.03
N ARG C 344 34.05 17.82 54.19
CA ARG C 344 32.95 18.56 53.59
C ARG C 344 32.69 19.83 54.38
N GLY C 345 32.31 20.89 53.66
CA GLY C 345 31.96 22.14 54.29
C GLY C 345 30.46 22.31 54.37
N PRO C 346 30.02 23.52 54.72
CA PRO C 346 28.57 23.72 54.96
C PRO C 346 27.72 23.29 53.78
N ASN C 347 28.11 23.69 52.58
CA ASN C 347 27.48 23.19 51.36
C ASN C 347 28.59 22.52 50.56
N GLY C 348 28.53 21.20 50.47
CA GLY C 348 29.52 20.48 49.72
C GLY C 348 30.90 20.63 50.30
N LEU C 349 31.88 20.24 49.49
CA LEU C 349 33.27 20.24 49.90
C LEU C 349 33.82 21.66 49.87
N ASP C 350 34.62 22.01 50.87
CA ASP C 350 35.29 23.30 50.86
C ASP C 350 36.68 23.09 50.26
N LEU C 351 36.87 23.59 49.04
CA LEU C 351 38.08 23.25 48.28
C LEU C 351 39.33 23.75 48.99
N ASN C 352 39.35 25.03 49.34
CA ASN C 352 40.42 25.58 50.16
C ASN C 352 40.66 24.73 51.39
N LYS C 353 39.60 24.24 52.01
CA LYS C 353 39.74 23.44 53.21
C LYS C 353 40.25 22.04 52.87
N ILE C 354 39.77 21.47 51.76
CA ILE C 354 40.20 20.14 51.35
C ILE C 354 41.72 20.03 51.35
N LYS C 355 42.38 21.01 50.76
CA LYS C 355 43.84 20.98 50.66
C LYS C 355 44.49 20.95 52.03
N ASN C 356 44.00 21.81 52.94
CA ASN C 356 44.67 21.98 54.22
C ASN C 356 44.32 20.86 55.21
N ASP C 357 43.04 20.50 55.31
CA ASP C 357 42.53 19.74 56.45
C ASP C 357 42.83 18.25 56.37
N ILE C 358 43.49 17.78 55.30
CA ILE C 358 43.84 16.38 55.19
C ILE C 358 44.63 15.95 56.40
N GLN C 359 44.40 14.73 56.84
CA GLN C 359 45.10 14.16 57.98
C GLN C 359 46.16 13.18 57.51
N PRO C 360 46.98 12.66 58.43
CA PRO C 360 47.84 11.54 58.06
C PRO C 360 47.08 10.25 57.82
N TRP C 361 46.03 10.00 58.59
CA TRP C 361 45.26 8.78 58.40
C TRP C 361 44.34 8.88 57.19
N GLN C 362 43.56 9.96 57.12
CA GLN C 362 42.57 10.14 56.07
C GLN C 362 43.13 9.82 54.70
N GLU C 363 44.02 10.69 54.22
CA GLU C 363 44.60 10.52 52.90
C GLU C 363 45.13 9.12 52.71
N ARG C 364 45.91 8.64 53.68
CA ARG C 364 46.39 7.26 53.64
C ARG C 364 45.23 6.29 53.56
N ARG C 365 44.31 6.39 54.51
CA ARG C 365 43.17 5.48 54.54
C ARG C 365 42.29 5.66 53.31
N ALA C 366 42.00 6.92 52.95
CA ALA C 366 41.20 7.17 51.75
C ALA C 366 41.88 6.60 50.52
N ALA C 367 43.21 6.57 50.50
CA ALA C 367 43.90 5.88 49.41
C ALA C 367 43.89 4.38 49.61
N GLU C 368 43.89 3.92 50.87
CA GLU C 368 43.82 2.50 51.12
C GLU C 368 42.51 1.91 50.61
N TYR C 369 41.44 2.70 50.62
CA TYR C 369 40.19 2.26 50.01
C TYR C 369 40.23 2.35 48.49
N MET C 370 41.26 2.93 47.90
CA MET C 370 41.33 2.95 46.44
C MET C 370 41.62 1.56 45.90
N THR C 371 42.59 0.86 46.50
CA THR C 371 42.94 -0.47 46.03
C THR C 371 41.74 -1.40 46.10
N HIS C 372 40.98 -1.34 47.19
CA HIS C 372 39.84 -2.22 47.37
C HIS C 372 38.58 -1.44 47.05
N ALA C 373 38.02 -1.69 45.87
CA ALA C 373 36.70 -1.23 45.49
C ALA C 373 35.89 -2.47 45.17
N PRO C 374 34.83 -2.79 45.91
CA PRO C 374 34.33 -4.17 45.89
C PRO C 374 34.12 -4.70 44.49
N LEU C 375 34.76 -5.84 44.19
CA LEU C 375 34.97 -6.45 42.88
C LEU C 375 35.85 -7.68 43.10
N GLY C 376 35.84 -8.57 42.11
CA GLY C 376 36.52 -9.85 42.24
C GLY C 376 35.75 -10.97 41.57
N SER C 377 36.25 -12.19 41.76
CA SER C 377 35.73 -13.37 41.10
C SER C 377 35.53 -14.49 42.12
N LEU C 378 34.99 -15.63 41.64
CA LEU C 378 34.76 -16.75 42.54
C LEU C 378 36.06 -17.46 42.87
N ASN C 379 37.00 -17.49 41.94
CA ASN C 379 38.36 -17.92 42.24
C ASN C 379 39.19 -16.78 42.81
N SER C 380 38.56 -15.62 43.00
CA SER C 380 39.21 -14.41 43.51
C SER C 380 40.31 -13.94 42.56
N VAL C 381 39.86 -13.54 41.38
CA VAL C 381 40.64 -12.71 40.47
C VAL C 381 40.15 -11.29 40.67
N GLY C 382 41.02 -10.46 41.25
CA GLY C 382 40.61 -9.13 41.68
C GLY C 382 41.14 -7.99 40.83
N GLY C 383 41.26 -6.83 41.46
CA GLY C 383 41.50 -5.60 40.73
C GLY C 383 40.22 -5.09 40.10
N VAL C 384 40.35 -3.94 39.42
CA VAL C 384 39.20 -3.36 38.73
C VAL C 384 38.67 -4.38 37.73
N ALA C 385 37.37 -4.29 37.44
CA ALA C 385 36.62 -5.41 36.88
C ALA C 385 37.36 -6.14 35.76
N THR C 386 37.87 -5.41 34.77
CA THR C 386 38.68 -6.00 33.72
C THR C 386 40.18 -5.82 33.90
N GLU C 387 40.62 -5.19 34.98
CA GLU C 387 42.05 -5.17 35.30
C GLU C 387 42.57 -6.61 35.34
N ILE C 388 43.78 -6.79 34.82
CA ILE C 388 44.26 -8.12 34.46
C ILE C 388 45.21 -8.63 35.53
N ASN C 389 44.75 -9.63 36.29
CA ASN C 389 45.57 -10.42 37.22
C ASN C 389 46.43 -9.55 38.12
N SER C 390 45.79 -8.62 38.81
CA SER C 390 46.47 -7.82 39.82
C SER C 390 45.51 -7.51 40.96
N VAL C 391 46.03 -7.54 42.19
CA VAL C 391 45.28 -7.18 43.38
C VAL C 391 44.03 -8.05 43.43
N ASN C 392 44.22 -9.32 43.74
CA ASN C 392 43.14 -10.31 43.68
C ASN C 392 42.46 -10.43 45.04
N PHE C 393 41.19 -10.01 45.10
CA PHE C 393 40.41 -10.10 46.33
C PHE C 393 38.93 -10.01 45.98
N VAL C 394 38.10 -10.41 46.94
CA VAL C 394 36.68 -10.05 46.96
C VAL C 394 36.37 -9.57 48.37
N SER C 395 35.98 -8.31 48.49
CA SER C 395 35.80 -7.71 49.80
C SER C 395 34.69 -8.44 50.54
N PRO C 396 34.93 -8.87 51.79
CA PRO C 396 33.92 -9.62 52.52
C PRO C 396 32.59 -8.93 52.56
N ARG C 397 32.60 -7.60 52.56
CA ARG C 397 31.36 -6.86 52.48
C ARG C 397 30.54 -7.29 51.27
N SER C 398 31.19 -7.71 50.21
CA SER C 398 30.43 -8.16 49.05
C SER C 398 29.91 -9.57 49.25
N TRP C 399 30.59 -10.40 50.02
CA TRP C 399 30.15 -11.78 50.19
C TRP C 399 28.80 -11.84 50.91
N LEU C 400 28.74 -11.25 52.09
CA LEU C 400 27.52 -11.35 52.88
C LEU C 400 26.31 -10.93 52.08
N ALA C 401 26.35 -9.71 51.54
CA ALA C 401 25.21 -9.19 50.80
C ALA C 401 24.82 -10.13 49.68
N THR C 402 25.80 -10.71 49.00
CA THR C 402 25.49 -11.73 48.00
C THR C 402 24.83 -12.93 48.65
N SER C 403 25.54 -13.53 49.61
CA SER C 403 25.09 -14.76 50.24
C SER C 403 23.69 -14.60 50.79
N HIS C 404 23.53 -13.76 51.82
CA HIS C 404 22.24 -13.64 52.46
C HIS C 404 21.14 -13.32 51.49
N PHE C 405 21.45 -12.61 50.41
CA PHE C 405 20.42 -12.34 49.43
C PHE C 405 19.89 -13.64 48.84
N VAL C 406 20.79 -14.42 48.23
CA VAL C 406 20.40 -15.68 47.61
C VAL C 406 19.54 -16.51 48.56
N LEU C 407 20.03 -16.67 49.79
CA LEU C 407 19.23 -17.37 50.78
C LEU C 407 17.90 -16.66 50.99
N ALA C 408 17.96 -15.34 51.23
CA ALA C 408 16.73 -14.60 51.45
C ALA C 408 15.78 -14.74 50.29
N PHE C 409 16.31 -14.85 49.08
CA PHE C 409 15.44 -15.06 47.94
C PHE C 409 14.67 -16.36 48.07
N PHE C 410 15.37 -17.47 48.29
CA PHE C 410 14.70 -18.75 48.45
C PHE C 410 13.60 -18.67 49.49
N PHE C 411 13.88 -18.06 50.64
CA PHE C 411 12.87 -18.09 51.68
C PHE C 411 11.60 -17.37 51.24
N LEU C 412 11.70 -16.42 50.33
CA LEU C 412 10.48 -15.93 49.70
C LEU C 412 9.74 -17.06 49.03
N VAL C 413 10.43 -17.82 48.18
CA VAL C 413 9.82 -18.99 47.56
C VAL C 413 9.30 -19.94 48.63
N GLY C 414 10.16 -20.29 49.58
CA GLY C 414 9.73 -21.17 50.65
C GLY C 414 8.45 -20.69 51.29
N HIS C 415 8.43 -19.43 51.72
CA HIS C 415 7.19 -18.86 52.23
C HIS C 415 6.07 -19.08 51.25
N LEU C 416 6.30 -18.77 49.99
CA LEU C 416 5.23 -18.92 49.02
C LEU C 416 4.98 -20.38 48.72
N TRP C 417 5.89 -21.26 49.11
CA TRP C 417 5.61 -22.69 48.99
C TRP C 417 4.65 -23.11 50.09
N HIS C 418 5.13 -23.19 51.32
CA HIS C 418 4.32 -23.76 52.40
C HIS C 418 2.98 -23.08 52.54
N ALA C 419 2.94 -21.74 52.45
CA ALA C 419 1.66 -21.05 52.52
C ALA C 419 0.65 -21.66 51.57
N GLY C 420 1.10 -22.11 50.40
CA GLY C 420 0.22 -22.90 49.57
C GLY C 420 -0.15 -24.19 50.26
N ARG C 421 0.85 -24.98 50.65
CA ARG C 421 0.53 -26.29 51.18
C ARG C 421 -0.18 -26.18 52.52
N ALA C 422 0.11 -25.14 53.29
CA ALA C 422 -0.57 -24.98 54.57
C ALA C 422 -2.07 -24.81 54.37
N ARG C 423 -2.47 -23.80 53.60
CA ARG C 423 -3.89 -23.53 53.44
C ARG C 423 -4.60 -24.67 52.74
N ALA C 424 -4.03 -25.16 51.63
CA ALA C 424 -4.64 -26.28 50.93
C ALA C 424 -4.83 -27.46 51.87
N ALA C 425 -3.85 -27.73 52.73
CA ALA C 425 -4.01 -28.78 53.73
C ALA C 425 -5.23 -28.52 54.58
N ALA C 426 -5.29 -27.33 55.20
CA ALA C 426 -6.47 -26.97 55.97
C ALA C 426 -7.71 -27.05 55.11
N ALA C 427 -7.61 -26.65 53.84
CA ALA C 427 -8.74 -26.76 52.95
C ALA C 427 -9.05 -28.20 52.59
N GLY C 428 -8.15 -29.13 52.86
CA GLY C 428 -8.43 -30.54 52.75
C GLY C 428 -8.18 -31.15 51.39
N PHE C 429 -8.14 -30.36 50.33
CA PHE C 429 -7.93 -30.91 48.99
C PHE C 429 -6.46 -30.91 48.58
N GLU C 430 -5.56 -30.54 49.49
CA GLU C 430 -4.14 -30.61 49.20
C GLU C 430 -3.72 -31.98 48.68
N LYS C 431 -4.51 -33.00 48.98
CA LYS C 431 -4.19 -34.36 48.62
C LYS C 431 -4.44 -34.63 47.14
N GLY C 432 -4.84 -33.61 46.39
CA GLY C 432 -5.15 -33.71 44.99
C GLY C 432 -6.64 -33.56 44.77
N ILE C 433 -7.01 -33.11 43.57
CA ILE C 433 -8.42 -32.88 43.28
C ILE C 433 -9.15 -34.21 43.41
N ASP C 434 -10.40 -34.15 43.82
CA ASP C 434 -11.14 -35.36 44.11
C ASP C 434 -11.89 -35.83 42.87
N ARG C 435 -11.63 -37.08 42.46
CA ARG C 435 -12.19 -37.57 41.21
C ARG C 435 -13.70 -37.78 41.30
N GLU C 436 -14.20 -38.11 42.48
CA GLU C 436 -15.64 -38.29 42.66
C GLU C 436 -16.41 -37.04 42.25
N SER C 437 -16.18 -35.94 42.97
CA SER C 437 -16.79 -34.66 42.66
C SER C 437 -15.70 -33.63 42.40
N GLU C 438 -15.60 -33.19 41.16
CA GLU C 438 -14.69 -32.10 40.85
C GLU C 438 -15.33 -30.78 41.24
N PRO C 439 -14.66 -29.95 42.03
CA PRO C 439 -15.23 -28.65 42.36
C PRO C 439 -15.60 -27.84 41.14
N VAL C 440 -14.78 -27.89 40.09
CA VAL C 440 -15.09 -27.17 38.86
C VAL C 440 -16.24 -27.84 38.12
N LEU C 441 -16.37 -29.16 38.25
CA LEU C 441 -17.30 -29.92 37.43
C LEU C 441 -18.68 -29.28 37.39
N SER C 442 -19.24 -29.00 38.56
CA SER C 442 -20.50 -28.28 38.63
C SER C 442 -20.18 -26.85 39.01
N MET C 443 -20.20 -25.98 38.02
CA MET C 443 -20.12 -24.54 38.20
C MET C 443 -20.86 -23.88 37.04
N PRO C 444 -21.30 -22.65 37.21
CA PRO C 444 -21.78 -21.90 36.04
C PRO C 444 -20.67 -21.84 35.00
N SER C 445 -21.01 -22.22 33.77
CA SER C 445 -20.04 -22.27 32.68
C SER C 445 -20.13 -20.97 31.90
N LEU C 446 -19.06 -20.17 31.98
CA LEU C 446 -18.96 -18.90 31.29
C LEU C 446 -19.06 -19.03 29.77
N GLY D 1 17.76 -67.12 3.60
CA GLY D 1 17.43 -65.91 4.32
C GLY D 1 18.65 -65.09 4.66
N TRP D 2 19.61 -65.06 3.74
CA TRP D 2 20.88 -64.37 3.94
C TRP D 2 20.68 -62.94 4.41
N PHE D 3 20.17 -62.09 3.52
CA PHE D 3 19.82 -60.73 3.92
C PHE D 3 18.77 -60.76 5.02
N ASP D 4 17.84 -61.71 4.94
CA ASP D 4 16.75 -61.80 5.91
C ASP D 4 17.30 -61.94 7.33
N ILE D 5 18.00 -63.05 7.59
CA ILE D 5 18.52 -63.32 8.93
C ILE D 5 19.27 -62.14 9.47
N LEU D 6 19.97 -61.39 8.61
CA LEU D 6 20.62 -60.18 9.09
C LEU D 6 19.60 -59.19 9.63
N ASP D 7 18.48 -59.02 8.91
CA ASP D 7 17.50 -58.04 9.32
C ASP D 7 17.02 -58.30 10.74
N ASP D 8 16.35 -59.44 10.96
CA ASP D 8 15.74 -59.68 12.26
C ASP D 8 16.77 -59.64 13.38
N TRP D 9 18.04 -59.88 13.09
CA TRP D 9 19.06 -59.71 14.13
C TRP D 9 19.15 -58.26 14.55
N LEU D 10 19.29 -57.35 13.58
CA LEU D 10 19.33 -55.93 13.92
C LEU D 10 18.07 -55.48 14.63
N LYS D 11 16.92 -55.98 14.21
CA LYS D 11 15.65 -55.52 14.75
C LYS D 11 15.22 -56.29 15.99
N ARG D 12 16.06 -57.17 16.51
CA ARG D 12 15.68 -57.93 17.68
C ARG D 12 15.66 -57.02 18.91
N ASP D 13 15.27 -57.59 20.04
CA ASP D 13 15.19 -56.86 21.31
C ASP D 13 16.44 -57.16 22.12
N ARG D 14 17.19 -56.11 22.46
CA ARG D 14 18.37 -56.24 23.30
C ARG D 14 18.39 -55.06 24.25
N PHE D 15 19.49 -54.90 24.98
CA PHE D 15 19.61 -53.79 25.92
C PHE D 15 19.28 -52.48 25.24
N VAL D 16 20.15 -52.04 24.33
CA VAL D 16 19.79 -50.95 23.43
C VAL D 16 19.24 -51.57 22.17
N PHE D 17 18.86 -50.73 21.22
CA PHE D 17 18.29 -51.18 19.95
C PHE D 17 19.17 -50.66 18.83
N VAL D 18 19.87 -51.56 18.15
CA VAL D 18 20.72 -51.18 17.04
C VAL D 18 19.93 -51.43 15.78
N GLY D 19 19.51 -50.35 15.12
CA GLY D 19 18.81 -50.47 13.85
C GLY D 19 19.76 -50.38 12.69
N TRP D 20 19.20 -50.46 11.49
CA TRP D 20 19.99 -50.21 10.30
C TRP D 20 20.77 -48.92 10.44
N SER D 21 20.14 -47.90 10.99
CA SER D 21 20.85 -46.66 11.27
C SER D 21 21.99 -46.87 12.26
N GLY D 22 21.82 -47.81 13.19
CA GLY D 22 22.86 -48.05 14.18
C GLY D 22 24.20 -48.32 13.55
N ILE D 23 24.22 -49.11 12.47
CA ILE D 23 25.44 -49.32 11.71
C ILE D 23 26.06 -47.99 11.33
N LEU D 24 25.22 -47.06 10.86
CA LEU D 24 25.75 -45.75 10.53
C LEU D 24 26.07 -44.95 11.79
N LEU D 25 25.20 -45.05 12.79
CA LEU D 25 25.27 -44.11 13.90
C LEU D 25 26.46 -44.35 14.82
N PHE D 26 26.44 -45.46 15.55
CA PHE D 26 27.43 -45.68 16.59
C PHE D 26 28.86 -45.48 16.13
N PRO D 27 29.31 -46.06 15.02
CA PRO D 27 30.68 -45.75 14.58
C PRO D 27 30.87 -44.28 14.31
N CYS D 28 29.94 -43.66 13.58
CA CYS D 28 30.08 -42.24 13.28
C CYS D 28 29.95 -41.40 14.54
N ALA D 29 29.04 -41.78 15.43
CA ALA D 29 28.84 -41.01 16.65
C ALA D 29 30.01 -41.18 17.60
N TYR D 30 30.32 -42.43 17.93
CA TYR D 30 31.34 -42.70 18.95
C TYR D 30 32.67 -42.10 18.58
N LEU D 31 32.93 -41.91 17.30
CA LEU D 31 34.17 -41.23 16.91
C LEU D 31 34.09 -39.75 17.21
N ALA D 32 32.96 -39.11 16.92
CA ALA D 32 32.79 -37.69 17.18
C ALA D 32 33.15 -37.39 18.63
N LEU D 33 32.33 -37.87 19.55
CA LEU D 33 32.66 -37.81 20.96
C LEU D 33 34.06 -38.36 21.21
N GLY D 34 34.35 -39.54 20.69
CA GLY D 34 35.66 -40.14 20.89
C GLY D 34 36.77 -39.28 20.36
N GLY D 35 36.51 -38.51 19.31
CA GLY D 35 37.50 -37.58 18.83
C GLY D 35 37.60 -36.35 19.71
N TRP D 36 36.45 -35.78 20.04
CA TRP D 36 36.42 -34.50 20.72
C TRP D 36 37.24 -34.54 22.00
N LEU D 37 37.00 -35.56 22.82
CA LEU D 37 37.75 -35.68 24.06
C LEU D 37 39.25 -35.70 23.80
N THR D 38 39.69 -36.52 22.85
CA THR D 38 41.11 -36.62 22.55
C THR D 38 41.66 -35.26 22.15
N GLY D 39 41.11 -34.68 21.09
CA GLY D 39 41.54 -33.36 20.69
C GLY D 39 41.47 -32.37 21.82
N THR D 40 40.50 -32.53 22.71
CA THR D 40 40.41 -31.65 23.86
C THR D 40 41.63 -31.80 24.75
N THR D 41 42.00 -33.04 25.07
CA THR D 41 43.10 -33.23 26.01
C THR D 41 44.43 -32.84 25.38
N PHE D 42 44.75 -33.42 24.24
CA PHE D 42 46.12 -33.42 23.75
C PHE D 42 46.34 -32.42 22.63
N VAL D 43 45.65 -32.57 21.51
CA VAL D 43 45.94 -31.76 20.35
C VAL D 43 45.86 -30.29 20.72
N THR D 44 46.97 -29.59 20.55
CA THR D 44 46.99 -28.15 20.78
C THR D 44 46.31 -27.44 19.63
N SER D 45 45.95 -26.21 19.89
CA SER D 45 45.76 -25.26 18.83
C SER D 45 46.84 -24.22 19.05
N TRP D 46 47.89 -24.30 18.26
CA TRP D 46 48.97 -23.34 18.39
C TRP D 46 49.32 -22.86 17.00
N TYR D 47 49.83 -23.77 16.18
CA TYR D 47 50.19 -23.42 14.82
C TYR D 47 49.02 -22.85 14.05
N THR D 48 47.79 -23.10 14.51
CA THR D 48 46.60 -22.58 13.82
C THR D 48 46.24 -21.16 14.27
N HIS D 49 45.83 -20.98 15.52
CA HIS D 49 45.48 -19.65 15.99
C HIS D 49 46.60 -18.97 16.74
N GLY D 50 47.77 -19.60 16.86
CA GLY D 50 48.83 -18.98 17.59
C GLY D 50 48.60 -18.84 19.07
N LEU D 51 47.54 -19.44 19.59
CA LEU D 51 47.23 -19.33 21.00
C LEU D 51 46.74 -20.68 21.48
N ALA D 52 47.38 -21.22 22.52
CA ALA D 52 47.17 -22.61 22.89
C ALA D 52 46.06 -22.71 23.92
N SER D 53 44.92 -23.23 23.49
CA SER D 53 43.86 -23.64 24.37
C SER D 53 43.66 -25.13 24.12
N SER D 54 44.00 -25.92 25.12
CA SER D 54 43.97 -27.37 25.03
C SER D 54 44.31 -27.87 26.41
N TYR D 55 43.96 -29.12 26.68
CA TYR D 55 43.92 -29.52 28.07
C TYR D 55 45.29 -29.84 28.63
N LEU D 56 46.26 -30.15 27.78
CA LEU D 56 47.57 -30.58 28.25
C LEU D 56 48.52 -29.42 28.53
N GLU D 57 48.15 -28.15 28.33
CA GLU D 57 49.20 -27.24 28.77
C GLU D 57 49.01 -26.69 30.18
N GLY D 58 48.28 -25.58 30.40
CA GLY D 58 47.75 -25.28 31.71
C GLY D 58 46.25 -25.13 31.74
N CYS D 59 45.62 -25.20 30.57
CA CYS D 59 44.27 -24.67 30.40
C CYS D 59 43.25 -25.53 31.15
N ASN D 60 42.15 -24.89 31.55
CA ASN D 60 41.17 -25.50 32.44
C ASN D 60 40.23 -26.41 31.67
N PHE D 61 39.11 -26.76 32.28
CA PHE D 61 38.05 -27.43 31.52
C PHE D 61 37.34 -26.48 30.58
N LEU D 62 36.96 -25.30 31.06
CA LEU D 62 36.05 -24.47 30.27
C LEU D 62 36.72 -23.90 29.02
N THR D 63 38.00 -23.58 29.09
CA THR D 63 38.65 -22.85 28.03
C THR D 63 39.36 -23.74 27.02
N VAL D 64 39.19 -25.04 27.08
CA VAL D 64 39.77 -25.94 26.10
C VAL D 64 38.74 -26.26 25.04
N ALA D 65 39.21 -26.40 23.80
CA ALA D 65 38.43 -27.03 22.74
C ALA D 65 39.35 -27.24 21.55
N VAL D 66 38.76 -27.77 20.48
CA VAL D 66 39.48 -28.06 19.25
C VAL D 66 39.27 -26.87 18.33
N SER D 67 40.34 -26.15 18.03
CA SER D 67 40.19 -24.99 17.17
C SER D 67 40.03 -25.45 15.73
N THR D 68 40.11 -24.51 14.82
CA THR D 68 39.84 -24.76 13.44
C THR D 68 41.13 -24.57 12.64
N PRO D 69 41.29 -25.27 11.52
CA PRO D 69 42.41 -24.95 10.63
C PRO D 69 42.34 -23.49 10.20
N ALA D 70 43.51 -22.91 9.96
CA ALA D 70 43.60 -21.46 9.80
C ALA D 70 42.99 -21.02 8.49
N ASN D 71 42.97 -19.70 8.30
CA ASN D 71 42.30 -19.13 7.13
C ASN D 71 43.00 -19.52 5.84
N SER D 72 44.28 -19.19 5.75
CA SER D 72 45.02 -19.54 4.56
C SER D 72 45.16 -21.05 4.38
N MET D 73 44.72 -21.84 5.35
CA MET D 73 44.57 -23.26 5.11
C MET D 73 43.32 -23.56 4.29
N GLY D 74 42.42 -22.59 4.14
CA GLY D 74 41.34 -22.71 3.21
C GLY D 74 40.28 -23.74 3.58
N HIS D 75 39.37 -23.95 2.63
CA HIS D 75 38.20 -24.79 2.80
C HIS D 75 38.47 -26.26 2.60
N SER D 76 39.71 -26.65 2.38
CA SER D 76 40.02 -28.05 2.17
C SER D 76 39.52 -28.89 3.34
N LEU D 77 39.11 -30.12 3.02
CA LEU D 77 38.50 -30.98 4.02
C LEU D 77 39.52 -31.63 4.92
N LEU D 78 40.81 -31.54 4.61
CA LEU D 78 41.87 -32.04 5.46
C LEU D 78 41.65 -33.51 5.83
N LEU D 79 41.77 -34.36 4.83
CA LEU D 79 41.62 -35.77 5.11
C LEU D 79 42.86 -36.26 5.85
N LEU D 80 42.83 -37.52 6.31
CA LEU D 80 43.94 -37.99 7.13
C LEU D 80 45.18 -38.18 6.29
N TRP D 81 45.04 -38.77 5.12
CA TRP D 81 46.15 -38.79 4.17
C TRP D 81 46.28 -37.43 3.52
N GLY D 82 45.35 -37.09 2.63
CA GLY D 82 45.27 -35.77 2.05
C GLY D 82 46.47 -35.47 1.18
N PRO D 83 46.40 -34.36 0.46
CA PRO D 83 47.65 -33.77 -0.03
C PRO D 83 48.47 -33.14 1.07
N GLU D 84 47.82 -32.48 2.03
CA GLU D 84 48.55 -31.69 3.02
C GLU D 84 49.09 -32.57 4.14
N ALA D 85 48.25 -33.43 4.71
CA ALA D 85 48.74 -34.30 5.75
C ALA D 85 49.65 -35.37 5.20
N GLN D 86 49.44 -35.77 3.94
CA GLN D 86 50.27 -36.75 3.26
C GLN D 86 50.40 -38.02 4.11
N GLY D 87 49.33 -38.37 4.83
CA GLY D 87 49.36 -39.55 5.66
C GLY D 87 50.15 -39.40 6.93
N ASP D 88 50.58 -38.19 7.26
CA ASP D 88 51.31 -37.95 8.51
C ASP D 88 50.30 -37.58 9.58
N PHE D 89 50.33 -38.29 10.70
CA PHE D 89 49.32 -38.09 11.72
C PHE D 89 49.54 -36.79 12.48
N THR D 90 50.76 -36.58 12.97
CA THR D 90 51.03 -35.45 13.86
C THR D 90 50.59 -34.15 13.22
N ARG D 91 51.17 -33.84 12.06
CA ARG D 91 50.85 -32.60 11.38
C ARG D 91 49.40 -32.55 10.92
N TRP D 92 48.70 -33.68 10.93
CA TRP D 92 47.27 -33.65 10.67
C TRP D 92 46.48 -33.24 11.88
N CYS D 93 47.00 -33.44 13.09
CA CYS D 93 46.35 -32.90 14.27
C CYS D 93 46.71 -31.43 14.47
N GLN D 94 47.98 -31.08 14.30
CA GLN D 94 48.40 -29.70 14.52
C GLN D 94 47.65 -28.74 13.61
N LEU D 95 47.41 -29.15 12.37
CA LEU D 95 46.64 -28.29 11.48
C LEU D 95 45.19 -28.21 11.87
N GLY D 96 44.77 -28.94 12.89
CA GLY D 96 43.39 -28.89 13.30
C GLY D 96 42.46 -29.68 12.42
N GLY D 97 43.00 -30.50 11.53
CA GLY D 97 42.14 -31.39 10.75
C GLY D 97 41.23 -32.20 11.64
N LEU D 98 41.63 -32.42 12.90
CA LEU D 98 40.76 -33.07 13.85
C LEU D 98 39.43 -32.34 13.99
N TRP D 99 39.42 -31.03 13.79
CA TRP D 99 38.17 -30.29 13.80
C TRP D 99 37.23 -30.91 12.79
N THR D 100 37.58 -30.81 11.51
CA THR D 100 36.75 -31.38 10.45
C THR D 100 36.45 -32.84 10.73
N PHE D 101 37.40 -33.57 11.31
CA PHE D 101 37.13 -34.94 11.70
C PHE D 101 35.91 -35.00 12.61
N ILE D 102 35.73 -34.01 13.47
CA ILE D 102 34.59 -34.01 14.38
C ILE D 102 33.32 -33.68 13.62
N ALA D 103 33.32 -32.58 12.87
CA ALA D 103 32.10 -32.13 12.22
C ALA D 103 31.50 -33.22 11.34
N LEU D 104 32.27 -33.71 10.38
CA LEU D 104 31.73 -34.65 9.41
C LEU D 104 31.28 -35.94 10.08
N HIS D 105 32.18 -36.60 10.82
CA HIS D 105 31.75 -37.75 11.60
C HIS D 105 30.61 -37.40 12.53
N GLY D 106 30.56 -36.17 13.00
CA GLY D 106 29.42 -35.75 13.80
C GLY D 106 28.15 -35.68 12.99
N ALA D 107 28.20 -34.97 11.85
CA ALA D 107 26.99 -34.77 11.06
C ALA D 107 26.36 -36.10 10.68
N PHE D 108 27.12 -36.98 10.04
CA PHE D 108 26.57 -38.28 9.68
C PHE D 108 26.06 -39.00 10.91
N GLY D 109 26.87 -39.03 11.98
CA GLY D 109 26.34 -39.49 13.24
C GLY D 109 25.05 -38.80 13.60
N LEU D 110 25.06 -37.47 13.54
CA LEU D 110 23.85 -36.72 13.84
C LEU D 110 22.70 -37.16 12.94
N ILE D 111 22.97 -37.36 11.66
CA ILE D 111 21.97 -37.95 10.78
C ILE D 111 21.56 -39.31 11.32
N GLY D 112 22.54 -40.19 11.50
CA GLY D 112 22.23 -41.55 11.91
C GLY D 112 21.34 -41.62 13.12
N PHE D 113 21.41 -40.61 13.97
CA PHE D 113 20.46 -40.54 15.06
C PHE D 113 19.05 -40.29 14.53
N MET D 114 18.92 -39.35 13.60
CA MET D 114 17.62 -39.06 13.01
C MET D 114 16.99 -40.33 12.42
N LEU D 115 17.72 -41.01 11.55
CA LEU D 115 17.19 -42.23 10.94
C LEU D 115 16.73 -43.21 11.99
N ARG D 116 17.58 -43.44 13.00
CA ARG D 116 17.14 -44.27 14.11
C ARG D 116 15.80 -43.80 14.63
N GLN D 117 15.67 -42.49 14.81
CA GLN D 117 14.43 -41.92 15.31
C GLN D 117 13.28 -42.11 14.34
N PHE D 118 13.54 -42.53 13.11
CA PHE D 118 12.51 -43.14 12.28
C PHE D 118 12.43 -44.64 12.55
N GLU D 119 13.50 -45.36 12.26
CA GLU D 119 13.46 -46.82 12.21
C GLU D 119 12.81 -47.41 13.46
N ILE D 120 12.87 -46.68 14.57
CA ILE D 120 12.07 -47.07 15.73
C ILE D 120 10.59 -47.09 15.37
N ALA D 121 10.11 -46.03 14.73
CA ALA D 121 8.68 -45.88 14.52
C ALA D 121 8.08 -47.07 13.78
N ARG D 122 8.51 -47.29 12.55
CA ARG D 122 7.85 -48.25 11.68
C ARG D 122 7.65 -49.60 12.34
N LEU D 123 8.54 -49.98 13.25
CA LEU D 123 8.42 -51.25 13.97
C LEU D 123 7.78 -51.09 15.34
N VAL D 124 7.43 -49.87 15.72
CA VAL D 124 6.64 -49.61 16.92
C VAL D 124 5.20 -49.29 16.55
N GLY D 125 5.01 -48.31 15.67
CA GLY D 125 3.68 -47.84 15.32
C GLY D 125 3.39 -46.43 15.74
N VAL D 126 4.29 -45.79 16.47
CA VAL D 126 4.09 -44.37 16.76
C VAL D 126 4.18 -43.57 15.46
N ARG D 127 3.60 -42.41 15.50
CA ARG D 127 3.79 -41.46 14.42
C ARG D 127 5.10 -40.72 14.61
N PRO D 128 5.78 -40.38 13.56
CA PRO D 128 7.15 -39.88 13.67
C PRO D 128 7.24 -38.37 13.89
N TYR D 129 6.45 -37.85 14.81
CA TYR D 129 6.67 -36.44 15.08
C TYR D 129 7.93 -36.22 15.86
N ASN D 130 8.61 -37.29 16.28
CA ASN D 130 9.83 -37.12 17.04
C ASN D 130 10.97 -36.72 16.13
N ALA D 131 11.30 -37.59 15.17
CA ALA D 131 12.33 -37.28 14.19
C ALA D 131 12.11 -35.91 13.57
N ILE D 132 10.89 -35.67 13.10
CA ILE D 132 10.60 -34.39 12.46
C ILE D 132 10.88 -33.24 13.40
N ALA D 133 10.50 -33.40 14.67
CA ALA D 133 10.86 -32.40 15.66
C ALA D 133 12.36 -32.27 15.79
N PHE D 134 13.08 -33.37 15.60
CA PHE D 134 14.53 -33.32 15.78
C PHE D 134 15.24 -32.68 14.61
N SER D 135 14.54 -32.41 13.52
CA SER D 135 15.19 -31.76 12.40
C SER D 135 15.63 -30.34 12.73
N ALA D 136 15.12 -29.75 13.81
CA ALA D 136 15.53 -28.38 14.13
C ALA D 136 17.00 -28.30 14.52
N PRO D 137 17.52 -29.08 15.46
CA PRO D 137 18.97 -29.04 15.70
C PRO D 137 19.77 -29.35 14.46
N ILE D 138 19.31 -30.29 13.64
CA ILE D 138 19.93 -30.56 12.35
C ILE D 138 20.15 -29.25 11.64
N ALA D 139 19.05 -28.57 11.29
CA ALA D 139 19.14 -27.30 10.59
C ALA D 139 20.08 -26.36 11.32
N VAL D 140 19.94 -26.25 12.64
CA VAL D 140 20.83 -25.38 13.40
C VAL D 140 22.27 -25.87 13.29
N PHE D 141 22.49 -27.15 13.53
CA PHE D 141 23.84 -27.67 13.43
C PHE D 141 24.40 -27.46 12.03
N VAL D 142 23.64 -27.84 11.01
CA VAL D 142 24.15 -27.72 9.65
C VAL D 142 24.41 -26.27 9.30
N SER D 143 23.46 -25.39 9.61
CA SER D 143 23.63 -23.99 9.25
C SER D 143 24.83 -23.39 9.95
N VAL D 144 24.93 -23.57 11.27
CA VAL D 144 26.01 -22.95 12.02
C VAL D 144 27.35 -23.53 11.60
N PHE D 145 27.51 -24.84 11.70
CA PHE D 145 28.81 -25.45 11.56
C PHE D 145 29.21 -25.72 10.12
N LEU D 146 28.28 -25.69 9.18
CA LEU D 146 28.62 -26.06 7.81
C LEU D 146 28.32 -24.95 6.82
N ILE D 147 27.06 -24.54 6.68
CA ILE D 147 26.75 -23.50 5.72
C ILE D 147 27.46 -22.20 6.07
N TYR D 148 27.55 -21.88 7.36
CA TYR D 148 28.18 -20.60 7.71
C TYR D 148 29.67 -20.59 7.38
N PRO D 149 30.47 -21.57 7.76
CA PRO D 149 31.88 -21.50 7.38
C PRO D 149 32.08 -21.38 5.89
N LEU D 150 31.34 -22.18 5.12
CA LEU D 150 31.51 -22.14 3.67
C LEU D 150 31.21 -20.78 3.10
N GLY D 151 30.51 -19.93 3.83
CA GLY D 151 30.26 -18.59 3.36
C GLY D 151 31.35 -17.65 3.80
N GLN D 152 32.51 -18.20 4.15
CA GLN D 152 33.62 -17.37 4.61
C GLN D 152 34.89 -17.80 3.91
N SER D 153 35.98 -17.13 4.27
CA SER D 153 37.24 -17.36 3.59
C SER D 153 37.76 -18.77 3.77
N SER D 154 37.35 -19.46 4.82
CA SER D 154 37.84 -20.81 5.09
C SER D 154 37.03 -21.41 6.21
N TRP D 155 37.44 -22.61 6.64
CA TRP D 155 36.85 -23.21 7.84
C TRP D 155 37.11 -22.37 9.07
N PHE D 156 38.14 -21.53 9.03
CA PHE D 156 38.62 -20.88 10.25
C PHE D 156 37.49 -20.28 11.05
N PHE D 157 36.46 -19.80 10.38
CA PHE D 157 35.33 -19.17 11.05
C PHE D 157 34.28 -20.25 11.30
N ALA D 158 34.13 -20.62 12.56
CA ALA D 158 33.20 -21.67 12.97
C ALA D 158 33.38 -21.89 14.45
N PRO D 159 32.38 -22.41 15.14
CA PRO D 159 32.56 -22.75 16.55
C PRO D 159 33.63 -23.81 16.69
N SER D 160 34.39 -23.71 17.77
CA SER D 160 35.51 -24.58 18.03
C SER D 160 35.18 -25.78 18.91
N PHE D 161 33.90 -26.03 19.18
CA PHE D 161 33.49 -27.23 19.92
C PHE D 161 33.98 -27.19 21.36
N GLY D 162 33.72 -26.09 22.05
CA GLY D 162 34.10 -26.01 23.44
C GLY D 162 33.23 -25.05 24.21
N VAL D 163 33.34 -25.13 25.52
CA VAL D 163 32.55 -24.24 26.36
C VAL D 163 32.94 -22.80 26.12
N ALA D 164 34.22 -22.47 26.33
CA ALA D 164 34.65 -21.10 26.07
C ALA D 164 34.79 -20.83 24.58
N ALA D 165 35.10 -21.86 23.80
CA ALA D 165 35.18 -21.69 22.36
C ALA D 165 33.93 -21.05 21.81
N ILE D 166 32.77 -21.57 22.23
CA ILE D 166 31.54 -21.06 21.67
C ILE D 166 31.33 -19.60 22.05
N PHE D 167 31.96 -19.13 23.13
CA PHE D 167 31.76 -17.74 23.52
C PHE D 167 32.52 -16.80 22.62
N ARG D 168 33.81 -17.03 22.39
CA ARG D 168 34.53 -16.21 21.42
C ARG D 168 33.86 -16.28 20.07
N PHE D 169 33.02 -17.28 19.85
CA PHE D 169 32.18 -17.29 18.67
C PHE D 169 30.95 -16.43 18.84
N LEU D 170 30.49 -16.23 20.07
CA LEU D 170 29.29 -15.42 20.27
C LEU D 170 29.60 -13.97 20.02
N LEU D 171 30.42 -13.38 20.88
CA LEU D 171 30.82 -12.00 20.68
C LEU D 171 31.34 -11.77 19.28
N PHE D 172 31.87 -12.82 18.66
CA PHE D 172 32.34 -12.70 17.29
C PHE D 172 31.23 -12.23 16.36
N PHE D 173 29.99 -12.66 16.59
CA PHE D 173 28.91 -12.11 15.79
C PHE D 173 28.55 -10.71 16.23
N GLN D 174 28.44 -10.49 17.53
CA GLN D 174 27.93 -9.20 18.00
C GLN D 174 28.79 -8.06 17.49
N GLY D 175 30.11 -8.24 17.50
CA GLY D 175 30.98 -7.20 17.00
C GLY D 175 30.86 -7.01 15.50
N PHE D 176 31.01 -8.10 14.75
CA PHE D 176 31.02 -8.00 13.30
C PHE D 176 29.61 -7.99 12.75
N HIS D 177 28.89 -9.09 12.95
CA HIS D 177 27.66 -9.33 12.23
C HIS D 177 26.45 -8.68 12.85
N ASN D 178 26.59 -8.03 14.01
CA ASN D 178 25.47 -7.35 14.67
C ASN D 178 24.27 -8.27 14.74
N TRP D 179 24.43 -9.34 15.49
CA TRP D 179 23.52 -10.46 15.38
C TRP D 179 22.22 -10.25 16.13
N THR D 180 22.28 -9.68 17.34
CA THR D 180 21.08 -9.54 18.15
C THR D 180 19.96 -8.87 17.38
N LEU D 181 20.29 -7.89 16.55
CA LEU D 181 19.22 -7.13 15.92
C LEU D 181 18.66 -7.84 14.70
N ASN D 182 19.29 -8.91 14.25
CA ASN D 182 18.78 -9.65 13.11
C ASN D 182 17.42 -10.23 13.44
N PRO D 183 16.36 -9.84 12.73
CA PRO D 183 15.02 -10.28 13.12
C PRO D 183 14.84 -11.77 13.05
N PHE D 184 15.50 -12.45 12.11
CA PHE D 184 15.38 -13.90 12.08
C PHE D 184 15.86 -14.51 13.39
N HIS D 185 16.77 -13.84 14.07
CA HIS D 185 17.18 -14.30 15.39
C HIS D 185 16.24 -13.88 16.49
N MET D 186 15.36 -12.93 16.24
CA MET D 186 14.37 -12.64 17.27
C MET D 186 13.29 -13.70 17.29
N MET D 187 12.93 -14.25 16.12
CA MET D 187 12.03 -15.39 16.12
C MET D 187 12.61 -16.55 16.90
N GLY D 188 13.94 -16.68 16.92
CA GLY D 188 14.54 -17.74 17.69
C GLY D 188 14.33 -17.54 19.17
N VAL D 189 14.72 -16.38 19.69
CA VAL D 189 14.57 -16.12 21.11
C VAL D 189 13.13 -16.23 21.52
N ALA D 190 12.20 -15.99 20.61
CA ALA D 190 10.82 -16.35 20.89
C ALA D 190 10.70 -17.85 21.11
N GLY D 191 11.16 -18.63 20.15
CA GLY D 191 10.98 -20.06 20.19
C GLY D 191 11.53 -20.67 21.45
N VAL D 192 12.80 -20.44 21.72
CA VAL D 192 13.45 -21.06 22.88
C VAL D 192 12.69 -20.70 24.15
N LEU D 193 12.67 -19.42 24.49
CA LEU D 193 11.90 -18.97 25.63
C LEU D 193 10.46 -19.46 25.56
N GLY D 194 9.78 -19.16 24.46
CA GLY D 194 8.43 -19.67 24.29
C GLY D 194 8.35 -21.17 24.49
N GLY D 195 9.42 -21.89 24.15
CA GLY D 195 9.48 -23.28 24.54
C GLY D 195 9.66 -23.44 26.03
N ALA D 196 10.69 -22.81 26.59
CA ALA D 196 10.96 -22.94 28.01
C ALA D 196 9.76 -22.52 28.84
N LEU D 197 9.20 -21.35 28.53
CA LEU D 197 8.00 -20.89 29.22
C LEU D 197 6.95 -21.98 29.23
N LEU D 198 6.43 -22.32 28.06
CA LEU D 198 5.31 -23.22 28.00
C LEU D 198 5.70 -24.59 28.52
N CYS D 199 6.97 -24.94 28.40
CA CYS D 199 7.47 -26.13 29.09
C CYS D 199 7.14 -26.07 30.56
N ALA D 200 7.45 -24.95 31.20
CA ALA D 200 7.24 -24.85 32.63
C ALA D 200 5.77 -24.70 32.96
N ILE D 201 5.00 -24.06 32.09
CA ILE D 201 3.63 -23.79 32.48
C ILE D 201 2.78 -25.03 32.30
N HIS D 202 3.08 -25.86 31.32
CA HIS D 202 2.41 -27.15 31.22
C HIS D 202 2.74 -28.00 32.43
N GLY D 203 4.03 -28.25 32.64
CA GLY D 203 4.44 -29.08 33.75
C GLY D 203 3.90 -28.61 35.08
N ALA D 204 3.66 -27.31 35.22
CA ALA D 204 3.12 -26.82 36.48
C ALA D 204 1.63 -27.09 36.58
N THR D 205 0.88 -26.78 35.52
CA THR D 205 -0.58 -26.93 35.58
C THR D 205 -0.98 -28.36 35.87
N VAL D 206 -0.56 -29.29 35.01
CA VAL D 206 -0.91 -30.67 35.22
C VAL D 206 -0.40 -31.17 36.57
N GLU D 207 0.67 -30.58 37.08
CA GLU D 207 1.13 -30.95 38.40
C GLU D 207 0.27 -30.34 39.49
N ASN D 208 -0.49 -29.31 39.19
CA ASN D 208 -1.38 -28.72 40.16
C ASN D 208 -2.80 -29.24 40.07
N THR D 209 -3.07 -30.17 39.16
CA THR D 209 -4.38 -30.78 39.05
C THR D 209 -4.17 -32.30 39.02
N LEU D 210 -4.58 -32.98 40.08
CA LEU D 210 -4.38 -34.42 40.14
C LEU D 210 -5.57 -35.05 40.83
N PHE D 211 -6.07 -36.14 40.26
CA PHE D 211 -7.30 -36.74 40.75
C PHE D 211 -7.15 -37.42 42.10
N GLN D 212 -5.97 -37.45 42.70
CA GLN D 212 -5.79 -38.07 44.02
C GLN D 212 -6.15 -39.56 43.98
N ASP D 213 -5.33 -40.29 43.24
CA ASP D 213 -5.51 -41.73 43.17
C ASP D 213 -4.91 -42.44 44.38
N GLY D 214 -3.90 -41.83 45.01
CA GLY D 214 -3.23 -42.41 46.15
C GLY D 214 -3.60 -41.75 47.46
N GLU D 215 -3.04 -42.30 48.53
CA GLU D 215 -3.36 -41.84 49.88
C GLU D 215 -2.34 -40.82 50.38
N GLY D 216 -1.09 -41.22 50.51
CA GLY D 216 -0.08 -40.37 51.12
C GLY D 216 0.03 -39.00 50.48
N ALA D 217 0.49 -38.03 51.26
CA ALA D 217 0.53 -36.64 50.78
C ALA D 217 1.23 -36.57 49.43
N SER D 218 2.43 -37.12 49.33
CA SER D 218 3.16 -37.09 48.08
C SER D 218 2.46 -37.96 47.06
N THR D 219 2.08 -37.37 45.95
CA THR D 219 1.50 -38.12 44.85
C THR D 219 2.53 -38.19 43.73
N PHE D 220 3.23 -39.31 43.67
CA PHE D 220 4.01 -39.79 42.54
C PHE D 220 3.69 -41.27 42.42
N ARG D 221 4.07 -42.00 43.45
CA ARG D 221 3.67 -43.39 43.61
C ARG D 221 2.15 -43.54 43.60
N ALA D 222 1.42 -42.45 43.81
CA ALA D 222 -0.03 -42.49 43.77
C ALA D 222 -0.58 -42.80 42.38
N PHE D 223 0.26 -42.81 41.37
CA PHE D 223 -0.20 -42.99 39.98
C PHE D 223 -0.10 -44.45 39.58
N ASN D 224 -1.18 -44.97 39.01
CA ASN D 224 -1.19 -46.34 38.49
C ASN D 224 -1.41 -46.29 36.98
N PRO D 225 -0.40 -46.59 36.19
CA PRO D 225 -0.48 -46.44 34.73
C PRO D 225 -1.18 -47.60 34.01
N THR D 226 -2.36 -47.97 34.50
CA THR D 226 -3.14 -49.04 33.89
C THR D 226 -4.44 -48.48 33.35
N GLN D 227 -4.53 -48.36 32.02
CA GLN D 227 -5.78 -48.08 31.31
C GLN D 227 -6.58 -46.97 31.95
N ALA D 228 -5.91 -46.01 32.57
CA ALA D 228 -6.59 -45.02 33.36
C ALA D 228 -7.19 -43.92 32.49
N GLU D 229 -8.23 -43.29 33.01
CA GLU D 229 -8.67 -42.01 32.50
C GLU D 229 -7.59 -40.96 32.76
N GLU D 230 -7.71 -39.83 32.07
CA GLU D 230 -6.69 -38.80 32.16
C GLU D 230 -6.37 -38.48 33.61
N THR D 231 -5.07 -38.46 33.91
CA THR D 231 -4.63 -38.30 35.28
C THR D 231 -4.84 -36.91 35.82
N TYR D 232 -5.27 -35.96 34.99
CA TYR D 232 -5.48 -34.60 35.44
C TYR D 232 -6.63 -33.99 34.69
N SER D 233 -7.50 -33.27 35.39
CA SER D 233 -8.72 -32.79 34.75
C SER D 233 -8.40 -31.62 33.85
N MET D 234 -8.70 -31.78 32.57
CA MET D 234 -8.63 -30.63 31.67
C MET D 234 -9.70 -29.61 32.02
N VAL D 235 -10.83 -30.07 32.56
CA VAL D 235 -11.94 -29.16 32.87
C VAL D 235 -11.48 -28.06 33.80
N THR D 236 -10.82 -28.43 34.90
CA THR D 236 -10.35 -27.43 35.84
C THR D 236 -9.33 -26.52 35.18
N ALA D 237 -8.26 -27.09 34.65
CA ALA D 237 -7.20 -26.30 34.07
C ALA D 237 -7.73 -25.29 33.07
N ASN D 238 -8.67 -25.71 32.23
CA ASN D 238 -9.26 -24.80 31.27
C ASN D 238 -9.88 -23.61 31.98
N ARG D 239 -10.97 -23.83 32.71
CA ARG D 239 -11.64 -22.73 33.39
C ARG D 239 -10.67 -21.98 34.28
N PHE D 240 -9.65 -22.66 34.76
CA PHE D 240 -8.62 -21.98 35.50
C PHE D 240 -7.98 -20.87 34.68
N TRP D 241 -7.19 -21.24 33.66
CA TRP D 241 -6.43 -20.24 32.95
C TRP D 241 -7.33 -19.22 32.29
N SER D 242 -8.48 -19.66 31.79
CA SER D 242 -9.36 -18.74 31.11
C SER D 242 -9.76 -17.57 31.99
N GLN D 243 -9.72 -17.72 33.31
CA GLN D 243 -10.05 -16.61 34.18
C GLN D 243 -8.84 -15.81 34.64
N ILE D 244 -7.62 -16.28 34.40
CA ILE D 244 -6.47 -15.49 34.82
C ILE D 244 -5.84 -14.84 33.61
N PHE D 245 -5.13 -15.64 32.82
CA PHE D 245 -4.51 -15.09 31.63
C PHE D 245 -5.53 -14.83 30.54
N GLY D 246 -6.69 -15.48 30.62
CA GLY D 246 -7.80 -15.20 29.75
C GLY D 246 -8.02 -16.21 28.65
N ILE D 247 -6.99 -16.94 28.25
CA ILE D 247 -7.08 -17.87 27.13
C ILE D 247 -6.45 -19.19 27.51
N ALA D 248 -7.15 -20.28 27.24
CA ALA D 248 -6.70 -21.60 27.66
C ALA D 248 -6.65 -22.52 26.45
N PHE D 249 -6.22 -23.76 26.69
CA PHE D 249 -6.26 -24.81 25.68
C PHE D 249 -7.29 -25.86 26.07
N SER D 250 -8.20 -26.14 25.16
CA SER D 250 -9.20 -27.16 25.37
C SER D 250 -8.85 -28.50 24.75
N ASN D 251 -7.72 -28.62 24.06
CA ASN D 251 -7.35 -29.87 23.41
C ASN D 251 -5.99 -30.32 23.88
N LYS D 252 -5.95 -31.45 24.59
CA LYS D 252 -4.69 -32.11 24.86
C LYS D 252 -3.91 -32.31 23.57
N ARG D 253 -4.59 -32.68 22.50
CA ARG D 253 -3.93 -32.78 21.21
C ARG D 253 -3.39 -31.43 20.76
N TRP D 254 -4.27 -30.44 20.64
CA TRP D 254 -3.79 -29.15 20.16
C TRP D 254 -2.77 -28.53 21.08
N LEU D 255 -2.76 -28.91 22.35
CA LEU D 255 -1.77 -28.32 23.24
C LEU D 255 -0.41 -28.87 22.87
N HIS D 256 -0.22 -30.16 23.08
CA HIS D 256 1.08 -30.77 22.87
C HIS D 256 1.62 -30.47 21.49
N PHE D 257 0.78 -30.56 20.48
CA PHE D 257 1.25 -30.22 19.14
C PHE D 257 1.75 -28.79 19.09
N PHE D 258 1.23 -27.92 19.95
CA PHE D 258 1.74 -26.57 19.99
C PHE D 258 3.04 -26.48 20.75
N MET D 259 3.29 -27.43 21.65
CA MET D 259 4.63 -27.49 22.25
C MET D 259 5.66 -27.88 21.22
N LEU D 260 5.40 -28.97 20.49
CA LEU D 260 6.30 -29.36 19.42
C LEU D 260 6.56 -28.24 18.44
N PHE D 261 5.59 -27.38 18.22
CA PHE D 261 5.70 -26.42 17.14
C PHE D 261 6.70 -25.31 17.48
N VAL D 262 6.51 -24.63 18.61
CA VAL D 262 7.22 -23.37 18.82
C VAL D 262 8.73 -23.53 18.88
N PRO D 263 9.29 -24.40 19.72
CA PRO D 263 10.74 -24.59 19.69
C PRO D 263 11.28 -24.91 18.31
N VAL D 264 10.65 -25.82 17.59
CA VAL D 264 11.07 -26.15 16.23
C VAL D 264 11.06 -24.88 15.39
N THR D 265 9.88 -24.31 15.16
CA THR D 265 9.80 -23.08 14.38
C THR D 265 10.72 -22.02 14.94
N GLY D 266 10.99 -22.07 16.24
CA GLY D 266 11.95 -21.14 16.81
C GLY D 266 13.33 -21.29 16.21
N LEU D 267 13.79 -22.52 16.03
CA LEU D 267 15.15 -22.70 15.51
C LEU D 267 15.22 -22.46 14.01
N TRP D 268 14.31 -23.06 13.25
CA TRP D 268 14.38 -22.93 11.80
C TRP D 268 14.46 -21.48 11.38
N MET D 269 13.53 -20.66 11.85
CA MET D 269 13.61 -19.25 11.52
C MET D 269 14.87 -18.60 12.05
N SER D 270 15.56 -19.23 12.99
CA SER D 270 16.92 -18.80 13.30
C SER D 270 17.91 -19.39 12.31
N ALA D 271 17.76 -20.67 11.98
CA ALA D 271 18.68 -21.29 11.04
C ALA D 271 18.63 -20.64 9.68
N ILE D 272 17.54 -19.93 9.38
CA ILE D 272 17.50 -19.14 8.15
C ILE D 272 18.46 -17.95 8.28
N GLY D 273 18.33 -17.20 9.37
CA GLY D 273 19.15 -16.02 9.52
C GLY D 273 20.63 -16.30 9.41
N VAL D 274 21.08 -17.37 10.07
CA VAL D 274 22.50 -17.71 10.02
C VAL D 274 22.95 -17.91 8.58
N VAL D 275 22.18 -18.67 7.80
CA VAL D 275 22.48 -18.81 6.39
C VAL D 275 22.55 -17.45 5.72
N GLY D 276 21.53 -16.63 5.96
CA GLY D 276 21.59 -15.26 5.47
C GLY D 276 22.81 -14.51 5.95
N LEU D 277 23.35 -14.90 7.09
CA LEU D 277 24.54 -14.24 7.59
C LEU D 277 25.82 -14.93 7.15
N ALA D 278 25.72 -16.12 6.57
CA ALA D 278 26.92 -16.70 5.97
C ALA D 278 27.39 -15.85 4.81
N LEU D 279 26.45 -15.23 4.11
CA LEU D 279 26.79 -14.39 2.98
C LEU D 279 27.14 -12.98 3.40
N ASN D 280 27.17 -12.71 4.69
CA ASN D 280 27.35 -11.35 5.20
C ASN D 280 26.27 -10.44 4.66
N LEU D 281 25.04 -10.92 4.68
CA LEU D 281 23.86 -10.11 4.45
C LEU D 281 23.36 -9.49 5.74
N ARG D 282 24.18 -9.53 6.78
CA ARG D 282 23.75 -9.30 8.15
C ARG D 282 22.85 -8.08 8.30
N SER D 283 21.80 -8.25 9.10
CA SER D 283 20.96 -7.13 9.48
C SER D 283 21.79 -6.09 10.20
N TYR D 284 21.64 -4.83 9.80
CA TYR D 284 22.60 -3.83 10.18
C TYR D 284 21.94 -2.47 9.92
N ASP D 285 22.74 -1.42 9.85
CA ASP D 285 22.29 -0.05 10.03
C ASP D 285 21.00 0.24 9.29
N PHE D 286 20.03 0.78 10.02
CA PHE D 286 18.80 1.24 9.42
C PHE D 286 19.10 2.55 8.68
N ILE D 287 18.83 2.55 7.38
CA ILE D 287 19.19 3.71 6.56
C ILE D 287 18.51 4.96 7.08
N SER D 288 17.34 4.83 7.69
CA SER D 288 16.64 5.97 8.26
C SER D 288 17.52 6.70 9.27
N GLN D 289 17.86 6.02 10.36
CA GLN D 289 18.52 6.70 11.47
C GLN D 289 19.95 7.10 11.12
N GLU D 290 20.66 6.27 10.36
CA GLU D 290 22.06 6.57 10.06
C GLU D 290 22.17 7.90 9.30
N ILE D 291 21.42 8.05 8.22
CA ILE D 291 21.37 9.34 7.54
C ILE D 291 20.99 10.44 8.52
N ARG D 292 20.01 10.16 9.38
CA ARG D 292 19.65 11.15 10.39
C ARG D 292 20.81 11.44 11.32
N ALA D 293 21.58 10.41 11.67
CA ALA D 293 22.75 10.63 12.51
C ALA D 293 23.78 11.50 11.81
N ALA D 294 23.80 11.49 10.48
CA ALA D 294 24.67 12.38 9.73
C ALA D 294 24.16 13.82 9.73
N GLU D 295 22.96 14.07 10.23
CA GLU D 295 22.43 15.42 10.30
C GLU D 295 22.66 16.08 11.66
N ASP D 296 23.23 15.35 12.63
CA ASP D 296 23.62 15.89 13.93
C ASP D 296 24.28 14.81 14.77
N PRO D 297 25.37 15.12 15.47
CA PRO D 297 25.91 14.15 16.43
C PRO D 297 25.05 14.01 17.68
N GLU D 298 24.30 15.05 18.05
CA GLU D 298 23.59 15.02 19.32
C GLU D 298 22.47 13.98 19.32
N PHE D 299 21.84 13.73 18.18
CA PHE D 299 20.78 12.74 18.12
C PHE D 299 21.33 11.38 18.51
N GLU D 300 20.71 10.75 19.49
CA GLU D 300 21.21 9.49 20.01
C GLU D 300 20.07 8.55 20.36
N THR D 301 20.22 7.29 19.99
CA THR D 301 19.26 6.25 20.30
C THR D 301 20.01 5.07 20.86
N PHE D 302 19.29 4.21 21.58
CA PHE D 302 19.92 2.98 22.03
C PHE D 302 20.32 2.11 20.88
N TYR D 303 19.94 2.48 19.66
CA TYR D 303 20.57 1.89 18.51
C TYR D 303 21.97 2.45 18.31
N THR D 304 22.06 3.77 18.09
CA THR D 304 23.35 4.40 17.83
C THR D 304 24.40 3.98 18.85
N LYS D 305 24.01 3.87 20.11
CA LYS D 305 24.99 3.47 21.12
C LYS D 305 25.51 2.07 20.86
N ASN D 306 24.70 1.20 20.26
CA ASN D 306 25.21 -0.12 19.95
C ASN D 306 26.31 -0.07 18.91
N LEU D 307 26.18 0.82 17.93
CA LEU D 307 27.17 0.85 16.86
C LEU D 307 28.56 1.15 17.38
N LEU D 308 28.66 1.99 18.40
CA LEU D 308 29.97 2.19 19.03
C LEU D 308 30.44 0.90 19.67
N LEU D 309 29.56 0.24 20.42
CA LEU D 309 29.92 -1.04 21.01
C LEU D 309 30.38 -2.03 19.96
N ASN D 310 29.53 -2.28 18.96
CA ASN D 310 29.94 -3.16 17.89
C ASN D 310 31.18 -2.66 17.18
N GLU D 311 31.49 -1.38 17.31
CA GLU D 311 32.73 -0.89 16.72
C GLU D 311 33.92 -1.22 17.61
N GLY D 312 33.76 -1.06 18.91
CA GLY D 312 34.87 -1.35 19.80
C GLY D 312 35.24 -2.82 19.78
N ILE D 313 34.23 -3.68 19.88
CA ILE D 313 34.48 -5.13 19.86
C ILE D 313 35.36 -5.49 18.68
N ARG D 314 34.98 -5.00 17.50
CA ARG D 314 35.75 -5.30 16.30
C ARG D 314 37.22 -4.96 16.49
N ALA D 315 37.49 -3.68 16.72
CA ALA D 315 38.87 -3.22 16.75
C ALA D 315 39.70 -3.97 17.79
N TRP D 316 39.20 -4.05 19.02
CA TRP D 316 39.97 -4.69 20.07
C TRP D 316 40.16 -6.17 19.80
N MET D 317 39.08 -6.87 19.45
CA MET D 317 39.15 -8.32 19.31
C MET D 317 39.94 -8.72 18.08
N ALA D 318 40.00 -7.87 17.07
CA ALA D 318 40.52 -8.24 15.77
C ALA D 318 41.94 -8.82 15.83
N PRO D 319 42.92 -8.11 16.41
CA PRO D 319 44.30 -8.63 16.31
C PRO D 319 44.46 -10.00 16.91
N GLN D 320 43.93 -10.22 18.11
CA GLN D 320 44.03 -11.54 18.73
C GLN D 320 43.24 -12.57 17.96
N ASP D 321 41.96 -12.28 17.70
CA ASP D 321 41.08 -13.26 17.08
C ASP D 321 41.58 -13.67 15.71
N GLN D 322 42.09 -12.72 14.94
CA GLN D 322 42.47 -12.97 13.55
C GLN D 322 43.94 -12.60 13.35
N PRO D 323 44.85 -13.41 13.88
CA PRO D 323 46.27 -13.11 13.69
C PRO D 323 46.70 -13.26 12.25
N HIS D 324 46.08 -14.17 11.51
CA HIS D 324 46.45 -14.43 10.13
C HIS D 324 46.41 -13.16 9.29
N GLU D 325 45.41 -12.31 9.53
CA GLU D 325 45.32 -11.05 8.81
C GLU D 325 46.51 -10.15 9.09
N ASN D 326 47.25 -10.42 10.16
CA ASN D 326 48.43 -9.65 10.51
C ASN D 326 48.08 -8.21 10.82
N PHE D 327 46.88 -7.98 11.36
CA PHE D 327 46.49 -6.65 11.78
C PHE D 327 47.42 -6.15 12.88
N VAL D 328 47.81 -4.89 12.77
CA VAL D 328 48.41 -4.16 13.88
C VAL D 328 47.65 -2.85 14.01
N PHE D 329 46.96 -2.72 14.99
CA PHE D 329 46.38 -1.39 15.07
C PHE D 329 47.23 -0.49 15.94
N PRO D 330 47.39 0.77 15.58
CA PRO D 330 48.07 1.70 16.48
C PRO D 330 47.24 1.91 17.73
N GLU D 331 47.74 2.68 18.69
CA GLU D 331 47.00 2.84 19.93
C GLU D 331 45.81 3.77 19.75
N GLU D 332 46.07 5.03 19.39
CA GLU D 332 44.99 6.00 19.30
C GLU D 332 43.88 5.55 18.37
N VAL D 333 44.19 4.67 17.41
CA VAL D 333 43.21 4.36 16.38
C VAL D 333 42.04 3.57 16.95
N LEU D 334 42.29 2.80 18.00
CA LEU D 334 41.22 2.06 18.65
C LEU D 334 40.11 3.03 19.06
N PRO D 335 38.87 2.71 18.78
CA PRO D 335 37.81 3.72 18.84
C PRO D 335 37.42 4.07 20.26
N ARG D 336 38.39 4.39 21.09
CA ARG D 336 38.15 4.52 22.52
C ARG D 336 37.02 5.50 22.81
N GLY D 337 36.31 5.24 23.90
CA GLY D 337 35.37 6.19 24.42
C GLY D 337 36.13 7.40 24.91
N ASN D 338 35.40 8.29 25.58
CA ASN D 338 35.90 9.61 25.97
C ASN D 338 36.52 10.33 24.77
N ALA D 339 35.98 10.05 23.59
CA ALA D 339 36.45 10.64 22.35
C ALA D 339 35.42 10.42 21.25
N TRP E 1 33.92 -59.54 39.42
CA TRP E 1 35.10 -59.24 40.21
C TRP E 1 36.16 -60.31 39.96
N VAL E 2 36.78 -60.28 38.78
CA VAL E 2 37.86 -61.21 38.48
C VAL E 2 39.06 -60.47 37.91
N ILE E 3 38.98 -60.01 36.65
CA ILE E 3 40.12 -59.38 36.01
C ILE E 3 40.04 -57.87 36.15
N HIS E 4 39.02 -57.39 36.84
CA HIS E 4 38.85 -55.96 37.04
C HIS E 4 39.73 -55.43 38.15
N SER E 5 40.49 -56.29 38.80
CA SER E 5 41.64 -55.90 39.61
C SER E 5 42.94 -55.95 38.82
N ILE E 6 42.86 -56.22 37.52
CA ILE E 6 44.04 -56.36 36.67
C ILE E 6 44.00 -55.35 35.54
N THR E 7 42.97 -55.43 34.70
CA THR E 7 42.83 -54.53 33.56
C THR E 7 43.03 -53.08 33.98
N ILE E 8 42.16 -52.59 34.84
CA ILE E 8 42.17 -51.16 35.21
C ILE E 8 43.56 -50.70 35.66
N PRO E 9 44.21 -51.34 36.63
CA PRO E 9 45.51 -50.80 37.08
C PRO E 9 46.56 -50.76 35.99
N ALA E 10 46.73 -51.86 35.26
CA ALA E 10 47.75 -51.91 34.22
C ALA E 10 47.45 -50.90 33.11
N LEU E 11 46.18 -50.72 32.80
CA LEU E 11 45.80 -49.78 31.75
C LEU E 11 45.94 -48.34 32.23
N PHE E 12 45.43 -48.03 33.42
CA PHE E 12 45.47 -46.67 33.90
C PHE E 12 46.89 -46.15 34.04
N ILE E 13 47.85 -47.04 34.31
CA ILE E 13 49.23 -46.59 34.44
C ILE E 13 49.80 -46.18 33.10
N ALA E 14 49.32 -46.78 32.01
CA ALA E 14 49.76 -46.38 30.68
C ALA E 14 49.52 -44.89 30.47
N GLY E 15 48.29 -44.45 30.63
CA GLY E 15 48.00 -43.02 30.52
C GLY E 15 48.85 -42.18 31.45
N TRP E 16 49.17 -42.72 32.63
CA TRP E 16 50.04 -41.98 33.55
C TRP E 16 51.40 -41.74 32.92
N LEU E 17 51.92 -42.72 32.19
CA LEU E 17 53.27 -42.59 31.66
C LEU E 17 53.32 -41.69 30.44
N PHE E 18 52.37 -41.82 29.52
CA PHE E 18 52.47 -41.05 28.28
C PHE E 18 52.58 -39.57 28.55
N VAL E 19 51.97 -39.09 29.64
CA VAL E 19 52.26 -37.74 30.12
C VAL E 19 53.66 -37.68 30.72
N SER E 20 53.94 -38.57 31.68
CA SER E 20 55.24 -38.58 32.34
C SER E 20 56.35 -38.81 31.33
N THR E 21 56.22 -39.84 30.51
CA THR E 21 57.16 -40.06 29.42
C THR E 21 57.14 -38.90 28.44
N GLY E 22 56.06 -38.13 28.41
CA GLY E 22 55.94 -37.11 27.40
C GLY E 22 55.76 -37.64 26.01
N LEU E 23 55.49 -38.93 25.87
CA LEU E 23 55.26 -39.50 24.55
C LEU E 23 54.14 -38.78 23.83
N ALA E 24 53.15 -38.27 24.57
CA ALA E 24 52.07 -37.54 23.95
C ALA E 24 52.55 -36.28 23.23
N TYR E 25 53.69 -35.73 23.62
CA TYR E 25 54.21 -34.54 22.97
C TYR E 25 54.37 -34.75 21.48
N ASP E 26 55.39 -35.53 21.09
CA ASP E 26 55.66 -35.68 19.66
C ASP E 26 54.59 -36.49 18.95
N VAL E 27 53.71 -37.18 19.67
CA VAL E 27 52.60 -37.87 19.02
C VAL E 27 51.57 -36.87 18.54
N PHE E 28 51.12 -35.99 19.44
CA PHE E 28 50.14 -34.98 19.10
C PHE E 28 50.77 -33.63 18.78
N GLY E 29 52.10 -33.53 18.80
CA GLY E 29 52.75 -32.33 18.34
C GLY E 29 52.49 -31.09 19.17
N THR E 30 51.95 -31.25 20.36
CA THR E 30 51.76 -30.11 21.24
C THR E 30 53.12 -29.50 21.57
N PRO E 31 53.17 -28.19 21.80
CA PRO E 31 54.44 -27.57 22.17
C PRO E 31 54.87 -28.00 23.56
N ARG E 32 56.09 -27.98 23.77
CA ARG E 32 56.53 -28.32 25.10
C ARG E 32 56.61 -27.08 25.97
N PRO E 33 56.41 -27.24 27.28
CA PRO E 33 56.24 -26.06 28.16
C PRO E 33 57.31 -25.01 28.01
N ASP E 34 58.53 -25.39 27.64
CA ASP E 34 59.53 -24.39 27.31
C ASP E 34 59.52 -24.00 25.84
N SER E 35 58.86 -24.77 24.98
CA SER E 35 59.02 -24.61 23.54
C SER E 35 57.83 -23.84 22.99
N TYR E 36 58.04 -22.56 22.74
CA TYR E 36 57.17 -21.74 21.91
C TYR E 36 58.03 -20.87 21.03
N TYR E 37 58.77 -19.98 21.67
CA TYR E 37 59.59 -19.00 20.99
C TYR E 37 61.04 -19.48 20.99
N ALA E 38 61.51 -19.92 19.83
CA ALA E 38 62.92 -20.21 19.66
C ALA E 38 63.69 -18.90 19.63
N GLN E 39 64.93 -18.94 20.13
CA GLN E 39 65.74 -17.73 20.29
C GLN E 39 64.95 -16.79 21.19
N GLU E 40 64.78 -15.51 20.84
CA GLU E 40 63.76 -14.72 21.50
C GLU E 40 62.63 -14.45 20.53
N GLN E 41 62.82 -13.46 19.65
CA GLN E 41 61.99 -13.23 18.47
C GLN E 41 60.52 -13.55 18.74
N ARG E 42 59.92 -12.78 19.64
CA ARG E 42 58.61 -13.16 20.13
C ARG E 42 57.61 -12.83 19.03
N SER E 43 57.04 -13.87 18.43
CA SER E 43 56.06 -13.74 17.36
C SER E 43 55.35 -15.07 17.23
N ILE E 44 54.20 -15.03 16.58
CA ILE E 44 53.40 -16.25 16.42
C ILE E 44 53.95 -17.08 15.27
N PRO E 45 54.42 -18.29 15.54
CA PRO E 45 54.75 -19.21 14.46
C PRO E 45 53.49 -19.67 13.76
N LEU E 46 52.85 -18.76 13.04
CA LEU E 46 51.56 -19.03 12.43
C LEU E 46 51.76 -19.68 11.07
N VAL E 47 51.24 -20.90 10.92
CA VAL E 47 51.34 -21.59 9.64
C VAL E 47 50.48 -20.85 8.62
N THR E 48 50.95 -20.79 7.38
CA THR E 48 50.25 -19.91 6.46
C THR E 48 49.50 -20.67 5.38
N ASP E 49 50.20 -21.12 4.35
CA ASP E 49 49.56 -21.48 3.09
C ASP E 49 49.47 -22.99 2.91
N ARG E 50 48.82 -23.41 1.83
CA ARG E 50 48.58 -24.82 1.61
C ARG E 50 49.72 -25.43 0.81
N PHE E 51 49.72 -26.75 0.71
CA PHE E 51 50.76 -27.49 -0.01
C PHE E 51 52.15 -27.15 0.52
N GLU E 52 52.18 -26.60 1.73
CA GLU E 52 53.36 -26.06 2.37
C GLU E 52 53.43 -26.62 3.77
N ALA E 53 52.35 -26.41 4.52
CA ALA E 53 52.32 -26.48 5.98
C ALA E 53 53.12 -27.66 6.50
N LYS E 54 53.01 -28.82 5.87
CA LYS E 54 53.87 -29.92 6.25
C LYS E 54 55.33 -29.50 6.22
N GLN E 55 55.73 -28.75 5.21
CA GLN E 55 57.07 -28.19 5.18
C GLN E 55 57.17 -26.91 6.02
N GLN E 56 56.09 -26.11 6.10
CA GLN E 56 56.16 -24.86 6.83
C GLN E 56 56.19 -25.09 8.33
N VAL E 57 55.36 -25.99 8.84
CA VAL E 57 55.43 -26.35 10.25
C VAL E 57 56.84 -26.78 10.62
N GLU E 58 57.58 -27.29 9.64
CA GLU E 58 58.94 -27.77 9.84
C GLU E 58 59.99 -26.66 9.74
N THR E 59 59.56 -25.42 9.62
CA THR E 59 60.42 -24.25 9.84
C THR E 59 60.29 -23.73 11.26
N PHE E 60 59.07 -23.36 11.65
CA PHE E 60 58.78 -22.96 13.03
C PHE E 60 59.34 -23.98 14.02
N LEU E 61 59.06 -25.26 13.78
CA LEU E 61 59.54 -26.29 14.68
C LEU E 61 61.04 -26.51 14.52
N GLU E 62 61.58 -26.24 13.33
CA GLU E 62 62.99 -26.53 13.06
C GLU E 62 63.90 -25.81 14.03
N GLN E 63 63.57 -24.57 14.37
CA GLN E 63 64.48 -23.76 15.16
C GLN E 63 64.48 -24.27 16.60
N LEU E 64 63.35 -24.13 17.29
CA LEU E 64 63.13 -24.82 18.56
C LEU E 64 64.08 -24.34 19.66
N LYS E 65 65.05 -23.50 19.28
CA LYS E 65 66.08 -23.01 20.20
C LYS E 65 66.86 -24.18 20.80
N PRO F 1 35.59 -64.67 25.31
CA PRO F 1 34.74 -64.78 24.12
C PRO F 1 33.38 -64.11 24.29
N ILE F 2 33.25 -62.85 23.88
CA ILE F 2 32.02 -62.09 24.03
C ILE F 2 31.53 -61.69 22.64
N PHE F 3 30.43 -62.29 22.20
CA PHE F 3 29.73 -61.82 21.03
C PHE F 3 29.04 -60.51 21.36
N THR F 4 28.68 -59.75 20.33
CA THR F 4 28.24 -58.37 20.56
C THR F 4 26.80 -58.37 21.06
N VAL F 5 26.63 -57.95 22.32
CA VAL F 5 25.34 -57.58 22.86
C VAL F 5 25.49 -56.34 23.74
N ARG F 6 26.24 -56.47 24.82
CA ARG F 6 26.43 -55.46 25.86
C ARG F 6 27.91 -55.21 26.11
N TRP F 7 28.66 -56.29 26.37
CA TRP F 7 30.09 -56.19 26.62
C TRP F 7 30.79 -55.29 25.62
N VAL F 8 30.40 -55.38 24.34
CA VAL F 8 31.05 -54.59 23.31
C VAL F 8 30.82 -53.10 23.52
N ALA F 9 29.77 -52.73 24.22
CA ALA F 9 29.50 -51.31 24.43
C ALA F 9 30.50 -50.72 25.41
N VAL F 10 30.43 -51.15 26.66
CA VAL F 10 31.25 -50.53 27.70
C VAL F 10 32.72 -50.72 27.42
N HIS F 11 33.12 -51.89 26.93
CA HIS F 11 34.54 -52.14 26.80
C HIS F 11 35.17 -51.45 25.61
N THR F 12 34.36 -50.95 24.68
CA THR F 12 34.87 -50.02 23.68
C THR F 12 34.67 -48.57 24.08
N LEU F 13 34.00 -48.31 25.19
CA LEU F 13 33.76 -46.95 25.65
C LEU F 13 34.53 -46.63 26.93
N ALA F 14 34.23 -47.34 28.03
CA ALA F 14 34.84 -46.98 29.30
C ALA F 14 36.34 -47.27 29.35
N VAL F 15 36.84 -48.18 28.51
CA VAL F 15 38.28 -48.46 28.50
C VAL F 15 39.09 -47.22 28.17
N PRO F 16 38.86 -46.52 27.05
CA PRO F 16 39.60 -45.28 26.84
C PRO F 16 39.46 -44.28 27.95
N THR F 17 38.29 -44.25 28.61
CA THR F 17 38.11 -43.35 29.75
C THR F 17 39.18 -43.59 30.80
N ILE F 18 39.39 -44.87 31.16
CA ILE F 18 40.47 -45.19 32.08
C ILE F 18 41.80 -44.75 31.53
N PHE F 19 41.95 -44.76 30.21
CA PHE F 19 43.23 -44.38 29.63
C PHE F 19 43.42 -42.87 29.62
N PHE F 20 42.35 -42.09 29.51
CA PHE F 20 42.52 -40.64 29.62
C PHE F 20 42.73 -40.19 31.06
N LEU F 21 42.10 -40.87 32.03
CA LEU F 21 42.31 -40.49 33.42
C LEU F 21 43.79 -40.46 33.76
N GLY F 22 44.58 -41.30 33.10
CA GLY F 22 46.02 -41.16 33.21
C GLY F 22 46.48 -39.78 32.80
N ALA F 23 46.02 -39.32 31.64
CA ALA F 23 46.47 -38.03 31.13
C ALA F 23 46.05 -36.91 32.06
N ILE F 24 44.84 -36.96 32.60
CA ILE F 24 44.33 -35.95 33.52
C ILE F 24 45.25 -35.88 34.73
N ALA F 25 45.29 -36.96 35.51
CA ALA F 25 46.07 -36.95 36.74
C ALA F 25 47.54 -36.65 36.46
N ALA F 26 48.17 -37.48 35.64
CA ALA F 26 49.61 -37.32 35.38
C ALA F 26 49.94 -35.94 34.86
N MET F 27 48.95 -35.21 34.33
CA MET F 27 49.20 -33.83 33.98
C MET F 27 49.28 -32.94 35.22
N GLN F 28 48.32 -33.06 36.12
CA GLN F 28 48.21 -32.11 37.22
C GLN F 28 49.49 -31.98 38.02
N PHE F 29 50.41 -32.92 37.88
CA PHE F 29 51.69 -32.85 38.56
C PHE F 29 52.80 -32.29 37.69
N ILE F 30 52.50 -31.84 36.47
CA ILE F 30 53.53 -31.24 35.64
C ILE F 30 53.81 -29.82 36.13
N GLN F 31 54.61 -29.08 35.37
CA GLN F 31 54.89 -27.67 35.63
C GLN F 31 55.58 -27.48 36.97
N ALA G 1 -16.00 -41.78 -17.70
CA ALA G 1 -15.15 -42.60 -18.55
C ALA G 1 -15.11 -42.04 -19.98
N ARG G 2 -14.46 -40.88 -20.13
CA ARG G 2 -14.40 -40.19 -21.40
C ARG G 2 -13.13 -40.62 -22.13
N ARG G 3 -13.29 -41.34 -23.23
CA ARG G 3 -12.17 -41.91 -23.98
C ARG G 3 -11.91 -41.04 -25.20
N THR G 4 -10.80 -40.32 -25.17
CA THR G 4 -10.46 -39.38 -26.23
C THR G 4 -9.35 -39.96 -27.09
N TRP G 5 -8.92 -39.15 -28.05
CA TRP G 5 -7.95 -39.60 -29.05
C TRP G 5 -6.64 -40.00 -28.39
N LEU G 6 -6.01 -39.07 -27.67
CA LEU G 6 -4.83 -39.42 -26.91
C LEU G 6 -5.14 -40.52 -25.91
N GLY G 7 -6.20 -40.32 -25.12
CA GLY G 7 -6.54 -41.28 -24.09
C GLY G 7 -6.65 -42.70 -24.61
N ASP G 8 -7.14 -42.85 -25.84
CA ASP G 8 -7.11 -44.17 -26.43
C ASP G 8 -5.70 -44.56 -26.84
N ILE G 9 -4.88 -43.59 -27.26
CA ILE G 9 -3.54 -43.90 -27.75
C ILE G 9 -2.62 -44.32 -26.60
N LEU G 10 -2.51 -43.48 -25.58
CA LEU G 10 -1.49 -43.72 -24.56
C LEU G 10 -1.84 -44.92 -23.68
N ARG G 11 -3.09 -45.00 -23.25
CA ARG G 11 -3.50 -45.94 -22.21
C ARG G 11 -2.89 -47.32 -22.33
N PRO G 12 -2.81 -47.91 -23.53
CA PRO G 12 -2.12 -49.19 -23.65
C PRO G 12 -0.70 -49.16 -23.09
N LEU G 13 -0.10 -47.99 -23.01
CA LEU G 13 1.23 -47.87 -22.42
C LEU G 13 1.23 -48.35 -20.97
N ASN G 14 0.56 -47.60 -20.10
CA ASN G 14 0.66 -47.79 -18.66
C ASN G 14 -0.33 -48.81 -18.14
N SER G 15 -0.98 -49.56 -19.03
CA SER G 15 -1.97 -50.53 -18.59
C SER G 15 -1.45 -51.46 -17.51
N GLU G 16 -0.15 -51.70 -17.44
CA GLU G 16 0.38 -52.71 -16.51
C GLU G 16 0.74 -52.01 -15.20
N TYR G 17 -0.16 -52.08 -14.23
CA TYR G 17 0.07 -51.45 -12.94
C TYR G 17 0.45 -52.40 -11.82
N GLY G 18 0.16 -53.68 -11.94
CA GLY G 18 0.37 -54.57 -10.82
C GLY G 18 1.52 -55.52 -11.00
N LYS G 19 1.99 -55.67 -12.23
CA LYS G 19 2.99 -56.69 -12.52
C LYS G 19 4.36 -56.18 -12.12
N VAL G 20 4.98 -56.88 -11.17
CA VAL G 20 6.22 -56.46 -10.56
C VAL G 20 7.23 -57.59 -10.71
N ALA G 21 8.47 -57.24 -10.98
CA ALA G 21 9.50 -58.23 -11.16
C ALA G 21 9.57 -59.12 -9.93
N PRO G 22 9.40 -60.42 -10.06
CA PRO G 22 9.33 -61.28 -8.88
C PRO G 22 10.65 -61.37 -8.16
N GLY G 23 10.59 -61.47 -6.83
CA GLY G 23 11.78 -61.61 -6.02
C GLY G 23 12.66 -60.37 -6.08
N TRP G 24 13.95 -60.59 -5.83
CA TRP G 24 14.91 -59.50 -5.90
C TRP G 24 15.08 -58.95 -7.30
N GLY G 25 14.45 -59.57 -8.31
CA GLY G 25 14.55 -59.05 -9.66
C GLY G 25 15.99 -58.91 -10.03
N THR G 26 16.37 -57.72 -10.47
CA THR G 26 17.76 -57.32 -10.39
C THR G 26 17.84 -56.13 -9.46
N THR G 27 18.14 -56.40 -8.19
CA THR G 27 18.71 -55.45 -7.24
C THR G 27 20.20 -55.26 -7.43
N PRO G 28 21.01 -56.35 -7.47
CA PRO G 28 22.46 -56.18 -7.33
C PRO G 28 23.04 -55.19 -8.30
N LEU G 29 22.64 -55.28 -9.57
CA LEU G 29 23.21 -54.41 -10.58
C LEU G 29 22.96 -52.94 -10.25
N MET G 30 21.84 -52.64 -9.60
CA MET G 30 21.63 -51.29 -9.12
C MET G 30 22.66 -50.92 -8.07
N ALA G 31 22.72 -51.69 -6.97
CA ALA G 31 23.62 -51.35 -5.88
C ALA G 31 25.06 -51.24 -6.35
N VAL G 32 25.40 -51.91 -7.44
CA VAL G 32 26.73 -51.73 -8.03
C VAL G 32 26.93 -50.29 -8.45
N PHE G 33 26.05 -49.78 -9.31
CA PHE G 33 26.23 -48.43 -9.81
C PHE G 33 26.16 -47.41 -8.69
N MET G 34 25.17 -47.53 -7.81
CA MET G 34 25.00 -46.56 -6.73
C MET G 34 26.29 -46.38 -5.96
N GLY G 35 26.84 -47.49 -5.46
CA GLY G 35 28.13 -47.41 -4.80
C GLY G 35 29.20 -46.83 -5.70
N LEU G 36 29.19 -47.22 -6.97
CA LEU G 36 30.16 -46.64 -7.89
C LEU G 36 29.91 -45.17 -8.10
N PHE G 37 28.65 -44.75 -8.16
CA PHE G 37 28.36 -43.33 -8.29
C PHE G 37 28.84 -42.56 -7.06
N LEU G 38 28.69 -43.15 -5.88
CA LEU G 38 29.13 -42.47 -4.68
C LEU G 38 30.63 -42.22 -4.73
N VAL G 39 31.40 -43.26 -5.01
CA VAL G 39 32.84 -43.07 -5.22
C VAL G 39 33.08 -42.03 -6.29
N PHE G 40 32.31 -42.08 -7.36
CA PHE G 40 32.39 -41.07 -8.40
C PHE G 40 32.23 -39.68 -7.81
N LEU G 41 31.02 -39.41 -7.29
CA LEU G 41 30.72 -38.07 -6.76
C LEU G 41 31.80 -37.62 -5.80
N LEU G 42 32.29 -38.52 -4.96
CA LEU G 42 33.36 -38.17 -4.05
C LEU G 42 34.58 -37.64 -4.80
N ILE G 43 34.88 -38.21 -5.97
CA ILE G 43 36.04 -37.77 -6.73
C ILE G 43 35.84 -36.35 -7.25
N ILE G 44 34.63 -36.00 -7.65
CA ILE G 44 34.36 -34.61 -8.00
C ILE G 44 34.67 -33.71 -6.83
N LEU G 45 34.15 -34.07 -5.66
CA LEU G 45 34.35 -33.22 -4.49
C LEU G 45 35.83 -33.08 -4.16
N GLU G 46 36.56 -34.19 -4.13
CA GLU G 46 37.99 -34.13 -3.87
C GLU G 46 38.69 -33.22 -4.85
N ILE G 47 38.27 -33.22 -6.12
CA ILE G 47 38.88 -32.36 -7.10
C ILE G 47 38.58 -30.90 -6.79
N TYR G 48 37.32 -30.57 -6.65
CA TYR G 48 36.92 -29.17 -6.65
C TYR G 48 37.42 -28.42 -5.43
N ASN G 49 37.72 -29.10 -4.34
CA ASN G 49 38.35 -28.45 -3.21
C ASN G 49 39.87 -28.41 -3.33
N SER G 50 40.41 -28.86 -4.45
CA SER G 50 41.85 -28.99 -4.63
C SER G 50 42.47 -29.91 -3.60
N THR G 51 41.64 -30.77 -2.99
CA THR G 51 42.18 -31.88 -2.22
C THR G 51 42.83 -32.89 -3.14
N LEU G 52 42.19 -33.16 -4.25
CA LEU G 52 42.71 -34.05 -5.28
C LEU G 52 43.20 -33.19 -6.43
N ILE G 53 44.51 -33.16 -6.64
CA ILE G 53 45.08 -32.50 -7.81
C ILE G 53 45.46 -33.55 -8.83
N LEU G 54 44.71 -33.61 -9.92
CA LEU G 54 45.13 -34.38 -11.07
C LEU G 54 46.19 -33.60 -11.82
N ASP G 55 47.05 -34.31 -12.53
CA ASP G 55 48.11 -33.63 -13.23
C ASP G 55 47.51 -32.95 -14.45
N GLY G 56 47.65 -31.63 -14.51
CA GLY G 56 47.09 -30.84 -15.59
C GLY G 56 45.83 -30.09 -15.24
N VAL G 57 45.08 -30.53 -14.24
CA VAL G 57 43.91 -29.79 -13.82
C VAL G 57 44.38 -28.64 -12.95
N ASN G 58 43.69 -27.51 -13.03
CA ASN G 58 43.99 -26.40 -12.14
C ASN G 58 42.69 -25.79 -11.66
N VAL G 59 42.45 -25.85 -10.36
CA VAL G 59 41.32 -25.12 -9.79
C VAL G 59 41.58 -23.63 -9.76
N SER G 60 42.76 -23.20 -10.18
CA SER G 60 42.93 -21.80 -10.52
C SER G 60 42.07 -21.48 -11.73
N TRP G 61 41.77 -20.19 -11.90
CA TRP G 61 40.94 -19.78 -13.03
C TRP G 61 41.68 -19.98 -14.34
N LYS G 62 41.10 -20.80 -15.22
CA LYS G 62 41.65 -21.13 -16.53
C LYS G 62 43.17 -21.31 -16.54
N MET H 1 0.32 19.90 40.75
CA MET H 1 1.48 19.19 41.27
C MET H 1 1.19 18.78 42.70
N GLU H 2 1.15 19.75 43.61
CA GLU H 2 0.96 19.45 45.01
C GLU H 2 -0.39 18.81 45.27
N THR H 3 -1.44 19.30 44.63
CA THR H 3 -2.74 18.64 44.74
C THR H 3 -2.65 17.18 44.33
N LEU H 4 -1.89 16.90 43.27
CA LEU H 4 -1.73 15.52 42.82
C LEU H 4 -1.12 14.66 43.91
N LYS H 5 -0.12 15.19 44.61
CA LYS H 5 0.53 14.46 45.69
C LYS H 5 -0.48 13.87 46.65
N ILE H 6 -1.26 14.73 47.32
CA ILE H 6 -2.26 14.25 48.26
C ILE H 6 -3.23 13.30 47.57
N THR H 7 -3.56 13.59 46.31
CA THR H 7 -4.48 12.74 45.58
C THR H 7 -3.98 11.31 45.49
N VAL H 8 -2.74 11.14 45.03
CA VAL H 8 -2.15 9.80 44.92
C VAL H 8 -2.17 9.11 46.27
N TYR H 9 -1.77 9.83 47.32
CA TYR H 9 -1.87 9.27 48.67
C TYR H 9 -3.26 8.73 48.95
N ILE H 10 -4.28 9.58 48.76
CA ILE H 10 -5.65 9.16 49.07
C ILE H 10 -6.03 7.94 48.25
N VAL H 11 -5.76 7.95 46.95
CA VAL H 11 -6.16 6.84 46.10
C VAL H 11 -5.42 5.57 46.51
N VAL H 12 -4.10 5.65 46.63
CA VAL H 12 -3.33 4.48 47.03
C VAL H 12 -3.76 3.99 48.41
N THR H 13 -3.91 4.93 49.35
CA THR H 13 -4.36 4.54 50.67
C THR H 13 -5.68 3.78 50.60
N PHE H 14 -6.55 4.17 49.67
CA PHE H 14 -7.87 3.56 49.61
C PHE H 14 -7.80 2.09 49.24
N PHE H 15 -7.16 1.77 48.12
CA PHE H 15 -7.07 0.39 47.69
C PHE H 15 -6.44 -0.48 48.76
N VAL H 16 -5.22 -0.14 49.17
CA VAL H 16 -4.53 -0.90 50.21
C VAL H 16 -5.42 -1.07 51.42
N LEU H 17 -6.16 -0.03 51.79
CA LEU H 17 -7.10 -0.17 52.90
C LEU H 17 -8.20 -1.16 52.54
N LEU H 18 -8.83 -0.95 51.38
CA LEU H 18 -9.81 -1.92 50.91
C LEU H 18 -9.20 -3.30 50.79
N PHE H 19 -7.88 -3.37 50.60
CA PHE H 19 -7.24 -4.64 50.30
C PHE H 19 -7.12 -5.54 51.52
N VAL H 20 -6.65 -5.00 52.64
CA VAL H 20 -6.31 -5.86 53.77
C VAL H 20 -7.55 -6.53 54.34
N PHE H 21 -8.65 -5.78 54.49
CA PHE H 21 -9.82 -6.32 55.15
C PHE H 21 -10.35 -7.55 54.46
N GLY H 22 -10.19 -7.63 53.14
CA GLY H 22 -10.59 -8.83 52.44
C GLY H 22 -10.03 -10.07 53.11
N PHE H 23 -8.74 -10.04 53.44
CA PHE H 23 -8.16 -11.14 54.18
C PHE H 23 -8.49 -11.07 55.65
N LEU H 24 -8.55 -9.87 56.21
CA LEU H 24 -8.87 -9.75 57.63
C LEU H 24 -10.31 -10.13 57.95
N SER H 25 -11.16 -10.32 56.94
CA SER H 25 -12.49 -10.83 57.15
C SER H 25 -12.61 -12.16 56.45
N GLY H 26 -12.64 -13.25 57.23
CA GLY H 26 -13.15 -14.53 56.79
C GLY H 26 -12.71 -15.01 55.41
N ASP H 27 -11.46 -14.76 55.04
CA ASP H 27 -11.02 -15.19 53.71
C ASP H 27 -11.02 -16.71 53.55
N PRO H 28 -10.47 -17.50 54.48
CA PRO H 28 -10.57 -18.95 54.31
C PRO H 28 -11.99 -19.45 54.22
N ALA H 29 -12.94 -18.74 54.82
CA ALA H 29 -14.34 -19.13 54.71
C ALA H 29 -14.82 -19.15 53.26
N ARG H 30 -14.09 -18.51 52.36
CA ARG H 30 -14.44 -18.47 50.95
C ARG H 30 -13.56 -19.47 50.21
N ASN H 31 -14.17 -20.58 49.77
CA ASN H 31 -13.48 -21.73 49.21
C ASN H 31 -14.51 -22.83 48.94
N PRO H 32 -14.20 -23.80 48.08
CA PRO H 32 -15.20 -24.84 47.79
C PRO H 32 -15.59 -25.65 49.01
N LYS H 33 -14.61 -26.13 49.76
CA LYS H 33 -14.85 -26.95 50.94
C LYS H 33 -14.39 -26.20 52.18
N ARG H 34 -14.58 -26.85 53.33
CA ARG H 34 -13.98 -26.38 54.57
C ARG H 34 -13.57 -27.59 55.40
N LYS I 1 48.57 -15.65 65.42
CA LYS I 1 47.48 -16.46 64.91
C LYS I 1 46.92 -17.36 66.00
N LEU I 2 47.05 -18.66 65.82
CA LEU I 2 46.56 -19.60 66.79
C LEU I 2 47.48 -19.63 68.00
N PRO I 3 46.94 -19.72 69.22
CA PRO I 3 47.77 -19.63 70.42
C PRO I 3 48.86 -20.70 70.45
N GLU I 4 49.94 -20.38 71.15
CA GLU I 4 51.13 -21.23 71.12
C GLU I 4 50.96 -22.48 71.97
N ALA I 5 50.25 -22.40 73.09
CA ALA I 5 49.94 -23.62 73.84
C ALA I 5 49.16 -24.59 72.98
N TYR I 6 48.35 -24.08 72.07
CA TYR I 6 47.57 -24.87 71.13
C TYR I 6 48.26 -25.06 69.81
N ALA I 7 49.52 -24.62 69.70
CA ALA I 7 50.15 -24.32 68.41
C ALA I 7 49.88 -25.37 67.35
N ILE I 8 50.01 -26.64 67.72
CA ILE I 8 49.73 -27.64 66.72
C ILE I 8 48.55 -28.52 67.05
N PHE I 9 47.46 -28.25 66.37
CA PHE I 9 46.65 -29.30 65.81
C PHE I 9 46.41 -28.81 64.41
N ASP I 10 47.17 -29.31 63.45
CA ASP I 10 47.06 -28.74 62.11
C ASP I 10 45.77 -29.15 61.42
N PRO I 11 45.48 -30.44 61.22
CA PRO I 11 44.29 -30.78 60.41
C PRO I 11 43.00 -30.39 61.09
N LEU I 12 42.92 -30.58 62.40
CA LEU I 12 41.69 -30.23 63.12
C LEU I 12 41.35 -28.77 62.91
N VAL I 13 42.28 -27.87 63.20
CA VAL I 13 41.99 -26.47 62.99
C VAL I 13 41.93 -26.15 61.51
N ASP I 14 42.65 -26.90 60.66
CA ASP I 14 42.54 -26.68 59.24
C ASP I 14 41.11 -26.92 58.77
N VAL I 15 40.59 -28.13 58.99
CA VAL I 15 39.19 -28.37 58.72
C VAL I 15 38.50 -28.74 60.03
N LEU I 16 37.87 -27.76 60.66
CA LEU I 16 36.58 -27.89 61.32
C LEU I 16 35.41 -27.69 60.35
N PRO I 17 35.35 -26.55 59.65
CA PRO I 17 34.06 -26.08 59.12
C PRO I 17 33.49 -26.94 58.02
N VAL I 18 34.25 -27.87 57.45
CA VAL I 18 33.67 -28.68 56.40
C VAL I 18 32.67 -29.67 56.98
N ILE I 19 32.92 -30.15 58.20
CA ILE I 19 32.14 -31.26 58.74
C ILE I 19 30.65 -30.94 58.86
N PRO I 20 30.22 -29.71 59.14
CA PRO I 20 28.77 -29.43 59.09
C PRO I 20 28.13 -29.87 57.79
N VAL I 21 28.77 -29.64 56.65
CA VAL I 21 28.26 -30.16 55.39
C VAL I 21 28.11 -31.67 55.44
N LEU I 22 29.06 -32.34 56.09
CA LEU I 22 29.06 -33.80 56.11
C LEU I 22 27.77 -34.35 56.70
N PHE I 23 27.13 -33.61 57.60
CA PHE I 23 25.88 -34.08 58.18
C PHE I 23 24.83 -34.28 57.09
N LEU I 24 24.65 -33.28 56.23
CA LEU I 24 23.76 -33.46 55.09
C LEU I 24 24.11 -34.73 54.33
N ALA I 25 25.40 -34.96 54.09
CA ALA I 25 25.80 -36.18 53.41
C ALA I 25 25.45 -37.41 54.24
N LEU I 26 25.70 -37.35 55.55
CA LEU I 26 25.35 -38.47 56.43
C LEU I 26 23.90 -38.87 56.28
N ALA I 27 23.01 -37.88 56.12
CA ALA I 27 21.59 -38.17 56.00
C ALA I 27 21.32 -39.15 54.87
N PHE I 28 21.99 -38.98 53.73
CA PHE I 28 21.78 -39.88 52.62
C PHE I 28 22.29 -41.28 52.94
N VAL I 29 23.52 -41.37 53.44
CA VAL I 29 24.02 -42.68 53.85
C VAL I 29 23.11 -43.29 54.89
N TRP I 30 22.69 -42.49 55.87
CA TRP I 30 21.73 -42.98 56.83
C TRP I 30 20.40 -43.32 56.20
N GLN I 31 20.11 -42.76 55.02
CA GLN I 31 19.02 -43.29 54.22
C GLN I 31 19.43 -44.51 53.41
N ALA I 32 20.70 -44.58 53.00
CA ALA I 32 21.12 -45.67 52.13
C ALA I 32 20.94 -47.02 52.82
N ALA I 33 21.42 -47.14 54.05
CA ALA I 33 21.24 -48.38 54.79
C ALA I 33 19.77 -48.64 55.07
N VAL I 34 19.06 -47.63 55.57
CA VAL I 34 17.61 -47.73 55.71
C VAL I 34 16.98 -48.07 54.38
N GLY I 35 17.50 -47.50 53.30
CA GLY I 35 17.07 -47.89 51.98
C GLY I 35 15.74 -47.35 51.55
N PHE I 36 15.45 -46.09 51.87
CA PHE I 36 14.32 -45.39 51.27
C PHE I 36 13.00 -46.04 51.63
N ARG I 37 12.85 -46.40 52.91
CA ARG I 37 11.64 -47.10 53.39
C ARG I 37 10.34 -46.36 53.09
N MET J 1 -20.84 -34.50 -16.62
CA MET J 1 -21.46 -35.59 -15.87
C MET J 1 -21.04 -35.55 -14.40
N GLU J 2 -20.28 -36.55 -13.98
CA GLU J 2 -19.90 -36.73 -12.59
C GLU J 2 -19.00 -35.58 -12.13
N PRO J 3 -19.39 -34.80 -11.10
CA PRO J 3 -18.56 -33.66 -10.66
C PRO J 3 -17.55 -34.02 -9.57
N ASN J 4 -16.63 -34.95 -9.90
CA ASN J 4 -15.57 -35.31 -8.97
C ASN J 4 -16.08 -35.74 -7.61
N PRO J 5 -16.51 -36.99 -7.45
CA PRO J 5 -17.02 -37.44 -6.15
C PRO J 5 -16.11 -37.10 -4.99
N ASN J 6 -14.83 -36.86 -5.25
CA ASN J 6 -13.88 -36.50 -4.21
C ASN J 6 -13.84 -34.98 -4.07
N ARG J 7 -14.41 -34.48 -2.97
CA ARG J 7 -14.32 -33.08 -2.55
C ARG J 7 -14.54 -33.03 -1.06
N GLN J 8 -14.08 -31.95 -0.44
CA GLN J 8 -14.32 -31.76 0.98
C GLN J 8 -14.43 -30.27 1.25
N PRO J 9 -15.28 -29.86 2.18
CA PRO J 9 -15.29 -28.46 2.58
C PRO J 9 -14.11 -28.14 3.48
N VAL J 10 -13.63 -26.91 3.35
CA VAL J 10 -12.51 -26.42 4.15
C VAL J 10 -13.06 -25.81 5.43
N GLU J 11 -12.49 -26.21 6.56
CA GLU J 11 -13.00 -25.80 7.86
C GLU J 11 -11.91 -25.15 8.66
N LEU J 12 -12.17 -23.95 9.17
CA LEU J 12 -11.27 -23.28 10.09
C LEU J 12 -12.11 -22.72 11.22
N ASN J 13 -11.94 -23.25 12.42
CA ASN J 13 -12.78 -22.83 13.53
C ASN J 13 -12.36 -21.45 14.00
N ARG J 14 -13.10 -20.91 14.97
CA ARG J 14 -12.89 -19.51 15.35
C ARG J 14 -11.50 -19.28 15.90
N THR J 15 -10.99 -20.22 16.69
CA THR J 15 -9.68 -20.05 17.27
C THR J 15 -8.61 -19.85 16.20
N SER J 16 -8.49 -20.83 15.30
CA SER J 16 -7.44 -20.74 14.31
C SER J 16 -7.58 -19.53 13.42
N LEU J 17 -8.66 -18.78 13.56
CA LEU J 17 -8.68 -17.44 12.99
C LEU J 17 -7.83 -16.48 13.80
N TYR J 18 -7.91 -16.56 15.12
CA TYR J 18 -7.17 -15.61 15.94
C TYR J 18 -5.67 -15.79 15.76
N LEU J 19 -5.18 -17.03 15.93
CA LEU J 19 -3.74 -17.26 15.88
C LEU J 19 -3.13 -16.61 14.66
N GLY J 20 -3.69 -16.86 13.49
CA GLY J 20 -3.19 -16.22 12.30
C GLY J 20 -3.27 -14.72 12.38
N LEU J 21 -4.48 -14.19 12.62
CA LEU J 21 -4.62 -12.75 12.79
C LEU J 21 -3.65 -12.22 13.83
N LEU J 22 -3.34 -13.02 14.85
CA LEU J 22 -2.29 -12.64 15.77
C LEU J 22 -0.92 -12.80 15.12
N LEU J 23 -0.66 -13.97 14.54
CA LEU J 23 0.67 -14.24 13.99
C LEU J 23 1.03 -13.23 12.90
N ILE J 24 0.11 -12.99 11.97
CA ILE J 24 0.39 -12.08 10.87
C ILE J 24 0.78 -10.72 11.39
N LEU J 25 -0.07 -10.14 12.24
CA LEU J 25 0.22 -8.80 12.75
C LEU J 25 1.57 -8.76 13.45
N VAL J 26 1.86 -9.76 14.27
CA VAL J 26 3.14 -9.77 14.98
C VAL J 26 4.31 -9.78 14.01
N LEU J 27 4.28 -10.71 13.05
CA LEU J 27 5.35 -10.74 12.05
C LEU J 27 5.47 -9.41 11.33
N ALA J 28 4.33 -8.83 10.96
CA ALA J 28 4.34 -7.49 10.40
C ALA J 28 4.93 -6.51 11.40
N LEU J 29 4.35 -6.46 12.60
CA LEU J 29 4.88 -5.60 13.65
C LEU J 29 6.37 -5.81 13.84
N LEU J 30 6.84 -7.03 13.62
CA LEU J 30 8.27 -7.29 13.72
C LEU J 30 9.00 -6.90 12.44
N PHE J 31 8.46 -7.23 11.28
CA PHE J 31 9.12 -6.95 10.01
C PHE J 31 8.77 -5.62 9.39
N SER J 32 7.78 -4.90 9.91
CA SER J 32 7.53 -3.58 9.35
C SER J 32 8.69 -2.65 9.60
N SER J 33 9.37 -2.82 10.74
CA SER J 33 10.48 -1.93 11.08
C SER J 33 11.58 -1.99 10.03
N TYR J 34 11.83 -3.18 9.48
CA TYR J 34 12.88 -3.31 8.48
C TYR J 34 12.41 -2.85 7.11
N PHE J 35 11.14 -3.06 6.79
CA PHE J 35 10.65 -2.69 5.47
C PHE J 35 10.73 -1.19 5.26
N PHE J 36 10.42 -0.40 6.29
CA PHE J 36 10.70 1.01 6.21
C PHE J 36 12.20 1.26 6.09
N ASN J 37 12.98 0.61 6.94
CA ASN J 37 14.44 0.68 6.88
C ASN J 37 14.96 2.11 7.10
N MET K 1 11.90 11.03 9.10
CA MET K 1 13.23 10.73 8.59
C MET K 1 13.13 9.96 7.29
N GLU K 2 14.26 9.83 6.57
CA GLU K 2 14.24 9.16 5.29
C GLU K 2 14.01 7.65 5.47
N VAL K 3 13.46 7.04 4.43
CA VAL K 3 12.88 5.72 4.54
C VAL K 3 12.84 5.09 3.16
N ASN K 4 12.74 3.77 3.12
CA ASN K 4 12.38 3.12 1.87
C ASN K 4 11.00 3.60 1.45
N GLN K 5 10.91 4.12 0.22
CA GLN K 5 9.68 4.79 -0.20
C GLN K 5 8.54 3.80 -0.35
N LEU K 6 8.83 2.61 -0.85
CA LEU K 6 7.82 1.60 -1.10
C LEU K 6 7.63 0.65 0.07
N GLY K 7 8.48 0.71 1.07
CA GLY K 7 8.43 -0.23 2.17
C GLY K 7 7.07 -0.30 2.85
N LEU K 8 6.27 0.75 2.73
CA LEU K 8 4.97 0.76 3.40
C LEU K 8 4.02 -0.24 2.77
N ILE K 9 4.00 -0.33 1.44
CA ILE K 9 3.13 -1.29 0.78
C ILE K 9 3.44 -2.70 1.25
N ALA K 10 4.71 -2.97 1.50
CA ALA K 10 5.13 -4.28 2.00
C ALA K 10 4.28 -4.70 3.19
N THR K 11 4.31 -3.92 4.27
CA THR K 11 3.50 -4.22 5.44
C THR K 11 2.05 -4.47 5.07
N ALA K 12 1.43 -3.52 4.37
CA ALA K 12 -0.01 -3.60 4.08
C ALA K 12 -0.36 -4.92 3.43
N LEU K 13 0.32 -5.28 2.34
CA LEU K 13 0.03 -6.55 1.69
C LEU K 13 0.39 -7.71 2.60
N PHE K 14 1.51 -7.61 3.31
CA PHE K 14 1.89 -8.70 4.20
C PHE K 14 0.93 -8.79 5.37
N VAL K 15 0.31 -7.69 5.78
CA VAL K 15 -0.73 -7.76 6.79
C VAL K 15 -2.02 -8.28 6.20
N LEU K 16 -2.51 -7.64 5.15
CA LEU K 16 -3.89 -7.87 4.72
C LEU K 16 -4.05 -9.22 4.06
N VAL K 17 -3.24 -9.52 3.04
CA VAL K 17 -3.44 -10.73 2.25
C VAL K 17 -3.42 -11.98 3.12
N PRO K 18 -2.44 -12.19 3.99
CA PRO K 18 -2.54 -13.34 4.90
C PRO K 18 -3.72 -13.24 5.83
N SER K 19 -3.97 -12.06 6.40
CA SER K 19 -5.14 -11.85 7.23
C SER K 19 -6.40 -12.23 6.48
N VAL K 20 -6.69 -11.51 5.39
CA VAL K 20 -7.89 -11.75 4.60
C VAL K 20 -8.05 -13.24 4.32
N PHE K 21 -6.98 -13.88 3.85
CA PHE K 21 -7.07 -15.29 3.53
C PHE K 21 -7.51 -16.13 4.71
N LEU K 22 -7.28 -15.65 5.93
CA LEU K 22 -7.79 -16.38 7.07
C LEU K 22 -9.26 -16.06 7.32
N ILE K 23 -9.65 -14.82 7.10
CA ILE K 23 -11.05 -14.46 7.25
C ILE K 23 -11.91 -15.26 6.28
N ILE K 24 -11.58 -15.17 4.99
CA ILE K 24 -12.43 -15.79 3.97
C ILE K 24 -12.67 -17.24 4.30
N LEU K 25 -11.62 -17.96 4.66
CA LEU K 25 -11.83 -19.34 5.09
C LEU K 25 -12.74 -19.40 6.29
N TYR K 26 -12.56 -18.48 7.24
CA TYR K 26 -13.35 -18.54 8.46
C TYR K 26 -14.83 -18.28 8.19
N VAL K 27 -15.13 -17.16 7.54
CA VAL K 27 -16.53 -16.81 7.29
C VAL K 27 -17.24 -17.95 6.61
N GLN K 28 -16.56 -18.64 5.70
CA GLN K 28 -17.09 -19.87 5.15
C GLN K 28 -17.52 -20.82 6.25
N THR K 29 -16.57 -21.24 7.08
CA THR K 29 -16.85 -22.16 8.17
C THR K 29 -18.06 -21.71 8.98
N GLU K 30 -18.18 -20.41 9.23
CA GLU K 30 -19.35 -19.91 9.93
C GLU K 30 -20.62 -20.22 9.17
N SER K 31 -20.55 -20.29 7.84
CA SER K 31 -21.74 -20.56 7.04
C SER K 31 -22.05 -22.03 6.92
N GLN K 32 -21.13 -22.92 7.31
CA GLN K 32 -21.40 -24.34 7.25
C GLN K 32 -22.66 -24.67 8.03
N GLN K 33 -23.41 -25.63 7.49
CA GLN K 33 -24.79 -26.01 7.84
C GLN K 33 -25.77 -25.24 6.96
N MET L 1 3.49 9.12 8.92
CA MET L 1 3.61 7.98 8.02
C MET L 1 4.28 6.80 8.70
N GLU L 2 5.57 6.94 8.95
CA GLU L 2 6.34 5.85 9.54
C GLU L 2 5.71 5.39 10.83
N THR L 3 5.69 6.26 11.83
CA THR L 3 5.15 5.88 13.14
C THR L 3 3.71 5.43 13.04
N ILE L 4 2.89 6.15 12.27
CA ILE L 4 1.46 5.93 12.34
C ILE L 4 1.08 4.53 11.87
N THR L 5 1.96 3.86 11.14
CA THR L 5 1.69 2.47 10.81
C THR L 5 1.86 1.58 12.02
N TYR L 6 2.91 1.83 12.81
CA TYR L 6 3.18 0.98 13.97
C TYR L 6 2.03 1.02 14.95
N VAL L 7 1.60 2.22 15.32
CA VAL L 7 0.47 2.35 16.23
C VAL L 7 -0.73 1.61 15.68
N PHE L 8 -0.99 1.76 14.38
CA PHE L 8 -2.08 1.02 13.76
C PHE L 8 -1.92 -0.48 13.95
N ILE L 9 -0.77 -1.01 13.52
CA ILE L 9 -0.51 -2.44 13.69
C ILE L 9 -0.63 -2.83 15.13
N PHE L 10 -0.01 -2.06 16.02
CA PHE L 10 -0.09 -2.36 17.44
C PHE L 10 -1.51 -2.20 17.97
N ALA L 11 -2.31 -1.33 17.37
CA ALA L 11 -3.69 -1.18 17.83
C ALA L 11 -4.46 -2.47 17.60
N CYS L 12 -4.45 -2.97 16.37
CA CYS L 12 -5.24 -4.14 16.04
C CYS L 12 -4.87 -5.34 16.92
N ILE L 13 -3.63 -5.39 17.40
CA ILE L 13 -3.28 -6.39 18.40
C ILE L 13 -4.21 -6.28 19.60
N ILE L 14 -4.24 -5.10 20.22
CA ILE L 14 -5.11 -4.91 21.37
C ILE L 14 -6.55 -5.19 21.00
N ALA L 15 -7.01 -4.62 19.89
CA ALA L 15 -8.36 -4.90 19.42
C ALA L 15 -8.57 -6.38 19.18
N LEU L 16 -7.52 -7.16 19.02
CA LEU L 16 -7.67 -8.60 19.00
C LEU L 16 -7.80 -9.17 20.40
N PHE L 17 -6.91 -8.77 21.30
CA PHE L 17 -6.92 -9.26 22.68
C PHE L 17 -8.29 -9.16 23.31
N PHE L 18 -8.72 -7.92 23.59
CA PHE L 18 -10.05 -7.72 24.14
C PHE L 18 -11.08 -8.50 23.37
N PHE L 19 -10.88 -8.64 22.08
CA PHE L 19 -11.86 -9.32 21.26
C PHE L 19 -11.74 -10.83 21.42
N ALA L 20 -10.53 -11.33 21.56
CA ALA L 20 -10.33 -12.78 21.64
C ALA L 20 -10.55 -13.33 23.03
N ILE L 21 -10.48 -12.49 24.06
CA ILE L 21 -10.70 -12.99 25.40
C ILE L 21 -12.17 -13.21 25.68
N PHE L 22 -12.98 -12.20 25.41
CA PHE L 22 -14.38 -12.23 25.83
C PHE L 22 -15.27 -12.97 24.83
N PHE L 23 -14.95 -12.92 23.55
CA PHE L 23 -15.85 -13.42 22.52
C PHE L 23 -15.55 -14.84 22.09
N ARG L 24 -14.63 -15.53 22.75
CA ARG L 24 -14.36 -16.91 22.37
C ARG L 24 -15.59 -17.77 22.65
N GLU L 25 -15.80 -18.74 21.76
CA GLU L 25 -16.93 -19.69 21.91
C GLU L 25 -16.56 -20.61 23.07
N PRO L 26 -17.38 -20.69 24.16
CA PRO L 26 -17.02 -21.54 25.28
C PRO L 26 -16.95 -22.99 24.82
N PRO L 27 -15.88 -23.74 25.19
CA PRO L 27 -15.75 -25.14 24.81
C PRO L 27 -16.53 -25.94 25.85
N ARG L 28 -17.81 -26.24 25.58
CA ARG L 28 -18.62 -26.93 26.56
C ARG L 28 -18.17 -28.38 26.72
N ILE L 29 -18.49 -28.95 27.87
CA ILE L 29 -18.13 -30.32 28.20
C ILE L 29 -19.07 -31.27 27.47
N THR L 30 -18.59 -32.48 27.20
CA THR L 30 -19.34 -33.52 26.52
C THR L 30 -19.75 -33.08 25.12
N MET M 1 54.79 -25.78 81.17
CA MET M 1 54.47 -27.21 81.08
C MET M 1 53.35 -27.47 80.10
N THR M 2 53.21 -26.59 79.11
CA THR M 2 52.11 -26.70 78.15
C THR M 2 52.08 -28.08 77.49
N ILE M 3 53.22 -28.73 77.33
CA ILE M 3 53.23 -30.09 76.77
C ILE M 3 52.49 -31.05 77.69
N LEU M 4 52.78 -30.99 78.99
CA LEU M 4 51.99 -31.73 79.96
C LEU M 4 50.51 -31.48 79.75
N PHE M 5 50.13 -30.22 79.52
CA PHE M 5 48.75 -29.89 79.25
C PHE M 5 48.33 -30.39 77.87
N GLN M 6 49.12 -30.07 76.85
CA GLN M 6 48.72 -30.36 75.48
C GLN M 6 48.38 -31.83 75.30
N LEU M 7 49.08 -32.72 76.01
CA LEU M 7 48.70 -34.13 76.01
C LEU M 7 47.35 -34.30 76.68
N ALA M 8 47.11 -33.62 77.80
CA ALA M 8 45.79 -33.67 78.43
C ALA M 8 44.74 -32.99 77.57
N LEU M 9 45.14 -31.97 76.80
CA LEU M 9 44.22 -31.33 75.88
C LEU M 9 43.71 -32.31 74.84
N ALA M 10 44.64 -32.94 74.11
CA ALA M 10 44.24 -33.94 73.14
C ALA M 10 43.47 -35.09 73.79
N ALA M 11 43.74 -35.35 75.07
CA ALA M 11 43.00 -36.40 75.77
C ALA M 11 41.53 -36.07 75.87
N LEU M 12 41.18 -34.78 75.84
CA LEU M 12 39.78 -34.40 75.76
C LEU M 12 39.16 -34.91 74.47
N VAL M 13 39.75 -34.55 73.33
CA VAL M 13 39.17 -34.93 72.05
C VAL M 13 39.12 -36.44 71.91
N ILE M 14 40.22 -37.12 72.23
CA ILE M 14 40.27 -38.58 72.15
C ILE M 14 39.11 -39.19 72.92
N LEU M 15 38.90 -38.72 74.14
CA LEU M 15 37.80 -39.25 74.94
C LEU M 15 36.46 -38.73 74.43
N SER M 16 36.42 -37.48 73.98
CA SER M 16 35.19 -36.93 73.42
C SER M 16 34.82 -37.65 72.13
N PHE M 17 35.76 -37.73 71.19
CA PHE M 17 35.50 -38.26 69.87
C PHE M 17 34.95 -39.68 69.92
N VAL M 18 35.33 -40.45 70.94
CA VAL M 18 34.74 -41.78 71.10
C VAL M 18 33.33 -41.69 71.65
N MET M 19 33.13 -40.84 72.68
CA MET M 19 31.78 -40.60 73.17
C MET M 19 30.91 -40.00 72.08
N VAL M 20 31.51 -39.31 71.11
CA VAL M 20 30.77 -38.90 69.93
C VAL M 20 30.19 -40.12 69.22
N ILE M 21 30.96 -41.20 69.17
CA ILE M 21 30.43 -42.44 68.61
C ILE M 21 29.56 -43.17 69.63
N GLY M 22 30.01 -43.20 70.89
CA GLY M 22 29.36 -44.07 71.86
C GLY M 22 27.95 -43.65 72.20
N VAL M 23 27.73 -42.36 72.43
CA VAL M 23 26.42 -41.89 72.87
C VAL M 23 25.31 -42.28 71.89
N PRO M 24 25.41 -41.96 70.58
CA PRO M 24 24.34 -42.39 69.68
C PRO M 24 24.17 -43.88 69.63
N VAL M 25 25.28 -44.63 69.51
CA VAL M 25 25.20 -46.07 69.47
C VAL M 25 24.56 -46.61 70.75
N ALA M 26 24.80 -45.94 71.88
CA ALA M 26 24.12 -46.32 73.12
C ALA M 26 22.61 -46.26 72.94
N TYR M 27 22.12 -45.30 72.16
CA TYR M 27 20.70 -45.21 71.89
C TYR M 27 20.29 -46.01 70.67
N ALA M 28 21.24 -46.54 69.91
CA ALA M 28 20.91 -47.19 68.64
C ALA M 28 20.04 -48.42 68.85
N SER M 29 20.54 -49.39 69.61
CA SER M 29 19.75 -50.58 69.92
C SER M 29 19.09 -50.37 71.27
N PRO M 30 17.79 -50.11 71.34
CA PRO M 30 17.16 -49.84 72.63
C PRO M 30 17.29 -50.98 73.61
N GLN M 31 17.58 -52.19 73.14
CA GLN M 31 17.84 -53.28 74.06
C GLN M 31 19.08 -52.95 74.89
N ASP M 32 18.89 -52.93 76.21
CA ASP M 32 19.97 -52.63 77.16
C ASP M 32 20.59 -51.27 76.87
N TRP M 33 19.86 -50.40 76.17
CA TRP M 33 20.33 -49.04 75.91
C TRP M 33 20.55 -48.30 77.21
N ASP M 34 19.46 -47.97 77.90
CA ASP M 34 19.55 -47.38 79.22
C ASP M 34 19.69 -48.43 80.31
N ARG M 35 19.41 -49.70 79.99
CA ARG M 35 19.59 -50.76 80.97
C ARG M 35 21.06 -51.07 81.20
N SER M 36 21.79 -51.39 80.13
CA SER M 36 23.18 -51.79 80.31
C SER M 36 24.11 -50.59 80.45
N LYS M 37 23.77 -49.45 79.84
CA LYS M 37 24.70 -48.33 79.77
C LYS M 37 24.30 -47.30 80.83
N GLN M 38 25.09 -47.26 81.91
CA GLN M 38 25.22 -46.08 82.74
C GLN M 38 26.47 -45.30 82.40
N LEU M 39 27.27 -45.80 81.46
CA LEU M 39 28.57 -45.20 81.14
C LEU M 39 28.43 -43.73 80.78
N ILE M 40 27.29 -43.33 80.25
CA ILE M 40 27.03 -41.91 80.04
C ILE M 40 27.25 -41.15 81.34
N PHE M 41 26.42 -41.46 82.35
CA PHE M 41 26.63 -40.85 83.66
C PHE M 41 28.03 -41.11 84.19
N LEU M 42 28.66 -42.18 83.75
CA LEU M 42 30.05 -42.43 84.13
C LEU M 42 31.01 -41.61 83.28
N GLY M 43 30.78 -41.56 81.97
CA GLY M 43 31.64 -40.80 81.08
C GLY M 43 31.38 -39.31 81.08
N SER M 44 30.11 -38.91 81.05
CA SER M 44 29.76 -37.50 80.93
C SER M 44 30.27 -36.71 82.12
N GLY M 45 29.89 -37.13 83.34
CA GLY M 45 30.38 -36.47 84.53
C GLY M 45 31.89 -36.41 84.60
N LEU M 46 32.56 -37.43 84.04
CA LEU M 46 34.00 -37.35 83.88
C LEU M 46 34.41 -36.52 82.67
N TRP M 47 33.53 -36.43 81.66
CA TRP M 47 33.86 -35.67 80.46
C TRP M 47 33.82 -34.17 80.73
N ILE M 48 32.82 -33.71 81.47
CA ILE M 48 32.67 -32.28 81.72
C ILE M 48 33.91 -31.74 82.42
N ALA M 49 34.44 -32.50 83.38
CA ALA M 49 35.64 -32.06 84.08
C ALA M 49 36.81 -31.90 83.12
N LEU M 50 36.86 -32.71 82.06
CA LEU M 50 37.92 -32.59 81.06
C LEU M 50 37.84 -31.30 80.27
N VAL M 51 36.74 -30.54 80.41
CA VAL M 51 36.69 -29.22 79.82
C VAL M 51 37.37 -28.21 80.72
N LEU M 52 37.13 -28.29 82.03
CA LEU M 52 37.66 -27.29 82.95
C LEU M 52 39.17 -27.30 83.00
N VAL M 53 39.79 -28.44 82.71
CA VAL M 53 41.25 -28.46 82.70
C VAL M 53 41.79 -27.58 81.58
N VAL M 54 41.03 -27.42 80.51
CA VAL M 54 41.49 -26.66 79.35
C VAL M 54 41.81 -25.22 79.74
N GLY M 55 40.78 -24.44 80.02
CA GLY M 55 40.96 -23.00 80.11
C GLY M 55 41.68 -22.56 81.37
N VAL M 56 41.19 -23.01 82.53
CA VAL M 56 41.72 -22.52 83.81
C VAL M 56 43.21 -22.78 83.89
N LEU M 57 43.66 -23.87 83.29
CA LEU M 57 45.08 -24.18 83.26
C LEU M 57 45.78 -23.28 82.25
N ASN M 58 45.22 -23.16 81.05
CA ASN M 58 45.85 -22.39 79.99
C ASN M 58 45.92 -20.91 80.34
N PHE M 59 44.92 -20.40 81.06
CA PHE M 59 44.98 -19.03 81.55
C PHE M 59 46.27 -18.79 82.33
N PHE M 60 46.69 -19.77 83.13
CA PHE M 60 48.01 -19.71 83.75
C PHE M 60 49.10 -20.20 82.82
N VAL M 61 48.82 -21.19 81.96
CA VAL M 61 49.86 -21.75 81.11
C VAL M 61 50.27 -20.75 80.03
N VAL M 62 49.31 -20.26 79.26
CA VAL M 62 49.63 -19.36 78.16
C VAL M 62 49.01 -17.99 78.37
N ASN N 3 -16.09 -35.96 -44.89
CA ASN N 3 -15.14 -35.02 -45.47
C ASN N 3 -14.63 -34.11 -44.37
N LEU N 4 -13.47 -33.50 -44.60
CA LEU N 4 -12.97 -32.55 -43.62
C LEU N 4 -13.67 -31.21 -43.74
N TRP N 5 -13.72 -30.66 -44.95
CA TRP N 5 -14.35 -29.36 -45.19
C TRP N 5 -15.79 -29.37 -44.72
N GLU N 6 -16.61 -30.18 -45.38
CA GLU N 6 -18.03 -30.27 -45.06
C GLU N 6 -18.24 -30.44 -43.56
N ARG N 7 -17.33 -31.14 -42.89
CA ARG N 7 -17.39 -31.21 -41.44
C ARG N 7 -16.92 -29.92 -40.80
N PHE N 8 -15.82 -29.36 -41.29
CA PHE N 8 -15.32 -28.10 -40.74
C PHE N 8 -16.33 -26.98 -40.90
N CYS N 9 -16.83 -26.80 -42.13
CA CYS N 9 -17.87 -25.81 -42.37
C CYS N 9 -19.00 -25.96 -41.38
N ASN N 10 -19.40 -27.20 -41.09
CA ASN N 10 -20.43 -27.43 -40.11
C ASN N 10 -20.01 -26.97 -38.72
N TRP N 11 -18.72 -26.92 -38.43
CA TRP N 11 -18.31 -26.49 -37.10
C TRP N 11 -18.34 -24.99 -36.95
N VAL N 12 -17.86 -24.25 -37.94
CA VAL N 12 -17.90 -22.79 -37.86
C VAL N 12 -19.34 -22.33 -37.68
N THR N 13 -20.21 -22.74 -38.58
CA THR N 13 -21.61 -22.36 -38.51
C THR N 13 -22.27 -22.83 -37.22
N SER N 14 -21.75 -23.89 -36.61
CA SER N 14 -22.47 -24.55 -35.53
C SER N 14 -22.77 -23.59 -34.38
N THR N 15 -23.94 -23.77 -33.78
CA THR N 15 -24.42 -22.89 -32.72
C THR N 15 -24.01 -23.38 -31.33
N ASP N 16 -23.53 -24.61 -31.21
CA ASP N 16 -23.18 -25.15 -29.91
C ASP N 16 -22.01 -24.43 -29.25
N ASN N 17 -21.27 -23.60 -29.99
CA ASN N 17 -20.10 -22.95 -29.44
C ASN N 17 -20.49 -21.96 -28.35
N ARG N 18 -19.65 -21.85 -27.33
CA ARG N 18 -19.91 -20.87 -26.29
C ARG N 18 -19.80 -19.45 -26.83
N LEU N 19 -18.98 -19.23 -27.84
CA LEU N 19 -19.01 -17.99 -28.60
C LEU N 19 -19.25 -18.33 -30.06
N TYR N 20 -20.35 -17.81 -30.61
CA TYR N 20 -20.67 -18.08 -32.00
C TYR N 20 -19.68 -17.36 -32.89
N VAL N 21 -19.02 -18.12 -33.75
CA VAL N 21 -18.22 -17.55 -34.82
C VAL N 21 -18.88 -17.92 -36.13
N GLY N 22 -19.52 -16.95 -36.75
CA GLY N 22 -20.05 -17.12 -38.07
C GLY N 22 -18.94 -16.94 -39.09
N TRP N 23 -19.34 -16.91 -40.35
CA TRP N 23 -18.34 -16.69 -41.38
C TRP N 23 -17.72 -15.31 -41.25
N PHE N 24 -18.48 -14.34 -40.78
CA PHE N 24 -17.89 -13.05 -40.47
C PHE N 24 -16.87 -13.17 -39.36
N GLY N 25 -17.10 -14.08 -38.42
CA GLY N 25 -16.11 -14.31 -37.38
C GLY N 25 -14.76 -14.71 -37.95
N VAL N 26 -14.74 -15.28 -39.16
CA VAL N 26 -13.47 -15.66 -39.74
C VAL N 26 -12.62 -14.44 -40.02
N ILE N 27 -13.25 -13.33 -40.41
CA ILE N 27 -12.50 -12.08 -40.40
C ILE N 27 -12.45 -11.49 -39.01
N MET N 28 -13.60 -11.40 -38.35
CA MET N 28 -13.70 -10.63 -37.12
C MET N 28 -12.68 -11.06 -36.08
N ILE N 29 -12.65 -12.35 -35.76
CA ILE N 29 -11.85 -12.82 -34.65
C ILE N 29 -10.38 -12.50 -34.88
N PRO N 30 -9.76 -12.92 -35.98
CA PRO N 30 -8.33 -12.63 -36.14
C PRO N 30 -8.03 -11.15 -36.21
N THR N 31 -8.86 -10.35 -36.88
CA THR N 31 -8.51 -8.95 -37.01
C THR N 31 -8.57 -8.22 -35.66
N LEU N 32 -9.66 -8.38 -34.92
CA LEU N 32 -9.78 -7.72 -33.64
C LEU N 32 -8.71 -8.21 -32.68
N LEU N 33 -8.58 -9.53 -32.56
CA LEU N 33 -7.51 -10.09 -31.75
C LEU N 33 -6.16 -9.57 -32.20
N ALA N 34 -6.01 -9.25 -33.49
CA ALA N 34 -4.78 -8.61 -33.94
C ALA N 34 -4.77 -7.13 -33.65
N ALA N 35 -5.94 -6.48 -33.64
CA ALA N 35 -5.97 -5.07 -33.27
C ALA N 35 -5.58 -4.89 -31.82
N THR N 36 -6.27 -5.59 -30.92
CA THR N 36 -6.02 -5.43 -29.49
C THR N 36 -4.56 -5.67 -29.15
N ILE N 37 -4.00 -6.78 -29.61
CA ILE N 37 -2.61 -7.09 -29.29
C ILE N 37 -1.70 -5.97 -29.74
N CYS N 38 -1.84 -5.54 -30.99
CA CYS N 38 -1.02 -4.42 -31.45
C CYS N 38 -1.48 -3.10 -30.85
N PHE N 39 -2.63 -3.08 -30.19
CA PHE N 39 -3.06 -1.86 -29.50
C PHE N 39 -2.42 -1.74 -28.13
N VAL N 40 -2.83 -2.60 -27.20
CA VAL N 40 -2.41 -2.51 -25.81
C VAL N 40 -0.91 -2.36 -25.71
N ILE N 41 -0.18 -3.11 -26.53
CA ILE N 41 1.27 -2.94 -26.58
C ILE N 41 1.62 -1.52 -27.02
N ALA N 42 1.15 -1.13 -28.19
CA ALA N 42 1.47 0.20 -28.70
C ALA N 42 1.01 1.27 -27.74
N PHE N 43 -0.10 1.05 -27.05
CA PHE N 43 -0.54 2.01 -26.05
C PHE N 43 0.45 2.07 -24.90
N ILE N 44 0.96 0.92 -24.46
CA ILE N 44 1.91 0.91 -23.36
C ILE N 44 3.27 1.45 -23.80
N ALA N 45 3.86 0.84 -24.83
CA ALA N 45 5.16 1.31 -25.33
C ALA N 45 4.98 1.83 -26.75
N ALA N 46 4.95 3.15 -26.87
CA ALA N 46 4.99 3.84 -28.16
C ALA N 46 6.19 4.76 -28.14
N PRO N 47 7.14 4.64 -29.06
CA PRO N 47 8.14 5.68 -29.21
C PRO N 47 7.46 7.02 -29.39
N PRO N 48 8.11 8.09 -29.06
CA PRO N 48 7.45 9.40 -29.09
C PRO N 48 7.03 9.77 -30.49
N VAL N 49 5.90 9.19 -30.93
CA VAL N 49 5.41 9.40 -32.28
C VAL N 49 5.39 10.88 -32.59
N ASP N 50 5.81 11.22 -33.80
CA ASP N 50 5.91 12.60 -34.24
C ASP N 50 4.75 12.92 -35.17
N ILE N 51 4.02 13.98 -34.85
CA ILE N 51 2.96 14.43 -35.75
C ILE N 51 3.52 15.25 -36.91
N ASP N 52 4.50 16.09 -36.64
CA ASP N 52 5.13 16.89 -37.70
C ASP N 52 6.63 16.71 -37.60
N GLY N 53 7.25 16.24 -38.68
CA GLY N 53 8.67 15.94 -38.69
C GLY N 53 9.52 17.17 -38.44
N ILE N 54 8.87 18.33 -38.34
CA ILE N 54 9.56 19.60 -38.15
C ILE N 54 10.18 19.71 -36.77
N ARG N 55 9.42 19.37 -35.74
CA ARG N 55 9.79 19.88 -34.43
C ARG N 55 9.56 18.85 -33.37
N GLU N 56 8.27 18.55 -33.19
CA GLU N 56 7.76 18.17 -31.90
C GLU N 56 7.36 16.69 -31.87
N PRO N 57 8.15 15.83 -31.24
CA PRO N 57 7.67 14.48 -30.99
C PRO N 57 6.68 14.49 -29.84
N VAL N 58 5.68 13.63 -29.93
CA VAL N 58 4.65 13.53 -28.91
C VAL N 58 4.70 12.14 -28.31
N SER N 59 4.75 12.07 -26.99
CA SER N 59 4.73 10.80 -26.29
C SER N 59 3.33 10.62 -25.74
N GLY N 60 2.57 9.71 -26.34
CA GLY N 60 1.29 9.36 -25.80
C GLY N 60 1.36 7.99 -25.18
N SER N 61 2.56 7.42 -25.18
CA SER N 61 2.74 6.07 -24.65
C SER N 61 2.55 6.05 -23.15
N LEU N 62 2.28 4.86 -22.64
CA LEU N 62 2.04 4.72 -21.22
C LEU N 62 3.33 4.64 -20.42
N LEU N 63 4.40 4.09 -21.01
CA LEU N 63 5.66 3.99 -20.27
C LEU N 63 6.20 5.35 -19.89
N TYR N 64 5.97 6.36 -20.72
CA TYR N 64 6.51 7.68 -20.42
C TYR N 64 5.45 8.43 -19.64
N GLY N 65 5.60 8.49 -18.33
CA GLY N 65 4.95 9.47 -17.48
C GLY N 65 3.49 9.80 -17.78
N ASN N 66 2.70 8.83 -18.22
CA ASN N 66 1.33 9.12 -18.64
C ASN N 66 0.34 8.33 -17.82
N ASN N 67 -0.59 9.02 -17.20
CA ASN N 67 -1.76 8.37 -16.66
C ASN N 67 -2.60 7.82 -17.80
N ILE N 68 -3.50 6.89 -17.46
CA ILE N 68 -4.45 6.43 -18.47
C ILE N 68 -5.12 7.61 -19.13
N ILE N 69 -5.42 8.64 -18.35
CA ILE N 69 -6.10 9.81 -18.88
C ILE N 69 -5.28 10.45 -19.98
N THR N 70 -4.01 10.73 -19.71
CA THR N 70 -3.19 11.42 -20.69
C THR N 70 -2.70 10.51 -21.81
N GLY N 71 -2.62 9.21 -21.57
CA GLY N 71 -2.02 8.32 -22.54
C GLY N 71 -2.93 8.08 -23.72
N ALA N 72 -2.34 8.08 -24.91
CA ALA N 72 -3.10 7.78 -26.10
C ALA N 72 -2.12 7.35 -27.19
N VAL N 73 -2.66 6.69 -28.21
CA VAL N 73 -1.88 6.35 -29.39
C VAL N 73 -1.92 7.54 -30.33
N VAL N 74 -0.78 8.13 -30.60
CA VAL N 74 -0.75 9.29 -31.49
C VAL N 74 -1.14 8.85 -32.89
N PRO N 75 -1.95 9.61 -33.60
CA PRO N 75 -2.23 9.24 -35.00
C PRO N 75 -1.03 9.47 -35.89
N SER N 76 -1.15 9.12 -37.17
CA SER N 76 -0.02 9.24 -38.07
C SER N 76 0.33 10.70 -38.31
N SER N 77 1.55 10.93 -38.78
CA SER N 77 2.02 12.29 -38.98
C SER N 77 1.36 12.93 -40.19
N ASN N 78 1.65 14.22 -40.39
CA ASN N 78 1.30 14.84 -41.66
C ASN N 78 2.30 14.50 -42.74
N ALA N 79 3.57 14.33 -42.35
CA ALA N 79 4.58 13.94 -43.34
C ALA N 79 4.17 12.68 -44.07
N ILE N 80 3.56 11.74 -43.36
CA ILE N 80 3.08 10.54 -44.03
C ILE N 80 1.84 10.84 -44.83
N GLY N 81 1.15 11.95 -44.52
CA GLY N 81 -0.07 12.26 -45.23
C GLY N 81 -1.09 11.16 -45.04
N LEU N 82 -1.84 10.90 -46.10
CA LEU N 82 -2.86 9.86 -46.08
C LEU N 82 -2.39 8.55 -46.69
N HIS N 83 -1.13 8.48 -47.10
CA HIS N 83 -0.64 7.29 -47.77
C HIS N 83 -0.84 6.03 -46.94
N PHE N 84 -1.25 4.98 -47.61
CA PHE N 84 -1.20 3.66 -47.01
C PHE N 84 0.24 3.37 -46.61
N TYR N 85 0.45 3.06 -45.34
CA TYR N 85 1.79 3.04 -44.77
C TYR N 85 1.96 1.79 -43.92
N PRO N 86 2.03 0.65 -44.55
CA PRO N 86 2.19 -0.59 -43.79
C PRO N 86 3.59 -0.74 -43.25
N ILE N 87 3.87 -1.86 -42.61
CA ILE N 87 5.20 -2.15 -42.09
C ILE N 87 6.23 -2.11 -43.20
N TRP N 88 6.12 -3.07 -44.12
CA TRP N 88 7.20 -3.29 -45.09
C TRP N 88 7.46 -2.07 -45.95
N GLU N 89 6.43 -1.30 -46.26
CA GLU N 89 6.63 -0.12 -47.09
C GLU N 89 7.53 0.88 -46.38
N ALA N 90 7.42 0.98 -45.07
CA ALA N 90 8.31 1.86 -44.31
C ALA N 90 9.73 1.33 -44.36
N ALA N 91 10.69 2.26 -44.35
CA ALA N 91 12.09 1.89 -44.51
C ALA N 91 12.59 1.02 -43.36
N SER N 92 12.53 1.55 -42.14
CA SER N 92 13.01 0.84 -40.96
C SER N 92 11.86 0.64 -39.98
N LEU N 93 11.99 -0.38 -39.15
CA LEU N 93 10.98 -0.61 -38.13
C LEU N 93 10.79 0.64 -37.29
N ASP N 94 11.88 1.13 -36.69
CA ASP N 94 11.78 2.35 -35.91
C ASP N 94 11.29 3.51 -36.74
N GLU N 95 11.57 3.49 -38.04
CA GLU N 95 10.97 4.49 -38.91
C GLU N 95 9.47 4.34 -38.95
N TRP N 96 8.99 3.10 -38.99
CA TRP N 96 7.55 2.88 -39.07
C TRP N 96 6.84 3.29 -37.79
N LEU N 97 7.53 3.21 -36.65
CA LEU N 97 6.92 3.66 -35.41
C LEU N 97 7.01 5.17 -35.28
N TYR N 98 8.16 5.74 -35.66
CA TYR N 98 8.37 7.16 -35.41
C TYR N 98 7.42 8.02 -36.21
N ASN N 99 6.92 7.51 -37.33
CA ASN N 99 5.97 8.24 -38.16
C ASN N 99 4.53 7.91 -37.83
N GLY N 100 4.28 7.17 -36.77
CA GLY N 100 2.91 6.89 -36.38
C GLY N 100 2.27 5.76 -37.14
N GLY N 101 3.02 4.72 -37.43
CA GLY N 101 2.47 3.52 -38.01
C GLY N 101 1.35 2.91 -37.19
N PRO N 102 1.60 2.56 -35.92
CA PRO N 102 0.64 1.73 -35.20
C PRO N 102 -0.75 2.27 -35.17
N TYR N 103 -0.91 3.59 -35.25
CA TYR N 103 -2.24 4.14 -35.44
C TYR N 103 -2.86 3.61 -36.71
N GLN N 104 -2.28 3.94 -37.86
CA GLN N 104 -2.82 3.51 -39.13
C GLN N 104 -3.00 2.00 -39.19
N LEU N 105 -2.27 1.25 -38.37
CA LEU N 105 -2.47 -0.18 -38.35
C LEU N 105 -3.68 -0.57 -37.54
N ILE N 106 -3.91 0.08 -36.41
CA ILE N 106 -5.01 -0.36 -35.55
C ILE N 106 -6.34 -0.06 -36.19
N ILE N 107 -6.53 1.16 -36.68
CA ILE N 107 -7.86 1.56 -37.11
C ILE N 107 -8.32 0.75 -38.30
N PHE N 108 -7.40 0.37 -39.20
CA PHE N 108 -7.78 -0.50 -40.30
C PHE N 108 -8.28 -1.84 -39.78
N HIS N 109 -7.46 -2.54 -39.00
CA HIS N 109 -7.94 -3.80 -38.49
C HIS N 109 -9.15 -3.62 -37.58
N PHE N 110 -9.24 -2.49 -36.89
CA PHE N 110 -10.38 -2.26 -36.04
C PHE N 110 -11.65 -2.08 -36.87
N LEU N 111 -11.65 -1.10 -37.77
CA LEU N 111 -12.80 -0.86 -38.63
C LEU N 111 -13.20 -2.13 -39.36
N LEU N 112 -12.31 -2.63 -40.21
CA LEU N 112 -12.58 -3.86 -40.93
C LEU N 112 -12.96 -4.98 -39.99
N GLY N 113 -12.57 -4.89 -38.73
CA GLY N 113 -13.11 -5.76 -37.72
C GLY N 113 -14.50 -5.34 -37.28
N ALA N 114 -14.70 -4.04 -37.12
CA ALA N 114 -16.00 -3.57 -36.65
C ALA N 114 -17.09 -3.90 -37.65
N SER N 115 -16.81 -3.75 -38.95
CA SER N 115 -17.81 -4.08 -39.95
C SER N 115 -18.24 -5.54 -39.82
N CYS N 116 -17.28 -6.45 -39.92
CA CYS N 116 -17.62 -7.86 -39.88
C CYS N 116 -18.37 -8.22 -38.61
N TYR N 117 -18.09 -7.51 -37.52
CA TYR N 117 -18.90 -7.71 -36.32
C TYR N 117 -20.35 -7.38 -36.60
N MET N 118 -20.60 -6.23 -37.24
CA MET N 118 -21.97 -5.83 -37.53
C MET N 118 -22.73 -6.93 -38.24
N GLY N 119 -22.04 -7.68 -39.08
CA GLY N 119 -22.68 -8.81 -39.71
C GLY N 119 -22.74 -10.01 -38.79
N ARG N 120 -21.72 -10.22 -37.97
CA ARG N 120 -21.73 -11.42 -37.15
C ARG N 120 -22.95 -11.44 -36.24
N GLN N 121 -23.35 -10.28 -35.75
CA GLN N 121 -24.63 -10.22 -35.06
C GLN N 121 -25.75 -10.66 -35.98
N TRP N 122 -25.68 -10.32 -37.26
CA TRP N 122 -26.72 -10.77 -38.17
C TRP N 122 -26.70 -12.27 -38.34
N GLU N 123 -25.58 -12.82 -38.79
CA GLU N 123 -25.63 -14.22 -39.19
C GLU N 123 -25.78 -15.16 -38.02
N LEU N 124 -25.71 -14.66 -36.79
CA LEU N 124 -26.24 -15.48 -35.71
C LEU N 124 -27.76 -15.41 -35.68
N SER N 125 -28.30 -14.20 -35.71
CA SER N 125 -29.74 -14.02 -35.60
C SER N 125 -30.46 -14.82 -36.66
N TYR N 126 -29.88 -14.94 -37.85
CA TYR N 126 -30.51 -15.74 -38.87
C TYR N 126 -30.55 -17.21 -38.50
N ARG N 127 -29.57 -17.67 -37.73
CA ARG N 127 -29.50 -19.10 -37.43
C ARG N 127 -30.14 -19.47 -36.11
N LEU N 128 -30.62 -18.50 -35.34
CA LEU N 128 -31.49 -18.80 -34.22
C LEU N 128 -32.95 -18.65 -34.55
N GLY N 129 -33.27 -18.35 -35.79
CA GLY N 129 -34.66 -18.21 -36.16
C GLY N 129 -35.32 -17.04 -35.49
N MET N 130 -34.78 -15.86 -35.70
CA MET N 130 -35.34 -14.67 -35.09
C MET N 130 -35.21 -13.49 -36.05
N ARG N 131 -36.19 -12.61 -35.99
CA ARG N 131 -36.21 -11.42 -36.82
C ARG N 131 -34.90 -10.63 -36.67
N PRO N 132 -34.18 -10.40 -37.73
CA PRO N 132 -32.81 -9.88 -37.61
C PRO N 132 -32.64 -8.38 -37.80
N TRP N 133 -33.11 -7.51 -36.91
CA TRP N 133 -32.82 -6.10 -37.14
C TRP N 133 -31.71 -5.53 -36.27
N ILE N 134 -31.16 -6.28 -35.32
CA ILE N 134 -30.09 -5.75 -34.47
C ILE N 134 -29.01 -5.06 -35.32
N CYS N 135 -28.55 -5.75 -36.36
CA CYS N 135 -27.52 -5.20 -37.22
C CYS N 135 -27.90 -3.84 -37.79
N VAL N 136 -29.18 -3.53 -37.89
CA VAL N 136 -29.56 -2.16 -38.20
C VAL N 136 -29.23 -1.24 -37.04
N ALA N 137 -29.67 -1.62 -35.84
CA ALA N 137 -29.40 -0.81 -34.66
C ALA N 137 -27.91 -0.62 -34.46
N TYR N 138 -27.12 -1.65 -34.73
CA TYR N 138 -25.69 -1.52 -34.52
C TYR N 138 -25.03 -0.60 -35.52
N SER N 139 -25.70 -0.29 -36.62
CA SER N 139 -25.09 0.60 -37.58
C SER N 139 -24.81 1.97 -36.98
N ALA N 140 -25.59 2.36 -35.98
CA ALA N 140 -25.44 3.71 -35.43
C ALA N 140 -24.04 3.96 -34.89
N PRO N 141 -23.51 3.16 -33.97
CA PRO N 141 -22.11 3.37 -33.60
C PRO N 141 -21.17 3.19 -34.76
N LEU N 142 -21.36 2.13 -35.53
CA LEU N 142 -20.44 1.87 -36.63
C LEU N 142 -20.43 3.01 -37.61
N ALA N 143 -21.57 3.68 -37.78
CA ALA N 143 -21.58 4.91 -38.55
C ALA N 143 -20.64 5.92 -37.93
N SER N 144 -20.73 6.10 -36.61
CA SER N 144 -19.87 7.06 -35.95
C SER N 144 -18.41 6.65 -36.05
N ALA N 145 -18.13 5.36 -35.92
CA ALA N 145 -16.76 4.88 -36.05
C ALA N 145 -16.14 5.33 -37.36
N PHE N 146 -16.70 4.88 -38.48
CA PHE N 146 -16.18 5.26 -39.78
C PHE N 146 -16.11 6.77 -39.92
N ALA N 147 -17.07 7.48 -39.37
CA ALA N 147 -17.11 8.93 -39.52
C ALA N 147 -15.87 9.56 -38.90
N VAL N 148 -15.63 9.31 -37.63
CA VAL N 148 -14.55 10.00 -36.95
C VAL N 148 -13.20 9.39 -37.29
N PHE N 149 -13.12 8.06 -37.41
CA PHE N 149 -11.83 7.45 -37.74
C PHE N 149 -11.52 7.56 -39.21
N LEU N 150 -12.33 6.91 -40.06
CA LEU N 150 -11.95 6.77 -41.46
C LEU N 150 -12.27 8.01 -42.27
N ILE N 151 -13.47 8.55 -42.14
CA ILE N 151 -13.94 9.56 -43.07
C ILE N 151 -13.25 10.88 -42.83
N TYR N 152 -13.52 11.49 -41.68
CA TYR N 152 -13.11 12.86 -41.40
C TYR N 152 -11.70 13.18 -41.82
N PRO N 153 -10.72 12.29 -41.61
CA PRO N 153 -9.39 12.59 -42.14
C PRO N 153 -9.35 12.69 -43.65
N ILE N 154 -10.17 11.92 -44.37
CA ILE N 154 -10.19 12.08 -45.81
C ILE N 154 -10.57 13.50 -46.18
N GLY N 155 -11.53 14.08 -45.47
CA GLY N 155 -11.80 15.49 -45.66
C GLY N 155 -10.59 16.35 -45.40
N GLN N 156 -9.73 15.94 -44.49
CA GLN N 156 -8.49 16.65 -44.24
C GLN N 156 -7.32 16.06 -45.00
N GLY N 157 -7.54 14.98 -45.74
CA GLY N 157 -6.46 14.38 -46.49
C GLY N 157 -5.34 13.79 -45.69
N SER N 158 -5.45 13.74 -44.36
CA SER N 158 -4.40 13.13 -43.55
C SER N 158 -5.00 12.51 -42.31
N PHE N 159 -4.50 11.34 -41.94
CA PHE N 159 -4.97 10.73 -40.71
C PHE N 159 -4.53 11.48 -39.47
N SER N 160 -3.60 12.42 -39.60
CA SER N 160 -3.21 13.21 -38.44
C SER N 160 -4.43 13.84 -37.79
N ASP N 161 -5.29 14.44 -38.61
CA ASP N 161 -6.49 15.06 -38.07
C ASP N 161 -7.52 14.04 -37.61
N GLY N 162 -7.31 12.77 -37.89
CA GLY N 162 -8.17 11.74 -37.33
C GLY N 162 -8.10 11.73 -35.82
N MET N 163 -9.05 11.05 -35.22
CA MET N 163 -9.11 10.99 -33.77
C MET N 163 -7.89 10.31 -33.20
N PRO N 164 -7.08 10.98 -32.40
CA PRO N 164 -6.15 10.26 -31.54
C PRO N 164 -6.97 9.46 -30.55
N LEU N 165 -6.70 8.17 -30.46
CA LEU N 165 -7.51 7.28 -29.67
C LEU N 165 -6.93 7.16 -28.27
N GLY N 166 -7.66 7.69 -27.31
CA GLY N 166 -7.25 7.80 -25.92
C GLY N 166 -8.12 8.82 -25.23
N ILE N 167 -8.09 8.78 -23.91
CA ILE N 167 -9.09 9.56 -23.20
C ILE N 167 -8.77 11.04 -23.24
N SER N 168 -7.49 11.41 -23.20
CA SER N 168 -7.17 12.80 -23.44
C SER N 168 -7.16 13.13 -24.92
N GLY N 169 -6.67 12.19 -25.73
CA GLY N 169 -6.65 12.42 -27.16
C GLY N 169 -8.01 12.80 -27.70
N THR N 170 -9.05 12.12 -27.22
CA THR N 170 -10.39 12.41 -27.69
C THR N 170 -10.79 13.83 -27.34
N PHE N 171 -10.57 14.23 -26.09
CA PHE N 171 -10.92 15.58 -25.68
C PHE N 171 -10.20 16.61 -26.53
N ASN N 172 -8.91 16.41 -26.76
CA ASN N 172 -8.18 17.29 -27.64
C ASN N 172 -8.85 17.37 -28.99
N PHE N 173 -9.33 16.24 -29.49
CA PHE N 173 -9.94 16.20 -30.82
C PHE N 173 -11.15 17.11 -30.91
N MET N 174 -12.14 16.88 -30.06
CA MET N 174 -13.38 17.66 -30.11
C MET N 174 -13.08 19.15 -30.07
N ILE N 175 -12.36 19.58 -29.04
CA ILE N 175 -12.09 21.00 -28.86
C ILE N 175 -11.52 21.60 -30.13
N VAL N 176 -10.45 20.99 -30.64
CA VAL N 176 -9.89 21.48 -31.90
C VAL N 176 -10.93 21.38 -33.00
N PHE N 177 -11.67 20.27 -33.04
CA PHE N 177 -12.72 20.14 -34.03
C PHE N 177 -13.75 21.24 -33.85
N GLN N 178 -14.06 21.57 -32.61
CA GLN N 178 -14.95 22.69 -32.34
C GLN N 178 -14.41 23.99 -32.88
N ALA N 179 -13.10 24.16 -32.83
CA ALA N 179 -12.52 25.42 -33.30
C ALA N 179 -12.87 25.69 -34.75
N GLU N 180 -12.61 24.70 -35.60
CA GLU N 180 -12.70 24.94 -37.03
C GLU N 180 -14.15 24.94 -37.51
N HIS N 181 -14.90 23.91 -37.18
CA HIS N 181 -16.17 23.70 -37.83
C HIS N 181 -17.38 24.17 -37.04
N ASN N 182 -17.18 24.62 -35.80
CA ASN N 182 -18.26 25.16 -34.99
C ASN N 182 -19.41 24.15 -34.89
N ILE N 183 -19.06 22.95 -34.42
CA ILE N 183 -20.00 21.84 -34.50
C ILE N 183 -21.22 22.07 -33.62
N LEU N 184 -21.07 22.82 -32.53
CA LEU N 184 -22.21 22.99 -31.62
C LEU N 184 -23.40 23.60 -32.32
N MET N 185 -23.18 24.67 -33.08
CA MET N 185 -24.29 25.32 -33.74
C MET N 185 -24.84 24.49 -34.89
N HIS N 186 -24.14 23.44 -35.29
CA HIS N 186 -24.62 22.63 -36.39
C HIS N 186 -25.91 21.91 -35.99
N PRO N 187 -26.90 21.86 -36.87
CA PRO N 187 -28.15 21.19 -36.49
C PRO N 187 -28.01 19.70 -36.29
N PHE N 188 -27.28 18.99 -37.15
CA PHE N 188 -27.25 17.54 -37.04
C PHE N 188 -26.77 17.10 -35.68
N HIS N 189 -25.70 17.71 -35.19
CA HIS N 189 -25.29 17.44 -33.81
C HIS N 189 -26.42 17.77 -32.84
N GLN N 190 -27.03 18.95 -33.01
CA GLN N 190 -28.08 19.35 -32.09
C GLN N 190 -29.22 18.35 -32.06
N LEU N 191 -29.38 17.54 -33.09
CA LEU N 191 -30.29 16.41 -32.94
C LEU N 191 -29.62 15.27 -32.19
N GLY N 192 -28.35 15.00 -32.49
CA GLY N 192 -27.67 13.91 -31.85
C GLY N 192 -27.74 14.00 -30.33
N VAL N 193 -27.65 15.21 -29.80
CA VAL N 193 -27.86 15.41 -28.38
C VAL N 193 -29.22 14.86 -27.97
N ALA N 194 -30.27 15.35 -28.63
CA ALA N 194 -31.61 14.83 -28.36
C ALA N 194 -31.63 13.32 -28.49
N GLY N 195 -30.96 12.79 -29.50
CA GLY N 195 -30.93 11.35 -29.68
C GLY N 195 -30.30 10.64 -28.49
N VAL N 196 -29.26 11.22 -27.91
CA VAL N 196 -28.60 10.57 -26.79
C VAL N 196 -29.42 10.74 -25.52
N PHE N 197 -29.79 11.98 -25.19
CA PHE N 197 -30.59 12.20 -23.99
C PHE N 197 -31.87 11.38 -24.02
N GLY N 198 -32.74 11.65 -24.98
CA GLY N 198 -33.98 10.90 -25.05
C GLY N 198 -33.77 9.41 -25.00
N GLY N 199 -32.62 8.95 -25.46
CA GLY N 199 -32.25 7.57 -25.22
C GLY N 199 -32.08 7.35 -23.73
N ALA N 200 -31.18 8.12 -23.12
CA ALA N 200 -30.98 7.97 -21.69
C ALA N 200 -32.26 8.26 -20.91
N LEU N 201 -32.98 9.29 -21.32
CA LEU N 201 -34.28 9.59 -20.72
C LEU N 201 -35.20 8.38 -20.75
N PHE N 202 -35.64 8.00 -21.95
CA PHE N 202 -36.50 6.84 -22.07
C PHE N 202 -35.93 5.63 -21.36
N CYS N 203 -34.61 5.46 -21.45
CA CYS N 203 -33.97 4.38 -20.71
C CYS N 203 -34.30 4.44 -19.24
N ALA N 204 -34.51 5.65 -18.69
CA ALA N 204 -34.90 5.72 -17.30
C ALA N 204 -36.37 5.37 -17.12
N MET N 205 -37.26 6.02 -17.87
CA MET N 205 -38.68 5.78 -17.67
C MET N 205 -39.04 4.34 -17.95
N HIS N 206 -38.82 3.88 -19.17
CA HIS N 206 -39.16 2.50 -19.49
C HIS N 206 -38.45 1.54 -18.57
N GLY N 207 -37.30 1.94 -18.04
CA GLY N 207 -36.70 1.18 -16.96
C GLY N 207 -37.47 1.33 -15.68
N SER N 208 -37.92 2.55 -15.39
CA SER N 208 -38.57 2.80 -14.11
C SER N 208 -39.96 2.21 -14.07
N LEU N 209 -40.81 2.57 -15.04
CA LEU N 209 -42.21 2.19 -14.96
C LEU N 209 -42.39 0.69 -14.83
N VAL N 210 -41.53 -0.09 -15.47
CA VAL N 210 -41.72 -1.52 -15.39
C VAL N 210 -41.17 -2.07 -14.08
N THR N 211 -40.06 -1.53 -13.59
CA THR N 211 -39.64 -1.88 -12.25
C THR N 211 -40.66 -1.46 -11.22
N SER N 212 -41.32 -0.32 -11.45
CA SER N 212 -42.34 0.15 -10.53
C SER N 212 -43.42 -0.90 -10.34
N SER N 213 -43.86 -1.51 -11.43
CA SER N 213 -44.94 -2.48 -11.40
C SER N 213 -44.34 -3.87 -11.44
N LEU N 214 -44.38 -4.57 -10.32
CA LEU N 214 -43.89 -5.94 -10.25
C LEU N 214 -44.89 -6.80 -9.50
N ILE N 215 -45.48 -7.77 -10.21
CA ILE N 215 -46.23 -8.81 -9.54
C ILE N 215 -45.32 -9.49 -8.55
N ARG N 216 -45.76 -9.56 -7.30
CA ARG N 216 -44.87 -9.88 -6.19
C ARG N 216 -44.89 -11.39 -5.94
N GLU N 217 -43.79 -12.04 -6.28
CA GLU N 217 -43.55 -13.41 -5.87
C GLU N 217 -42.61 -13.52 -4.68
N THR N 218 -42.16 -12.39 -4.13
CA THR N 218 -41.09 -12.36 -3.14
C THR N 218 -41.62 -11.92 -1.78
N THR N 219 -40.97 -12.39 -0.73
CA THR N 219 -41.16 -11.84 0.60
C THR N 219 -40.40 -10.52 0.74
N GLU N 220 -40.84 -9.71 1.71
CA GLU N 220 -40.22 -8.41 1.91
C GLU N 220 -38.75 -8.55 2.29
N THR N 221 -38.43 -9.53 3.13
CA THR N 221 -37.03 -9.75 3.52
C THR N 221 -36.20 -10.18 2.32
N GLU N 222 -36.70 -11.14 1.56
CA GLU N 222 -35.97 -11.66 0.41
C GLU N 222 -35.78 -10.56 -0.64
N SER N 223 -34.77 -10.73 -1.48
CA SER N 223 -34.57 -9.80 -2.58
C SER N 223 -35.81 -9.78 -3.48
N ALA N 224 -36.09 -8.61 -4.05
CA ALA N 224 -37.25 -8.49 -4.92
C ALA N 224 -37.00 -9.13 -6.29
N ASN N 225 -35.74 -9.20 -6.71
CA ASN N 225 -35.44 -9.70 -8.05
C ASN N 225 -35.65 -11.20 -8.13
N TYR N 226 -35.13 -11.94 -7.14
CA TYR N 226 -35.03 -13.39 -7.25
C TYR N 226 -36.35 -14.06 -7.52
N GLY N 227 -37.47 -13.41 -7.22
CA GLY N 227 -38.77 -14.01 -7.49
C GLY N 227 -39.00 -14.32 -8.95
N TYR N 228 -38.37 -13.56 -9.83
CA TYR N 228 -38.48 -13.84 -11.26
C TYR N 228 -37.75 -15.14 -11.57
N LYS N 229 -38.48 -16.10 -12.13
CA LYS N 229 -37.92 -17.39 -12.49
C LYS N 229 -37.61 -17.37 -13.97
N PHE N 230 -36.36 -17.63 -14.32
CA PHE N 230 -36.00 -17.60 -15.72
C PHE N 230 -36.88 -18.56 -16.50
N GLY N 231 -37.57 -18.03 -17.50
CA GLY N 231 -38.56 -18.81 -18.21
C GLY N 231 -39.97 -18.70 -17.70
N GLN N 232 -40.27 -17.72 -16.84
CA GLN N 232 -41.65 -17.47 -16.48
C GLN N 232 -42.46 -17.15 -17.72
N GLU N 233 -43.56 -17.87 -17.92
CA GLU N 233 -44.52 -17.49 -18.93
C GLU N 233 -45.64 -16.63 -18.36
N GLU N 234 -45.56 -16.29 -17.08
CA GLU N 234 -46.39 -15.21 -16.59
C GLU N 234 -45.81 -13.87 -17.02
N GLU N 235 -46.67 -12.86 -17.06
CA GLU N 235 -46.20 -11.50 -17.27
C GLU N 235 -45.69 -10.96 -15.95
N THR N 236 -44.42 -10.60 -15.90
CA THR N 236 -43.81 -10.19 -14.64
C THR N 236 -44.24 -8.81 -14.22
N TYR N 237 -44.76 -8.01 -15.14
CA TYR N 237 -45.10 -6.62 -14.84
C TYR N 237 -46.46 -6.26 -15.41
N ASN N 238 -47.32 -5.70 -14.57
CA ASN N 238 -48.64 -5.28 -15.02
C ASN N 238 -48.53 -4.09 -15.96
N ILE N 239 -49.08 -4.25 -17.17
CA ILE N 239 -49.26 -3.09 -18.03
C ILE N 239 -50.44 -2.26 -17.56
N VAL N 240 -51.55 -2.91 -17.21
CA VAL N 240 -52.75 -2.19 -16.78
C VAL N 240 -52.44 -1.25 -15.62
N ALA N 241 -51.62 -1.73 -14.67
CA ALA N 241 -51.24 -0.87 -13.55
C ALA N 241 -50.36 0.28 -14.02
N ALA N 242 -49.30 -0.04 -14.76
CA ALA N 242 -48.35 1.00 -15.16
C ALA N 242 -48.90 1.90 -16.26
N HIS N 243 -49.80 1.38 -17.09
CA HIS N 243 -50.42 2.19 -18.13
C HIS N 243 -51.07 3.44 -17.55
N GLY N 244 -52.11 3.23 -16.74
CA GLY N 244 -52.78 4.36 -16.13
C GLY N 244 -51.85 5.28 -15.36
N TYR N 245 -50.77 4.73 -14.81
CA TYR N 245 -49.80 5.53 -14.09
C TYR N 245 -49.29 6.66 -14.98
N PHE N 246 -48.49 6.32 -15.97
CA PHE N 246 -48.08 7.32 -16.94
C PHE N 246 -49.29 7.93 -17.62
N GLY N 247 -50.39 7.18 -17.71
CA GLY N 247 -51.59 7.70 -18.32
C GLY N 247 -52.30 8.72 -17.46
N ARG N 248 -52.17 8.61 -16.14
CA ARG N 248 -52.65 9.69 -15.28
C ARG N 248 -51.62 10.80 -15.14
N LEU N 249 -50.34 10.46 -15.00
CA LEU N 249 -49.31 11.47 -14.79
C LEU N 249 -49.41 12.57 -15.85
N ILE N 250 -49.50 12.17 -17.11
CA ILE N 250 -49.79 13.11 -18.17
C ILE N 250 -51.16 12.69 -18.68
N PHE N 251 -51.65 13.30 -19.75
CA PHE N 251 -52.94 12.91 -20.28
C PHE N 251 -52.92 11.48 -20.80
N GLN N 252 -54.07 10.80 -20.67
CA GLN N 252 -54.17 9.36 -20.93
C GLN N 252 -53.98 9.02 -22.41
N TYR N 253 -53.91 10.00 -23.30
CA TYR N 253 -53.90 9.72 -24.73
C TYR N 253 -52.56 9.16 -25.20
N ALA N 254 -51.45 9.58 -24.60
CA ALA N 254 -50.12 9.34 -25.15
C ALA N 254 -49.42 8.11 -24.58
N SER N 255 -50.11 7.30 -23.77
CA SER N 255 -49.42 6.33 -22.93
C SER N 255 -48.82 5.14 -23.68
N PHE N 256 -49.04 5.00 -24.99
CA PHE N 256 -48.47 3.90 -25.76
C PHE N 256 -48.87 2.55 -25.19
N ASN N 257 -50.14 2.22 -25.42
CA ASN N 257 -50.70 0.97 -24.90
C ASN N 257 -49.81 -0.23 -25.24
N ASN N 258 -49.27 -0.25 -26.45
CA ASN N 258 -48.67 -1.45 -27.02
C ASN N 258 -47.16 -1.49 -26.75
N SER N 259 -46.73 -2.51 -26.02
CA SER N 259 -45.29 -2.69 -25.79
C SER N 259 -44.54 -2.81 -27.11
N ARG N 260 -45.02 -3.67 -28.00
CA ARG N 260 -44.39 -3.79 -29.31
C ARG N 260 -44.33 -2.44 -30.02
N SER N 261 -45.30 -1.58 -29.76
CA SER N 261 -45.21 -0.23 -30.30
C SER N 261 -44.18 0.59 -29.53
N LEU N 262 -44.21 0.50 -28.20
CA LEU N 262 -43.26 1.21 -27.37
C LEU N 262 -41.83 0.82 -27.71
N HIS N 263 -41.46 -0.42 -27.45
CA HIS N 263 -40.06 -0.82 -27.52
C HIS N 263 -39.43 -0.44 -28.84
N PHE N 264 -40.17 -0.51 -29.93
CA PHE N 264 -39.61 -0.02 -31.18
C PHE N 264 -39.25 1.44 -31.06
N PHE N 265 -40.24 2.27 -30.73
CA PHE N 265 -39.95 3.68 -30.50
C PHE N 265 -38.84 3.87 -29.49
N LEU N 266 -38.72 2.94 -28.55
CA LEU N 266 -37.61 3.03 -27.62
C LEU N 266 -36.28 2.90 -28.35
N ALA N 267 -36.23 2.05 -29.37
CA ALA N 267 -35.01 1.82 -30.11
C ALA N 267 -34.87 2.69 -31.35
N ALA N 268 -35.92 3.41 -31.74
CA ALA N 268 -35.78 4.31 -32.87
C ALA N 268 -35.15 5.62 -32.45
N TRP N 269 -35.55 6.14 -31.30
CA TRP N 269 -35.11 7.46 -30.90
C TRP N 269 -33.60 7.57 -30.77
N PRO N 270 -32.92 6.71 -30.02
CA PRO N 270 -31.47 6.88 -29.89
C PRO N 270 -30.74 6.65 -31.20
N VAL N 271 -31.11 5.59 -31.92
CA VAL N 271 -30.43 5.24 -33.16
C VAL N 271 -30.49 6.41 -34.13
N VAL N 272 -31.69 6.71 -34.62
CA VAL N 272 -31.84 7.80 -35.59
C VAL N 272 -31.17 9.05 -35.07
N GLY N 273 -31.20 9.27 -33.77
CA GLY N 273 -30.46 10.38 -33.20
C GLY N 273 -28.98 10.31 -33.52
N VAL N 274 -28.41 9.11 -33.50
CA VAL N 274 -26.96 8.99 -33.68
C VAL N 274 -26.58 9.11 -35.14
N TRP N 275 -27.38 8.52 -36.04
CA TRP N 275 -27.08 8.59 -37.46
C TRP N 275 -26.80 10.01 -37.91
N PHE N 276 -27.63 10.96 -37.48
CA PHE N 276 -27.44 12.34 -37.92
C PHE N 276 -26.06 12.85 -37.55
N THR N 277 -25.55 12.47 -36.39
CA THR N 277 -24.22 12.89 -36.00
C THR N 277 -23.18 12.38 -36.98
N ALA N 278 -23.14 11.06 -37.17
CA ALA N 278 -22.22 10.51 -38.16
C ALA N 278 -22.47 11.09 -39.54
N LEU N 279 -23.65 11.64 -39.78
CA LEU N 279 -23.82 12.49 -40.94
C LEU N 279 -23.32 13.90 -40.66
N GLY N 280 -23.57 14.41 -39.44
CA GLY N 280 -23.10 15.73 -39.10
C GLY N 280 -21.60 15.87 -39.22
N ILE N 281 -20.86 14.83 -38.85
CA ILE N 281 -19.41 14.86 -39.04
C ILE N 281 -19.07 14.87 -40.52
N SER N 282 -19.58 13.89 -41.26
CA SER N 282 -19.25 13.82 -42.67
C SER N 282 -19.62 15.10 -43.39
N THR N 283 -20.67 15.76 -42.94
CA THR N 283 -20.96 17.09 -43.45
C THR N 283 -19.85 18.06 -43.10
N MET N 284 -19.21 17.88 -41.94
CA MET N 284 -18.12 18.77 -41.58
C MET N 284 -16.84 18.41 -42.31
N ALA N 285 -16.54 17.13 -42.42
CA ALA N 285 -15.27 16.71 -43.02
C ALA N 285 -15.06 17.35 -44.37
N PHE N 286 -16.14 17.65 -45.08
CA PHE N 286 -16.08 18.26 -46.39
C PHE N 286 -16.08 19.77 -46.31
N ASN N 287 -15.95 20.32 -45.12
CA ASN N 287 -16.06 21.74 -44.86
C ASN N 287 -17.39 22.27 -45.37
N LEU N 288 -18.45 21.70 -44.82
CA LEU N 288 -19.77 22.30 -44.82
C LEU N 288 -20.15 22.42 -43.35
N ASN N 289 -20.18 23.64 -42.84
CA ASN N 289 -20.11 23.82 -41.41
C ASN N 289 -21.46 24.19 -40.83
N GLY N 290 -21.50 24.24 -39.50
CA GLY N 290 -22.71 24.66 -38.83
C GLY N 290 -22.90 26.15 -39.00
N PHE N 291 -24.10 26.55 -39.38
CA PHE N 291 -24.35 27.97 -39.57
C PHE N 291 -24.10 28.72 -38.28
N ASN N 292 -23.22 29.69 -38.35
CA ASN N 292 -22.90 30.56 -37.24
C ASN N 292 -23.47 31.94 -37.54
N PHE N 293 -24.53 32.30 -36.84
CA PHE N 293 -25.14 33.59 -37.06
C PHE N 293 -24.23 34.64 -36.46
N ASN N 294 -23.77 35.57 -37.28
CA ASN N 294 -22.76 36.52 -36.86
C ASN N 294 -23.11 37.89 -37.41
N HIS N 295 -22.95 38.90 -36.58
CA HIS N 295 -23.50 40.23 -36.84
C HIS N 295 -24.96 40.13 -37.29
N SER N 296 -25.69 39.21 -36.66
CA SER N 296 -27.12 39.15 -36.92
C SER N 296 -27.80 40.43 -36.48
N VAL N 297 -27.21 41.12 -35.52
CA VAL N 297 -27.72 42.40 -35.02
C VAL N 297 -26.71 43.48 -35.35
N ILE N 298 -27.22 44.64 -35.73
CA ILE N 298 -26.40 45.83 -35.89
C ILE N 298 -27.28 47.05 -35.66
N ASP N 299 -26.68 48.09 -35.10
CA ASP N 299 -27.42 49.32 -34.89
C ASP N 299 -27.39 50.16 -36.16
N ALA N 300 -28.07 51.31 -36.12
CA ALA N 300 -27.99 52.25 -37.23
C ALA N 300 -26.63 52.90 -37.33
N LYS N 301 -25.84 52.84 -36.26
CA LYS N 301 -24.55 53.51 -36.21
C LYS N 301 -23.40 52.62 -36.65
N GLY N 302 -23.70 51.42 -37.14
CA GLY N 302 -22.68 50.51 -37.58
C GLY N 302 -21.96 49.76 -36.48
N ASN N 303 -22.25 50.08 -35.22
CA ASN N 303 -21.64 49.35 -34.12
C ASN N 303 -22.22 47.95 -34.05
N VAL N 304 -21.46 47.06 -33.42
CA VAL N 304 -21.82 45.66 -33.33
C VAL N 304 -22.47 45.42 -31.98
N ILE N 305 -23.76 45.05 -32.00
CA ILE N 305 -24.44 44.77 -30.75
C ILE N 305 -23.95 43.47 -30.15
N ASN N 306 -23.28 42.63 -30.93
CA ASN N 306 -22.47 41.51 -30.43
C ASN N 306 -23.33 40.47 -29.71
N THR N 307 -24.16 39.79 -30.48
CA THR N 307 -24.96 38.71 -29.93
C THR N 307 -24.09 37.54 -29.48
N TRP N 308 -24.69 36.68 -28.64
CA TRP N 308 -23.97 35.55 -28.03
C TRP N 308 -23.12 34.78 -29.01
N ALA N 309 -23.68 34.41 -30.15
CA ALA N 309 -22.96 33.55 -31.07
C ALA N 309 -21.56 34.10 -31.35
N ASP N 310 -21.41 35.42 -31.34
CA ASP N 310 -20.08 36.00 -31.53
C ASP N 310 -19.12 35.55 -30.44
N ILE N 311 -19.58 35.51 -29.19
CA ILE N 311 -18.74 34.99 -28.12
C ILE N 311 -18.19 33.63 -28.52
N ILE N 312 -19.08 32.72 -28.90
CA ILE N 312 -18.63 31.44 -29.43
C ILE N 312 -17.75 31.64 -30.64
N ASN N 313 -18.19 32.48 -31.58
CA ASN N 313 -17.36 32.77 -32.75
C ASN N 313 -16.00 33.27 -32.34
N ARG N 314 -15.91 33.97 -31.22
CA ARG N 314 -14.60 34.41 -30.76
C ARG N 314 -13.84 33.25 -30.13
N ALA N 315 -14.49 32.51 -29.24
CA ALA N 315 -13.82 31.40 -28.57
C ALA N 315 -13.20 30.45 -29.58
N ASN N 316 -13.98 30.05 -30.58
CA ASN N 316 -13.42 29.25 -31.65
C ASN N 316 -12.26 29.98 -32.33
N LEU N 317 -12.52 31.20 -32.79
CA LEU N 317 -11.44 32.01 -33.34
C LEU N 317 -10.26 32.06 -32.38
N GLY N 318 -10.54 32.00 -31.08
CA GLY N 318 -9.47 31.88 -30.11
C GLY N 318 -8.71 30.57 -30.27
N MET N 319 -9.43 29.46 -30.30
CA MET N 319 -8.77 28.17 -30.33
C MET N 319 -7.90 28.03 -31.58
N GLU N 320 -8.47 28.32 -32.76
CA GLU N 320 -7.76 28.01 -34.00
C GLU N 320 -6.38 28.64 -34.03
N VAL N 321 -6.27 29.88 -33.56
CA VAL N 321 -4.95 30.50 -33.48
C VAL N 321 -4.04 29.68 -32.58
N MET N 322 -4.59 29.13 -31.49
CA MET N 322 -3.78 28.38 -30.55
C MET N 322 -3.20 27.14 -31.20
N HIS N 323 -4.04 26.38 -31.90
CA HIS N 323 -3.58 25.14 -32.51
C HIS N 323 -2.41 25.41 -33.46
N GLU N 324 -2.61 26.35 -34.39
CA GLU N 324 -1.51 26.93 -35.15
C GLU N 324 -2.02 28.09 -35.99
N GLY O 1 -30.47 -15.12 3.04
CA GLY O 1 -31.61 -14.79 2.23
C GLY O 1 -31.83 -13.29 2.16
N LEU O 2 -30.74 -12.55 2.11
CA LEU O 2 -30.81 -11.11 2.18
C LEU O 2 -29.74 -10.52 1.28
N PRO O 3 -30.02 -9.44 0.57
CA PRO O 3 -29.01 -8.83 -0.27
C PRO O 3 -27.93 -8.18 0.58
N TRP O 4 -26.79 -7.93 -0.04
CA TRP O 4 -25.68 -7.35 0.70
C TRP O 4 -25.91 -5.89 1.04
N TYR O 5 -26.78 -5.20 0.34
CA TYR O 5 -27.04 -3.81 0.65
C TYR O 5 -28.24 -3.63 1.56
N ARG O 6 -28.93 -4.69 1.92
CA ARG O 6 -29.99 -4.63 2.92
C ARG O 6 -29.56 -5.10 4.29
N VAL O 7 -28.31 -5.53 4.46
CA VAL O 7 -27.96 -6.38 5.60
C VAL O 7 -28.37 -5.77 6.93
N HIS O 8 -28.35 -4.45 7.04
CA HIS O 8 -28.68 -3.84 8.31
C HIS O 8 -30.17 -3.73 8.55
N THR O 9 -31.00 -4.17 7.61
CA THR O 9 -32.41 -4.21 7.88
C THR O 9 -32.71 -5.05 9.12
N VAL O 10 -31.83 -6.01 9.42
CA VAL O 10 -32.05 -6.95 10.50
C VAL O 10 -32.35 -6.23 11.81
N LEU O 11 -31.87 -5.01 11.94
CA LEU O 11 -32.17 -4.19 13.10
C LEU O 11 -33.59 -3.65 13.10
N ILE O 12 -34.36 -3.88 12.03
CA ILE O 12 -35.57 -3.09 11.78
C ILE O 12 -36.41 -2.99 13.04
N ASN O 13 -36.79 -4.12 13.61
CA ASN O 13 -37.19 -4.14 15.01
C ASN O 13 -36.25 -5.07 15.77
N ASP O 14 -35.24 -4.45 16.39
CA ASP O 14 -34.55 -5.01 17.55
C ASP O 14 -34.06 -3.85 18.39
N PRO O 15 -34.98 -3.09 18.98
CA PRO O 15 -34.60 -1.79 19.55
C PRO O 15 -33.38 -1.86 20.42
N GLY O 16 -33.11 -3.01 21.03
CA GLY O 16 -31.86 -3.15 21.73
C GLY O 16 -30.70 -3.13 20.76
N ARG O 17 -30.68 -4.07 19.82
CA ARG O 17 -29.55 -4.14 18.89
C ARG O 17 -29.33 -2.81 18.20
N LEU O 18 -30.41 -2.07 17.97
CA LEU O 18 -30.29 -0.75 17.37
C LEU O 18 -29.42 0.16 18.22
N ILE O 19 -29.73 0.25 19.51
CA ILE O 19 -28.96 1.12 20.37
C ILE O 19 -27.51 0.71 20.36
N ALA O 20 -27.25 -0.58 20.11
CA ALA O 20 -25.87 -1.01 19.99
C ALA O 20 -25.20 -0.38 18.79
N ALA O 21 -25.90 -0.36 17.65
CA ALA O 21 -25.32 0.24 16.46
C ALA O 21 -24.93 1.68 16.73
N HIS O 22 -25.93 2.53 16.99
CA HIS O 22 -25.66 3.96 17.14
C HIS O 22 -24.49 4.22 18.05
N LEU O 23 -24.44 3.54 19.19
CA LEU O 23 -23.27 3.63 20.04
C LEU O 23 -22.01 3.35 19.23
N MET O 24 -21.88 2.12 18.74
CA MET O 24 -20.67 1.76 18.02
C MET O 24 -20.32 2.80 16.99
N HIS O 25 -21.32 3.27 16.25
CA HIS O 25 -21.09 4.41 15.37
C HIS O 25 -20.60 5.61 16.14
N THR O 26 -21.31 5.98 17.21
CA THR O 26 -20.90 7.13 18.00
C THR O 26 -19.49 6.93 18.52
N ALA O 27 -19.26 5.84 19.23
CA ALA O 27 -17.92 5.55 19.72
C ALA O 27 -16.90 5.58 18.60
N LEU O 28 -17.30 5.24 17.39
CA LEU O 28 -16.35 5.24 16.29
C LEU O 28 -16.10 6.63 15.76
N VAL O 29 -17.02 7.57 15.93
CA VAL O 29 -16.76 8.91 15.46
C VAL O 29 -15.82 9.63 16.41
N ALA O 30 -16.08 9.54 17.71
CA ALA O 30 -15.22 10.20 18.67
C ALA O 30 -13.79 9.78 18.48
N GLY O 31 -13.57 8.47 18.39
CA GLY O 31 -12.23 7.97 18.11
C GLY O 31 -11.59 8.66 16.94
N TRP O 32 -12.37 8.94 15.89
CA TRP O 32 -11.85 9.77 14.83
C TRP O 32 -11.47 11.12 15.37
N ALA O 33 -12.46 11.91 15.80
CA ALA O 33 -12.20 13.28 16.21
C ALA O 33 -11.12 13.35 17.27
N GLY O 34 -11.02 12.32 18.10
CA GLY O 34 -9.91 12.24 19.01
C GLY O 34 -8.61 12.06 18.26
N SER O 35 -8.53 11.00 17.46
CA SER O 35 -7.26 10.65 16.84
C SER O 35 -6.79 11.75 15.90
N MET O 36 -7.65 12.16 14.96
CA MET O 36 -7.27 13.19 14.02
C MET O 36 -6.67 14.39 14.72
N ALA O 37 -7.25 14.77 15.85
CA ALA O 37 -6.70 15.89 16.62
C ALA O 37 -5.22 15.68 16.88
N LEU O 38 -4.86 14.53 17.45
CA LEU O 38 -3.46 14.26 17.72
C LEU O 38 -2.64 14.30 16.44
N TYR O 39 -3.08 13.58 15.41
CA TYR O 39 -2.34 13.56 14.17
C TYR O 39 -2.12 14.97 13.63
N GLU O 40 -3.20 15.74 13.49
CA GLU O 40 -3.07 17.14 13.11
C GLU O 40 -2.11 17.84 14.05
N LEU O 41 -2.29 17.64 15.35
CA LEU O 41 -1.40 18.24 16.33
C LEU O 41 0.02 17.70 16.21
N ALA O 42 0.17 16.42 15.87
CA ALA O 42 1.51 15.84 15.84
C ALA O 42 2.40 16.53 14.82
N THR O 43 1.83 16.94 13.70
CA THR O 43 2.60 17.56 12.64
C THR O 43 2.55 19.08 12.68
N PHE O 44 1.88 19.66 13.65
CA PHE O 44 1.70 21.11 13.68
C PHE O 44 2.93 21.79 14.24
N ASP O 45 3.24 22.96 13.70
CA ASP O 45 4.32 23.78 14.23
C ASP O 45 3.76 25.08 14.78
N PRO O 46 3.86 25.32 16.09
CA PRO O 46 3.48 26.64 16.62
C PRO O 46 4.42 27.74 16.21
N SER O 47 5.57 27.39 15.61
CA SER O 47 6.74 28.25 15.60
C SER O 47 6.42 29.69 15.16
N ASP O 48 5.83 29.85 13.98
CA ASP O 48 5.70 31.16 13.37
C ASP O 48 4.23 31.46 13.07
N PRO O 49 3.42 31.64 14.10
CA PRO O 49 2.00 31.89 13.87
C PRO O 49 1.70 33.23 13.25
N VAL O 50 2.61 34.20 13.38
CA VAL O 50 2.36 35.52 12.83
C VAL O 50 2.23 35.43 11.31
N LEU O 51 3.29 34.96 10.65
CA LEU O 51 3.25 34.89 9.21
C LEU O 51 2.57 33.63 8.71
N ASN O 52 2.83 32.49 9.36
CA ASN O 52 2.30 31.21 8.91
C ASN O 52 1.26 30.70 9.88
N PRO O 53 0.01 30.83 9.58
CA PRO O 53 -1.02 30.47 10.54
C PRO O 53 -1.40 29.01 10.48
N MET O 54 -2.49 28.70 11.17
CA MET O 54 -2.98 27.34 11.31
C MET O 54 -3.81 26.91 10.11
N TRP O 55 -4.56 27.82 9.51
CA TRP O 55 -5.29 27.47 8.29
C TRP O 55 -4.35 27.11 7.17
N ARG O 56 -3.32 27.92 6.97
CA ARG O 56 -2.35 27.63 5.91
C ARG O 56 -1.57 26.37 6.21
N GLN O 57 -1.60 25.89 7.44
CA GLN O 57 -0.78 24.78 7.84
C GLN O 57 -1.38 23.45 7.41
N GLY O 58 -2.51 23.49 6.71
CA GLY O 58 -3.24 22.29 6.36
C GLY O 58 -4.04 21.71 7.49
N MET O 59 -3.91 22.22 8.69
CA MET O 59 -4.57 21.64 9.84
C MET O 59 -6.07 21.88 9.75
N PHE O 60 -6.85 20.81 9.86
CA PHE O 60 -8.28 20.90 9.63
C PHE O 60 -9.08 20.90 10.93
N VAL O 61 -8.99 19.83 11.70
CA VAL O 61 -9.78 19.73 12.92
C VAL O 61 -9.37 20.80 13.91
N LEU O 62 -8.06 20.99 14.08
CA LEU O 62 -7.54 21.90 15.09
C LEU O 62 -8.27 23.23 15.19
N PRO O 63 -8.47 23.99 14.09
CA PRO O 63 -9.07 25.31 14.25
C PRO O 63 -10.45 25.31 14.86
N PHE O 64 -11.14 24.18 14.88
CA PHE O 64 -12.43 24.15 15.58
C PHE O 64 -12.23 24.24 17.08
N MET O 65 -11.36 23.39 17.64
CA MET O 65 -11.08 23.46 19.06
C MET O 65 -10.78 24.89 19.48
N ALA O 66 -10.03 25.62 18.65
CA ALA O 66 -9.76 27.02 18.95
C ALA O 66 -11.02 27.85 18.86
N ARG O 67 -11.95 27.49 17.97
CA ARG O 67 -13.11 28.33 17.75
C ARG O 67 -13.96 28.44 19.01
N LEU O 68 -13.91 27.43 19.87
CA LEU O 68 -14.65 27.47 21.12
C LEU O 68 -13.80 27.91 22.30
N GLY O 69 -12.54 28.23 22.09
CA GLY O 69 -11.71 28.77 23.15
C GLY O 69 -10.70 27.83 23.76
N VAL O 70 -10.43 26.69 23.14
CA VAL O 70 -9.35 25.82 23.58
C VAL O 70 -8.08 26.27 22.89
N THR O 71 -7.11 26.74 23.68
CA THR O 71 -5.88 27.27 23.12
C THR O 71 -4.71 26.79 23.95
N GLY O 72 -3.55 26.73 23.33
CA GLY O 72 -2.37 26.22 23.99
C GLY O 72 -2.35 24.71 24.03
N SER O 73 -1.38 24.21 24.77
CA SER O 73 -1.21 22.77 24.95
C SER O 73 -0.25 22.58 26.11
N TRP O 74 0.08 21.32 26.38
CA TRP O 74 1.13 21.06 27.36
C TRP O 74 2.51 21.41 26.82
N SER O 75 2.68 21.40 25.49
CA SER O 75 3.97 21.73 24.91
C SER O 75 4.38 23.18 25.14
N GLY O 76 3.49 24.00 25.70
CA GLY O 76 3.88 25.35 26.06
C GLY O 76 3.80 26.35 24.94
N TRP O 77 2.90 26.15 23.98
CA TRP O 77 2.72 27.10 22.88
C TRP O 77 1.26 27.47 22.77
N SER O 78 0.96 28.76 22.89
CA SER O 78 -0.37 29.26 22.66
C SER O 78 -0.66 29.34 21.17
N ILE O 79 -1.95 29.43 20.86
CA ILE O 79 -2.35 29.73 19.48
C ILE O 79 -1.71 31.03 19.02
N THR O 80 -1.99 32.12 19.74
CA THR O 80 -1.57 33.44 19.27
C THR O 80 -0.06 33.63 19.33
N GLY O 81 0.64 32.80 20.11
CA GLY O 81 2.09 32.73 20.03
C GLY O 81 2.86 33.34 21.18
N GLU O 82 2.22 34.16 22.03
CA GLU O 82 2.96 34.77 23.14
C GLU O 82 3.41 33.72 24.14
N THR O 83 2.73 32.58 24.18
CA THR O 83 3.11 31.41 24.96
C THR O 83 3.22 31.66 26.47
N GLY O 84 2.60 32.73 26.97
CA GLY O 84 2.28 32.77 28.37
C GLY O 84 1.13 31.81 28.52
N ILE O 85 1.20 30.81 29.39
CA ILE O 85 0.18 29.78 29.32
C ILE O 85 -0.26 29.34 30.71
N ASP O 86 -1.57 29.43 30.96
CA ASP O 86 -2.26 28.77 32.06
C ASP O 86 -3.28 27.84 31.41
N PRO O 87 -2.80 26.78 30.74
CA PRO O 87 -3.68 26.04 29.83
C PRO O 87 -4.79 25.31 30.54
N GLY O 88 -4.67 25.07 31.83
CA GLY O 88 -5.59 24.19 32.50
C GLY O 88 -5.45 22.77 31.99
N PHE O 89 -6.34 21.92 32.46
CA PHE O 89 -6.35 20.56 31.94
C PHE O 89 -6.75 20.54 30.47
N TRP O 90 -7.52 21.52 30.04
CA TRP O 90 -8.16 21.47 28.72
C TRP O 90 -7.25 22.13 27.70
N SER O 91 -6.72 21.33 26.81
CA SER O 91 -5.90 21.81 25.72
C SER O 91 -6.00 20.76 24.63
N PHE O 92 -5.18 20.91 23.60
CA PHE O 92 -5.41 20.13 22.39
C PHE O 92 -5.29 18.64 22.66
N GLU O 93 -4.24 18.23 23.35
CA GLU O 93 -4.21 16.83 23.78
C GLU O 93 -5.38 16.53 24.70
N GLY O 94 -5.64 17.42 25.66
CA GLY O 94 -6.75 17.23 26.58
C GLY O 94 -8.08 17.04 25.87
N VAL O 95 -8.43 17.98 24.99
CA VAL O 95 -9.63 17.81 24.19
C VAL O 95 -9.55 16.52 23.38
N ALA O 96 -8.40 16.27 22.78
CA ALA O 96 -8.21 15.04 22.02
C ALA O 96 -8.42 13.84 22.93
N LEU O 97 -7.54 13.67 23.92
CA LEU O 97 -7.58 12.49 24.75
C LEU O 97 -8.96 12.28 25.36
N ALA O 98 -9.62 13.37 25.74
CA ALA O 98 -10.97 13.25 26.29
C ALA O 98 -11.88 12.51 25.34
N HIS O 99 -11.78 12.79 24.04
CA HIS O 99 -12.60 12.07 23.09
C HIS O 99 -12.21 10.60 23.01
N ILE O 100 -10.91 10.32 22.97
CA ILE O 100 -10.48 8.93 22.89
C ILE O 100 -11.05 8.14 24.05
N VAL O 101 -10.84 8.63 25.27
CA VAL O 101 -11.43 7.97 26.43
C VAL O 101 -12.93 7.88 26.28
N LEU O 102 -13.55 8.91 25.71
CA LEU O 102 -14.98 8.84 25.45
C LEU O 102 -15.29 7.73 24.46
N SER O 103 -14.50 7.65 23.39
CA SER O 103 -14.73 6.60 22.41
C SER O 103 -14.70 5.24 23.06
N GLY O 104 -13.77 5.03 23.97
CA GLY O 104 -13.69 3.74 24.61
C GLY O 104 -14.93 3.42 25.41
N LEU O 105 -15.28 4.30 26.35
CA LEU O 105 -16.38 4.00 27.24
C LEU O 105 -17.67 3.77 26.49
N LEU O 106 -17.83 4.38 25.32
CA LEU O 106 -18.99 4.06 24.51
C LEU O 106 -18.83 2.71 23.86
N PHE O 107 -17.67 2.45 23.27
CA PHE O 107 -17.45 1.19 22.59
C PHE O 107 -17.77 0.01 23.50
N LEU O 108 -17.22 0.02 24.72
CA LEU O 108 -17.60 -1.00 25.68
C LEU O 108 -19.10 -1.02 25.88
N ALA O 109 -19.67 0.13 26.20
CA ALA O 109 -21.11 0.22 26.38
C ALA O 109 -21.85 -0.39 25.19
N ALA O 110 -21.34 -0.14 23.99
CA ALA O 110 -21.98 -0.73 22.81
C ALA O 110 -22.03 -2.23 22.91
N CYS O 111 -20.94 -2.86 23.37
CA CYS O 111 -20.94 -4.30 23.45
C CYS O 111 -22.02 -4.80 24.41
N TRP O 112 -22.26 -4.06 25.48
CA TRP O 112 -23.27 -4.51 26.43
C TRP O 112 -24.61 -4.66 25.74
N HIS O 113 -25.18 -3.56 25.26
CA HIS O 113 -26.48 -3.64 24.59
C HIS O 113 -26.48 -4.66 23.46
N TRP O 114 -25.38 -4.77 22.74
CA TRP O 114 -25.34 -5.78 21.70
C TRP O 114 -25.44 -7.17 22.28
N VAL O 115 -24.88 -7.37 23.46
CA VAL O 115 -24.97 -8.69 24.09
C VAL O 115 -26.38 -8.94 24.57
N TYR O 116 -26.95 -8.01 25.30
CA TYR O 116 -28.32 -8.16 25.79
C TYR O 116 -29.20 -7.30 24.91
N TRP O 117 -29.86 -7.93 23.95
CA TRP O 117 -30.82 -7.20 23.14
C TRP O 117 -32.18 -7.15 23.78
N ASP O 118 -32.63 -8.27 24.32
CA ASP O 118 -33.97 -8.36 24.89
C ASP O 118 -34.02 -7.64 26.22
N LEU O 119 -34.97 -6.73 26.37
CA LEU O 119 -35.15 -5.99 27.59
C LEU O 119 -36.63 -5.79 27.85
N GLU O 120 -37.03 -5.94 29.10
CA GLU O 120 -38.43 -5.80 29.48
C GLU O 120 -38.94 -4.39 29.22
N LEU O 121 -38.04 -3.45 28.94
CA LEU O 121 -38.45 -2.07 28.67
C LEU O 121 -39.10 -1.93 27.30
N PHE O 122 -38.69 -2.74 26.34
CA PHE O 122 -38.98 -2.45 24.94
C PHE O 122 -40.25 -3.10 24.41
N ARG O 123 -41.04 -3.79 25.23
CA ARG O 123 -42.23 -4.47 24.74
C ARG O 123 -43.42 -4.08 25.59
N ASP O 124 -44.35 -3.33 25.00
CA ASP O 124 -45.50 -2.85 25.75
C ASP O 124 -46.40 -4.01 26.16
N PRO O 125 -47.27 -3.80 27.16
CA PRO O 125 -48.07 -4.93 27.65
C PRO O 125 -49.02 -5.52 26.63
N ARG O 126 -49.75 -4.68 25.91
CA ARG O 126 -50.82 -5.19 25.05
C ARG O 126 -50.28 -6.06 23.92
N THR O 127 -49.05 -5.82 23.48
CA THR O 127 -48.46 -6.54 22.36
C THR O 127 -47.11 -7.09 22.78
N GLY O 128 -46.96 -8.41 22.72
CA GLY O 128 -45.66 -9.00 22.99
C GLY O 128 -44.57 -8.53 22.05
N GLU O 129 -44.94 -8.05 20.87
CA GLU O 129 -43.96 -7.64 19.88
C GLU O 129 -43.25 -6.36 20.34
N PRO O 130 -42.01 -6.15 19.90
CA PRO O 130 -41.28 -4.96 20.32
C PRO O 130 -41.88 -3.70 19.76
N ALA O 131 -41.79 -2.63 20.54
CA ALA O 131 -42.26 -1.33 20.12
C ALA O 131 -41.57 -0.27 20.98
N LEU O 132 -41.66 0.97 20.52
CA LEU O 132 -41.24 2.11 21.33
C LEU O 132 -42.02 3.32 20.84
N ASP O 133 -42.16 4.33 21.69
CA ASP O 133 -43.10 5.40 21.38
C ASP O 133 -42.38 6.51 20.63
N LEU O 134 -42.68 6.62 19.35
CA LEU O 134 -41.97 7.60 18.54
C LEU O 134 -42.34 9.02 18.93
N PRO O 135 -43.62 9.37 19.13
CA PRO O 135 -43.91 10.72 19.62
C PRO O 135 -43.31 10.97 20.98
N LYS O 136 -43.46 10.01 21.89
CA LYS O 136 -43.01 10.22 23.25
C LYS O 136 -41.49 10.22 23.33
N MET O 137 -40.84 9.27 22.66
CA MET O 137 -39.39 9.25 22.66
C MET O 137 -38.83 10.55 22.14
N PHE O 138 -39.55 11.20 21.23
CA PHE O 138 -39.05 12.46 20.68
C PHE O 138 -39.00 13.54 21.73
N GLY O 139 -40.12 13.79 22.41
CA GLY O 139 -40.18 14.90 23.33
C GLY O 139 -39.02 14.94 24.30
N ILE O 140 -38.65 13.79 24.84
CA ILE O 140 -37.53 13.73 25.77
C ILE O 140 -36.27 14.28 25.11
N HIS O 141 -35.81 13.59 24.06
CA HIS O 141 -34.58 14.02 23.40
C HIS O 141 -34.60 15.50 23.10
N LEU O 142 -35.71 16.00 22.57
CA LEU O 142 -35.81 17.43 22.31
C LEU O 142 -35.69 18.22 23.60
N PHE O 143 -36.56 17.91 24.57
CA PHE O 143 -36.49 18.60 25.85
C PHE O 143 -35.11 18.48 26.48
N LEU O 144 -34.40 17.41 26.16
CA LEU O 144 -33.03 17.29 26.65
C LEU O 144 -32.08 18.13 25.82
N ALA O 145 -32.26 18.14 24.50
CA ALA O 145 -31.36 18.90 23.65
C ALA O 145 -31.44 20.39 23.95
N GLY O 146 -32.64 20.95 23.90
CA GLY O 146 -32.79 22.36 24.21
C GLY O 146 -32.20 22.72 25.54
N LEU O 147 -32.39 21.86 26.54
CA LEU O 147 -31.81 22.12 27.85
C LEU O 147 -30.29 22.09 27.79
N LEU O 148 -29.73 21.36 26.83
CA LEU O 148 -28.31 21.49 26.56
C LEU O 148 -28.02 22.69 25.68
N CYS O 149 -28.99 23.14 24.90
CA CYS O 149 -28.78 24.36 24.12
C CYS O 149 -28.77 25.57 25.01
N PHE O 150 -29.89 25.84 25.68
CA PHE O 150 -29.96 26.96 26.60
C PHE O 150 -28.74 27.00 27.52
N GLY O 151 -28.27 25.85 27.95
CA GLY O 151 -27.07 25.82 28.73
C GLY O 151 -25.88 26.34 27.94
N PHE O 152 -25.61 25.71 26.80
CA PHE O 152 -24.49 26.14 25.98
C PHE O 152 -24.57 27.63 25.69
N GLY O 153 -25.77 28.12 25.44
CA GLY O 153 -25.91 29.54 25.15
C GLY O 153 -25.66 30.39 26.38
N ALA O 154 -26.25 30.01 27.51
CA ALA O 154 -26.14 30.83 28.69
C ALA O 154 -24.75 30.72 29.30
N PHE O 155 -24.40 29.53 29.77
CA PHE O 155 -23.25 29.44 30.64
C PHE O 155 -21.93 29.51 29.88
N HIS O 156 -21.83 28.91 28.71
CA HIS O 156 -20.54 28.82 28.03
C HIS O 156 -20.24 30.05 27.19
N LEU O 157 -20.99 30.25 26.11
CA LEU O 157 -20.72 31.38 25.21
C LEU O 157 -20.63 32.69 25.98
N THR O 158 -21.59 32.95 26.85
CA THR O 158 -21.63 34.22 27.56
C THR O 158 -20.36 34.45 28.35
N GLY O 159 -19.60 33.41 28.62
CA GLY O 159 -18.50 33.52 29.56
C GLY O 159 -18.96 33.68 30.98
N LEU O 160 -20.26 33.61 31.23
CA LEU O 160 -20.81 33.66 32.57
C LEU O 160 -20.09 32.68 33.47
N PHE O 161 -20.31 31.39 33.26
CA PHE O 161 -19.47 30.36 33.86
C PHE O 161 -18.82 29.61 32.69
N GLY O 162 -17.59 29.97 32.35
CA GLY O 162 -16.89 29.32 31.27
C GLY O 162 -15.99 30.28 30.52
N PRO O 163 -15.24 29.77 29.55
CA PRO O 163 -14.52 30.63 28.62
C PRO O 163 -15.48 31.20 27.60
N GLY O 164 -15.01 32.23 26.90
CA GLY O 164 -15.81 32.87 25.89
C GLY O 164 -15.54 32.37 24.48
N MET O 165 -16.49 32.63 23.60
CA MET O 165 -16.33 32.29 22.20
C MET O 165 -15.17 33.07 21.61
N TRP O 166 -14.63 32.55 20.51
CA TRP O 166 -13.68 33.33 19.73
C TRP O 166 -14.39 34.54 19.14
N VAL O 167 -13.67 35.65 19.06
CA VAL O 167 -14.16 36.83 18.37
C VAL O 167 -12.95 37.60 17.88
N SER O 168 -13.13 38.35 16.80
CA SER O 168 -12.01 38.99 16.12
C SER O 168 -12.42 40.36 15.61
N ASP O 169 -11.41 41.11 15.20
CA ASP O 169 -11.62 42.32 14.41
C ASP O 169 -11.95 41.95 12.97
N PRO O 170 -12.56 42.87 12.22
CA PRO O 170 -12.90 42.54 10.84
C PRO O 170 -11.69 42.29 9.96
N TYR O 171 -10.56 42.89 10.28
CA TYR O 171 -9.38 42.68 9.46
C TYR O 171 -8.66 41.38 9.78
N GLY O 172 -9.09 40.67 10.81
CA GLY O 172 -8.39 39.46 11.19
C GLY O 172 -7.05 39.68 11.83
N LEU O 173 -6.74 40.92 12.20
CA LEU O 173 -5.43 41.21 12.77
C LEU O 173 -5.35 40.85 14.25
N THR O 174 -6.44 41.00 14.99
CA THR O 174 -6.41 40.87 16.44
C THR O 174 -6.93 39.48 16.79
N GLY O 175 -6.02 38.59 17.17
CA GLY O 175 -6.44 37.30 17.68
C GLY O 175 -6.99 37.48 19.08
N SER O 176 -8.16 36.93 19.34
CA SER O 176 -8.80 37.22 20.62
C SER O 176 -9.77 36.11 20.98
N VAL O 177 -9.91 35.89 22.30
CA VAL O 177 -10.95 35.03 22.84
C VAL O 177 -11.56 35.72 24.04
N GLN O 178 -12.83 36.06 23.98
CA GLN O 178 -13.48 36.78 25.06
C GLN O 178 -14.89 36.27 25.29
N PRO O 179 -15.44 36.48 26.48
CA PRO O 179 -16.86 36.24 26.68
C PRO O 179 -17.68 37.22 25.85
N VAL O 180 -18.65 36.70 25.13
CA VAL O 180 -19.43 37.49 24.18
C VAL O 180 -20.70 37.92 24.88
N ALA O 181 -20.89 39.21 25.04
CA ALA O 181 -22.13 39.70 25.60
C ALA O 181 -23.25 39.49 24.60
N PRO O 182 -24.28 38.71 24.92
CA PRO O 182 -25.36 38.50 23.97
C PRO O 182 -26.09 39.80 23.69
N GLU O 183 -26.26 40.09 22.40
CA GLU O 183 -27.07 41.24 21.99
C GLU O 183 -28.13 40.72 21.04
N TRP O 184 -29.38 40.75 21.47
CA TRP O 184 -30.49 40.31 20.65
C TRP O 184 -31.36 41.51 20.31
N GLY O 185 -31.37 41.86 19.04
CA GLY O 185 -32.10 42.99 18.55
C GLY O 185 -32.06 42.94 17.04
N PRO O 186 -32.39 44.04 16.38
CA PRO O 186 -32.33 44.04 14.91
C PRO O 186 -30.99 43.61 14.38
N ASP O 187 -29.90 44.10 14.98
CA ASP O 187 -28.57 43.72 14.53
C ASP O 187 -28.27 42.26 14.80
N GLY O 188 -28.92 41.67 15.80
CA GLY O 188 -28.56 40.34 16.23
C GLY O 188 -28.57 39.31 15.15
N PHE O 189 -29.19 39.61 14.01
CA PHE O 189 -29.21 38.70 12.88
C PHE O 189 -28.15 39.01 11.84
N ASN O 190 -27.33 40.02 12.08
CA ASN O 190 -26.12 40.10 11.28
C ASN O 190 -25.20 38.98 11.72
N PRO O 191 -24.97 37.96 10.90
CA PRO O 191 -24.13 36.85 11.34
C PRO O 191 -22.70 37.26 11.54
N TYR O 192 -22.29 38.39 10.98
CA TYR O 192 -20.97 38.92 11.26
C TYR O 192 -20.85 39.49 12.66
N ASN O 193 -21.94 39.53 13.41
CA ASN O 193 -21.92 39.96 14.79
C ASN O 193 -22.25 38.76 15.66
N PRO O 194 -21.28 38.20 16.39
CA PRO O 194 -21.59 37.03 17.22
C PRO O 194 -22.57 37.32 18.32
N GLY O 195 -22.78 38.61 18.66
CA GLY O 195 -23.70 38.96 19.73
C GLY O 195 -25.09 38.41 19.55
N GLY O 196 -25.46 38.05 18.34
CA GLY O 196 -26.68 37.30 18.12
C GLY O 196 -26.50 35.82 18.40
N VAL O 197 -25.38 35.27 17.91
CA VAL O 197 -25.15 33.83 17.99
C VAL O 197 -25.35 33.32 19.40
N VAL O 198 -24.85 34.06 20.38
CA VAL O 198 -25.13 33.74 21.77
C VAL O 198 -26.64 33.77 21.95
N ALA O 199 -27.22 34.96 21.82
CA ALA O 199 -28.64 35.13 22.09
C ALA O 199 -29.48 34.15 21.30
N HIS O 200 -29.00 33.75 20.12
CA HIS O 200 -29.64 32.66 19.40
C HIS O 200 -29.90 31.47 20.30
N HIS O 201 -28.85 30.80 20.73
CA HIS O 201 -29.02 29.57 21.49
C HIS O 201 -29.87 29.81 22.72
N ILE O 202 -29.60 30.88 23.45
CA ILE O 202 -30.41 31.20 24.61
C ILE O 202 -31.86 31.37 24.20
N ALA O 203 -32.11 31.96 23.04
CA ALA O 203 -33.47 31.99 22.52
C ALA O 203 -33.88 30.64 21.98
N ALA O 204 -32.96 29.88 21.41
CA ALA O 204 -33.30 28.56 20.91
C ALA O 204 -33.64 27.63 22.06
N GLY O 205 -32.78 27.58 23.07
CA GLY O 205 -33.00 26.67 24.19
C GLY O 205 -34.39 26.81 24.80
N ILE O 206 -34.83 28.04 25.01
CA ILE O 206 -36.17 28.25 25.55
C ILE O 206 -37.21 27.64 24.63
N VAL O 207 -37.21 28.05 23.37
CA VAL O 207 -38.07 27.40 22.40
C VAL O 207 -37.75 25.92 22.32
N GLY O 208 -36.48 25.56 22.56
CA GLY O 208 -36.15 24.16 22.65
C GLY O 208 -36.85 23.46 23.80
N ILE O 209 -36.91 24.11 24.96
CA ILE O 209 -37.56 23.49 26.11
C ILE O 209 -39.07 23.42 25.91
N ILE O 210 -39.68 24.56 25.58
CA ILE O 210 -41.14 24.63 25.56
C ILE O 210 -41.70 23.55 24.64
N ALA O 211 -41.11 23.40 23.46
CA ALA O 211 -41.52 22.34 22.58
C ALA O 211 -41.30 20.97 23.22
N GLY O 212 -40.06 20.71 23.65
CA GLY O 212 -39.78 19.46 24.31
C GLY O 212 -40.70 19.18 25.47
N LEU O 213 -41.04 20.24 26.22
CA LEU O 213 -42.07 20.08 27.23
C LEU O 213 -43.38 19.60 26.60
N PHE O 214 -43.72 20.13 25.44
CA PHE O 214 -45.07 19.91 24.93
C PHE O 214 -45.26 18.47 24.46
N HIS O 215 -44.41 18.00 23.55
CA HIS O 215 -44.66 16.70 22.95
C HIS O 215 -44.66 15.58 23.97
N ILE O 216 -43.89 15.70 25.03
CA ILE O 216 -43.97 14.70 26.10
C ILE O 216 -45.37 14.70 26.70
N LEU O 217 -45.98 15.86 26.81
CA LEU O 217 -47.22 15.99 27.56
C LEU O 217 -48.44 15.48 26.80
N VAL O 218 -48.36 15.38 25.47
CA VAL O 218 -49.55 15.06 24.69
C VAL O 218 -49.14 14.27 23.45
N ARG O 219 -50.05 13.45 22.96
CA ARG O 219 -49.91 12.61 21.77
C ARG O 219 -50.42 13.33 20.52
N PRO O 220 -49.88 12.99 19.36
CA PRO O 220 -50.23 13.68 18.13
C PRO O 220 -51.62 13.27 17.66
N PRO O 221 -52.19 14.03 16.74
CA PRO O 221 -53.57 13.75 16.30
C PRO O 221 -53.67 12.49 15.48
N GLN O 222 -54.87 11.92 15.48
CA GLN O 222 -55.18 10.73 14.72
C GLN O 222 -54.89 10.90 13.24
N ARG O 223 -55.68 11.75 12.57
CA ARG O 223 -55.58 11.87 11.12
C ARG O 223 -54.16 12.12 10.67
N LEU O 224 -53.42 12.93 11.41
CA LEU O 224 -52.02 13.14 11.08
C LEU O 224 -51.22 11.86 11.30
N TYR O 225 -51.29 11.31 12.50
CA TYR O 225 -50.53 10.13 12.86
C TYR O 225 -50.67 9.04 11.81
N LYS O 226 -51.87 8.87 11.27
CA LYS O 226 -52.03 7.84 10.26
C LYS O 226 -51.28 8.19 9.00
N ALA O 227 -51.24 9.47 8.64
CA ALA O 227 -50.62 9.85 7.38
C ALA O 227 -49.12 9.61 7.41
N LEU O 228 -48.43 10.16 8.39
CA LEU O 228 -46.98 10.10 8.43
C LEU O 228 -46.43 8.73 8.76
N ARG O 229 -47.28 7.75 9.06
CA ARG O 229 -46.83 6.41 9.40
C ARG O 229 -45.92 6.43 10.62
N MET O 230 -46.22 7.30 11.58
CA MET O 230 -45.50 7.27 12.84
C MET O 230 -45.61 5.88 13.45
N GLY O 231 -44.56 5.47 14.13
CA GLY O 231 -44.45 4.12 14.61
C GLY O 231 -43.63 3.22 13.72
N ASN O 232 -43.47 3.60 12.46
CA ASN O 232 -42.54 2.94 11.56
C ASN O 232 -41.24 3.71 11.65
N ILE O 233 -40.21 3.09 12.21
CA ILE O 233 -38.97 3.80 12.51
C ILE O 233 -38.51 4.61 11.32
N GLU O 234 -38.63 4.07 10.12
CA GLU O 234 -38.10 4.75 8.96
C GLU O 234 -38.66 6.16 8.81
N THR O 235 -39.92 6.38 9.19
CA THR O 235 -40.45 7.74 9.06
C THR O 235 -39.67 8.70 9.93
N VAL O 236 -39.05 8.22 10.99
CA VAL O 236 -38.13 9.09 11.71
C VAL O 236 -36.84 9.22 10.93
N LEU O 237 -36.43 8.15 10.25
CA LEU O 237 -35.21 8.22 9.47
C LEU O 237 -35.36 9.20 8.32
N SER O 238 -36.39 9.04 7.50
CA SER O 238 -36.60 9.94 6.38
C SER O 238 -36.56 11.39 6.83
N SER O 239 -37.50 11.75 7.71
CA SER O 239 -37.53 13.11 8.21
C SER O 239 -36.17 13.55 8.72
N SER O 240 -35.58 12.78 9.62
CA SER O 240 -34.34 13.19 10.24
C SER O 240 -33.28 13.51 9.20
N ILE O 241 -33.30 12.85 8.05
CA ILE O 241 -32.31 13.17 7.03
C ILE O 241 -32.51 14.59 6.54
N ALA O 242 -33.76 14.95 6.26
CA ALA O 242 -34.04 16.27 5.71
C ALA O 242 -33.43 17.36 6.58
N ALA O 243 -33.74 17.34 7.87
CA ALA O 243 -33.18 18.33 8.78
C ALA O 243 -31.66 18.37 8.66
N VAL O 244 -31.02 17.22 8.80
CA VAL O 244 -29.57 17.16 8.61
C VAL O 244 -29.20 17.64 7.22
N PHE O 245 -29.82 17.05 6.20
CA PHE O 245 -29.63 17.53 4.84
C PHE O 245 -29.79 19.03 4.74
N PHE O 246 -30.79 19.58 5.42
CA PHE O 246 -30.93 21.02 5.42
C PHE O 246 -29.72 21.69 6.04
N ALA O 247 -29.35 21.27 7.25
CA ALA O 247 -28.28 21.94 7.96
C ALA O 247 -26.96 21.84 7.20
N ALA O 248 -26.74 20.73 6.51
CA ALA O 248 -25.48 20.55 5.80
C ALA O 248 -25.23 21.68 4.82
N PHE O 249 -26.27 22.22 4.20
CA PHE O 249 -26.09 23.41 3.40
C PHE O 249 -25.70 24.60 4.25
N VAL O 250 -26.49 24.90 5.27
CA VAL O 250 -26.34 26.16 5.98
C VAL O 250 -24.92 26.34 6.49
N VAL O 251 -24.31 25.26 6.98
CA VAL O 251 -22.91 25.37 7.38
C VAL O 251 -22.04 25.66 6.18
N ALA O 252 -22.19 24.89 5.10
CA ALA O 252 -21.44 25.17 3.89
C ALA O 252 -21.62 26.62 3.50
N GLY O 253 -22.81 27.15 3.64
CA GLY O 253 -23.02 28.56 3.39
C GLY O 253 -22.17 29.39 4.32
N THR O 254 -22.32 29.21 5.63
CA THR O 254 -21.59 30.05 6.55
C THR O 254 -20.10 29.76 6.53
N MET O 255 -19.69 28.58 6.09
CA MET O 255 -18.28 28.36 5.90
C MET O 255 -17.78 29.00 4.61
N TRP O 256 -18.50 28.78 3.51
CA TRP O 256 -17.99 29.26 2.23
C TRP O 256 -18.12 30.77 2.15
N TYR O 257 -19.29 31.31 2.43
CA TYR O 257 -19.33 32.74 2.64
C TYR O 257 -18.80 33.02 4.02
N GLY O 258 -18.37 34.26 4.24
CA GLY O 258 -17.89 34.62 5.56
C GLY O 258 -18.99 34.46 6.59
N SER O 259 -18.59 34.10 7.80
CA SER O 259 -19.47 34.21 8.96
C SER O 259 -18.61 34.45 10.18
N ALA O 260 -19.07 35.34 11.06
CA ALA O 260 -18.32 35.60 12.28
C ALA O 260 -18.23 34.36 13.15
N THR O 261 -19.09 33.38 12.92
CA THR O 261 -18.90 32.07 13.51
C THR O 261 -17.51 31.55 13.20
N THR O 262 -17.04 31.75 11.97
CA THR O 262 -15.73 31.25 11.58
C THR O 262 -14.82 32.41 11.26
N PRO O 263 -13.90 32.76 12.14
CA PRO O 263 -13.08 33.96 11.93
C PRO O 263 -12.01 33.73 10.89
N ILE O 264 -11.46 34.85 10.42
CA ILE O 264 -10.48 34.77 9.36
C ILE O 264 -9.14 34.25 9.88
N GLU O 265 -8.85 34.47 11.16
CA GLU O 265 -7.60 33.94 11.69
C GLU O 265 -7.58 32.43 11.62
N LEU O 266 -8.64 31.79 12.11
CA LEU O 266 -8.62 30.33 12.18
C LEU O 266 -8.72 29.71 10.80
N PHE O 267 -9.72 30.11 10.03
CA PHE O 267 -9.92 29.60 8.69
C PHE O 267 -9.48 30.67 7.70
N GLY O 268 -8.89 30.24 6.60
CA GLY O 268 -8.43 31.18 5.59
C GLY O 268 -9.54 32.08 5.12
N PRO O 269 -9.17 33.25 4.63
CA PRO O 269 -10.17 34.22 4.21
C PRO O 269 -11.03 33.66 3.09
N THR O 270 -12.32 34.00 3.13
CA THR O 270 -13.26 33.47 2.16
C THR O 270 -12.97 33.97 0.77
N ARG O 271 -13.52 33.27 -0.22
CA ARG O 271 -13.28 33.61 -1.61
C ARG O 271 -13.60 35.06 -1.92
N TYR O 272 -14.59 35.63 -1.25
CA TYR O 272 -15.07 36.93 -1.64
C TYR O 272 -14.25 38.08 -1.07
N GLN O 273 -13.38 37.81 -0.10
CA GLN O 273 -12.48 38.85 0.36
C GLN O 273 -11.51 39.26 -0.74
N TRP O 274 -11.10 38.31 -1.56
CA TRP O 274 -10.22 38.62 -2.67
C TRP O 274 -10.95 39.40 -3.75
N ASP O 275 -12.09 38.89 -4.20
CA ASP O 275 -12.73 39.46 -5.38
C ASP O 275 -13.19 40.87 -5.15
N SER O 276 -13.82 41.14 -4.00
CA SER O 276 -14.18 42.51 -3.68
C SER O 276 -12.96 43.39 -3.49
N SER O 277 -11.76 42.81 -3.47
CA SER O 277 -10.54 43.52 -3.11
C SER O 277 -10.71 44.15 -1.73
N TYR O 278 -11.24 43.34 -0.81
CA TYR O 278 -11.54 43.82 0.52
C TYR O 278 -10.30 44.33 1.22
N PHE O 279 -9.21 43.58 1.17
CA PHE O 279 -8.00 43.97 1.87
C PHE O 279 -7.36 45.20 1.24
N GLN O 280 -7.18 45.18 -0.08
CA GLN O 280 -6.39 46.22 -0.72
C GLN O 280 -7.01 47.59 -0.54
N GLN O 281 -8.34 47.65 -0.55
CA GLN O 281 -8.98 48.89 -0.16
C GLN O 281 -8.62 49.26 1.27
N GLU O 282 -8.55 48.26 2.14
CA GLU O 282 -8.33 48.50 3.56
C GLU O 282 -6.87 48.40 3.96
N ILE O 283 -5.99 47.98 3.06
CA ILE O 283 -4.57 48.20 3.27
C ILE O 283 -4.18 49.61 2.88
N ASN O 284 -4.64 50.05 1.70
CA ASN O 284 -4.22 51.35 1.22
C ASN O 284 -4.74 52.46 2.12
N ARG O 285 -5.99 52.34 2.61
CA ARG O 285 -6.58 53.42 3.37
C ARG O 285 -5.79 53.74 4.63
N ARG O 286 -5.14 52.74 5.23
CA ARG O 286 -4.26 53.06 6.34
C ARG O 286 -2.90 53.55 5.86
N VAL O 287 -2.53 53.23 4.63
CA VAL O 287 -1.30 53.78 4.07
C VAL O 287 -1.52 55.21 3.60
N GLN O 288 -2.62 55.44 2.88
CA GLN O 288 -3.01 56.79 2.50
C GLN O 288 -3.04 57.69 3.72
N ALA O 289 -3.80 57.28 4.74
CA ALA O 289 -3.87 58.07 5.97
C ALA O 289 -2.50 58.22 6.60
N SER O 290 -1.68 57.18 6.52
CA SER O 290 -0.31 57.29 7.01
C SER O 290 0.48 58.32 6.22
N LEU O 291 0.27 58.37 4.91
CA LEU O 291 0.83 59.45 4.11
C LEU O 291 0.01 60.73 4.23
N ALA O 292 -1.30 60.62 4.43
CA ALA O 292 -2.07 61.78 4.85
C ALA O 292 -1.61 62.26 6.21
N SER O 293 -1.13 61.36 7.05
CA SER O 293 -0.40 61.77 8.24
C SER O 293 0.95 62.33 7.86
N GLY O 294 1.56 61.77 6.82
CA GLY O 294 2.85 62.20 6.32
C GLY O 294 3.97 61.38 6.92
N ALA O 295 4.96 61.07 6.09
CA ALA O 295 6.15 60.30 6.43
C ALA O 295 6.89 60.05 5.13
N THR O 296 8.06 59.42 5.20
CA THR O 296 8.61 58.82 4.00
C THR O 296 7.58 57.86 3.43
N LEU O 297 7.31 57.98 2.13
CA LEU O 297 6.38 57.04 1.52
C LEU O 297 6.80 55.61 1.79
N GLU O 298 8.12 55.38 1.88
CA GLU O 298 8.62 54.14 2.42
C GLU O 298 8.10 53.92 3.83
N GLU O 299 8.36 54.87 4.72
CA GLU O 299 7.97 54.75 6.12
C GLU O 299 6.51 54.35 6.27
N ALA O 300 5.65 54.82 5.37
CA ALA O 300 4.24 54.43 5.44
C ALA O 300 4.09 52.95 5.22
N TRP O 301 4.60 52.46 4.09
CA TRP O 301 4.48 51.05 3.85
C TRP O 301 5.35 50.24 4.80
N SER O 302 6.22 50.89 5.57
CA SER O 302 7.15 50.16 6.41
C SER O 302 6.49 49.64 7.67
N ALA O 303 5.49 50.36 8.18
CA ALA O 303 4.84 50.00 9.42
C ALA O 303 3.58 49.15 9.23
N ILE O 304 3.28 48.78 7.99
CA ILE O 304 2.06 48.00 7.73
C ILE O 304 2.30 46.56 8.15
N PRO O 305 1.41 45.96 8.92
CA PRO O 305 1.66 44.61 9.43
C PRO O 305 1.65 43.59 8.30
N GLU O 306 2.61 42.66 8.38
CA GLU O 306 2.69 41.61 7.37
C GLU O 306 1.42 40.77 7.35
N LYS O 307 1.01 40.28 8.52
CA LYS O 307 -0.13 39.38 8.58
C LYS O 307 -1.32 39.95 7.83
N LEU O 308 -1.56 41.25 7.94
CA LEU O 308 -2.60 41.87 7.12
C LEU O 308 -2.29 41.70 5.65
N ALA O 309 -1.10 42.13 5.23
CA ALA O 309 -0.74 41.97 3.83
C ALA O 309 -0.78 40.51 3.42
N PHE O 310 -0.38 39.62 4.33
CA PHE O 310 -0.30 38.21 3.95
C PHE O 310 -1.68 37.65 3.64
N TYR O 311 -2.73 38.19 4.25
CA TYR O 311 -4.05 37.80 3.82
C TYR O 311 -4.32 38.16 2.37
N ASP O 312 -3.55 39.07 1.79
CA ASP O 312 -3.77 39.48 0.42
C ASP O 312 -2.78 38.73 -0.44
N TYR O 313 -3.26 37.68 -1.09
CA TYR O 313 -2.41 36.84 -1.92
C TYR O 313 -3.36 36.01 -2.76
N ILE O 314 -2.91 35.56 -3.93
CA ILE O 314 -3.86 34.80 -4.73
C ILE O 314 -3.88 33.34 -4.31
N GLY O 315 -2.72 32.74 -4.05
CA GLY O 315 -2.70 31.38 -3.57
C GLY O 315 -3.35 31.26 -2.22
N ASN O 316 -3.52 32.39 -1.54
CA ASN O 316 -4.22 32.43 -0.26
C ASN O 316 -5.63 31.90 -0.39
N ASN O 317 -6.48 32.59 -1.15
CA ASN O 317 -7.91 32.32 -1.08
C ASN O 317 -8.24 30.88 -1.46
N PRO O 318 -9.36 30.36 -0.97
CA PRO O 318 -9.66 28.94 -1.19
C PRO O 318 -10.00 28.62 -2.62
N ALA O 319 -10.50 29.59 -3.38
CA ALA O 319 -11.00 29.29 -4.72
C ALA O 319 -9.93 28.68 -5.59
N LYS O 320 -8.69 29.11 -5.42
CA LYS O 320 -7.62 28.73 -6.32
C LYS O 320 -7.02 27.42 -5.80
N GLY O 321 -7.22 26.35 -6.53
CA GLY O 321 -6.63 25.07 -6.17
C GLY O 321 -7.29 23.93 -6.89
N GLY O 322 -6.62 22.79 -6.87
CA GLY O 322 -7.11 21.61 -7.53
C GLY O 322 -7.80 20.65 -6.59
N LEU O 323 -8.58 19.75 -7.16
CA LEU O 323 -9.24 18.73 -6.36
C LEU O 323 -8.24 17.71 -5.86
N PHE O 324 -7.49 17.10 -6.78
CA PHE O 324 -6.57 16.04 -6.40
C PHE O 324 -5.21 16.57 -5.98
N ARG O 325 -5.00 17.87 -6.03
CA ARG O 325 -3.87 18.45 -5.34
C ARG O 325 -4.15 18.38 -3.86
N THR O 326 -3.26 17.75 -3.11
CA THR O 326 -3.56 17.37 -1.74
C THR O 326 -2.49 17.90 -0.81
N GLY O 327 -2.83 17.95 0.46
CA GLY O 327 -1.88 18.35 1.48
C GLY O 327 -2.05 19.80 1.86
N PRO O 328 -1.25 20.25 2.79
CA PRO O 328 -1.40 21.61 3.30
C PRO O 328 -1.06 22.63 2.23
N MET O 329 -1.60 23.83 2.40
CA MET O 329 -1.30 24.89 1.44
C MET O 329 0.19 25.12 1.32
N ASN O 330 0.93 24.94 2.42
CA ASN O 330 2.37 25.16 2.38
C ASN O 330 3.03 24.30 1.33
N LYS O 331 2.52 23.09 1.11
CA LYS O 331 3.08 22.26 0.06
C LYS O 331 2.98 22.91 -1.30
N GLY O 332 2.09 23.89 -1.45
CA GLY O 332 2.01 24.52 -2.75
C GLY O 332 3.20 25.40 -3.10
N ASP O 333 3.40 26.48 -2.36
CA ASP O 333 4.52 27.39 -2.60
C ASP O 333 5.64 27.26 -1.59
N GLY O 334 5.51 26.42 -0.58
CA GLY O 334 6.47 26.37 0.50
C GLY O 334 5.94 27.04 1.75
N ILE O 335 6.84 27.21 2.70
CA ILE O 335 6.54 27.99 3.88
C ILE O 335 6.77 29.46 3.59
N ALA O 336 5.95 30.32 4.18
CA ALA O 336 6.12 31.75 4.02
C ALA O 336 7.26 32.23 4.91
N GLN O 337 8.27 32.84 4.31
CA GLN O 337 9.45 33.26 5.07
C GLN O 337 9.29 34.69 5.55
N ALA O 338 9.28 35.64 4.62
CA ALA O 338 9.03 37.03 4.99
C ALA O 338 8.39 37.74 3.81
N TRP O 339 8.03 39.00 4.01
CA TRP O 339 7.23 39.73 3.04
C TRP O 339 8.09 40.82 2.41
N LYS O 340 8.29 40.69 1.09
CA LYS O 340 9.14 41.60 0.34
C LYS O 340 8.69 43.03 0.51
N GLY O 341 7.56 43.38 -0.06
CA GLY O 341 7.03 44.71 0.05
C GLY O 341 6.09 44.99 -1.10
N HIS O 342 5.75 46.26 -1.26
CA HIS O 342 4.82 46.70 -2.29
C HIS O 342 5.62 47.01 -3.54
N ALA O 343 5.45 46.19 -4.57
CA ALA O 343 6.18 46.43 -5.81
C ALA O 343 5.48 47.54 -6.57
N VAL O 344 6.18 48.64 -6.78
CA VAL O 344 5.65 49.74 -7.56
C VAL O 344 6.44 49.80 -8.86
N PHE O 345 5.72 49.80 -9.98
CA PHE O 345 6.33 49.82 -11.29
C PHE O 345 6.18 51.23 -11.86
N ARG O 346 7.29 51.79 -12.32
CA ARG O 346 7.25 53.10 -12.92
C ARG O 346 7.60 52.99 -14.39
N ASN O 347 7.10 53.94 -15.18
CA ASN O 347 7.18 53.91 -16.62
C ASN O 347 8.60 53.75 -17.15
N LYS O 348 9.60 54.01 -16.31
CA LYS O 348 10.95 54.49 -16.55
C LYS O 348 10.95 56.00 -16.60
N GLU O 349 9.78 56.63 -16.72
CA GLU O 349 9.64 58.07 -16.53
C GLU O 349 9.24 58.44 -15.12
N GLY O 350 8.89 57.46 -14.29
CA GLY O 350 8.43 57.70 -12.94
C GLY O 350 6.93 57.52 -12.75
N GLU O 351 6.16 57.54 -13.83
CA GLU O 351 4.72 57.33 -13.73
C GLU O 351 4.42 55.95 -13.19
N GLU O 352 3.54 55.89 -12.19
CA GLU O 352 3.29 54.63 -11.50
C GLU O 352 2.38 53.72 -12.32
N LEU O 353 2.73 52.45 -12.34
CA LEU O 353 2.01 51.42 -13.07
C LEU O 353 1.30 50.49 -12.10
N PHE O 354 0.19 49.93 -12.54
CA PHE O 354 -0.56 48.96 -11.77
C PHE O 354 -0.60 47.64 -12.53
N VAL O 355 -0.36 46.56 -11.83
CA VAL O 355 -0.60 45.25 -12.41
C VAL O 355 -2.10 44.99 -12.41
N ARG O 356 -2.53 44.12 -13.32
CA ARG O 356 -3.92 43.65 -13.34
C ARG O 356 -3.97 42.38 -12.50
N ARG O 357 -4.63 42.45 -11.36
CA ARG O 357 -4.55 41.34 -10.44
C ARG O 357 -5.38 40.17 -10.95
N MET O 358 -4.99 38.99 -10.52
CA MET O 358 -5.46 37.75 -11.13
C MET O 358 -6.86 37.40 -10.64
N PRO O 359 -7.85 37.32 -11.51
CA PRO O 359 -9.15 36.82 -11.09
C PRO O 359 -9.07 35.36 -10.70
N ALA O 360 -10.08 34.90 -9.98
CA ALA O 360 -10.05 33.57 -9.39
C ALA O 360 -10.06 32.46 -10.42
N PHE O 361 -10.51 32.72 -11.64
CA PHE O 361 -10.65 31.66 -12.63
C PHE O 361 -9.35 31.19 -13.22
N PHE O 362 -8.72 32.06 -14.00
CA PHE O 362 -7.58 31.68 -14.80
C PHE O 362 -6.53 30.98 -13.95
N GLU O 363 -5.96 29.90 -14.46
CA GLU O 363 -4.79 29.35 -13.80
C GLU O 363 -3.53 30.10 -14.21
N SER O 364 -3.40 30.41 -15.49
CA SER O 364 -2.28 31.19 -16.01
C SER O 364 -2.86 32.48 -16.55
N PHE O 365 -2.42 33.60 -15.99
CA PHE O 365 -3.10 34.81 -16.35
C PHE O 365 -2.13 35.76 -17.04
N PRO O 366 -2.57 36.47 -18.08
CA PRO O 366 -1.66 37.37 -18.78
C PRO O 366 -1.20 38.48 -17.85
N VAL O 367 0.11 38.64 -17.74
CA VAL O 367 0.67 39.68 -16.89
C VAL O 367 0.67 41.00 -17.66
N ILE O 368 -0.04 41.99 -17.13
CA ILE O 368 -0.28 43.23 -17.83
C ILE O 368 0.23 44.37 -16.95
N LEU O 369 0.52 45.50 -17.58
CA LEU O 369 0.89 46.70 -16.85
C LEU O 369 0.01 47.84 -17.31
N THR O 370 -0.81 48.35 -16.40
CA THR O 370 -1.77 49.39 -16.71
C THR O 370 -1.53 50.59 -15.82
N ASP O 371 -2.11 51.72 -16.21
CA ASP O 371 -2.03 52.94 -15.43
C ASP O 371 -3.41 53.37 -15.00
N LYS O 372 -3.45 54.52 -14.31
CA LYS O 372 -4.70 55.04 -13.77
C LYS O 372 -5.78 55.15 -14.83
N ASN O 373 -5.39 55.27 -16.10
CA ASN O 373 -6.33 55.35 -17.19
C ASN O 373 -6.83 53.98 -17.65
N GLY O 374 -6.28 52.90 -17.09
CA GLY O 374 -6.63 51.57 -17.54
C GLY O 374 -6.02 51.16 -18.85
N VAL O 375 -5.38 52.09 -19.57
CA VAL O 375 -4.69 51.72 -20.79
C VAL O 375 -3.48 50.86 -20.45
N VAL O 376 -2.99 50.14 -21.44
CA VAL O 376 -1.84 49.26 -21.27
C VAL O 376 -0.63 49.99 -21.82
N LYS O 377 0.23 50.49 -20.93
CA LYS O 377 1.47 51.12 -21.35
C LYS O 377 2.66 50.19 -21.23
N ALA O 378 2.47 48.97 -20.76
CA ALA O 378 3.50 47.94 -20.84
C ALA O 378 2.82 46.59 -20.70
N ASP O 379 3.48 45.56 -21.17
CA ASP O 379 2.88 44.22 -21.17
C ASP O 379 4.00 43.20 -21.18
N ILE O 380 3.63 41.94 -21.38
CA ILE O 380 4.62 40.92 -21.69
C ILE O 380 4.12 40.09 -22.87
N PRO O 381 4.98 39.74 -23.81
CA PRO O 381 4.57 38.84 -24.89
C PRO O 381 4.46 37.41 -24.37
N PHE O 382 3.82 36.58 -25.18
CA PHE O 382 3.58 35.22 -24.73
C PHE O 382 4.87 34.41 -24.74
N ARG O 383 5.40 34.12 -25.92
CA ARG O 383 6.72 33.51 -26.03
C ARG O 383 7.55 34.25 -27.07
N ARG O 384 7.10 34.17 -28.32
CA ARG O 384 7.66 34.96 -29.41
C ARG O 384 6.57 35.89 -29.91
N ALA O 385 6.83 37.20 -29.85
CA ALA O 385 5.89 38.16 -30.39
C ALA O 385 6.63 39.42 -30.76
N GLU O 386 6.08 40.16 -31.73
CA GLU O 386 6.63 41.47 -32.06
C GLU O 386 6.42 42.42 -30.89
N SER O 387 7.41 43.27 -30.65
CA SER O 387 7.50 44.00 -29.39
C SER O 387 6.74 45.31 -29.49
N LYS O 388 5.65 45.40 -28.73
CA LYS O 388 5.00 46.67 -28.42
C LYS O 388 4.55 46.59 -26.98
N TYR O 389 4.87 47.62 -26.21
CA TYR O 389 4.58 47.67 -24.78
C TYR O 389 5.31 46.58 -24.00
N SER O 390 6.38 46.02 -24.56
CA SER O 390 7.17 45.05 -23.82
C SER O 390 8.10 45.83 -22.89
N PHE O 391 7.98 45.59 -21.59
CA PHE O 391 8.58 46.50 -20.62
C PHE O 391 10.08 46.63 -20.82
N GLU O 392 10.74 45.57 -21.28
CA GLU O 392 12.16 45.67 -21.60
C GLU O 392 12.40 46.69 -22.71
N GLN O 393 11.44 46.86 -23.61
CA GLN O 393 11.54 47.89 -24.63
C GLN O 393 11.24 49.26 -24.06
N GLN O 394 10.11 49.39 -23.37
CA GLN O 394 9.62 50.68 -22.90
C GLN O 394 10.02 51.00 -21.48
N GLY O 395 10.85 50.17 -20.86
CA GLY O 395 11.47 50.53 -19.61
C GLY O 395 10.57 50.26 -18.43
N VAL O 396 11.18 49.88 -17.31
CA VAL O 396 10.44 49.67 -16.08
C VAL O 396 11.41 49.86 -14.93
N THR O 397 10.91 50.43 -13.84
CA THR O 397 11.68 50.52 -12.60
C THR O 397 10.82 49.97 -11.49
N VAL O 398 11.24 48.86 -10.91
CA VAL O 398 10.56 48.26 -9.78
C VAL O 398 11.34 48.62 -8.51
N SER O 399 10.65 49.20 -7.55
CA SER O 399 11.26 49.58 -6.28
C SER O 399 10.36 49.09 -5.16
N PHE O 400 10.84 48.14 -4.39
CA PHE O 400 10.03 47.61 -3.31
C PHE O 400 9.97 48.59 -2.16
N TYR O 401 8.78 48.78 -1.60
CA TYR O 401 8.60 49.61 -0.43
C TYR O 401 8.11 48.76 0.72
N GLY O 402 8.61 49.05 1.91
CA GLY O 402 8.22 48.30 3.09
C GLY O 402 8.73 46.88 3.01
N GLY O 403 8.47 46.13 4.06
CA GLY O 403 8.90 44.77 4.06
C GLY O 403 10.42 44.66 4.09
N GLU O 404 10.91 43.54 3.59
CA GLU O 404 12.29 43.14 3.82
C GLU O 404 13.28 44.13 3.23
N LEU O 405 13.22 44.33 1.92
CA LEU O 405 14.17 45.20 1.24
C LEU O 405 13.43 46.44 0.77
N ASN O 406 14.12 47.58 0.83
CA ASN O 406 13.48 48.85 0.57
C ASN O 406 14.35 49.67 -0.37
N GLY O 407 13.70 50.51 -1.16
CA GLY O 407 14.41 51.41 -2.06
C GLY O 407 15.38 50.73 -3.00
N GLN O 408 15.23 49.44 -3.24
CA GLN O 408 16.20 48.67 -4.01
C GLN O 408 15.66 48.48 -5.42
N THR O 409 16.27 49.18 -6.36
CA THR O 409 15.73 49.30 -7.71
C THR O 409 16.28 48.21 -8.61
N PHE O 410 15.41 47.57 -9.37
CA PHE O 410 15.80 46.57 -10.35
C PHE O 410 15.30 47.02 -11.72
N THR O 411 16.20 47.10 -12.69
CA THR O 411 15.81 47.39 -14.07
C THR O 411 16.54 46.42 -14.99
N ASP O 412 15.79 45.53 -15.64
CA ASP O 412 16.29 44.52 -16.56
C ASP O 412 15.15 43.61 -17.00
N PRO O 413 15.28 42.92 -18.12
CA PRO O 413 14.29 41.90 -18.48
C PRO O 413 14.22 40.77 -17.47
N PRO O 414 15.35 40.16 -17.07
CA PRO O 414 15.23 38.92 -16.29
C PRO O 414 14.67 39.12 -14.89
N THR O 415 15.11 40.14 -14.16
CA THR O 415 14.69 40.23 -12.77
C THR O 415 13.28 40.80 -12.64
N VAL O 416 12.96 41.81 -13.43
CA VAL O 416 11.64 42.43 -13.34
C VAL O 416 10.55 41.40 -13.62
N LYS O 417 10.61 40.75 -14.78
CA LYS O 417 9.56 39.80 -15.11
C LYS O 417 9.51 38.65 -14.13
N SER O 418 10.61 38.36 -13.45
CA SER O 418 10.56 37.41 -12.35
C SER O 418 9.51 37.84 -11.35
N TYR O 419 9.53 39.11 -10.97
CA TYR O 419 8.51 39.64 -10.07
C TYR O 419 7.22 39.93 -10.80
N ALA O 420 7.30 40.45 -12.02
CA ALA O 420 6.10 40.79 -12.76
C ALA O 420 5.20 39.58 -12.92
N ARG O 421 5.78 38.41 -13.16
CA ARG O 421 4.94 37.22 -13.23
C ARG O 421 4.46 36.79 -11.84
N LYS O 422 5.19 37.13 -10.79
CA LYS O 422 4.67 36.91 -9.45
C LYS O 422 3.75 38.03 -9.01
N ALA O 423 3.98 39.25 -9.49
CA ALA O 423 3.25 40.40 -8.96
C ALA O 423 1.75 40.24 -9.12
N ILE O 424 1.31 39.67 -10.24
CA ILE O 424 -0.12 39.53 -10.49
C ILE O 424 -0.79 38.65 -9.46
N PHE O 425 -0.02 37.84 -8.74
CA PHE O 425 -0.58 37.03 -7.67
C PHE O 425 -0.96 37.84 -6.45
N GLY O 426 -0.65 39.13 -6.42
CA GLY O 426 -0.74 39.89 -5.19
C GLY O 426 0.64 40.14 -4.62
N GLU O 427 0.64 40.61 -3.38
CA GLU O 427 1.89 41.03 -2.77
C GLU O 427 2.87 39.86 -2.68
N ILE O 428 4.16 40.18 -2.83
CA ILE O 428 5.19 39.17 -3.02
C ILE O 428 5.58 38.58 -1.67
N PHE O 429 6.09 37.35 -1.70
CA PHE O 429 6.60 36.73 -0.48
C PHE O 429 7.81 35.87 -0.78
N GLU O 430 8.68 35.77 0.21
CA GLU O 430 9.76 34.79 0.16
C GLU O 430 9.25 33.45 0.64
N PHE O 431 9.58 32.40 -0.09
CA PHE O 431 9.15 31.06 0.24
C PHE O 431 10.37 30.16 0.42
N ASP O 432 10.31 29.29 1.41
CA ASP O 432 11.26 28.21 1.54
C ASP O 432 10.67 27.02 0.81
N THR O 433 11.24 26.70 -0.34
CA THR O 433 10.60 25.72 -1.21
C THR O 433 10.86 24.29 -0.75
N GLU O 434 12.13 23.95 -0.50
CA GLU O 434 12.48 22.54 -0.41
C GLU O 434 12.20 21.94 0.96
N THR O 435 12.17 22.76 2.01
CA THR O 435 11.97 22.22 3.36
C THR O 435 10.79 21.28 3.42
N LEU O 436 9.65 21.69 2.89
CA LEU O 436 8.51 20.81 2.75
C LEU O 436 8.42 20.24 1.34
N ASN O 437 9.38 20.55 0.48
CA ASN O 437 9.43 20.02 -0.89
C ASN O 437 8.22 20.47 -1.70
N SER O 438 7.98 21.78 -1.70
CA SER O 438 6.85 22.33 -2.44
C SER O 438 7.13 22.39 -3.93
N ASP O 439 6.07 22.20 -4.71
CA ASP O 439 6.19 22.23 -6.16
C ASP O 439 6.05 23.60 -6.78
N GLY O 440 5.47 24.56 -6.07
CA GLY O 440 5.07 25.80 -6.69
C GLY O 440 3.75 25.75 -7.40
N ILE O 441 2.83 24.89 -6.95
CA ILE O 441 1.51 24.78 -7.55
C ILE O 441 0.47 24.80 -6.43
N PHE O 442 -0.56 25.63 -6.59
CA PHE O 442 -1.39 26.03 -5.47
C PHE O 442 -2.29 24.89 -5.00
N ARG O 443 -2.77 25.04 -3.77
CA ARG O 443 -3.70 24.09 -3.17
C ARG O 443 -4.70 24.85 -2.31
N THR O 444 -5.87 24.26 -2.12
CA THR O 444 -6.95 24.93 -1.43
C THR O 444 -6.81 24.83 0.09
N SER O 445 -7.41 25.80 0.77
CA SER O 445 -7.30 25.91 2.22
C SER O 445 -8.32 24.99 2.89
N PRO O 446 -8.32 24.92 4.22
CA PRO O 446 -9.39 24.16 4.88
C PRO O 446 -10.77 24.68 4.57
N ARG O 447 -10.96 26.00 4.58
CA ARG O 447 -12.27 26.55 4.29
C ARG O 447 -12.83 25.96 3.01
N GLY O 448 -11.96 25.67 2.06
CA GLY O 448 -12.40 24.95 0.88
C GLY O 448 -12.80 23.52 1.20
N TRP O 449 -11.88 22.74 1.76
CA TRP O 449 -12.14 21.31 1.92
C TRP O 449 -13.39 21.07 2.74
N PHE O 450 -13.51 21.74 3.87
CA PHE O 450 -14.67 21.54 4.73
C PHE O 450 -15.95 21.65 3.93
N THR O 451 -16.01 22.64 3.04
CA THR O 451 -17.26 22.90 2.33
C THR O 451 -17.56 21.79 1.33
N PHE O 452 -16.62 21.51 0.44
CA PHE O 452 -16.84 20.50 -0.58
C PHE O 452 -17.31 19.19 0.05
N ALA O 453 -16.79 18.85 1.21
CA ALA O 453 -17.21 17.62 1.84
C ALA O 453 -18.68 17.68 2.21
N HIS O 454 -19.14 18.82 2.71
CA HIS O 454 -20.53 18.87 3.16
C HIS O 454 -21.49 19.08 2.01
N ALA O 455 -21.17 19.97 1.08
CA ALA O 455 -22.05 20.17 -0.07
C ALA O 455 -22.33 18.84 -0.76
N VAL O 456 -21.28 18.08 -1.05
CA VAL O 456 -21.46 16.74 -1.60
C VAL O 456 -22.33 15.92 -0.69
N PHE O 457 -21.84 15.63 0.52
CA PHE O 457 -22.58 14.78 1.44
C PHE O 457 -24.01 15.27 1.64
N ALA O 458 -24.21 16.59 1.64
CA ALA O 458 -25.57 17.12 1.59
C ALA O 458 -26.29 16.58 0.38
N LEU O 459 -25.78 16.93 -0.80
CA LEU O 459 -26.47 16.61 -2.04
C LEU O 459 -26.81 15.14 -2.13
N LEU O 460 -25.96 14.27 -1.59
CA LEU O 460 -26.36 12.88 -1.42
C LEU O 460 -27.63 12.78 -0.58
N PHE O 461 -27.56 13.23 0.66
CA PHE O 461 -28.67 12.98 1.57
C PHE O 461 -29.99 13.45 0.97
N PHE O 462 -29.94 14.44 0.08
CA PHE O 462 -31.13 14.74 -0.70
C PHE O 462 -31.71 13.46 -1.27
N PHE O 463 -30.96 12.81 -2.15
CA PHE O 463 -31.38 11.52 -2.66
C PHE O 463 -31.67 10.55 -1.53
N GLY O 464 -30.91 10.65 -0.44
CA GLY O 464 -31.20 9.83 0.71
C GLY O 464 -32.52 10.19 1.35
N HIS O 465 -32.85 11.49 1.36
CA HIS O 465 -34.13 11.88 1.92
C HIS O 465 -35.27 11.33 1.11
N ILE O 466 -35.11 11.25 -0.20
CA ILE O 466 -36.19 10.76 -1.05
C ILE O 466 -36.36 9.26 -0.87
N TRP O 467 -35.27 8.52 -1.01
CA TRP O 467 -35.37 7.06 -1.05
C TRP O 467 -36.14 6.53 0.15
N HIS O 468 -35.69 6.85 1.36
CA HIS O 468 -36.44 6.43 2.53
C HIS O 468 -37.81 7.06 2.55
N GLY O 469 -37.90 8.36 2.25
CA GLY O 469 -39.19 9.01 2.18
C GLY O 469 -40.17 8.22 1.35
N ALA O 470 -39.70 7.65 0.24
CA ALA O 470 -40.55 6.77 -0.52
C ALA O 470 -40.91 5.51 0.27
N ARG O 471 -39.99 5.03 1.10
CA ARG O 471 -40.24 3.75 1.75
C ARG O 471 -40.94 3.88 3.10
N THR O 472 -41.11 5.08 3.62
CA THR O 472 -42.01 5.23 4.74
C THR O 472 -43.46 5.14 4.30
N LEU O 473 -43.84 5.91 3.29
CA LEU O 473 -45.22 5.89 2.84
C LEU O 473 -45.59 4.52 2.29
N PHE O 474 -44.73 3.96 1.47
CA PHE O 474 -45.04 2.79 0.67
C PHE O 474 -44.60 1.49 1.32
N ARG O 475 -44.14 1.55 2.57
CA ARG O 475 -43.69 0.34 3.25
C ARG O 475 -44.71 -0.78 3.17
N ASP O 476 -45.99 -0.43 3.07
CA ASP O 476 -47.01 -1.44 2.80
C ASP O 476 -46.80 -2.06 1.42
N VAL O 477 -46.83 -1.24 0.38
CA VAL O 477 -46.75 -1.73 -0.99
C VAL O 477 -45.34 -2.12 -1.38
N PHE O 478 -44.33 -1.50 -0.75
CA PHE O 478 -42.97 -1.56 -1.24
C PHE O 478 -42.45 -2.97 -1.40
N SER O 479 -43.01 -3.95 -0.68
CA SER O 479 -42.59 -5.32 -0.85
C SER O 479 -42.74 -5.78 -2.30
N GLY O 480 -43.84 -5.39 -2.95
CA GLY O 480 -44.04 -5.65 -4.35
C GLY O 480 -45.44 -5.26 -4.80
N ILE O 481 -45.65 -5.07 -6.10
CA ILE O 481 -46.97 -4.71 -6.58
C ILE O 481 -47.89 -5.91 -6.49
N ASP O 482 -49.17 -5.65 -6.22
CA ASP O 482 -50.13 -6.72 -6.00
C ASP O 482 -50.26 -7.58 -7.25
N PRO O 483 -50.69 -8.82 -7.09
CA PRO O 483 -50.73 -9.75 -8.23
C PRO O 483 -51.81 -9.45 -9.25
N GLU O 484 -51.50 -8.55 -10.20
CA GLU O 484 -52.39 -8.20 -11.30
C GLU O 484 -53.62 -7.42 -10.82
N ASP P 1 -55.48 -2.10 -51.98
CA ASP P 1 -55.92 -3.02 -50.93
C ASP P 1 -55.75 -2.43 -49.55
N GLN P 2 -56.17 -3.18 -48.55
CA GLN P 2 -56.06 -2.84 -47.14
C GLN P 2 -55.12 -3.81 -46.43
N GLU P 3 -54.93 -3.56 -45.14
CA GLU P 3 -53.99 -4.34 -44.34
C GLU P 3 -54.43 -5.79 -44.20
N SER P 4 -55.72 -6.07 -44.35
CA SER P 4 -56.24 -7.42 -44.14
C SER P 4 -55.43 -8.46 -44.90
N SER P 5 -55.20 -8.22 -46.19
CA SER P 5 -54.24 -9.01 -46.96
C SER P 5 -53.06 -8.09 -47.21
N GLY P 6 -51.99 -8.32 -46.49
CA GLY P 6 -50.94 -7.33 -46.53
C GLY P 6 -50.26 -7.22 -45.18
N PHE P 7 -49.78 -6.02 -44.92
CA PHE P 7 -49.27 -5.56 -43.64
C PHE P 7 -49.65 -4.09 -43.50
N ALA P 8 -49.06 -3.40 -42.53
CA ALA P 8 -49.56 -2.10 -42.14
C ALA P 8 -49.30 -1.06 -43.22
N TRP P 9 -49.80 0.15 -42.98
CA TRP P 9 -49.83 1.17 -44.03
C TRP P 9 -48.50 1.88 -44.18
N TRP P 10 -47.85 2.20 -43.07
CA TRP P 10 -46.62 2.99 -43.13
C TRP P 10 -45.58 2.31 -44.00
N ALA P 11 -45.60 0.98 -44.06
CA ALA P 11 -44.75 0.19 -44.94
C ALA P 11 -45.44 -0.18 -46.24
N GLY P 12 -46.64 0.32 -46.47
CA GLY P 12 -47.61 -0.32 -47.35
C GLY P 12 -47.13 -0.61 -48.76
N ASN P 13 -46.02 -0.03 -49.22
CA ASN P 13 -45.61 -0.31 -50.58
C ASN P 13 -45.37 -1.79 -50.83
N ALA P 14 -44.72 -2.47 -49.89
CA ALA P 14 -44.36 -3.85 -50.18
C ALA P 14 -45.59 -4.74 -50.34
N ARG P 15 -46.79 -4.22 -50.13
CA ARG P 15 -47.97 -4.90 -50.60
C ARG P 15 -47.89 -5.22 -52.09
N LEU P 16 -47.01 -4.54 -52.82
CA LEU P 16 -46.90 -4.71 -54.26
C LEU P 16 -46.09 -5.91 -54.68
N ILE P 17 -45.47 -6.63 -53.74
CA ILE P 17 -44.50 -7.67 -54.10
C ILE P 17 -45.07 -8.59 -55.17
N ASN P 18 -46.31 -9.02 -55.00
CA ASN P 18 -46.87 -10.02 -55.90
C ASN P 18 -47.67 -9.43 -57.04
N LEU P 19 -47.82 -8.11 -57.12
CA LEU P 19 -48.57 -7.51 -58.21
C LEU P 19 -47.58 -6.81 -59.13
N SER P 20 -47.35 -7.41 -60.30
CA SER P 20 -46.44 -6.80 -61.25
C SER P 20 -47.09 -5.66 -61.99
N GLY P 21 -48.36 -5.81 -62.36
CA GLY P 21 -49.07 -4.74 -63.02
C GLY P 21 -48.99 -3.44 -62.25
N LYS P 22 -49.16 -3.51 -60.94
CA LYS P 22 -48.94 -2.32 -60.13
C LYS P 22 -47.47 -1.96 -60.06
N LEU P 23 -46.59 -2.96 -60.16
CA LEU P 23 -45.18 -2.70 -59.90
C LEU P 23 -44.57 -1.82 -60.99
N LEU P 24 -44.84 -2.12 -62.25
CA LEU P 24 -44.40 -1.22 -63.31
C LEU P 24 -44.93 0.18 -63.08
N GLY P 25 -46.20 0.28 -62.69
CA GLY P 25 -46.77 1.57 -62.38
C GLY P 25 -45.91 2.36 -61.43
N ALA P 26 -45.37 1.70 -60.41
CA ALA P 26 -44.48 2.37 -59.49
C ALA P 26 -43.28 2.96 -60.21
N HIS P 27 -42.44 2.09 -60.76
CA HIS P 27 -41.16 2.53 -61.31
C HIS P 27 -41.35 3.60 -62.37
N VAL P 28 -42.12 3.28 -63.41
CA VAL P 28 -42.31 4.23 -64.49
C VAL P 28 -42.73 5.58 -63.94
N ALA P 29 -43.65 5.57 -62.98
CA ALA P 29 -43.98 6.82 -62.31
C ALA P 29 -42.76 7.39 -61.59
N HIS P 30 -42.09 6.56 -60.79
CA HIS P 30 -40.94 7.04 -60.04
C HIS P 30 -39.87 7.57 -60.98
N ALA P 31 -39.52 6.79 -62.01
CA ALA P 31 -38.58 7.28 -63.00
C ALA P 31 -39.06 8.61 -63.56
N GLY P 32 -40.37 8.76 -63.74
CA GLY P 32 -40.91 10.03 -64.18
C GLY P 32 -40.47 11.17 -63.30
N LEU P 33 -40.51 10.98 -61.98
CA LEU P 33 -40.07 12.03 -61.07
C LEU P 33 -38.62 12.39 -61.33
N ILE P 34 -37.74 11.39 -61.26
CA ILE P 34 -36.31 11.64 -61.41
C ILE P 34 -36.05 12.44 -62.67
N VAL P 35 -36.65 12.02 -63.78
CA VAL P 35 -36.53 12.80 -65.01
C VAL P 35 -37.03 14.21 -64.78
N PHE P 36 -38.25 14.33 -64.28
CA PHE P 36 -38.85 15.64 -64.09
C PHE P 36 -38.00 16.52 -63.18
N TRP P 37 -37.45 15.93 -62.12
CA TRP P 37 -36.55 16.70 -61.27
C TRP P 37 -35.35 17.18 -62.06
N ALA P 38 -34.86 16.36 -62.98
CA ALA P 38 -33.65 16.73 -63.71
C ALA P 38 -33.86 18.01 -64.50
N GLY P 39 -34.83 18.00 -65.40
CA GLY P 39 -35.05 19.19 -66.20
C GLY P 39 -35.44 20.39 -65.36
N ALA P 40 -36.16 20.16 -64.26
CA ALA P 40 -36.59 21.27 -63.43
C ALA P 40 -35.40 22.08 -62.96
N MET P 41 -34.47 21.42 -62.25
CA MET P 41 -33.27 22.11 -61.79
C MET P 41 -32.58 22.81 -62.94
N THR P 42 -32.52 22.17 -64.10
CA THR P 42 -31.90 22.79 -65.25
C THR P 42 -32.50 24.16 -65.53
N LEU P 43 -33.82 24.19 -65.74
CA LEU P 43 -34.47 25.46 -65.98
C LEU P 43 -34.40 26.35 -64.75
N PHE P 44 -34.64 25.77 -63.57
CA PHE P 44 -34.52 26.54 -62.34
C PHE P 44 -33.17 27.21 -62.23
N GLU P 45 -32.10 26.45 -62.48
CA GLU P 45 -30.78 27.07 -62.47
C GLU P 45 -30.62 28.04 -63.62
N LEU P 46 -31.14 27.69 -64.79
CA LEU P 46 -30.93 28.54 -65.96
C LEU P 46 -31.53 29.91 -65.77
N ALA P 47 -32.64 30.02 -65.03
CA ALA P 47 -33.25 31.32 -64.83
C ALA P 47 -32.39 32.21 -63.95
N HIS P 48 -31.80 31.63 -62.92
CA HIS P 48 -30.96 32.38 -61.99
C HIS P 48 -29.51 32.39 -62.43
N PHE P 49 -29.22 31.86 -63.60
CA PHE P 49 -27.85 31.67 -64.04
C PHE P 49 -27.26 32.95 -64.63
N ILE P 50 -25.99 33.19 -64.33
CA ILE P 50 -25.22 34.32 -64.85
C ILE P 50 -24.12 33.76 -65.73
N PRO P 51 -24.18 33.97 -67.05
CA PRO P 51 -23.17 33.35 -67.93
C PRO P 51 -21.78 33.94 -67.78
N GLU P 52 -21.66 35.19 -67.34
CA GLU P 52 -20.34 35.83 -67.36
C GLU P 52 -19.42 35.23 -66.31
N LYS P 53 -19.85 35.21 -65.05
CA LYS P 53 -19.02 34.74 -63.97
C LYS P 53 -18.82 33.24 -64.09
N PRO P 54 -17.99 32.62 -63.26
CA PRO P 54 -17.77 31.18 -63.40
C PRO P 54 -18.97 30.40 -62.86
N MET P 55 -18.92 29.10 -63.07
CA MET P 55 -20.06 28.26 -62.73
C MET P 55 -20.10 27.98 -61.24
N TYR P 56 -18.97 27.54 -60.69
CA TYR P 56 -18.92 27.23 -59.27
C TYR P 56 -19.27 28.44 -58.42
N GLU P 57 -19.05 29.65 -58.95
CA GLU P 57 -19.52 30.83 -58.24
C GLU P 57 -21.02 30.84 -58.11
N GLN P 58 -21.73 30.28 -59.08
CA GLN P 58 -23.18 30.37 -59.12
C GLN P 58 -23.88 29.43 -58.16
N GLY P 59 -23.16 28.49 -57.55
CA GLY P 59 -23.84 27.49 -56.76
C GLY P 59 -24.68 26.58 -57.64
N LEU P 60 -24.02 25.92 -58.59
CA LEU P 60 -24.69 25.31 -59.73
C LEU P 60 -24.26 23.84 -59.80
N ILE P 61 -25.19 22.92 -59.54
CA ILE P 61 -24.84 21.51 -59.43
C ILE P 61 -25.12 20.72 -60.68
N LEU P 62 -25.70 21.32 -61.71
CA LEU P 62 -26.16 20.52 -62.83
C LEU P 62 -25.55 20.98 -64.16
N ILE P 63 -25.80 22.22 -64.56
CA ILE P 63 -25.29 22.79 -65.81
C ILE P 63 -23.84 22.41 -66.04
N PRO P 64 -22.97 22.39 -65.03
CA PRO P 64 -21.63 21.83 -65.25
C PRO P 64 -21.64 20.46 -65.92
N HIS P 65 -22.53 19.56 -65.50
CA HIS P 65 -22.60 18.25 -66.15
C HIS P 65 -22.91 18.39 -67.62
N ILE P 66 -24.00 19.06 -67.95
CA ILE P 66 -24.36 19.27 -69.35
C ILE P 66 -23.19 19.90 -70.09
N ALA P 67 -22.63 20.96 -69.50
CA ALA P 67 -21.47 21.61 -70.08
C ALA P 67 -20.33 20.62 -70.27
N THR P 68 -20.08 19.77 -69.27
CA THR P 68 -18.95 18.85 -69.32
C THR P 68 -18.99 17.99 -70.57
N LEU P 69 -20.16 17.78 -71.14
CA LEU P 69 -20.19 17.09 -72.42
C LEU P 69 -19.90 18.01 -73.58
N GLY P 70 -19.57 19.27 -73.32
CA GLY P 70 -19.05 20.11 -74.36
C GLY P 70 -20.10 20.86 -75.16
N TRP P 71 -21.26 21.11 -74.58
CA TRP P 71 -22.29 21.88 -75.26
C TRP P 71 -22.34 23.28 -74.67
N GLY P 72 -22.21 24.27 -75.55
CA GLY P 72 -22.30 25.66 -75.15
C GLY P 72 -21.15 26.13 -74.28
N VAL P 73 -20.13 25.29 -74.13
CA VAL P 73 -19.01 25.64 -73.26
C VAL P 73 -18.10 26.68 -73.90
N GLY P 74 -17.60 26.41 -75.09
CA GLY P 74 -16.58 27.23 -75.69
C GLY P 74 -15.24 27.02 -75.01
N PRO P 75 -14.16 27.39 -75.69
CA PRO P 75 -12.86 27.39 -75.02
C PRO P 75 -12.81 28.46 -73.96
N GLY P 76 -11.83 28.34 -73.06
CA GLY P 76 -11.79 29.19 -71.89
C GLY P 76 -12.89 28.92 -70.91
N GLY P 77 -13.64 27.84 -71.09
CA GLY P 77 -14.85 27.64 -70.31
C GLY P 77 -15.84 28.76 -70.52
N GLU P 78 -15.95 29.26 -71.76
CA GLU P 78 -16.61 30.53 -71.99
C GLU P 78 -18.10 30.47 -71.67
N VAL P 79 -18.72 29.29 -71.76
CA VAL P 79 -20.17 29.15 -71.62
C VAL P 79 -20.82 30.06 -72.67
N VAL P 80 -20.71 29.68 -73.94
CA VAL P 80 -21.00 30.60 -75.03
C VAL P 80 -22.50 30.84 -75.19
N ASP P 81 -23.26 29.83 -75.59
CA ASP P 81 -24.69 29.96 -75.82
C ASP P 81 -25.44 29.04 -74.87
N THR P 82 -26.38 29.60 -74.13
CA THR P 82 -27.12 28.85 -73.13
C THR P 82 -28.20 27.97 -73.72
N PHE P 83 -28.60 28.23 -74.96
CA PHE P 83 -29.71 27.50 -75.55
C PHE P 83 -29.54 25.99 -75.50
N PRO P 84 -28.37 25.41 -75.75
CA PRO P 84 -28.24 23.95 -75.54
C PRO P 84 -28.54 23.54 -74.11
N PHE P 85 -28.12 24.34 -73.13
CA PHE P 85 -28.50 24.05 -71.75
C PHE P 85 -30.01 24.06 -71.60
N PHE P 86 -30.69 24.99 -72.26
CA PHE P 86 -32.13 25.07 -72.13
C PHE P 86 -32.82 23.86 -72.74
N VAL P 87 -32.34 23.41 -73.90
CA VAL P 87 -32.99 22.31 -74.59
C VAL P 87 -32.97 21.05 -73.74
N VAL P 88 -31.86 20.78 -73.08
CA VAL P 88 -31.72 19.55 -72.30
C VAL P 88 -32.81 19.45 -71.24
N GLY P 89 -32.93 20.48 -70.41
CA GLY P 89 -33.86 20.40 -69.30
C GLY P 89 -35.31 20.23 -69.74
N VAL P 90 -35.73 21.05 -70.71
CA VAL P 90 -37.12 21.03 -71.12
C VAL P 90 -37.50 19.68 -71.72
N VAL P 91 -36.56 19.07 -72.46
CA VAL P 91 -36.85 17.78 -73.07
C VAL P 91 -37.16 16.74 -71.99
N HIS P 92 -36.36 16.71 -70.93
CA HIS P 92 -36.65 15.77 -69.85
C HIS P 92 -38.04 16.00 -69.27
N LEU P 93 -38.44 17.27 -69.08
CA LEU P 93 -39.79 17.52 -68.60
C LEU P 93 -40.82 16.87 -69.50
N ILE P 94 -40.78 17.21 -70.80
CA ILE P 94 -41.72 16.62 -71.74
C ILE P 94 -41.65 15.11 -71.68
N SER P 95 -40.45 14.57 -71.49
CA SER P 95 -40.33 13.12 -71.36
C SER P 95 -41.04 12.62 -70.12
N SER P 96 -40.94 13.35 -69.01
CA SER P 96 -41.62 12.93 -67.80
C SER P 96 -43.14 12.92 -68.00
N ALA P 97 -43.65 13.93 -68.70
CA ALA P 97 -45.10 14.00 -68.94
C ALA P 97 -45.61 12.70 -69.53
N VAL P 98 -44.81 12.06 -70.38
CA VAL P 98 -45.20 10.76 -70.90
C VAL P 98 -45.11 9.71 -69.79
N LEU P 99 -43.96 9.66 -69.11
CA LEU P 99 -43.70 8.61 -68.14
C LEU P 99 -44.80 8.49 -67.11
N GLY P 100 -44.93 9.48 -66.24
CA GLY P 100 -45.95 9.42 -65.21
C GLY P 100 -47.32 9.07 -65.76
N PHE P 101 -47.65 9.65 -66.91
CA PHE P 101 -48.89 9.30 -67.60
C PHE P 101 -49.00 7.80 -67.74
N GLY P 102 -47.94 7.16 -68.24
CA GLY P 102 -47.92 5.71 -68.25
C GLY P 102 -47.91 5.15 -66.84
N GLY P 103 -47.04 5.69 -65.99
CA GLY P 103 -46.98 5.23 -64.61
C GLY P 103 -48.35 5.21 -63.97
N VAL P 104 -49.16 6.23 -64.24
CA VAL P 104 -50.54 6.19 -63.79
C VAL P 104 -51.29 5.07 -64.49
N TYR P 105 -51.08 4.91 -65.79
CA TYR P 105 -51.87 3.94 -66.53
C TYR P 105 -51.70 2.55 -65.96
N HIS P 106 -50.46 2.16 -65.66
CA HIS P 106 -50.26 0.89 -64.96
C HIS P 106 -50.70 0.96 -63.51
N ALA P 107 -50.74 2.16 -62.92
CA ALA P 107 -51.12 2.25 -61.53
C ALA P 107 -52.59 1.89 -61.33
N ILE P 108 -53.44 2.26 -62.28
CA ILE P 108 -54.87 2.08 -62.08
C ILE P 108 -55.50 1.23 -63.18
N ARG P 109 -55.72 1.84 -64.34
CA ARG P 109 -56.50 1.16 -65.37
C ARG P 109 -55.74 0.02 -66.01
N GLY P 110 -54.41 0.00 -65.90
CA GLY P 110 -53.62 -1.11 -66.37
C GLY P 110 -53.96 -2.35 -65.57
N PRO P 111 -53.72 -3.53 -66.15
CA PRO P 111 -54.10 -4.77 -65.48
C PRO P 111 -53.34 -4.94 -64.17
N GLU P 112 -54.05 -5.44 -63.16
CA GLU P 112 -53.45 -5.55 -61.83
C GLU P 112 -52.37 -6.62 -61.77
N THR P 113 -52.34 -7.55 -62.72
CA THR P 113 -51.28 -8.53 -62.79
C THR P 113 -50.99 -8.85 -64.25
N LEU P 114 -49.71 -9.03 -64.56
CA LEU P 114 -49.25 -9.16 -65.93
C LEU P 114 -49.07 -10.60 -66.37
N GLU P 115 -49.33 -11.56 -65.49
CA GLU P 115 -49.16 -12.96 -65.85
C GLU P 115 -50.08 -13.39 -66.98
N GLU P 116 -51.05 -12.55 -67.36
CA GLU P 116 -52.08 -12.92 -68.31
C GLU P 116 -52.04 -12.07 -69.57
N TYR P 117 -52.19 -10.74 -69.45
CA TYR P 117 -52.23 -9.88 -70.61
C TYR P 117 -51.06 -10.15 -71.56
N SER P 118 -49.84 -10.22 -71.03
CA SER P 118 -48.67 -10.61 -71.81
C SER P 118 -47.87 -11.62 -71.00
N SER P 119 -47.79 -12.85 -71.51
CA SER P 119 -46.98 -13.86 -70.85
C SER P 119 -45.51 -13.51 -70.92
N PHE P 120 -45.07 -12.92 -72.03
CA PHE P 120 -43.69 -12.49 -72.17
C PHE P 120 -43.31 -11.52 -71.05
N PHE P 121 -44.06 -10.45 -70.89
CA PHE P 121 -43.84 -9.54 -69.78
C PHE P 121 -44.10 -10.19 -68.44
N GLY P 122 -44.92 -11.23 -68.40
CA GLY P 122 -45.19 -11.89 -67.15
C GLY P 122 -43.93 -12.52 -66.56
N TYR P 123 -43.81 -12.42 -65.24
CA TYR P 123 -42.67 -13.01 -64.55
C TYR P 123 -43.09 -13.35 -63.13
N ASP P 124 -42.50 -14.40 -62.60
CA ASP P 124 -42.61 -14.73 -61.18
C ASP P 124 -41.27 -14.51 -60.53
N TRP P 125 -41.27 -13.84 -59.39
CA TRP P 125 -40.02 -13.57 -58.69
C TRP P 125 -39.23 -14.84 -58.45
N LYS P 126 -39.90 -15.90 -58.02
CA LYS P 126 -39.19 -17.12 -57.69
C LYS P 126 -38.63 -17.81 -58.93
N ASP P 127 -39.17 -17.53 -60.10
CA ASP P 127 -38.60 -18.10 -61.32
C ASP P 127 -37.19 -17.56 -61.54
N LYS P 128 -36.25 -18.47 -61.73
CA LYS P 128 -34.86 -18.10 -61.95
C LYS P 128 -34.51 -17.99 -63.43
N ASN P 129 -35.49 -18.09 -64.33
CA ASN P 129 -35.24 -18.05 -65.75
C ASN P 129 -35.83 -16.80 -66.39
N LYS P 130 -37.16 -16.70 -66.46
CA LYS P 130 -37.81 -15.57 -67.11
C LYS P 130 -37.35 -14.25 -66.51
N MET P 131 -36.97 -14.26 -65.23
CA MET P 131 -36.42 -13.06 -64.64
C MET P 131 -35.04 -12.77 -65.20
N THR P 132 -34.14 -13.74 -65.13
CA THR P 132 -32.81 -13.57 -65.70
C THR P 132 -32.89 -13.12 -67.14
N THR P 133 -33.92 -13.58 -67.87
CA THR P 133 -34.14 -13.07 -69.21
C THR P 133 -34.24 -11.56 -69.21
N ILE P 134 -35.01 -10.99 -68.28
CA ILE P 134 -35.12 -9.54 -68.19
C ILE P 134 -33.78 -8.92 -67.90
N LEU P 135 -33.04 -9.49 -66.93
CA LEU P 135 -31.75 -8.94 -66.57
C LEU P 135 -30.87 -8.73 -67.80
N GLY P 136 -31.05 -9.56 -68.81
CA GLY P 136 -30.31 -9.36 -70.03
C GLY P 136 -30.63 -8.03 -70.68
N PHE P 137 -31.91 -7.80 -70.96
CA PHE P 137 -32.28 -6.66 -71.80
C PHE P 137 -31.74 -5.36 -71.24
N HIS P 138 -32.00 -5.11 -69.96
CA HIS P 138 -31.46 -3.90 -69.35
C HIS P 138 -29.95 -3.87 -69.48
N LEU P 139 -29.30 -4.96 -69.10
CA LEU P 139 -27.85 -5.01 -69.19
C LEU P 139 -27.39 -4.77 -70.62
N ILE P 140 -28.24 -5.10 -71.59
CA ILE P 140 -27.97 -4.69 -72.96
C ILE P 140 -28.20 -3.19 -73.12
N VAL P 141 -29.38 -2.73 -72.73
CA VAL P 141 -29.73 -1.32 -72.89
C VAL P 141 -28.76 -0.44 -72.14
N LEU P 142 -28.55 -0.73 -70.86
CA LEU P 142 -27.59 0.03 -70.08
C LEU P 142 -26.21 0.00 -70.72
N GLY P 143 -25.88 -1.07 -71.44
CA GLY P 143 -24.63 -1.09 -72.18
C GLY P 143 -24.68 -0.27 -73.44
N ILE P 144 -25.87 -0.10 -74.04
CA ILE P 144 -25.99 0.74 -75.22
C ILE P 144 -25.59 2.16 -74.89
N GLY P 145 -26.19 2.74 -73.86
CA GLY P 145 -25.90 4.12 -73.52
C GLY P 145 -24.43 4.38 -73.31
N ALA P 146 -23.74 3.45 -72.65
CA ALA P 146 -22.31 3.60 -72.46
C ALA P 146 -21.62 3.86 -73.79
N LEU P 147 -21.92 3.04 -74.79
CA LEU P 147 -21.44 3.34 -76.14
C LEU P 147 -21.96 4.68 -76.59
N LEU P 148 -23.23 4.98 -76.30
CA LEU P 148 -23.81 6.22 -76.79
C LEU P 148 -23.08 7.42 -76.22
N LEU P 149 -22.44 7.27 -75.06
CA LEU P 149 -21.47 8.27 -74.63
C LEU P 149 -20.37 8.44 -75.67
N VAL P 150 -19.72 7.34 -76.02
CA VAL P 150 -18.60 7.41 -76.95
C VAL P 150 -19.04 8.04 -78.26
N ALA P 151 -20.30 7.81 -78.64
CA ALA P 151 -20.85 8.49 -79.81
C ALA P 151 -20.71 10.00 -79.67
N LYS P 152 -20.88 10.51 -78.45
CA LYS P 152 -20.54 11.90 -78.21
C LYS P 152 -19.03 12.10 -78.23
N ALA P 153 -18.29 11.15 -77.67
CA ALA P 153 -16.85 11.31 -77.57
C ALA P 153 -16.19 11.29 -78.95
N MET P 154 -16.37 10.21 -79.69
CA MET P 154 -15.63 10.05 -80.93
C MET P 154 -16.26 10.80 -82.10
N PHE P 155 -17.59 10.97 -82.09
CA PHE P 155 -18.29 11.45 -83.28
C PHE P 155 -18.90 12.83 -83.08
N PHE P 156 -20.00 12.95 -82.35
CA PHE P 156 -20.79 14.17 -82.34
C PHE P 156 -20.13 15.19 -81.42
N GLY P 157 -19.84 16.37 -81.94
CA GLY P 157 -19.12 17.35 -81.15
C GLY P 157 -17.87 16.73 -80.56
N GLY P 158 -17.57 17.11 -79.32
CA GLY P 158 -16.52 16.43 -78.58
C GLY P 158 -16.64 16.75 -77.10
N LEU P 159 -16.17 15.84 -76.28
CA LEU P 159 -16.28 16.02 -74.84
C LEU P 159 -15.23 16.99 -74.32
N TYR P 160 -15.50 17.48 -73.11
CA TYR P 160 -14.65 18.41 -72.37
C TYR P 160 -13.24 17.91 -72.31
N ASP P 161 -12.29 18.84 -72.26
CA ASP P 161 -10.92 18.44 -71.97
C ASP P 161 -10.45 19.11 -70.69
N THR P 162 -9.95 18.32 -69.76
CA THR P 162 -9.28 18.89 -68.61
C THR P 162 -7.96 19.52 -69.03
N TRP P 163 -7.09 18.76 -69.68
CA TRP P 163 -5.75 19.21 -70.04
C TRP P 163 -5.67 19.38 -71.54
N ALA P 164 -5.62 20.61 -72.01
CA ALA P 164 -5.23 20.94 -73.37
C ALA P 164 -3.90 21.65 -73.29
N PRO P 165 -3.09 21.58 -74.33
CA PRO P 165 -1.82 22.31 -74.33
C PRO P 165 -2.00 23.78 -73.98
N GLY P 166 -3.17 24.34 -74.21
CA GLY P 166 -3.55 25.57 -73.52
C GLY P 166 -5.06 25.67 -73.43
N GLY P 167 -5.53 26.32 -72.38
CA GLY P 167 -6.94 26.53 -72.18
C GLY P 167 -7.71 25.36 -71.62
N GLY P 168 -7.19 24.13 -71.77
CA GLY P 168 -7.78 22.97 -71.13
C GLY P 168 -9.27 22.82 -71.34
N ASP P 169 -9.75 22.76 -72.59
CA ASP P 169 -11.20 22.79 -72.77
C ASP P 169 -11.84 21.74 -73.67
N VAL P 170 -11.67 21.83 -74.98
CA VAL P 170 -12.52 21.10 -75.91
C VAL P 170 -11.66 20.31 -76.88
N ARG P 171 -11.92 19.00 -76.97
CA ARG P 171 -11.19 18.13 -77.87
C ARG P 171 -12.10 16.99 -78.28
N VAL P 172 -11.96 16.56 -79.54
CA VAL P 172 -12.64 15.38 -80.05
C VAL P 172 -11.61 14.27 -80.10
N ILE P 173 -11.77 13.25 -79.26
CA ILE P 173 -10.79 12.18 -79.19
C ILE P 173 -10.72 11.46 -80.53
N THR P 174 -9.50 11.13 -80.95
CA THR P 174 -9.30 10.38 -82.16
C THR P 174 -9.08 8.90 -81.85
N ASN P 175 -7.98 8.59 -81.17
CA ASN P 175 -7.67 7.20 -80.83
C ASN P 175 -7.93 6.95 -79.35
N PRO P 176 -8.97 6.20 -79.01
CA PRO P 176 -9.16 5.80 -77.62
C PRO P 176 -8.19 4.69 -77.25
N THR P 177 -7.74 4.73 -76.01
CA THR P 177 -6.84 3.70 -75.52
C THR P 177 -7.64 2.50 -75.04
N LEU P 178 -7.36 1.34 -75.62
CA LEU P 178 -7.99 0.12 -75.16
C LEU P 178 -6.98 -1.02 -75.21
N ASP P 179 -6.88 -1.75 -74.11
CA ASP P 179 -6.17 -3.01 -73.93
C ASP P 179 -6.24 -3.39 -72.46
N PRO P 180 -6.20 -4.68 -72.14
CA PRO P 180 -6.24 -5.08 -70.73
C PRO P 180 -5.02 -4.63 -69.96
N ARG P 181 -3.95 -4.24 -70.65
CA ARG P 181 -2.75 -3.78 -69.96
C ARG P 181 -3.07 -2.61 -69.03
N VAL P 182 -3.58 -1.51 -69.59
CA VAL P 182 -3.82 -0.31 -68.82
C VAL P 182 -5.28 -0.16 -68.41
N ILE P 183 -6.11 -1.17 -68.67
CA ILE P 183 -7.52 -1.03 -68.30
C ILE P 183 -7.88 -1.99 -67.19
N PHE P 184 -7.92 -3.28 -67.49
CA PHE P 184 -8.11 -4.25 -66.42
C PHE P 184 -7.05 -4.06 -65.34
N GLY P 185 -5.78 -3.96 -65.75
CA GLY P 185 -4.73 -3.65 -64.81
C GLY P 185 -4.83 -2.26 -64.20
N TYR P 186 -5.64 -1.38 -64.77
CA TYR P 186 -5.79 -0.05 -64.21
C TYR P 186 -6.43 -0.11 -62.83
N LEU P 187 -7.61 -0.71 -62.74
CA LEU P 187 -8.28 -0.81 -61.45
C LEU P 187 -7.50 -1.64 -60.46
N LEU P 188 -6.48 -2.36 -60.91
CA LEU P 188 -5.67 -3.17 -60.01
C LEU P 188 -4.80 -2.31 -59.11
N LYS P 189 -4.74 -1.00 -59.35
CA LYS P 189 -3.91 -0.12 -58.54
C LYS P 189 -4.44 -0.04 -57.11
N SER P 190 -3.56 0.38 -56.21
CA SER P 190 -3.96 0.56 -54.83
C SER P 190 -5.04 1.64 -54.73
N PRO P 191 -5.96 1.51 -53.79
CA PRO P 191 -6.90 2.60 -53.55
C PRO P 191 -6.27 3.78 -52.84
N PHE P 192 -5.22 3.55 -52.06
CA PHE P 192 -4.78 4.52 -51.05
C PHE P 192 -3.93 5.62 -51.65
N GLY P 193 -3.27 6.35 -50.75
CA GLY P 193 -2.55 7.57 -51.07
C GLY P 193 -1.60 7.49 -52.25
N GLY P 194 -1.72 8.44 -53.16
CA GLY P 194 -0.82 8.57 -54.27
C GLY P 194 -1.23 7.81 -55.51
N GLU P 195 -2.01 6.74 -55.35
CA GLU P 195 -2.61 6.05 -56.50
C GLU P 195 -4.09 5.91 -56.25
N GLY P 196 -4.89 6.62 -57.02
CA GLY P 196 -6.31 6.42 -56.95
C GLY P 196 -6.69 5.06 -57.50
N TRP P 197 -7.84 4.56 -57.08
CA TRP P 197 -8.25 3.26 -57.59
C TRP P 197 -8.84 3.40 -58.98
N ILE P 198 -10.07 3.92 -59.08
CA ILE P 198 -10.55 4.45 -60.34
C ILE P 198 -10.43 5.96 -60.39
N VAL P 199 -9.98 6.60 -59.31
CA VAL P 199 -10.04 8.05 -59.23
C VAL P 199 -8.84 8.71 -59.87
N SER P 200 -7.89 7.94 -60.39
CA SER P 200 -6.75 8.57 -61.03
C SER P 200 -7.16 9.10 -62.39
N VAL P 201 -7.40 8.20 -63.35
CA VAL P 201 -7.87 8.55 -64.69
C VAL P 201 -7.16 9.82 -65.14
N ASN P 202 -5.86 9.73 -65.35
CA ASN P 202 -5.12 10.90 -65.78
C ASN P 202 -5.64 11.39 -67.12
N ASN P 203 -5.58 10.51 -68.12
CA ASN P 203 -6.01 10.87 -69.45
C ASN P 203 -7.53 10.77 -69.57
N LEU P 204 -8.09 11.74 -70.29
CA LEU P 204 -9.48 11.64 -70.70
C LEU P 204 -9.72 10.34 -71.45
N GLU P 205 -8.89 10.06 -72.45
CA GLU P 205 -9.14 8.96 -73.36
C GLU P 205 -9.18 7.61 -72.66
N ASP P 206 -8.75 7.54 -71.40
CA ASP P 206 -9.01 6.35 -70.60
C ASP P 206 -10.51 6.04 -70.55
N VAL P 207 -11.31 7.01 -70.12
CA VAL P 207 -12.71 6.71 -69.87
C VAL P 207 -13.41 6.28 -71.15
N VAL P 208 -13.08 6.93 -72.27
CA VAL P 208 -13.71 6.58 -73.53
C VAL P 208 -13.33 5.18 -73.93
N GLY P 209 -12.02 4.94 -74.07
CA GLY P 209 -11.57 3.59 -74.31
C GLY P 209 -12.05 2.62 -73.25
N GLY P 210 -12.16 3.08 -72.01
CA GLY P 210 -12.69 2.23 -70.97
C GLY P 210 -14.14 1.89 -71.18
N HIS P 211 -14.97 2.92 -71.41
CA HIS P 211 -16.39 2.66 -71.62
C HIS P 211 -16.63 1.77 -72.82
N ILE P 212 -15.73 1.80 -73.80
CA ILE P 212 -15.84 0.84 -74.90
C ILE P 212 -15.97 -0.57 -74.37
N TRP P 213 -15.05 -0.96 -73.49
CA TRP P 213 -15.14 -2.28 -72.87
C TRP P 213 -16.46 -2.44 -72.15
N ILE P 214 -16.74 -1.55 -71.20
CA ILE P 214 -18.01 -1.63 -70.48
C ILE P 214 -19.17 -1.58 -71.47
N GLY P 215 -18.97 -0.90 -72.58
CA GLY P 215 -19.95 -1.01 -73.65
C GLY P 215 -20.00 -2.43 -74.17
N LEU P 216 -18.86 -2.98 -74.58
CA LEU P 216 -18.87 -4.29 -75.20
C LEU P 216 -18.87 -5.43 -74.19
N ILE P 217 -18.63 -5.15 -72.91
CA ILE P 217 -18.82 -6.20 -71.92
C ILE P 217 -20.30 -6.42 -71.66
N CYS P 218 -21.04 -5.35 -71.44
CA CYS P 218 -22.45 -5.49 -71.09
C CYS P 218 -23.24 -6.11 -72.22
N ILE P 219 -22.95 -5.71 -73.46
CA ILE P 219 -23.64 -6.32 -74.59
C ILE P 219 -23.40 -7.82 -74.61
N ALA P 220 -22.21 -8.25 -74.21
CA ALA P 220 -22.00 -9.67 -73.98
C ALA P 220 -22.87 -10.17 -72.85
N GLY P 221 -23.01 -9.38 -71.79
CA GLY P 221 -23.77 -9.81 -70.64
C GLY P 221 -25.18 -10.24 -70.99
N GLY P 222 -25.90 -9.39 -71.71
CA GLY P 222 -27.24 -9.75 -72.12
C GLY P 222 -27.22 -11.00 -72.97
N ILE P 223 -26.44 -10.96 -74.05
CA ILE P 223 -26.28 -12.13 -74.91
C ILE P 223 -25.85 -13.34 -74.09
N TRP P 224 -25.06 -13.12 -73.04
CA TRP P 224 -24.76 -14.23 -72.14
C TRP P 224 -26.00 -14.68 -71.39
N HIS P 225 -26.65 -13.77 -70.67
CA HIS P 225 -27.79 -14.18 -69.86
C HIS P 225 -28.97 -14.61 -70.70
N ILE P 226 -29.26 -13.88 -71.78
CA ILE P 226 -30.39 -14.26 -72.63
C ILE P 226 -30.25 -15.71 -73.09
N LEU P 227 -29.04 -16.14 -73.39
CA LEU P 227 -28.80 -17.47 -73.92
C LEU P 227 -28.41 -18.48 -72.86
N THR P 228 -28.41 -18.09 -71.59
CA THR P 228 -27.96 -18.97 -70.51
C THR P 228 -29.04 -19.03 -69.43
N THR P 229 -28.66 -19.55 -68.28
CA THR P 229 -29.53 -19.93 -67.19
C THR P 229 -28.65 -20.29 -66.00
N PRO P 230 -29.03 -19.86 -64.80
CA PRO P 230 -28.12 -19.95 -63.65
C PRO P 230 -27.57 -21.36 -63.44
N PHE P 231 -26.31 -21.42 -63.02
CA PHE P 231 -25.65 -22.70 -62.80
C PHE P 231 -25.92 -23.16 -61.38
N GLY P 232 -25.40 -24.34 -61.06
CA GLY P 232 -25.65 -24.94 -59.76
C GLY P 232 -25.18 -24.06 -58.63
N TRP P 233 -23.90 -23.69 -58.65
CA TRP P 233 -23.35 -22.90 -57.56
C TRP P 233 -24.12 -21.60 -57.39
N ALA P 234 -24.64 -21.04 -58.48
CA ALA P 234 -25.52 -19.89 -58.35
C ALA P 234 -26.78 -20.27 -57.60
N ARG P 235 -27.41 -21.37 -57.99
CA ARG P 235 -28.69 -21.75 -57.40
C ARG P 235 -28.56 -22.04 -55.92
N ARG P 236 -27.42 -22.59 -55.49
CA ARG P 236 -27.29 -22.94 -54.08
C ARG P 236 -27.23 -21.71 -53.19
N ALA P 237 -26.75 -20.60 -53.71
CA ALA P 237 -26.69 -19.37 -52.96
C ALA P 237 -27.69 -18.36 -53.55
N PHE P 238 -27.67 -17.16 -53.00
CA PHE P 238 -28.31 -15.96 -53.53
C PHE P 238 -29.78 -15.80 -53.18
N ILE P 239 -30.47 -16.83 -52.70
CA ILE P 239 -31.84 -16.65 -52.23
C ILE P 239 -32.69 -15.96 -53.29
N TRP P 240 -33.01 -16.68 -54.35
CA TRP P 240 -33.88 -16.13 -55.38
C TRP P 240 -35.24 -15.82 -54.76
N SER P 241 -35.63 -14.54 -54.80
CA SER P 241 -36.89 -14.11 -54.20
C SER P 241 -37.04 -12.62 -54.37
N GLY P 242 -38.29 -12.16 -54.26
CA GLY P 242 -38.61 -10.78 -54.60
C GLY P 242 -37.76 -9.77 -53.86
N GLU P 243 -37.66 -9.93 -52.55
CA GLU P 243 -36.86 -8.99 -51.77
C GLU P 243 -35.41 -8.99 -52.20
N ALA P 244 -34.78 -10.16 -52.13
CA ALA P 244 -33.33 -10.21 -52.28
C ALA P 244 -32.86 -9.42 -53.49
N TYR P 245 -33.57 -9.56 -54.60
CA TYR P 245 -33.25 -8.78 -55.79
C TYR P 245 -33.08 -7.31 -55.44
N LEU P 246 -34.03 -6.78 -54.67
CA LEU P 246 -33.87 -5.42 -54.20
C LEU P 246 -32.67 -5.30 -53.29
N SER P 247 -32.45 -6.31 -52.46
CA SER P 247 -31.34 -6.23 -51.52
C SER P 247 -30.01 -6.17 -52.25
N TYR P 248 -29.83 -7.02 -53.26
CA TYR P 248 -28.58 -6.95 -54.00
C TYR P 248 -28.43 -5.60 -54.67
N SER P 249 -29.50 -5.11 -55.28
CA SER P 249 -29.43 -3.82 -55.95
C SER P 249 -28.84 -2.76 -55.03
N LEU P 250 -29.24 -2.77 -53.77
CA LEU P 250 -28.74 -1.77 -52.84
C LEU P 250 -27.23 -1.85 -52.70
N GLY P 251 -26.73 -3.02 -52.31
CA GLY P 251 -25.31 -3.15 -52.07
C GLY P 251 -24.48 -2.62 -53.21
N ALA P 252 -24.79 -3.07 -54.42
CA ALA P 252 -24.14 -2.49 -55.59
C ALA P 252 -24.36 -0.99 -55.63
N LEU P 253 -25.61 -0.56 -55.51
CA LEU P 253 -25.91 0.85 -55.59
C LEU P 253 -25.22 1.62 -54.49
N SER P 254 -25.09 1.01 -53.30
CA SER P 254 -24.40 1.68 -52.20
C SER P 254 -22.94 1.92 -52.56
N MET P 255 -22.22 0.84 -52.87
CA MET P 255 -20.80 1.00 -53.17
C MET P 255 -20.57 1.97 -54.31
N MET P 256 -21.50 2.01 -55.27
CA MET P 256 -21.42 3.03 -56.29
C MET P 256 -21.36 4.43 -55.68
N GLY P 257 -22.19 4.68 -54.68
CA GLY P 257 -22.21 5.98 -54.06
C GLY P 257 -20.87 6.42 -53.54
N PHE P 258 -20.25 5.60 -52.70
CA PHE P 258 -18.96 5.97 -52.13
C PHE P 258 -17.96 6.26 -53.24
N ILE P 259 -18.03 5.53 -54.34
CA ILE P 259 -17.18 5.83 -55.48
C ILE P 259 -17.54 7.20 -56.04
N ALA P 260 -18.82 7.42 -56.31
CA ALA P 260 -19.24 8.73 -56.82
C ALA P 260 -18.87 9.82 -55.84
N THR P 261 -18.97 9.54 -54.54
CA THR P 261 -18.46 10.47 -53.56
C THR P 261 -16.98 10.74 -53.77
N CYS P 262 -16.24 9.73 -54.21
CA CYS P 262 -14.80 9.93 -54.29
C CYS P 262 -14.42 10.77 -55.50
N PHE P 263 -14.98 10.47 -56.68
CA PHE P 263 -14.66 11.26 -57.86
C PHE P 263 -14.82 12.74 -57.62
N VAL P 264 -16.07 13.16 -57.42
CA VAL P 264 -16.37 14.58 -57.32
C VAL P 264 -15.43 15.25 -56.33
N TRP P 265 -15.04 14.55 -55.28
CA TRP P 265 -14.21 15.21 -54.29
C TRP P 265 -12.75 15.29 -54.72
N PHE P 266 -12.24 14.32 -55.47
CA PHE P 266 -10.85 14.33 -55.86
C PHE P 266 -10.64 14.58 -57.35
N ASN P 267 -11.12 13.67 -58.19
CA ASN P 267 -10.68 13.63 -59.58
C ASN P 267 -10.92 14.96 -60.28
N ASN P 268 -9.84 15.52 -60.81
CA ASN P 268 -9.93 16.71 -61.63
C ASN P 268 -10.22 16.38 -63.08
N THR P 269 -9.82 15.19 -63.55
CA THR P 269 -9.91 14.89 -64.97
C THR P 269 -11.35 14.92 -65.46
N VAL P 270 -12.21 14.12 -64.85
CA VAL P 270 -13.58 14.05 -65.32
C VAL P 270 -14.31 15.34 -65.01
N TYR P 271 -14.29 15.77 -63.75
CA TYR P 271 -14.91 17.04 -63.40
C TYR P 271 -13.85 18.11 -63.46
N PRO P 272 -13.84 18.96 -64.47
CA PRO P 272 -12.77 19.96 -64.59
C PRO P 272 -12.84 20.94 -63.43
N SER P 273 -11.69 21.17 -62.81
CA SER P 273 -11.65 22.15 -61.73
C SER P 273 -12.20 23.48 -62.19
N GLU P 274 -12.17 23.73 -63.49
CA GLU P 274 -12.56 25.03 -64.01
C GLU P 274 -13.97 25.38 -63.59
N PHE P 275 -14.99 24.72 -64.13
CA PHE P 275 -16.34 25.12 -63.80
C PHE P 275 -17.02 24.24 -62.75
N TYR P 276 -16.33 23.25 -62.20
CA TYR P 276 -16.80 22.60 -60.98
C TYR P 276 -16.17 23.15 -59.73
N GLY P 277 -15.32 24.17 -59.85
CA GLY P 277 -14.62 24.67 -58.70
C GLY P 277 -13.44 23.81 -58.39
N PRO P 278 -12.45 24.36 -57.71
CA PRO P 278 -11.20 23.65 -57.51
C PRO P 278 -11.37 22.53 -56.50
N THR P 279 -10.65 21.44 -56.74
CA THR P 279 -10.67 20.35 -55.79
C THR P 279 -10.01 20.78 -54.49
N GLY P 280 -10.50 20.22 -53.40
CA GLY P 280 -9.97 20.51 -52.09
C GLY P 280 -8.46 20.44 -52.04
N PRO P 281 -7.88 19.33 -52.53
CA PRO P 281 -6.42 19.29 -52.57
C PRO P 281 -5.81 20.40 -53.39
N GLU P 282 -6.43 20.74 -54.53
CA GLU P 282 -5.89 21.82 -55.34
C GLU P 282 -6.02 23.16 -54.66
N ALA P 283 -7.08 23.36 -53.90
CA ALA P 283 -7.35 24.65 -53.29
C ALA P 283 -6.16 25.14 -52.49
N SER P 284 -5.88 24.47 -51.37
CA SER P 284 -4.72 24.84 -50.58
C SER P 284 -3.46 24.79 -51.41
N GLN P 285 -3.38 23.86 -52.37
CA GLN P 285 -2.24 23.78 -53.27
C GLN P 285 -2.03 25.11 -53.98
N ALA P 286 -3.00 25.52 -54.79
CA ALA P 286 -2.87 26.75 -55.55
C ALA P 286 -2.63 27.96 -54.64
N GLN P 287 -3.40 28.05 -53.56
CA GLN P 287 -3.16 29.14 -52.61
C GLN P 287 -1.71 29.17 -52.19
N ALA P 288 -1.14 28.01 -51.90
CA ALA P 288 0.25 27.98 -51.49
C ALA P 288 1.16 28.56 -52.55
N MET P 289 0.81 28.43 -53.82
CA MET P 289 1.69 28.99 -54.84
C MET P 289 1.51 30.49 -54.99
N THR P 290 0.27 30.99 -54.86
CA THR P 290 0.07 32.43 -54.99
C THR P 290 0.86 33.20 -53.94
N PHE P 291 0.86 32.69 -52.70
CA PHE P 291 1.77 33.25 -51.71
C PHE P 291 3.21 33.15 -52.20
N LEU P 292 3.56 32.03 -52.83
CA LEU P 292 4.92 31.85 -53.30
C LEU P 292 5.31 32.93 -54.29
N ILE P 293 4.51 33.12 -55.33
CA ILE P 293 4.89 34.02 -56.40
C ILE P 293 4.89 35.46 -55.92
N ARG P 294 3.91 35.84 -55.10
CA ARG P 294 3.81 37.24 -54.69
C ARG P 294 5.03 37.66 -53.89
N ASP P 295 5.56 36.76 -53.05
CA ASP P 295 6.77 37.06 -52.30
C ASP P 295 8.03 36.91 -53.15
N GLN P 296 8.12 35.83 -53.94
CA GLN P 296 9.23 35.66 -54.86
C GLN P 296 9.32 36.81 -55.86
N LYS P 297 8.17 37.40 -56.20
CA LYS P 297 8.16 38.52 -57.13
C LYS P 297 9.03 39.67 -56.63
N LEU P 298 8.91 40.00 -55.35
CA LEU P 298 9.43 41.25 -54.80
C LEU P 298 10.57 40.97 -53.83
N GLY P 299 11.79 41.28 -54.25
CA GLY P 299 12.93 41.41 -53.37
C GLY P 299 13.17 40.25 -52.41
N ALA P 300 12.77 39.05 -52.77
CA ALA P 300 12.93 37.92 -51.87
C ALA P 300 13.19 36.65 -52.68
N ASN P 301 14.07 35.80 -52.17
CA ASN P 301 14.37 34.50 -52.77
C ASN P 301 14.02 33.41 -51.75
N VAL P 302 13.00 32.62 -52.07
CA VAL P 302 12.45 31.63 -51.14
C VAL P 302 13.00 30.23 -51.36
N GLY P 303 13.89 30.04 -52.33
CA GLY P 303 14.31 28.71 -52.71
C GLY P 303 15.02 27.92 -51.63
N SER P 304 16.12 28.46 -51.11
CA SER P 304 16.84 27.83 -50.02
C SER P 304 16.54 28.62 -48.76
N ALA P 305 15.73 28.06 -47.87
CA ALA P 305 15.22 28.84 -46.75
C ALA P 305 14.75 27.93 -45.63
N GLN P 306 14.60 28.52 -44.45
CA GLN P 306 14.02 27.89 -43.28
C GLN P 306 12.82 28.71 -42.82
N GLY P 307 11.86 28.04 -42.20
CA GLY P 307 10.72 28.72 -41.62
C GLY P 307 10.78 28.75 -40.11
N PRO P 308 9.83 29.44 -39.48
CA PRO P 308 9.72 29.35 -38.02
C PRO P 308 9.38 27.97 -37.53
N THR P 309 8.70 27.17 -38.35
CA THR P 309 8.45 25.77 -38.01
C THR P 309 9.65 24.88 -38.33
N GLY P 310 10.55 25.33 -39.21
CA GLY P 310 11.81 24.66 -39.47
C GLY P 310 11.89 23.94 -40.80
N LEU P 311 10.76 23.73 -41.48
CA LEU P 311 10.76 22.97 -42.72
C LEU P 311 11.13 23.80 -43.94
N GLY P 312 11.26 25.11 -43.79
CA GLY P 312 11.37 26.01 -44.92
C GLY P 312 10.11 26.85 -45.09
N LYS P 313 10.27 27.97 -45.79
CA LYS P 313 9.14 28.88 -45.94
C LYS P 313 8.17 28.40 -47.01
N TYR P 314 8.67 27.88 -48.14
CA TYR P 314 7.75 27.38 -49.15
C TYR P 314 8.15 26.00 -49.62
N LEU P 315 9.27 25.88 -50.31
CA LEU P 315 9.61 24.66 -50.98
C LEU P 315 10.32 23.71 -50.02
N MET P 316 10.01 22.43 -50.13
CA MET P 316 10.74 21.38 -49.46
C MET P 316 11.13 20.32 -50.46
N ARG P 317 12.05 19.46 -50.06
CA ARG P 317 12.45 18.30 -50.84
C ARG P 317 11.83 17.07 -50.20
N SER P 318 10.91 16.44 -50.92
CA SER P 318 10.23 15.26 -50.42
C SER P 318 11.24 14.13 -50.30
N PRO P 319 10.89 13.06 -49.58
CA PRO P 319 11.73 11.85 -49.65
C PRO P 319 11.90 11.34 -51.07
N THR P 320 10.90 11.55 -51.92
CA THR P 320 11.05 11.33 -53.35
C THR P 320 11.89 12.43 -53.97
N GLY P 321 12.42 12.14 -55.16
CA GLY P 321 13.26 13.10 -55.86
C GLY P 321 12.58 14.42 -56.14
N GLU P 322 11.25 14.45 -56.15
CA GLU P 322 10.55 15.69 -56.44
C GLU P 322 10.46 16.58 -55.21
N ILE P 323 10.46 17.88 -55.45
CA ILE P 323 10.38 18.89 -54.41
C ILE P 323 9.01 19.56 -54.49
N ILE P 324 8.45 19.90 -53.33
CA ILE P 324 7.04 20.23 -53.21
C ILE P 324 6.89 21.55 -52.45
N PHE P 325 5.64 21.93 -52.22
CA PHE P 325 5.32 23.02 -51.32
C PHE P 325 5.36 22.56 -49.87
N GLY P 326 5.60 23.52 -48.98
CA GLY P 326 5.58 23.31 -47.55
C GLY P 326 4.24 23.63 -46.93
N GLY P 327 4.27 24.05 -45.67
CA GLY P 327 3.04 24.32 -44.98
C GLY P 327 2.18 23.06 -44.88
N GLU P 328 0.92 23.29 -44.53
CA GLU P 328 -0.04 22.19 -44.52
C GLU P 328 -0.12 21.52 -45.88
N THR P 329 0.16 22.25 -46.95
CA THR P 329 0.02 21.73 -48.29
C THR P 329 0.85 20.48 -48.51
N MET P 330 1.94 20.31 -47.76
CA MET P 330 2.82 19.16 -47.98
C MET P 330 2.07 17.85 -47.89
N ARG P 331 0.98 17.80 -47.13
CA ARG P 331 0.16 16.60 -47.09
C ARG P 331 -0.41 16.27 -48.45
N PHE P 332 -0.53 17.25 -49.33
CA PHE P 332 -0.82 16.97 -50.73
C PHE P 332 0.41 17.38 -51.50
N TRP P 333 1.28 16.41 -51.76
CA TRP P 333 2.26 16.55 -52.82
C TRP P 333 1.89 15.71 -54.03
N ASP P 334 0.83 14.94 -53.92
CA ASP P 334 0.45 14.03 -55.00
C ASP P 334 -0.35 14.74 -56.07
N PHE P 335 -0.99 15.85 -55.73
CA PHE P 335 -1.89 16.49 -56.65
C PHE P 335 -1.17 16.98 -57.89
N ARG P 336 -1.76 16.72 -59.05
CA ARG P 336 -1.28 17.29 -60.30
C ARG P 336 -2.49 17.91 -60.99
N GLY P 337 -2.51 19.23 -61.07
CA GLY P 337 -3.60 19.91 -61.73
C GLY P 337 -3.18 20.44 -63.08
N PRO P 338 -4.15 20.89 -63.88
CA PRO P 338 -3.84 21.36 -65.23
C PRO P 338 -2.84 22.51 -65.23
N TRP P 339 -2.96 23.43 -64.28
CA TRP P 339 -2.03 24.54 -64.23
C TRP P 339 -0.69 24.17 -63.60
N LEU P 340 -0.70 23.26 -62.63
CA LEU P 340 0.51 23.06 -61.83
C LEU P 340 1.55 22.22 -62.57
N GLU P 341 1.12 21.09 -63.14
CA GLU P 341 2.06 20.14 -63.73
C GLU P 341 3.06 20.78 -64.68
N PRO P 342 2.68 21.63 -65.63
CA PRO P 342 3.71 22.23 -66.50
C PRO P 342 4.72 23.04 -65.72
N LEU P 343 4.27 23.75 -64.69
CA LEU P 343 5.19 24.46 -63.81
C LEU P 343 6.17 23.51 -63.17
N ARG P 344 5.77 22.26 -63.00
CA ARG P 344 6.65 21.27 -62.39
C ARG P 344 7.73 20.86 -63.37
N GLY P 345 8.92 20.61 -62.85
CA GLY P 345 10.02 20.13 -63.66
C GLY P 345 10.22 18.64 -63.50
N PRO P 346 11.33 18.12 -64.03
CA PRO P 346 11.52 16.65 -64.03
C PRO P 346 11.38 16.05 -62.65
N ASN P 347 12.01 16.63 -61.65
CA ASN P 347 11.81 16.26 -60.26
C ASN P 347 11.29 17.50 -59.55
N GLY P 348 10.03 17.47 -59.17
CA GLY P 348 9.47 18.59 -58.47
C GLY P 348 9.45 19.85 -59.32
N LEU P 349 9.20 20.95 -58.63
CA LEU P 349 9.07 22.24 -59.29
C LEU P 349 10.46 22.77 -59.65
N ASP P 350 10.56 23.37 -60.84
CA ASP P 350 11.80 24.03 -61.24
C ASP P 350 11.69 25.50 -60.88
N LEU P 351 12.42 25.91 -59.84
CA LEU P 351 12.23 27.24 -59.26
C LEU P 351 12.52 28.33 -60.28
N ASN P 352 13.70 28.27 -60.89
CA ASN P 352 14.03 29.17 -62.00
C ASN P 352 12.92 29.19 -63.03
N LYS P 353 12.35 28.03 -63.33
CA LYS P 353 11.29 27.97 -64.33
C LYS P 353 9.99 28.54 -63.80
N ILE P 354 9.68 28.28 -62.52
CA ILE P 354 8.45 28.79 -61.91
C ILE P 354 8.31 30.28 -62.18
N LYS P 355 9.38 31.04 -61.94
CA LYS P 355 9.32 32.48 -62.10
C LYS P 355 8.98 32.87 -63.53
N ASN P 356 9.64 32.22 -64.49
CA ASN P 356 9.50 32.64 -65.88
C ASN P 356 8.21 32.12 -66.53
N ASP P 357 7.88 30.84 -66.31
CA ASP P 357 6.90 30.15 -67.14
C ASP P 357 5.46 30.47 -66.80
N ILE P 358 5.22 31.32 -65.79
CA ILE P 358 3.86 31.70 -65.43
C ILE P 358 3.15 32.27 -66.65
N GLN P 359 1.88 31.97 -66.76
CA GLN P 359 1.05 32.45 -67.85
C GLN P 359 0.17 33.60 -67.39
N PRO P 360 -0.56 34.23 -68.31
CA PRO P 360 -1.60 35.16 -67.86
C PRO P 360 -2.79 34.47 -67.21
N TRP P 361 -3.16 33.30 -67.71
CA TRP P 361 -4.30 32.60 -67.12
C TRP P 361 -3.91 31.91 -65.82
N GLN P 362 -2.82 31.14 -65.83
CA GLN P 362 -2.38 30.37 -64.69
C GLN P 362 -2.41 31.18 -63.41
N GLU P 363 -1.49 32.13 -63.30
CA GLU P 363 -1.39 32.94 -62.10
C GLU P 363 -2.74 33.51 -61.72
N ARG P 364 -3.43 34.11 -62.68
CA ARG P 364 -4.77 34.60 -62.42
C ARG P 364 -5.67 33.49 -61.93
N ARG P 365 -5.76 32.40 -62.69
CA ARG P 365 -6.61 31.29 -62.31
C ARG P 365 -6.15 30.66 -61.01
N ALA P 366 -4.84 30.41 -60.89
CA ALA P 366 -4.31 29.86 -59.65
C ALA P 366 -4.62 30.75 -58.46
N ALA P 367 -4.68 32.07 -58.68
CA ALA P 367 -5.14 32.96 -57.62
C ALA P 367 -6.64 32.93 -57.49
N GLU P 368 -7.36 32.69 -58.59
CA GLU P 368 -8.81 32.59 -58.50
C GLU P 368 -9.22 31.41 -57.65
N TYR P 369 -8.42 30.36 -57.63
CA TYR P 369 -8.69 29.25 -56.72
C TYR P 369 -8.28 29.55 -55.29
N MET P 370 -7.61 30.67 -55.04
CA MET P 370 -7.28 31.01 -53.66
C MET P 370 -8.53 31.41 -52.89
N THR P 371 -9.36 32.26 -53.48
CA THR P 371 -10.58 32.70 -52.81
C THR P 371 -11.46 31.52 -52.46
N HIS P 372 -11.61 30.58 -53.38
CA HIS P 372 -12.49 29.43 -53.15
C HIS P 372 -11.61 28.25 -52.78
N ALA P 373 -11.59 27.92 -51.50
CA ALA P 373 -11.02 26.68 -50.99
C ALA P 373 -12.14 25.96 -50.26
N PRO P 374 -12.58 24.79 -50.71
CA PRO P 374 -13.91 24.31 -50.30
C PRO P 374 -14.12 24.38 -48.80
N LEU P 375 -15.23 25.00 -48.42
CA LEU P 375 -15.52 25.56 -47.11
C LEU P 375 -17.02 25.81 -47.03
N GLY P 376 -17.43 26.55 -46.00
CA GLY P 376 -18.72 27.21 -45.96
C GLY P 376 -19.64 26.60 -44.92
N SER P 377 -20.89 27.06 -44.95
CA SER P 377 -21.89 26.69 -43.95
C SER P 377 -23.20 26.32 -44.65
N LEU P 378 -24.18 25.88 -43.84
CA LEU P 378 -25.47 25.50 -44.41
C LEU P 378 -26.27 26.73 -44.83
N ASN P 379 -26.13 27.83 -44.09
CA ASN P 379 -26.65 29.11 -44.54
C ASN P 379 -25.68 29.80 -45.48
N SER P 380 -24.57 29.14 -45.81
CA SER P 380 -23.52 29.67 -46.67
C SER P 380 -22.88 30.92 -46.07
N VAL P 381 -22.23 30.69 -44.94
CA VAL P 381 -21.25 31.62 -44.38
C VAL P 381 -19.89 31.08 -44.81
N GLY P 382 -19.22 31.82 -45.69
CA GLY P 382 -18.01 31.32 -46.33
C GLY P 382 -16.73 31.98 -45.86
N GLY P 383 -15.73 31.97 -46.74
CA GLY P 383 -14.38 32.33 -46.36
C GLY P 383 -13.71 31.18 -45.61
N VAL P 384 -12.45 31.41 -45.24
CA VAL P 384 -11.69 30.42 -44.50
C VAL P 384 -12.46 30.09 -43.23
N ALA P 385 -12.28 28.86 -42.73
CA ALA P 385 -13.23 28.24 -41.80
C ALA P 385 -13.72 29.19 -40.71
N THR P 386 -12.80 29.86 -40.02
CA THR P 386 -13.18 30.85 -39.02
C THR P 386 -13.08 32.29 -39.52
N GLU P 387 -12.71 32.53 -40.77
CA GLU P 387 -12.82 33.87 -41.34
C GLU P 387 -14.24 34.39 -41.17
N ILE P 388 -14.35 35.68 -40.84
CA ILE P 388 -15.57 36.23 -40.30
C ILE P 388 -16.33 36.98 -41.39
N ASN P 389 -17.45 36.38 -41.81
CA ASN P 389 -18.46 37.03 -42.68
C ASN P 389 -17.83 37.71 -43.89
N SER P 390 -17.04 36.94 -44.64
CA SER P 390 -16.51 37.41 -45.91
C SER P 390 -16.42 36.26 -46.88
N VAL P 391 -16.73 36.54 -48.15
CA VAL P 391 -16.62 35.58 -49.24
C VAL P 391 -17.43 34.35 -48.87
N ASN P 392 -18.76 34.48 -48.92
CA ASN P 392 -19.68 33.45 -48.45
C ASN P 392 -20.06 32.53 -49.60
N PHE P 393 -19.63 31.27 -49.52
CA PHE P 393 -19.97 30.28 -50.53
C PHE P 393 -19.75 28.89 -49.96
N VAL P 394 -20.32 27.90 -50.63
CA VAL P 394 -19.94 26.50 -50.48
C VAL P 394 -19.77 25.92 -51.86
N SER P 395 -18.55 25.51 -52.18
CA SER P 395 -18.25 25.08 -53.54
C SER P 395 -19.08 23.86 -53.90
N PRO P 396 -19.78 23.87 -55.04
CA PRO P 396 -20.65 22.75 -55.40
C PRO P 396 -19.94 21.43 -55.33
N ARG P 397 -18.65 21.42 -55.63
CA ARG P 397 -17.87 20.21 -55.48
C ARG P 397 -17.99 19.63 -54.08
N SER P 398 -18.20 20.47 -53.09
CA SER P 398 -18.37 19.95 -51.75
C SER P 398 -19.77 19.40 -51.52
N TRP P 399 -20.77 19.95 -52.22
CA TRP P 399 -22.14 19.49 -51.99
C TRP P 399 -22.31 18.06 -52.43
N LEU P 400 -21.99 17.75 -53.68
CA LEU P 400 -22.23 16.41 -54.19
C LEU P 400 -21.61 15.37 -53.29
N ALA P 401 -20.30 15.49 -53.05
CA ALA P 401 -19.60 14.51 -52.24
C ALA P 401 -20.26 14.34 -50.89
N THR P 402 -20.71 15.44 -50.29
CA THR P 402 -21.48 15.32 -49.05
C THR P 402 -22.77 14.58 -49.30
N SER P 403 -23.58 15.10 -50.21
CA SER P 403 -24.91 14.56 -50.48
C SER P 403 -24.83 13.08 -50.78
N HIS P 404 -24.23 12.73 -51.91
CA HIS P 404 -24.21 11.33 -52.33
C HIS P 404 -23.67 10.43 -51.25
N PHE P 405 -22.74 10.92 -50.43
CA PHE P 405 -22.23 10.08 -49.36
C PHE P 405 -23.36 9.68 -48.41
N VAL P 406 -24.01 10.69 -47.83
CA VAL P 406 -25.10 10.44 -46.89
C VAL P 406 -26.09 9.44 -47.46
N LEU P 407 -26.52 9.67 -48.69
CA LEU P 407 -27.40 8.72 -49.34
C LEU P 407 -26.71 7.38 -49.47
N ALA P 408 -25.49 7.37 -49.99
CA ALA P 408 -24.77 6.12 -50.14
C ALA P 408 -24.62 5.40 -48.82
N PHE P 409 -24.50 6.15 -47.73
CA PHE P 409 -24.43 5.50 -46.43
C PHE P 409 -25.70 4.73 -46.13
N PHE P 410 -26.84 5.40 -46.23
CA PHE P 410 -28.11 4.72 -45.99
C PHE P 410 -28.22 3.44 -46.79
N PHE P 411 -27.88 3.50 -48.07
CA PHE P 411 -28.11 2.31 -48.89
C PHE P 411 -27.28 1.15 -48.40
N LEU P 412 -26.15 1.40 -47.74
CA LEU P 412 -25.51 0.31 -47.03
C LEU P 412 -26.45 -0.29 -45.99
N VAL P 413 -27.02 0.57 -45.14
CA VAL P 413 -28.01 0.09 -44.19
C VAL P 413 -29.15 -0.60 -44.91
N GLY P 414 -29.73 0.07 -45.89
CA GLY P 414 -30.80 -0.55 -46.66
C GLY P 414 -30.43 -1.93 -47.14
N HIS P 415 -29.30 -2.04 -47.82
CA HIS P 415 -28.82 -3.35 -48.20
C HIS P 415 -28.79 -4.28 -47.01
N LEU P 416 -28.21 -3.82 -45.92
CA LEU P 416 -28.13 -4.68 -44.76
C LEU P 416 -29.48 -4.86 -44.11
N TRP P 417 -30.47 -4.07 -44.50
CA TRP P 417 -31.79 -4.29 -43.95
C TRP P 417 -32.52 -5.39 -44.73
N HIS P 418 -32.79 -5.16 -46.03
CA HIS P 418 -33.55 -6.15 -46.78
C HIS P 418 -32.87 -7.50 -46.81
N ALA P 419 -31.56 -7.54 -47.01
CA ALA P 419 -30.86 -8.82 -47.00
C ALA P 419 -31.22 -9.63 -45.77
N GLY P 420 -31.42 -8.97 -44.64
CA GLY P 420 -31.98 -9.66 -43.50
C GLY P 420 -33.37 -10.14 -43.81
N ARG P 421 -34.26 -9.23 -44.19
CA ARG P 421 -35.65 -9.62 -44.36
C ARG P 421 -35.81 -10.57 -45.53
N ALA P 422 -34.97 -10.44 -46.56
CA ALA P 422 -35.08 -11.34 -47.69
C ALA P 422 -34.83 -12.78 -47.27
N ARG P 423 -33.66 -13.05 -46.68
CA ARG P 423 -33.32 -14.41 -46.33
C ARG P 423 -34.26 -14.98 -45.27
N ALA P 424 -34.51 -14.20 -44.21
CA ALA P 424 -35.43 -14.66 -43.19
C ALA P 424 -36.79 -15.00 -43.80
N ALA P 425 -37.26 -14.19 -44.74
CA ALA P 425 -38.50 -14.52 -45.44
C ALA P 425 -38.39 -15.88 -46.09
N ALA P 426 -37.37 -16.06 -46.93
CA ALA P 426 -37.14 -17.38 -47.53
C ALA P 426 -37.00 -18.44 -46.45
N ALA P 427 -36.34 -18.10 -45.35
CA ALA P 427 -36.21 -19.05 -44.26
C ALA P 427 -37.53 -19.28 -43.55
N GLY P 428 -38.52 -18.42 -43.77
CA GLY P 428 -39.86 -18.67 -43.30
C GLY P 428 -40.18 -18.16 -41.91
N PHE P 429 -39.19 -17.94 -41.08
CA PHE P 429 -39.43 -17.48 -39.72
C PHE P 429 -39.38 -15.96 -39.58
N GLU P 430 -39.25 -15.24 -40.70
CA GLU P 430 -39.29 -13.79 -40.67
C GLU P 430 -40.53 -13.27 -39.96
N LYS P 431 -41.60 -14.07 -39.93
CA LYS P 431 -42.86 -13.74 -39.28
C LYS P 431 -42.75 -13.64 -37.76
N GLY P 432 -41.59 -13.92 -37.19
CA GLY P 432 -41.38 -13.98 -35.76
C GLY P 432 -41.14 -15.40 -35.32
N ILE P 433 -40.44 -15.55 -34.20
CA ILE P 433 -40.10 -16.87 -33.72
C ILE P 433 -41.40 -17.61 -33.41
N ASP P 434 -41.40 -18.92 -33.59
CA ASP P 434 -42.62 -19.69 -33.47
C ASP P 434 -42.79 -20.17 -32.04
N ARG P 435 -43.93 -19.85 -31.44
CA ARG P 435 -44.15 -20.13 -30.03
C ARG P 435 -44.34 -21.62 -29.78
N GLU P 436 -44.87 -22.36 -30.75
CA GLU P 436 -45.04 -23.80 -30.62
C GLU P 436 -43.71 -24.48 -30.37
N SER P 437 -42.79 -24.42 -31.33
CA SER P 437 -41.46 -24.98 -31.20
C SER P 437 -40.44 -23.87 -31.38
N GLU P 438 -39.74 -23.54 -30.31
CA GLU P 438 -38.64 -22.60 -30.41
C GLU P 438 -37.41 -23.31 -30.96
N PRO P 439 -36.79 -22.80 -32.02
CA PRO P 439 -35.57 -23.45 -32.52
C PRO P 439 -34.50 -23.60 -31.45
N VAL P 440 -34.36 -22.59 -30.59
CA VAL P 440 -33.39 -22.68 -29.51
C VAL P 440 -33.84 -23.66 -28.44
N LEU P 441 -35.16 -23.80 -28.25
CA LEU P 441 -35.69 -24.56 -27.13
C LEU P 441 -35.02 -25.91 -26.99
N SER P 442 -34.98 -26.68 -28.06
CA SER P 442 -34.26 -27.95 -28.05
C SER P 442 -32.95 -27.73 -28.80
N MET P 443 -31.88 -27.56 -28.03
CA MET P 443 -30.52 -27.53 -28.54
C MET P 443 -29.62 -28.06 -27.44
N PRO P 444 -28.43 -28.54 -27.78
CA PRO P 444 -27.44 -28.80 -26.73
C PRO P 444 -27.18 -27.51 -25.95
N SER P 445 -27.27 -27.62 -24.63
CA SER P 445 -27.12 -26.47 -23.74
C SER P 445 -25.67 -26.42 -23.27
N LEU P 446 -24.95 -25.41 -23.71
CA LEU P 446 -23.55 -25.18 -23.35
C LEU P 446 -23.36 -25.00 -21.84
N GLY Q 1 -67.19 17.49 6.10
CA GLY Q 1 -66.13 17.02 5.22
C GLY Q 1 -65.43 18.15 4.50
N TRP Q 2 -65.25 19.26 5.20
CA TRP Q 2 -64.65 20.46 4.62
C TRP Q 2 -63.33 20.15 3.93
N PHE Q 3 -62.31 19.82 4.72
CA PHE Q 3 -61.06 19.37 4.13
C PHE Q 3 -61.27 18.13 3.28
N ASP Q 4 -62.15 17.25 3.72
CA ASP Q 4 -62.40 16.00 3.01
C ASP Q 4 -62.83 16.26 1.58
N ILE Q 5 -63.99 16.91 1.41
CA ILE Q 5 -64.54 17.15 0.07
C ILE Q 5 -63.50 17.78 -0.84
N LEU Q 6 -62.62 18.61 -0.29
CA LEU Q 6 -61.54 19.14 -1.11
C LEU Q 6 -60.65 18.02 -1.62
N ASP Q 7 -60.32 17.06 -0.76
CA ASP Q 7 -59.40 16.00 -1.14
C ASP Q 7 -59.93 15.26 -2.36
N ASP Q 8 -61.06 14.59 -2.19
CA ASP Q 8 -61.62 13.76 -3.27
C ASP Q 8 -61.70 14.53 -4.57
N TRP Q 9 -61.95 15.82 -4.51
CA TRP Q 9 -62.01 16.61 -5.73
C TRP Q 9 -60.67 16.61 -6.45
N LEU Q 10 -59.59 16.91 -5.72
CA LEU Q 10 -58.27 16.88 -6.33
C LEU Q 10 -57.94 15.50 -6.85
N LYS Q 11 -58.32 14.46 -6.13
CA LYS Q 11 -57.94 13.11 -6.49
C LYS Q 11 -58.92 12.45 -7.45
N ARG Q 12 -59.91 13.19 -7.95
CA ARG Q 12 -60.88 12.59 -8.84
C ARG Q 12 -60.23 12.31 -10.20
N ASP Q 13 -60.99 11.71 -11.10
CA ASP Q 13 -60.51 11.39 -12.44
C ASP Q 13 -61.00 12.44 -13.41
N ARG Q 14 -60.07 13.10 -14.08
CA ARG Q 14 -60.39 14.09 -15.10
C ARG Q 14 -59.41 13.92 -16.25
N PHE Q 15 -59.42 14.85 -17.20
CA PHE Q 15 -58.53 14.77 -18.34
C PHE Q 15 -57.10 14.57 -17.87
N VAL Q 16 -56.51 15.59 -17.26
CA VAL Q 16 -55.26 15.41 -16.54
C VAL Q 16 -55.60 15.12 -15.09
N PHE Q 17 -54.59 14.91 -14.28
CA PHE Q 17 -54.76 14.62 -12.86
C PHE Q 17 -54.05 15.69 -12.05
N VAL Q 18 -54.83 16.52 -11.36
CA VAL Q 18 -54.26 17.56 -10.53
C VAL Q 18 -54.24 17.05 -9.11
N GLY Q 19 -53.05 16.74 -8.61
CA GLY Q 19 -52.90 16.31 -7.24
C GLY Q 19 -52.61 17.47 -6.33
N TRP Q 20 -52.44 17.15 -5.05
CA TRP Q 20 -51.99 18.16 -4.11
C TRP Q 20 -50.76 18.88 -4.64
N SER Q 21 -49.85 18.14 -5.26
CA SER Q 21 -48.71 18.76 -5.90
C SER Q 21 -49.14 19.68 -7.02
N GLY Q 22 -50.24 19.35 -7.71
CA GLY Q 22 -50.68 20.18 -8.82
C GLY Q 22 -50.87 21.63 -8.42
N ILE Q 23 -51.43 21.86 -7.23
CA ILE Q 23 -51.52 23.22 -6.70
C ILE Q 23 -50.15 23.87 -6.71
N LEU Q 24 -49.13 23.14 -6.27
CA LEU Q 24 -47.79 23.71 -6.32
C LEU Q 24 -47.27 23.75 -7.73
N LEU Q 25 -47.53 22.71 -8.52
CA LEU Q 25 -46.83 22.54 -9.79
C LEU Q 25 -47.28 23.54 -10.85
N PHE Q 26 -48.51 23.39 -11.33
CA PHE Q 26 -48.96 24.16 -12.49
C PHE Q 26 -48.71 25.65 -12.36
N PRO Q 27 -49.07 26.32 -11.27
CA PRO Q 27 -48.72 27.74 -11.18
C PRO Q 27 -47.22 27.96 -11.23
N CYS Q 28 -46.45 27.19 -10.47
CA CYS Q 28 -45.00 27.37 -10.49
C CYS Q 28 -44.43 26.97 -11.84
N ALA Q 29 -44.95 25.91 -12.44
CA ALA Q 29 -44.42 25.47 -13.73
C ALA Q 29 -44.81 26.43 -14.84
N TYR Q 30 -46.11 26.69 -14.97
CA TYR Q 30 -46.59 27.49 -16.09
C TYR Q 30 -45.97 28.86 -16.12
N LEU Q 31 -45.53 29.36 -14.97
CA LEU Q 31 -44.83 30.64 -14.97
C LEU Q 31 -43.43 30.49 -15.54
N ALA Q 32 -42.72 29.43 -15.16
CA ALA Q 32 -41.38 29.21 -15.66
C ALA Q 32 -41.37 29.26 -17.18
N LEU Q 33 -42.00 28.27 -17.81
CA LEU Q 33 -42.22 28.34 -19.24
C LEU Q 33 -42.84 29.66 -19.65
N GLY Q 34 -43.92 30.06 -18.97
CA GLY Q 34 -44.57 31.31 -19.30
C GLY Q 34 -43.65 32.51 -19.18
N GLY Q 35 -42.69 32.44 -18.27
CA GLY Q 35 -41.70 33.50 -18.18
C GLY Q 35 -40.68 33.40 -19.28
N TRP Q 36 -40.15 32.20 -19.49
CA TRP Q 36 -39.03 32.03 -20.40
C TRP Q 36 -39.34 32.57 -21.77
N LEU Q 37 -40.49 32.20 -22.32
CA LEU Q 37 -40.87 32.69 -23.64
C LEU Q 37 -40.87 34.21 -23.67
N THR Q 38 -41.50 34.84 -22.68
CA THR Q 38 -41.57 36.29 -22.65
C THR Q 38 -40.19 36.90 -22.64
N GLY Q 39 -39.39 36.55 -21.63
CA GLY Q 39 -38.04 37.03 -21.58
C GLY Q 39 -37.29 36.73 -22.85
N THR Q 40 -37.58 35.60 -23.48
CA THR Q 40 -36.94 35.28 -24.75
C THR Q 40 -37.29 36.31 -25.81
N THR Q 41 -38.58 36.63 -25.94
CA THR Q 41 -38.98 37.52 -27.02
C THR Q 41 -38.52 38.94 -26.76
N PHE Q 42 -38.87 39.49 -25.61
CA PHE Q 42 -38.82 40.93 -25.40
C PHE Q 42 -37.61 41.35 -24.57
N VAL Q 43 -37.52 40.89 -23.33
CA VAL Q 43 -36.51 41.40 -22.42
C VAL Q 43 -35.15 41.22 -23.05
N THR Q 44 -34.45 42.33 -23.24
CA THR Q 44 -33.09 42.29 -23.75
C THR Q 44 -32.15 41.85 -22.65
N SER Q 45 -30.98 41.42 -23.07
CA SER Q 45 -29.84 41.43 -22.20
C SER Q 45 -28.90 42.43 -22.83
N TRP Q 46 -28.85 43.62 -22.25
CA TRP Q 46 -27.95 44.63 -22.77
C TRP Q 46 -27.22 45.25 -21.61
N TYR Q 47 -27.97 45.92 -20.74
CA TYR Q 47 -27.38 46.54 -19.58
C TYR Q 47 -26.64 45.53 -18.71
N THR Q 48 -26.93 44.23 -18.87
CA THR Q 48 -26.26 43.20 -18.09
C THR Q 48 -24.95 42.75 -18.72
N HIS Q 49 -25.00 42.09 -19.87
CA HIS Q 49 -23.78 41.63 -20.53
C HIS Q 49 -23.28 42.58 -21.60
N GLY Q 50 -23.96 43.71 -21.81
CA GLY Q 50 -23.52 44.61 -22.85
C GLY Q 50 -23.67 44.08 -24.24
N LEU Q 51 -24.33 42.95 -24.43
CA LEU Q 51 -24.49 42.36 -25.74
C LEU Q 51 -25.90 41.80 -25.84
N ALA Q 52 -26.64 42.23 -26.86
CA ALA Q 52 -28.08 41.98 -26.89
C ALA Q 52 -28.34 40.70 -27.65
N SER Q 53 -28.74 39.68 -26.91
CA SER Q 53 -29.28 38.46 -27.47
C SER Q 53 -30.69 38.33 -26.92
N SER Q 54 -31.68 38.48 -27.78
CA SER Q 54 -33.07 38.48 -27.40
C SER Q 54 -33.85 38.56 -28.70
N TYR Q 55 -35.11 38.19 -28.64
CA TYR Q 55 -35.78 37.87 -29.89
C TYR Q 55 -36.23 39.11 -30.63
N LEU Q 56 -36.40 40.24 -29.94
CA LEU Q 56 -36.93 41.43 -30.57
C LEU Q 56 -35.88 42.29 -31.25
N GLU Q 57 -34.63 42.07 -30.90
CA GLU Q 57 -33.54 42.45 -31.75
C GLU Q 57 -33.44 41.44 -32.88
N GLY Q 58 -32.48 41.64 -33.75
CA GLY Q 58 -32.42 40.86 -34.96
C GLY Q 58 -32.24 39.37 -34.73
N CYS Q 59 -32.06 39.00 -33.48
CA CYS Q 59 -31.48 37.70 -33.15
C CYS Q 59 -32.44 36.56 -33.49
N ASN Q 60 -31.87 35.39 -33.81
CA ASN Q 60 -32.61 34.27 -34.36
C ASN Q 60 -33.33 33.51 -33.23
N PHE Q 61 -33.76 32.29 -33.54
CA PHE Q 61 -34.24 31.41 -32.47
C PHE Q 61 -33.10 30.89 -31.62
N LEU Q 62 -32.03 30.41 -32.24
CA LEU Q 62 -31.04 29.66 -31.47
C LEU Q 62 -30.27 30.55 -30.51
N THR Q 63 -30.00 31.78 -30.89
CA THR Q 63 -29.08 32.62 -30.14
C THR Q 63 -29.77 33.54 -29.13
N VAL Q 64 -31.07 33.36 -28.90
CA VAL Q 64 -31.77 34.14 -27.89
C VAL Q 64 -31.85 33.34 -26.61
N ALA Q 65 -31.77 34.04 -25.48
CA ALA Q 65 -32.15 33.49 -24.19
C ALA Q 65 -32.15 34.64 -23.18
N VAL Q 66 -32.44 34.28 -21.94
CA VAL Q 66 -32.51 35.22 -20.84
C VAL Q 66 -31.16 35.20 -20.14
N SER Q 67 -30.42 36.28 -20.21
CA SER Q 67 -29.11 36.29 -19.58
C SER Q 67 -29.28 36.42 -18.08
N THR Q 68 -28.18 36.66 -17.41
CA THR Q 68 -28.15 36.68 -15.96
C THR Q 68 -27.84 38.09 -15.49
N PRO Q 69 -28.32 38.48 -14.31
CA PRO Q 69 -27.85 39.74 -13.74
C PRO Q 69 -26.34 39.75 -13.60
N ALA Q 70 -25.75 40.93 -13.70
CA ALA Q 70 -24.31 41.04 -13.86
C ALA Q 70 -23.59 40.69 -12.55
N ASN Q 71 -22.26 40.68 -12.62
CA ASN Q 71 -21.46 40.24 -11.49
C ASN Q 71 -21.61 41.19 -10.31
N SER Q 72 -21.31 42.46 -10.53
CA SER Q 72 -21.44 43.43 -9.46
C SER Q 72 -22.89 43.61 -9.02
N MET Q 73 -23.84 43.01 -9.72
CA MET Q 73 -25.18 42.91 -9.18
C MET Q 73 -25.28 41.86 -8.09
N GLY Q 74 -24.28 41.00 -7.96
CA GLY Q 74 -24.18 40.12 -6.82
C GLY Q 74 -25.23 39.03 -6.77
N HIS Q 75 -25.24 38.32 -5.65
CA HIS Q 75 -26.06 37.15 -5.42
C HIS Q 75 -27.48 37.47 -4.99
N SER Q 76 -27.84 38.75 -4.95
CA SER Q 76 -29.19 39.10 -4.53
C SER Q 76 -30.22 38.38 -5.39
N LEU Q 77 -31.36 38.07 -4.77
CA LEU Q 77 -32.37 37.29 -5.43
C LEU Q 77 -33.23 38.12 -6.38
N LEU Q 78 -33.09 39.44 -6.35
CA LEU Q 78 -33.79 40.33 -7.27
C LEU Q 78 -35.29 40.05 -7.29
N LEU Q 79 -35.94 40.38 -6.19
CA LEU Q 79 -37.37 40.19 -6.16
C LEU Q 79 -38.04 41.27 -7.01
N LEU Q 80 -39.35 41.16 -7.19
CA LEU Q 80 -39.99 42.10 -8.11
C LEU Q 80 -40.05 43.49 -7.52
N TRP Q 81 -40.40 43.59 -6.24
CA TRP Q 81 -40.26 44.86 -5.54
C TRP Q 81 -38.80 45.09 -5.20
N GLY Q 82 -38.27 44.36 -4.23
CA GLY Q 82 -36.88 44.37 -3.93
C GLY Q 82 -36.44 45.71 -3.37
N PRO Q 83 -35.20 45.78 -2.89
CA PRO Q 83 -34.57 47.10 -2.78
C PRO Q 83 -34.18 47.67 -4.12
N GLU Q 84 -33.70 46.83 -5.04
CA GLU Q 84 -33.14 47.34 -6.29
C GLU Q 84 -34.24 47.66 -7.30
N ALA Q 85 -35.17 46.74 -7.51
CA ALA Q 85 -36.24 47.03 -8.45
C ALA Q 85 -37.20 48.05 -7.87
N GLN Q 86 -37.34 48.08 -6.56
CA GLN Q 86 -38.21 49.05 -5.87
C GLN Q 86 -39.60 49.03 -6.47
N GLY Q 87 -40.05 47.85 -6.86
CA GLY Q 87 -41.38 47.72 -7.44
C GLY Q 87 -41.51 48.25 -8.85
N ASP Q 88 -40.39 48.59 -9.50
CA ASP Q 88 -40.41 49.06 -10.87
C ASP Q 88 -40.23 47.86 -11.79
N PHE Q 89 -41.16 47.68 -12.72
CA PHE Q 89 -41.13 46.47 -13.54
C PHE Q 89 -40.01 46.53 -14.58
N THR Q 90 -39.93 47.63 -15.33
CA THR Q 90 -39.00 47.71 -16.45
C THR Q 90 -37.58 47.39 -16.01
N ARG Q 91 -37.08 48.17 -15.07
CA ARG Q 91 -35.72 47.98 -14.59
C ARG Q 91 -35.55 46.64 -13.88
N TRP Q 92 -36.64 45.97 -13.54
CA TRP Q 92 -36.52 44.62 -13.01
C TRP Q 92 -36.33 43.59 -14.11
N CYS Q 93 -36.78 43.89 -15.32
CA CYS Q 93 -36.45 43.01 -16.43
C CYS Q 93 -35.07 43.29 -16.98
N GLN Q 94 -34.72 44.57 -17.14
CA GLN Q 94 -33.42 44.91 -17.71
C GLN Q 94 -32.29 44.36 -16.87
N LEU Q 95 -32.44 44.36 -15.55
CA LEU Q 95 -31.41 43.77 -14.72
C LEU Q 95 -31.36 42.27 -14.83
N GLY Q 96 -32.27 41.67 -15.59
CA GLY Q 96 -32.26 40.24 -15.71
C GLY Q 96 -32.83 39.51 -14.53
N GLY Q 97 -33.49 40.22 -13.61
CA GLY Q 97 -34.19 39.55 -12.54
C GLY Q 97 -35.13 38.48 -13.05
N LEU Q 98 -35.59 38.64 -14.29
CA LEU Q 98 -36.40 37.60 -14.92
C LEU Q 98 -35.68 36.27 -14.94
N TRP Q 99 -34.35 36.28 -14.99
CA TRP Q 99 -33.60 35.03 -14.91
C TRP Q 99 -33.99 34.32 -13.63
N THR Q 100 -33.64 34.91 -12.49
CA THR Q 100 -33.98 34.32 -11.20
C THR Q 100 -35.46 33.99 -11.12
N PHE Q 101 -36.30 34.81 -11.72
CA PHE Q 101 -37.72 34.48 -11.78
C PHE Q 101 -37.93 33.12 -12.40
N ILE Q 102 -37.11 32.76 -13.40
CA ILE Q 102 -37.26 31.46 -14.04
C ILE Q 102 -36.77 30.36 -13.13
N ALA Q 103 -35.54 30.50 -12.61
CA ALA Q 103 -34.94 29.42 -11.84
C ALA Q 103 -35.82 29.02 -10.67
N LEU Q 104 -36.13 29.97 -9.80
CA LEU Q 104 -36.86 29.64 -8.58
C LEU Q 104 -38.23 29.08 -8.89
N HIS Q 105 -39.05 29.82 -9.64
CA HIS Q 105 -40.32 29.27 -10.07
C HIS Q 105 -40.13 27.97 -10.81
N GLY Q 106 -39.01 27.81 -11.51
CA GLY Q 106 -38.72 26.54 -12.14
C GLY Q 106 -38.46 25.44 -11.12
N ALA Q 107 -37.56 25.71 -10.18
CA ALA Q 107 -37.17 24.68 -9.22
C ALA Q 107 -38.39 24.14 -8.48
N PHE Q 108 -39.14 25.02 -7.83
CA PHE Q 108 -40.34 24.58 -7.13
C PHE Q 108 -41.26 23.85 -8.07
N GLY Q 109 -41.52 24.42 -9.24
CA GLY Q 109 -42.21 23.67 -10.27
C GLY Q 109 -41.56 22.33 -10.50
N LEU Q 110 -40.24 22.32 -10.70
CA LEU Q 110 -39.54 21.07 -10.90
C LEU Q 110 -39.77 20.13 -9.73
N ILE Q 111 -39.71 20.65 -8.50
CA ILE Q 111 -40.10 19.84 -7.36
C ILE Q 111 -41.53 19.36 -7.52
N GLY Q 112 -42.45 20.29 -7.72
CA GLY Q 112 -43.86 19.94 -7.77
C GLY Q 112 -44.14 18.82 -8.76
N PHE Q 113 -43.32 18.71 -9.79
CA PHE Q 113 -43.43 17.55 -10.67
C PHE Q 113 -43.06 16.29 -9.93
N MET Q 114 -41.94 16.32 -9.20
CA MET Q 114 -41.53 15.15 -8.43
C MET Q 114 -42.62 14.68 -7.49
N LEU Q 115 -43.14 15.57 -6.66
CA LEU Q 115 -44.20 15.19 -5.73
C LEU Q 115 -45.37 14.55 -6.46
N ARG Q 116 -45.81 15.17 -7.55
CA ARG Q 116 -46.82 14.54 -8.37
C ARG Q 116 -46.42 13.11 -8.70
N GLN Q 117 -45.18 12.94 -9.11
CA GLN Q 117 -44.68 11.62 -9.46
C GLN Q 117 -44.65 10.68 -8.27
N PHE Q 118 -44.83 11.19 -7.06
CA PHE Q 118 -45.24 10.35 -5.94
C PHE Q 118 -46.76 10.23 -5.88
N GLU Q 119 -47.45 11.35 -5.67
CA GLU Q 119 -48.86 11.34 -5.34
C GLU Q 119 -49.66 10.46 -6.29
N ILE Q 120 -49.17 10.29 -7.51
CA ILE Q 120 -49.75 9.29 -8.39
C ILE Q 120 -49.67 7.92 -7.76
N ALA Q 121 -48.49 7.55 -7.26
CA ALA Q 121 -48.26 6.18 -6.80
C ALA Q 121 -49.27 5.76 -5.75
N ARG Q 122 -49.26 6.39 -4.58
CA ARG Q 122 -50.00 5.83 -3.45
C ARG Q 122 -51.48 5.62 -3.78
N LEU Q 123 -52.04 6.34 -4.75
CA LEU Q 123 -53.40 6.10 -5.17
C LEU Q 123 -53.51 5.21 -6.39
N VAL Q 124 -52.38 4.78 -6.94
CA VAL Q 124 -52.34 3.76 -7.98
C VAL Q 124 -51.91 2.42 -7.41
N GLY Q 125 -50.77 2.38 -6.72
CA GLY Q 125 -50.21 1.16 -6.21
C GLY Q 125 -48.89 0.77 -6.84
N VAL Q 126 -48.43 1.49 -7.84
CA VAL Q 126 -47.11 1.23 -8.35
C VAL Q 126 -46.07 1.56 -7.29
N ARG Q 127 -44.92 0.97 -7.43
CA ARG Q 127 -43.78 1.35 -6.61
C ARG Q 127 -43.13 2.60 -7.20
N PRO Q 128 -42.60 3.46 -6.39
CA PRO Q 128 -42.17 4.77 -6.86
C PRO Q 128 -40.73 4.80 -7.39
N TYR Q 129 -40.39 3.83 -8.22
CA TYR Q 129 -39.07 3.99 -8.81
C TYR Q 129 -39.03 5.06 -9.85
N ASN Q 130 -40.17 5.66 -10.17
CA ASN Q 130 -40.20 6.70 -11.17
C ASN Q 130 -39.66 8.00 -10.59
N ALA Q 131 -40.33 8.52 -9.56
CA ALA Q 131 -39.86 9.72 -8.89
C ALA Q 131 -38.40 9.61 -8.52
N ILE Q 132 -38.03 8.50 -7.88
CA ILE Q 132 -36.64 8.32 -7.45
C ILE Q 132 -35.71 8.40 -8.64
N ALA Q 133 -36.10 7.78 -9.75
CA ALA Q 133 -35.32 7.92 -10.96
C ALA Q 133 -35.27 9.36 -11.41
N PHE Q 134 -36.32 10.13 -11.16
CA PHE Q 134 -36.35 11.50 -11.62
C PHE Q 134 -35.51 12.42 -10.75
N SER Q 135 -35.01 11.94 -9.62
CA SER Q 135 -34.17 12.80 -8.80
C SER Q 135 -32.85 13.15 -9.49
N ALA Q 136 -32.47 12.43 -10.54
CA ALA Q 136 -31.20 12.75 -11.19
C ALA Q 136 -31.24 14.11 -11.87
N PRO Q 137 -32.21 14.44 -12.72
CA PRO Q 137 -32.24 15.82 -13.24
C PRO Q 137 -32.33 16.85 -12.15
N ILE Q 138 -33.08 16.57 -11.08
CA ILE Q 138 -33.11 17.44 -9.91
C ILE Q 138 -31.68 17.78 -9.52
N ALA Q 139 -30.93 16.76 -9.11
CA ALA Q 139 -29.55 16.97 -8.71
C ALA Q 139 -28.79 17.73 -9.78
N VAL Q 140 -28.95 17.34 -11.04
CA VAL Q 140 -28.26 18.05 -12.11
C VAL Q 140 -28.75 19.49 -12.19
N PHE Q 141 -30.07 19.67 -12.22
CA PHE Q 141 -30.60 21.02 -12.28
C PHE Q 141 -30.12 21.84 -11.09
N VAL Q 142 -30.28 21.31 -9.89
CA VAL Q 142 -29.91 22.07 -8.69
C VAL Q 142 -28.42 22.37 -8.69
N SER Q 143 -27.60 21.37 -8.98
CA SER Q 143 -26.16 21.59 -8.94
C SER Q 143 -25.74 22.62 -9.97
N VAL Q 144 -26.18 22.46 -11.22
CA VAL Q 144 -25.73 23.38 -12.26
C VAL Q 144 -26.27 24.78 -12.02
N PHE Q 145 -27.57 24.92 -11.88
CA PHE Q 145 -28.17 26.23 -11.88
C PHE Q 145 -28.17 26.92 -10.53
N LEU Q 146 -27.94 26.19 -9.44
CA LEU Q 146 -28.04 26.80 -8.12
C LEU Q 146 -26.75 26.68 -7.33
N ILE Q 147 -26.28 25.47 -7.03
CA ILE Q 147 -25.06 25.34 -6.25
C ILE Q 147 -23.88 25.94 -6.99
N TYR Q 148 -23.82 25.77 -8.30
CA TYR Q 148 -22.66 26.31 -9.02
C TYR Q 148 -22.62 27.83 -8.99
N PRO Q 149 -23.68 28.55 -9.31
CA PRO Q 149 -23.57 30.01 -9.24
C PRO Q 149 -23.17 30.49 -7.87
N LEU Q 150 -23.78 29.94 -6.82
CA LEU Q 150 -23.47 30.39 -5.48
C LEU Q 150 -22.01 30.19 -5.13
N GLY Q 151 -21.30 29.34 -5.87
CA GLY Q 151 -19.89 29.17 -5.63
C GLY Q 151 -19.09 30.15 -6.44
N GLN Q 152 -19.72 31.22 -6.90
CA GLN Q 152 -19.02 32.20 -7.72
C GLN Q 152 -19.34 33.59 -7.21
N SER Q 153 -18.78 34.58 -7.90
CA SER Q 153 -18.90 35.96 -7.45
C SER Q 153 -20.34 36.44 -7.44
N SER Q 154 -21.22 35.85 -8.24
CA SER Q 154 -22.59 36.30 -8.33
C SER Q 154 -23.40 35.29 -9.13
N TRP Q 155 -24.66 35.62 -9.38
CA TRP Q 155 -25.45 34.83 -10.30
C TRP Q 155 -24.89 34.83 -11.70
N PHE Q 156 -24.07 35.83 -12.04
CA PHE Q 156 -23.70 36.06 -13.43
C PHE Q 156 -23.24 34.78 -14.10
N PHE Q 157 -22.60 33.89 -13.34
CA PHE Q 157 -22.09 32.64 -13.88
C PHE Q 157 -23.16 31.59 -13.71
N ALA Q 158 -23.77 31.19 -14.82
CA ALA Q 158 -24.85 30.22 -14.84
C ALA Q 158 -25.37 30.11 -16.25
N PRO Q 159 -25.98 28.99 -16.61
CA PRO Q 159 -26.59 28.90 -17.93
C PRO Q 159 -27.70 29.93 -18.07
N SER Q 160 -27.83 30.47 -19.28
CA SER Q 160 -28.76 31.53 -19.57
C SER Q 160 -30.09 31.04 -20.12
N PHE Q 161 -30.36 29.75 -20.08
CA PHE Q 161 -31.66 29.20 -20.48
C PHE Q 161 -31.92 29.41 -21.97
N GLY Q 162 -30.97 29.00 -22.79
CA GLY Q 162 -31.18 29.10 -24.22
C GLY Q 162 -30.35 28.08 -24.97
N VAL Q 163 -30.69 27.94 -26.24
CA VAL Q 163 -29.98 26.99 -27.08
C VAL Q 163 -28.52 27.40 -27.20
N ALA Q 164 -28.27 28.60 -27.71
CA ALA Q 164 -26.89 29.06 -27.82
C ALA Q 164 -26.34 29.48 -26.47
N ALA Q 165 -27.20 29.96 -25.58
CA ALA Q 165 -26.76 30.32 -24.24
C ALA Q 165 -25.99 29.19 -23.60
N ILE Q 166 -26.54 27.98 -23.66
CA ILE Q 166 -25.90 26.87 -22.99
C ILE Q 166 -24.54 26.58 -23.60
N PHE Q 167 -24.31 26.98 -24.86
CA PHE Q 167 -23.03 26.69 -25.47
C PHE Q 167 -21.93 27.60 -24.93
N ARG Q 168 -22.16 28.91 -24.91
CA ARG Q 168 -21.18 29.78 -24.29
C ARG Q 168 -20.97 29.41 -22.84
N PHE Q 169 -21.89 28.63 -22.27
CA PHE Q 169 -21.65 28.05 -20.97
C PHE Q 169 -20.80 26.79 -21.07
N LEU Q 170 -20.84 26.09 -22.20
CA LEU Q 170 -20.05 24.87 -22.31
C LEU Q 170 -18.58 25.20 -22.42
N LEU Q 171 -18.19 25.83 -23.52
CA LEU Q 171 -16.81 26.24 -23.69
C LEU Q 171 -16.33 27.02 -22.48
N PHE Q 172 -17.25 27.68 -21.77
CA PHE Q 172 -16.88 28.40 -20.58
C PHE Q 172 -16.20 27.49 -19.56
N PHE Q 173 -16.64 26.24 -19.46
CA PHE Q 173 -15.93 25.33 -18.58
C PHE Q 173 -14.63 24.87 -19.20
N GLN Q 174 -14.66 24.50 -20.48
CA GLN Q 174 -13.48 23.91 -21.08
C GLN Q 174 -12.28 24.84 -20.98
N GLY Q 175 -12.49 26.13 -21.21
CA GLY Q 175 -11.39 27.06 -21.11
C GLY Q 175 -10.91 27.23 -19.69
N PHE Q 176 -11.83 27.54 -18.78
CA PHE Q 176 -11.46 27.84 -17.41
C PHE Q 176 -11.31 26.56 -16.60
N HIS Q 177 -12.40 25.84 -16.44
CA HIS Q 177 -12.47 24.77 -15.47
C HIS Q 177 -11.92 23.44 -15.96
N ASN Q 178 -11.51 23.35 -17.22
CA ASN Q 178 -10.94 22.13 -17.76
C ASN Q 178 -11.83 20.93 -17.42
N TRP Q 179 -13.03 20.95 -17.96
CA TRP Q 179 -14.09 20.10 -17.45
C TRP Q 179 -13.98 18.68 -17.97
N THR Q 180 -13.67 18.50 -19.25
CA THR Q 180 -13.66 17.16 -19.82
C THR Q 180 -12.82 16.20 -19.00
N LEU Q 181 -11.70 16.67 -18.46
CA LEU Q 181 -10.81 15.75 -17.80
C LEU Q 181 -11.26 15.44 -16.38
N ASN Q 182 -12.23 16.16 -15.85
CA ASN Q 182 -12.73 15.89 -14.51
C ASN Q 182 -13.33 14.49 -14.45
N PRO Q 183 -12.77 13.59 -13.65
CA PRO Q 183 -13.24 12.21 -13.67
C PRO Q 183 -14.68 12.07 -13.28
N PHE Q 184 -15.19 12.90 -12.37
CA PHE Q 184 -16.61 12.81 -12.04
C PHE Q 184 -17.47 13.04 -13.26
N HIS Q 185 -16.97 13.78 -14.23
CA HIS Q 185 -17.69 13.94 -15.48
C HIS Q 185 -17.47 12.79 -16.44
N MET Q 186 -16.46 11.97 -16.22
CA MET Q 186 -16.35 10.79 -17.07
C MET Q 186 -17.38 9.75 -16.68
N MET Q 187 -17.67 9.62 -15.38
CA MET Q 187 -18.76 8.77 -14.97
C MET Q 187 -20.07 9.19 -15.61
N GLY Q 188 -20.24 10.49 -15.86
CA GLY Q 188 -21.45 10.94 -16.51
C GLY Q 188 -21.53 10.44 -17.93
N VAL Q 189 -20.50 10.71 -18.73
CA VAL Q 189 -20.51 10.29 -20.12
C VAL Q 189 -20.67 8.79 -20.21
N ALA Q 190 -20.23 8.06 -19.20
CA ALA Q 190 -20.60 6.65 -19.12
C ALA Q 190 -22.11 6.52 -19.03
N GLY Q 191 -22.71 7.16 -18.03
CA GLY Q 191 -24.12 6.99 -17.77
C GLY Q 191 -24.98 7.29 -18.96
N VAL Q 192 -24.82 8.49 -19.52
CA VAL Q 192 -25.68 8.90 -20.63
C VAL Q 192 -25.55 7.91 -21.76
N LEU Q 193 -24.36 7.80 -22.35
CA LEU Q 193 -24.12 6.81 -23.39
C LEU Q 193 -24.54 5.42 -22.93
N GLY Q 194 -24.03 4.98 -21.80
CA GLY Q 194 -24.46 3.70 -21.28
C GLY Q 194 -25.96 3.58 -21.17
N GLY Q 195 -26.63 4.71 -20.91
CA GLY Q 195 -28.07 4.71 -21.01
C GLY Q 195 -28.52 4.60 -22.46
N ALA Q 196 -28.04 5.48 -23.32
CA ALA Q 196 -28.45 5.48 -24.71
C ALA Q 196 -28.17 4.14 -25.35
N LEU Q 197 -26.95 3.63 -25.18
CA LEU Q 197 -26.60 2.32 -25.70
C LEU Q 197 -27.64 1.30 -25.30
N LEU Q 198 -27.73 1.03 -24.00
CA LEU Q 198 -28.58 -0.07 -23.55
C LEU Q 198 -30.04 0.24 -23.85
N CYS Q 199 -30.39 1.52 -23.92
CA CYS Q 199 -31.70 1.88 -24.44
C CYS Q 199 -31.92 1.27 -25.81
N ALA Q 200 -30.95 1.44 -26.70
CA ALA Q 200 -31.13 0.95 -28.05
C ALA Q 200 -31.01 -0.56 -28.12
N ILE Q 201 -30.20 -1.15 -27.26
CA ILE Q 201 -29.96 -2.57 -27.41
C ILE Q 201 -31.12 -3.36 -26.83
N HIS Q 202 -31.76 -2.86 -25.78
CA HIS Q 202 -32.99 -3.48 -25.31
C HIS Q 202 -34.07 -3.38 -26.36
N GLY Q 203 -34.38 -2.16 -26.77
CA GLY Q 203 -35.42 -1.96 -27.75
C GLY Q 203 -35.21 -2.76 -29.02
N ALA Q 204 -33.95 -3.03 -29.36
CA ALA Q 204 -33.71 -3.82 -30.55
C ALA Q 204 -33.95 -5.30 -30.30
N THR Q 205 -33.43 -5.83 -29.20
CA THR Q 205 -33.54 -7.26 -28.96
C THR Q 205 -34.99 -7.70 -28.87
N VAL Q 206 -35.74 -7.11 -27.96
CA VAL Q 206 -37.14 -7.48 -27.81
C VAL Q 206 -37.90 -7.23 -29.11
N GLU Q 207 -37.45 -6.29 -29.92
CA GLU Q 207 -38.08 -6.10 -31.21
C GLU Q 207 -37.68 -7.15 -32.22
N ASN Q 208 -36.59 -7.85 -31.97
CA ASN Q 208 -36.17 -8.93 -32.86
C ASN Q 208 -36.62 -10.30 -32.38
N THR Q 209 -37.35 -10.36 -31.27
CA THR Q 209 -37.91 -11.62 -30.79
C THR Q 209 -39.38 -11.40 -30.51
N LEU Q 210 -40.25 -11.99 -31.31
CA LEU Q 210 -41.67 -11.79 -31.13
C LEU Q 210 -42.40 -13.08 -31.44
N PHE Q 211 -43.34 -13.45 -30.58
CA PHE Q 211 -44.00 -14.74 -30.70
C PHE Q 211 -44.93 -14.86 -31.89
N GLN Q 212 -45.11 -13.80 -32.69
CA GLN Q 212 -45.97 -13.89 -33.87
C GLN Q 212 -47.41 -14.22 -33.46
N ASP Q 213 -48.01 -13.24 -32.78
CA ASP Q 213 -49.41 -13.39 -32.40
C ASP Q 213 -50.35 -13.03 -33.54
N GLY Q 214 -49.90 -12.18 -34.46
CA GLY Q 214 -50.71 -11.73 -35.56
C GLY Q 214 -50.31 -12.37 -36.88
N GLU Q 215 -51.07 -12.02 -37.92
CA GLU Q 215 -50.88 -12.60 -39.24
C GLU Q 215 -49.99 -11.72 -40.12
N GLY Q 216 -50.44 -10.50 -40.41
CA GLY Q 216 -49.77 -9.64 -41.36
C GLY Q 216 -48.31 -9.44 -41.03
N ALA Q 217 -47.51 -9.14 -42.06
CA ALA Q 217 -46.07 -9.02 -41.87
C ALA Q 217 -45.74 -8.08 -40.73
N SER Q 218 -46.29 -6.88 -40.76
CA SER Q 218 -46.03 -5.91 -39.70
C SER Q 218 -46.67 -6.40 -38.43
N THR Q 219 -45.87 -6.56 -37.39
CA THR Q 219 -46.38 -6.90 -36.08
C THR Q 219 -46.25 -5.67 -35.19
N PHE Q 220 -47.36 -4.96 -35.05
CA PHE Q 220 -47.63 -3.97 -34.02
C PHE Q 220 -49.04 -4.24 -33.55
N ARG Q 221 -49.98 -4.05 -34.47
CA ARG Q 221 -51.35 -4.46 -34.28
C ARG Q 221 -51.45 -5.94 -33.94
N ALA Q 222 -50.41 -6.71 -34.21
CA ALA Q 222 -50.41 -8.13 -33.89
C ALA Q 222 -50.43 -8.40 -32.39
N PHE Q 223 -50.26 -7.38 -31.56
CA PHE Q 223 -50.16 -7.55 -30.12
C PHE Q 223 -51.51 -7.35 -29.46
N ASN Q 224 -51.90 -8.29 -28.60
CA ASN Q 224 -53.13 -8.19 -27.83
C ASN Q 224 -52.77 -8.10 -26.35
N PRO Q 225 -52.94 -6.95 -25.72
CA PRO Q 225 -52.50 -6.75 -24.33
C PRO Q 225 -53.48 -7.28 -23.28
N THR Q 226 -53.91 -8.53 -23.45
CA THR Q 226 -54.83 -9.15 -22.50
C THR Q 226 -54.14 -10.34 -21.84
N GLN Q 227 -53.76 -10.17 -20.57
CA GLN Q 227 -53.31 -11.25 -19.69
C GLN Q 227 -52.33 -12.19 -20.38
N ALA Q 228 -51.53 -11.64 -21.28
CA ALA Q 228 -50.70 -12.49 -22.11
C ALA Q 228 -49.43 -12.92 -21.36
N GLU Q 229 -48.90 -14.05 -21.79
CA GLU Q 229 -47.52 -14.40 -21.47
C GLU Q 229 -46.57 -13.41 -22.13
N GLU Q 230 -45.33 -13.40 -21.66
CA GLU Q 230 -44.35 -12.44 -22.15
C GLU Q 230 -44.34 -12.40 -23.67
N THR Q 231 -44.42 -11.20 -24.21
CA THR Q 231 -44.54 -11.04 -25.65
C THR Q 231 -43.26 -11.36 -26.40
N TYR Q 232 -42.16 -11.63 -25.70
CA TYR Q 232 -40.91 -11.94 -26.37
C TYR Q 232 -40.14 -12.94 -25.54
N SER Q 233 -39.55 -13.93 -26.19
CA SER Q 233 -38.92 -15.01 -25.44
C SER Q 233 -37.60 -14.52 -24.85
N MET Q 234 -37.50 -14.57 -23.53
CA MET Q 234 -36.20 -14.35 -22.91
C MET Q 234 -35.25 -15.49 -23.24
N VAL Q 235 -35.77 -16.69 -23.45
CA VAL Q 235 -34.91 -17.84 -23.71
C VAL Q 235 -34.03 -17.58 -24.91
N THR Q 236 -34.62 -17.15 -26.01
CA THR Q 236 -33.84 -16.89 -27.21
C THR Q 236 -32.84 -15.78 -26.95
N ALA Q 237 -33.32 -14.62 -26.53
CA ALA Q 237 -32.45 -13.46 -26.35
C ALA Q 237 -31.26 -13.81 -25.47
N ASN Q 238 -31.49 -14.56 -24.41
CA ASN Q 238 -30.39 -14.97 -23.55
C ASN Q 238 -29.34 -15.73 -24.34
N ARG Q 239 -29.68 -16.95 -24.78
CA ARG Q 239 -28.71 -17.74 -25.52
C ARG Q 239 -28.17 -16.97 -26.71
N PHE Q 240 -28.96 -16.05 -27.24
CA PHE Q 240 -28.47 -15.20 -28.30
C PHE Q 240 -27.25 -14.42 -27.84
N TRP Q 241 -27.42 -13.46 -26.95
CA TRP Q 241 -26.32 -12.58 -26.59
C TRP Q 241 -25.17 -13.35 -25.99
N SER Q 242 -25.47 -14.37 -25.20
CA SER Q 242 -24.42 -15.11 -24.56
C SER Q 242 -23.43 -15.68 -25.56
N GLN Q 243 -23.83 -15.91 -26.80
CA GLN Q 243 -22.90 -16.41 -27.80
C GLN Q 243 -22.24 -15.32 -28.63
N ILE Q 244 -22.69 -14.08 -28.54
CA ILE Q 244 -22.02 -13.05 -29.32
C ILE Q 244 -21.17 -12.21 -28.40
N PHE Q 245 -21.81 -11.33 -27.64
CA PHE Q 245 -21.06 -10.50 -26.71
C PHE Q 245 -20.57 -11.30 -25.52
N GLY Q 246 -21.19 -12.43 -25.24
CA GLY Q 246 -20.72 -13.36 -24.25
C GLY Q 246 -21.48 -13.34 -22.94
N ILE Q 247 -22.16 -12.25 -22.63
CA ILE Q 247 -22.84 -12.10 -21.35
C ILE Q 247 -24.23 -11.54 -21.58
N ALA Q 248 -25.24 -12.16 -20.97
CA ALA Q 248 -26.62 -11.79 -21.20
C ALA Q 248 -27.28 -11.49 -19.87
N PHE Q 249 -28.55 -11.10 -19.93
CA PHE Q 249 -29.39 -10.92 -18.75
C PHE Q 249 -30.46 -12.00 -18.71
N SER Q 250 -30.54 -12.71 -17.61
CA SER Q 250 -31.56 -13.72 -17.43
C SER Q 250 -32.76 -13.24 -16.63
N ASN Q 251 -32.77 -11.99 -16.17
CA ASN Q 251 -33.87 -11.49 -15.36
C ASN Q 251 -34.45 -10.23 -15.99
N LYS Q 252 -35.69 -10.33 -16.46
CA LYS Q 252 -36.44 -9.13 -16.83
C LYS Q 252 -36.40 -8.11 -15.71
N ARG Q 253 -36.53 -8.57 -14.48
CA ARG Q 253 -36.40 -7.66 -13.34
C ARG Q 253 -35.00 -7.06 -13.29
N TRP Q 254 -33.97 -7.91 -13.19
CA TRP Q 254 -32.64 -7.37 -13.07
C TRP Q 254 -32.24 -6.55 -14.28
N LEU Q 255 -32.85 -6.78 -15.43
CA LEU Q 255 -32.48 -6.00 -16.58
C LEU Q 255 -32.97 -4.59 -16.39
N HIS Q 256 -34.29 -4.42 -16.38
CA HIS Q 256 -34.87 -3.10 -16.31
C HIS Q 256 -34.32 -2.31 -15.15
N PHE Q 257 -34.20 -2.93 -13.99
CA PHE Q 257 -33.61 -2.21 -12.87
C PHE Q 257 -32.22 -1.72 -13.21
N PHE Q 258 -31.52 -2.42 -14.09
CA PHE Q 258 -30.21 -1.95 -14.49
C PHE Q 258 -30.31 -0.81 -15.50
N MET Q 259 -31.42 -0.73 -16.22
CA MET Q 259 -31.63 0.44 -17.05
C MET Q 259 -31.84 1.67 -16.18
N LEU Q 260 -32.75 1.58 -15.21
CA LEU Q 260 -32.97 2.68 -14.29
C LEU Q 260 -31.68 3.11 -13.62
N PHE Q 261 -30.76 2.18 -13.38
CA PHE Q 261 -29.61 2.50 -12.56
C PHE Q 261 -28.62 3.40 -13.28
N VAL Q 262 -28.17 2.98 -14.47
CA VAL Q 262 -26.98 3.61 -15.06
C VAL Q 262 -27.20 5.08 -15.39
N PRO Q 263 -28.23 5.48 -16.14
CA PRO Q 263 -28.44 6.91 -16.35
C PRO Q 263 -28.50 7.72 -15.07
N VAL Q 264 -29.24 7.25 -14.07
CA VAL Q 264 -29.30 7.94 -12.79
C VAL Q 264 -27.91 8.08 -12.21
N THR Q 265 -27.27 6.96 -11.88
CA THR Q 265 -25.92 7.02 -11.35
C THR Q 265 -25.00 7.79 -12.28
N GLY Q 266 -25.31 7.81 -13.57
CA GLY Q 266 -24.53 8.62 -14.49
C GLY Q 266 -24.59 10.10 -14.15
N LEU Q 267 -25.78 10.60 -13.82
CA LEU Q 267 -25.89 12.02 -13.56
C LEU Q 267 -25.38 12.39 -12.18
N TRP Q 268 -25.78 11.65 -11.15
CA TRP Q 268 -25.38 12.00 -9.80
C TRP Q 268 -23.87 12.15 -9.70
N MET Q 269 -23.14 11.14 -10.13
CA MET Q 269 -21.69 11.26 -10.10
C MET Q 269 -21.19 12.39 -10.98
N SER Q 270 -22.03 12.88 -11.90
CA SER Q 270 -21.68 14.15 -12.54
C SER Q 270 -22.09 15.32 -11.67
N ALA Q 271 -23.28 15.25 -11.07
CA ALA Q 271 -23.73 16.35 -10.23
C ALA Q 271 -22.83 16.55 -9.04
N ILE Q 272 -22.05 15.54 -8.67
CA ILE Q 272 -21.02 15.74 -7.65
C ILE Q 272 -19.92 16.63 -8.18
N GLY Q 273 -19.38 16.28 -9.35
CA GLY Q 273 -18.28 17.03 -9.89
C GLY Q 273 -18.58 18.52 -10.01
N VAL Q 274 -19.76 18.85 -10.53
CA VAL Q 274 -20.12 20.25 -10.69
C VAL Q 274 -20.05 20.97 -9.35
N VAL Q 275 -20.62 20.38 -8.31
CA VAL Q 275 -20.50 20.95 -6.97
C VAL Q 275 -19.04 21.14 -6.62
N GLY Q 276 -18.24 20.09 -6.81
CA GLY Q 276 -16.82 20.22 -6.62
C GLY Q 276 -16.19 21.30 -7.48
N LEU Q 277 -16.82 21.63 -8.60
CA LEU Q 277 -16.31 22.68 -9.44
C LEU Q 277 -16.92 24.03 -9.12
N ALA Q 278 -17.98 24.06 -8.32
CA ALA Q 278 -18.45 25.36 -7.86
C ALA Q 278 -17.41 26.04 -7.00
N LEU Q 279 -16.64 25.25 -6.27
CA LEU Q 279 -15.61 25.79 -5.41
C LEU Q 279 -14.31 26.03 -6.16
N ASN Q 280 -14.30 25.81 -7.46
CA ASN Q 280 -13.08 25.87 -8.25
C ASN Q 280 -12.04 24.91 -7.69
N LEU Q 281 -12.49 23.70 -7.38
CA LEU Q 281 -11.62 22.58 -7.09
C LEU Q 281 -11.25 21.83 -8.35
N ARG Q 282 -11.52 22.42 -9.51
CA ARG Q 282 -11.54 21.73 -10.79
C ARG Q 282 -10.35 20.80 -10.99
N SER Q 283 -10.64 19.62 -11.52
CA SER Q 283 -9.60 18.71 -11.95
C SER Q 283 -8.74 19.37 -13.01
N TYR Q 284 -7.43 19.29 -12.83
CA TYR Q 284 -6.54 20.13 -13.59
C TYR Q 284 -5.15 19.52 -13.48
N ASP Q 285 -4.12 20.32 -13.77
CA ASP Q 285 -2.80 19.80 -14.12
C ASP Q 285 -2.34 18.68 -13.22
N PHE Q 286 -1.93 17.59 -13.83
CA PHE Q 286 -1.32 16.49 -13.10
C PHE Q 286 0.09 16.90 -12.71
N ILE Q 287 0.37 16.90 -11.41
CA ILE Q 287 1.64 17.39 -10.91
C ILE Q 287 2.79 16.62 -11.54
N SER Q 288 2.56 15.35 -11.86
CA SER Q 288 3.59 14.54 -12.50
C SER Q 288 4.08 15.19 -13.79
N GLN Q 289 3.19 15.33 -14.76
CA GLN Q 289 3.64 15.75 -16.10
C GLN Q 289 4.06 17.20 -16.12
N GLU Q 290 3.33 18.06 -15.40
CA GLU Q 290 3.68 19.48 -15.34
C GLU Q 290 5.14 19.67 -14.98
N ILE Q 291 5.51 19.21 -13.80
CA ILE Q 291 6.91 19.27 -13.39
C ILE Q 291 7.81 18.70 -14.47
N ARG Q 292 7.39 17.57 -15.06
CA ARG Q 292 8.19 17.00 -16.14
C ARG Q 292 8.25 17.96 -17.33
N ALA Q 293 7.15 18.66 -17.60
CA ALA Q 293 7.17 19.64 -18.69
C ALA Q 293 8.14 20.77 -18.38
N ALA Q 294 8.39 21.04 -17.10
CA ALA Q 294 9.39 22.03 -16.74
C ALA Q 294 10.81 21.53 -16.91
N GLU Q 295 10.99 20.24 -17.21
CA GLU Q 295 12.31 19.68 -17.44
C GLU Q 295 12.68 19.64 -18.92
N ASP Q 296 11.77 20.02 -19.81
CA ASP Q 296 12.03 20.15 -21.24
C ASP Q 296 10.79 20.65 -21.97
N PRO Q 297 10.94 21.56 -22.93
CA PRO Q 297 9.79 21.92 -23.76
C PRO Q 297 9.43 20.84 -24.77
N GLU Q 298 10.38 20.02 -25.18
CA GLU Q 298 10.13 19.07 -26.25
C GLU Q 298 9.13 17.98 -25.84
N PHE Q 299 9.14 17.60 -24.56
CA PHE Q 299 8.20 16.58 -24.10
C PHE Q 299 6.77 17.06 -24.32
N GLU Q 300 5.98 16.26 -25.02
CA GLU Q 300 4.63 16.67 -25.38
C GLU Q 300 3.68 15.49 -25.31
N THR Q 301 2.51 15.73 -24.73
CA THR Q 301 1.46 14.74 -24.64
C THR Q 301 0.16 15.39 -25.09
N PHE Q 302 -0.79 14.54 -25.48
CA PHE Q 302 -2.11 15.10 -25.80
C PHE Q 302 -2.74 15.73 -24.59
N TYR Q 303 -2.14 15.58 -23.42
CA TYR Q 303 -2.51 16.44 -22.31
C TYR Q 303 -1.96 17.84 -22.51
N THR Q 304 -0.63 17.95 -22.57
CA THR Q 304 0.02 19.26 -22.70
C THR Q 304 -0.62 20.10 -23.79
N LYS Q 305 -0.97 19.47 -24.92
CA LYS Q 305 -1.58 20.23 -25.99
C LYS Q 305 -2.92 20.81 -25.57
N ASN Q 306 -3.63 20.16 -24.66
CA ASN Q 306 -4.89 20.73 -24.21
C ASN Q 306 -4.66 22.02 -23.43
N LEU Q 307 -3.59 22.07 -22.64
CA LEU Q 307 -3.37 23.25 -21.80
C LEU Q 307 -3.23 24.50 -22.64
N LEU Q 308 -2.60 24.40 -23.80
CA LEU Q 308 -2.55 25.55 -24.70
C LEU Q 308 -3.96 25.91 -25.16
N LEU Q 309 -4.74 24.90 -25.57
CA LEU Q 309 -6.11 25.15 -25.98
C LEU Q 309 -6.88 25.82 -24.85
N ASN Q 310 -6.92 25.19 -23.68
CA ASN Q 310 -7.58 25.81 -22.55
C ASN Q 310 -6.99 27.17 -22.21
N GLU Q 311 -5.76 27.43 -22.64
CA GLU Q 311 -5.20 28.75 -22.41
C GLU Q 311 -5.72 29.74 -23.43
N GLY Q 312 -5.81 29.34 -24.69
CA GLY Q 312 -6.31 30.25 -25.71
C GLY Q 312 -7.75 30.63 -25.47
N ILE Q 313 -8.59 29.64 -25.20
CA ILE Q 313 -10.00 29.90 -24.94
C ILE Q 313 -10.15 31.00 -23.91
N ARG Q 314 -9.44 30.86 -22.79
CA ARG Q 314 -9.53 31.85 -21.74
C ARG Q 314 -9.26 33.24 -22.27
N ALA Q 315 -8.06 33.45 -22.80
CA ALA Q 315 -7.65 34.79 -23.18
C ALA Q 315 -8.61 35.41 -24.20
N TRP Q 316 -8.91 34.68 -25.26
CA TRP Q 316 -9.77 35.24 -26.30
C TRP Q 316 -11.17 35.49 -25.79
N MET Q 317 -11.76 34.51 -25.11
CA MET Q 317 -13.16 34.64 -24.70
C MET Q 317 -13.33 35.66 -23.59
N ALA Q 318 -12.30 35.89 -22.80
CA ALA Q 318 -12.42 36.67 -21.58
C ALA Q 318 -13.04 38.05 -21.80
N PRO Q 319 -12.49 38.90 -22.69
CA PRO Q 319 -13.00 40.27 -22.76
C PRO Q 319 -14.47 40.34 -23.09
N GLN Q 320 -14.91 39.58 -24.11
CA GLN Q 320 -16.32 39.57 -24.47
C GLN Q 320 -17.16 38.96 -23.36
N ASP Q 321 -16.79 37.76 -22.92
CA ASP Q 321 -17.61 37.03 -21.96
C ASP Q 321 -17.76 37.78 -20.66
N GLN Q 322 -16.70 38.43 -20.21
CA GLN Q 322 -16.68 39.08 -18.90
C GLN Q 322 -16.32 40.55 -19.07
N PRO Q 323 -17.23 41.35 -19.59
CA PRO Q 323 -16.94 42.78 -19.75
C PRO Q 323 -16.82 43.49 -18.42
N HIS Q 324 -17.55 43.03 -17.41
CA HIS Q 324 -17.55 43.67 -16.10
C HIS Q 324 -16.14 43.77 -15.53
N GLU Q 325 -15.33 42.74 -15.74
CA GLU Q 325 -13.94 42.77 -15.28
C GLU Q 325 -13.15 43.88 -15.95
N ASN Q 326 -13.65 44.39 -17.07
CA ASN Q 326 -12.99 45.47 -17.79
C ASN Q 326 -11.62 45.04 -18.31
N PHE Q 327 -11.47 43.77 -18.63
CA PHE Q 327 -10.24 43.29 -19.22
C PHE Q 327 -9.99 43.97 -20.55
N VAL Q 328 -8.73 44.36 -20.77
CA VAL Q 328 -8.26 44.72 -22.09
C VAL Q 328 -6.97 43.94 -22.34
N PHE Q 329 -7.02 43.06 -23.17
CA PHE Q 329 -5.72 42.46 -23.39
C PHE Q 329 -5.03 43.11 -24.58
N PRO Q 330 -3.73 43.32 -24.50
CA PRO Q 330 -3.01 43.80 -25.67
C PRO Q 330 -3.03 42.73 -26.76
N GLU Q 331 -2.46 43.03 -27.92
CA GLU Q 331 -2.54 42.07 -29.00
C GLU Q 331 -1.56 40.92 -28.79
N GLU Q 332 -0.26 41.23 -28.75
CA GLU Q 332 0.74 40.18 -28.64
C GLU Q 332 0.51 39.28 -27.43
N VAL Q 333 -0.17 39.78 -26.41
CA VAL Q 333 -0.25 39.02 -25.16
C VAL Q 333 -1.11 37.78 -25.34
N LEU Q 334 -2.08 37.82 -26.24
CA LEU Q 334 -2.90 36.66 -26.50
C LEU Q 334 -2.01 35.48 -26.87
N PRO Q 335 -2.23 34.31 -26.29
CA PRO Q 335 -1.23 33.25 -26.34
C PRO Q 335 -1.14 32.59 -27.69
N ARG Q 336 -1.01 33.38 -28.76
CA ARG Q 336 -1.16 32.86 -30.11
C ARG Q 336 -0.23 31.69 -30.36
N GLY Q 337 -0.68 30.78 -31.22
CA GLY Q 337 0.17 29.74 -31.72
C GLY Q 337 1.25 30.37 -32.57
N ASN Q 338 2.01 29.51 -33.25
CA ASN Q 338 3.22 29.91 -33.98
C ASN Q 338 4.13 30.74 -33.09
N ALA Q 339 4.10 30.45 -31.80
CA ALA Q 339 4.92 31.14 -30.81
C ALA Q 339 4.93 30.35 -29.51
N TRP R 1 -66.59 27.82 -33.27
CA TRP R 1 -67.47 27.87 -34.42
C TRP R 1 -68.41 29.06 -34.29
N VAL R 2 -68.41 29.68 -33.11
CA VAL R 2 -69.28 30.83 -32.85
C VAL R 2 -68.45 32.09 -32.67
N ILE R 3 -67.77 32.23 -31.52
CA ILE R 3 -67.04 33.46 -31.23
C ILE R 3 -65.58 33.30 -31.63
N HIS R 4 -65.22 32.15 -32.20
CA HIS R 4 -63.85 31.91 -32.62
C HIS R 4 -63.54 32.55 -33.95
N SER R 5 -64.52 33.21 -34.57
CA SER R 5 -64.28 34.17 -35.63
C SER R 5 -64.20 35.60 -35.10
N ILE R 6 -64.22 35.77 -33.78
CA ILE R 6 -64.21 37.09 -33.17
C ILE R 6 -63.00 37.24 -32.25
N THR R 7 -62.92 36.38 -31.23
CA THR R 7 -61.83 36.43 -30.27
C THR R 7 -60.48 36.51 -30.97
N ILE R 8 -60.15 35.46 -31.74
CA ILE R 8 -58.83 35.37 -32.35
C ILE R 8 -58.46 36.64 -33.13
N PRO R 9 -59.26 37.12 -34.08
CA PRO R 9 -58.84 38.29 -34.85
C PRO R 9 -58.60 39.52 -34.00
N ALA R 10 -59.54 39.86 -33.13
CA ALA R 10 -59.39 41.06 -32.32
C ALA R 10 -58.21 40.93 -31.38
N LEU R 11 -57.96 39.74 -30.87
CA LEU R 11 -56.84 39.54 -29.96
C LEU R 11 -55.52 39.55 -30.71
N PHE R 12 -55.43 38.81 -31.81
CA PHE R 12 -54.18 38.72 -32.53
C PHE R 12 -53.70 40.07 -33.04
N ILE R 13 -54.63 40.99 -33.31
CA ILE R 13 -54.22 42.31 -33.79
C ILE R 13 -53.57 43.11 -32.67
N ALA R 14 -53.96 42.85 -31.41
CA ALA R 14 -53.32 43.53 -30.30
C ALA R 14 -51.82 43.30 -30.31
N GLY R 15 -51.41 42.03 -30.32
CA GLY R 15 -49.99 41.73 -30.42
C GLY R 15 -49.34 42.36 -31.62
N TRP R 16 -50.08 42.48 -32.73
CA TRP R 16 -49.53 43.13 -33.91
C TRP R 16 -49.19 44.58 -33.62
N LEU R 17 -50.02 45.25 -32.82
CA LEU R 17 -49.80 46.67 -32.59
C LEU R 17 -48.69 46.92 -31.59
N PHE R 18 -48.63 46.17 -30.49
CA PHE R 18 -47.65 46.48 -29.46
C PHE R 18 -46.24 46.48 -30.02
N VAL R 19 -45.98 45.68 -31.03
CA VAL R 19 -44.75 45.84 -31.80
C VAL R 19 -44.81 47.10 -32.65
N SER R 20 -45.86 47.21 -33.47
CA SER R 20 -45.99 48.36 -34.35
C SER R 20 -46.04 49.65 -33.55
N THR R 21 -46.90 49.70 -32.53
CA THR R 21 -46.91 50.84 -31.63
C THR R 21 -45.60 50.97 -30.89
N GLY R 22 -44.83 49.88 -30.80
CA GLY R 22 -43.63 49.93 -29.99
C GLY R 22 -43.89 50.03 -28.52
N LEU R 23 -45.15 49.82 -28.09
CA LEU R 23 -45.46 49.86 -26.68
C LEU R 23 -44.61 48.88 -25.90
N ALA R 24 -44.24 47.75 -26.52
CA ALA R 24 -43.40 46.78 -25.84
C ALA R 24 -42.04 47.36 -25.47
N TYR R 25 -41.57 48.39 -26.18
CA TYR R 25 -40.28 48.97 -25.85
C TYR R 25 -40.22 49.43 -24.41
N ASP R 26 -40.91 50.52 -24.08
CA ASP R 26 -40.81 51.05 -22.74
C ASP R 26 -41.46 50.16 -21.69
N VAL R 27 -42.27 49.19 -22.10
CA VAL R 27 -42.81 48.25 -21.13
C VAL R 27 -41.73 47.29 -20.66
N PHE R 28 -41.03 46.65 -21.60
CA PHE R 28 -39.97 45.73 -21.27
C PHE R 28 -38.60 46.36 -21.32
N GLY R 29 -38.51 47.65 -21.62
CA GLY R 29 -37.25 48.35 -21.52
C GLY R 29 -36.18 47.89 -22.49
N THR R 30 -36.56 47.14 -23.51
CA THR R 30 -35.60 46.77 -24.53
C THR R 30 -35.07 48.03 -25.22
N PRO R 31 -33.83 47.99 -25.69
CA PRO R 31 -33.29 49.15 -26.40
C PRO R 31 -33.97 49.32 -27.75
N ARG R 32 -33.99 50.48 -28.18
CA ARG R 32 -34.58 50.68 -29.48
C ARG R 32 -33.52 50.56 -30.57
N PRO R 33 -33.91 50.12 -31.77
CA PRO R 33 -32.92 49.75 -32.79
C PRO R 33 -31.86 50.80 -33.05
N ASP R 34 -32.17 52.08 -32.85
CA ASP R 34 -31.14 53.10 -32.90
C ASP R 34 -30.48 53.35 -31.55
N SER R 35 -31.08 52.88 -30.46
CA SER R 35 -30.66 53.30 -29.13
C SER R 35 -29.79 52.22 -28.51
N TYR R 36 -28.48 52.43 -28.54
CA TYR R 36 -27.53 51.70 -27.73
C TYR R 36 -26.51 52.69 -27.20
N TYR R 37 -25.76 53.28 -28.13
CA TYR R 37 -24.67 54.18 -27.81
C TYR R 37 -25.16 55.61 -27.99
N ALA R 38 -25.37 56.30 -26.88
CA ALA R 38 -25.64 57.73 -26.93
C ALA R 38 -24.34 58.46 -27.28
N GLN R 39 -24.49 59.58 -28.00
CA GLN R 39 -23.33 60.31 -28.51
C GLN R 39 -22.57 59.33 -29.41
N GLU R 40 -21.25 59.20 -29.27
CA GLU R 40 -20.59 58.04 -29.87
C GLU R 40 -20.13 57.11 -28.76
N GLN R 41 -19.00 57.43 -28.13
CA GLN R 41 -18.55 56.83 -26.88
C GLN R 41 -18.91 55.35 -26.81
N ARG R 42 -18.31 54.57 -27.69
CA ARG R 42 -18.77 53.19 -27.84
C ARG R 42 -18.24 52.40 -26.66
N SER R 43 -19.15 51.99 -25.79
CA SER R 43 -18.82 51.23 -24.60
C SER R 43 -20.09 50.59 -24.09
N ILE R 44 -19.93 49.58 -23.25
CA ILE R 44 -21.09 48.86 -22.72
C ILE R 44 -21.71 49.64 -21.57
N PRO R 45 -22.94 50.09 -21.70
CA PRO R 45 -23.64 50.65 -20.55
C PRO R 45 -23.97 49.56 -19.55
N LEU R 46 -22.93 49.03 -18.90
CA LEU R 46 -23.07 47.88 -18.01
C LEU R 46 -23.47 48.36 -16.63
N VAL R 47 -24.63 47.91 -16.16
CA VAL R 47 -25.07 48.27 -14.82
C VAL R 47 -24.16 47.59 -13.81
N THR R 48 -23.87 48.28 -12.71
CA THR R 48 -22.83 47.73 -11.85
C THR R 48 -23.37 47.23 -10.52
N ASP R 49 -23.63 48.12 -9.57
CA ASP R 49 -23.74 47.74 -8.17
C ASP R 49 -25.20 47.72 -7.71
N ARG R 50 -25.41 47.30 -6.47
CA ARG R 50 -26.75 47.15 -5.96
C ARG R 50 -27.20 48.44 -5.28
N PHE R 51 -28.49 48.50 -4.95
CA PHE R 51 -29.09 49.68 -4.32
C PHE R 51 -28.86 50.93 -5.16
N GLU R 52 -28.54 50.72 -6.42
CA GLU R 52 -28.13 51.74 -7.36
C GLU R 52 -28.95 51.57 -8.63
N ALA R 53 -28.87 50.36 -9.19
CA ALA R 53 -29.21 50.07 -10.57
C ALA R 53 -30.47 50.79 -11.02
N LYS R 54 -31.49 50.82 -10.18
CA LYS R 54 -32.65 51.63 -10.51
C LYS R 54 -32.24 53.06 -10.83
N GLN R 55 -31.31 53.62 -10.06
CA GLN R 55 -30.75 54.92 -10.39
C GLN R 55 -29.66 54.82 -11.46
N GLN R 56 -28.89 53.73 -11.47
CA GLN R 56 -27.79 53.63 -12.42
C GLN R 56 -28.29 53.39 -13.84
N VAL R 57 -29.28 52.50 -14.00
CA VAL R 57 -29.89 52.31 -15.31
C VAL R 57 -30.39 53.63 -15.85
N GLU R 58 -30.81 54.53 -14.97
CA GLU R 58 -31.23 55.84 -15.43
C GLU R 58 -30.10 56.53 -16.17
N THR R 59 -28.87 56.46 -15.66
CA THR R 59 -27.77 57.23 -16.24
C THR R 59 -27.53 56.82 -17.68
N PHE R 60 -27.22 55.54 -17.90
CA PHE R 60 -27.09 54.99 -19.24
C PHE R 60 -28.27 55.37 -20.11
N LEU R 61 -29.48 55.18 -19.61
CA LEU R 61 -30.68 55.52 -20.37
C LEU R 61 -30.86 57.03 -20.46
N GLU R 62 -30.39 57.78 -19.46
CA GLU R 62 -30.63 59.22 -19.42
C GLU R 62 -30.10 59.91 -20.66
N GLN R 63 -28.94 59.48 -21.15
CA GLN R 63 -28.30 60.20 -22.23
C GLN R 63 -29.06 59.95 -23.53
N LEU R 64 -29.05 58.71 -24.00
CA LEU R 64 -29.97 58.28 -25.06
C LEU R 64 -29.69 58.99 -26.39
N LYS R 65 -28.81 59.98 -26.36
CA LYS R 65 -28.51 60.82 -27.54
C LYS R 65 -29.76 61.51 -28.05
N THR S 4 -65.74 24.00 -18.20
CA THR S 4 -65.27 23.34 -16.98
C THR S 4 -63.76 23.14 -16.98
N VAL S 5 -63.33 21.99 -16.43
CA VAL S 5 -61.92 21.78 -16.14
C VAL S 5 -61.07 21.89 -17.40
N ARG S 6 -61.40 21.10 -18.42
CA ARG S 6 -60.57 21.09 -19.63
C ARG S 6 -60.44 22.48 -20.21
N TRP S 7 -61.59 23.12 -20.45
CA TRP S 7 -61.60 24.48 -21.02
C TRP S 7 -60.61 25.39 -20.33
N VAL S 8 -60.50 25.29 -19.01
CA VAL S 8 -59.60 26.17 -18.27
C VAL S 8 -58.15 25.94 -18.65
N ALA S 9 -57.82 24.76 -19.17
CA ALA S 9 -56.44 24.49 -19.52
C ALA S 9 -56.05 25.27 -20.77
N VAL S 10 -56.66 24.92 -21.91
CA VAL S 10 -56.25 25.50 -23.18
C VAL S 10 -56.47 27.00 -23.18
N HIS S 11 -57.63 27.44 -22.70
CA HIS S 11 -57.96 28.86 -22.68
C HIS S 11 -56.87 29.67 -22.00
N THR S 12 -56.39 29.18 -20.86
CA THR S 12 -55.37 29.92 -20.14
C THR S 12 -53.98 29.68 -20.71
N LEU S 13 -53.85 28.79 -21.69
CA LEU S 13 -52.55 28.50 -22.28
C LEU S 13 -52.48 28.97 -23.73
N ALA S 14 -53.31 28.42 -24.62
CA ALA S 14 -53.18 28.75 -26.04
C ALA S 14 -53.56 30.20 -26.34
N VAL S 15 -54.36 30.84 -25.51
CA VAL S 15 -54.72 32.24 -25.76
C VAL S 15 -53.49 33.15 -25.80
N PRO S 16 -52.63 33.17 -24.78
CA PRO S 16 -51.41 33.98 -24.92
C PRO S 16 -50.58 33.62 -26.13
N THR S 17 -50.57 32.34 -26.52
CA THR S 17 -49.84 31.94 -27.71
C THR S 17 -50.30 32.75 -28.92
N ILE S 18 -51.61 32.84 -29.11
CA ILE S 18 -52.14 33.67 -30.18
C ILE S 18 -51.71 35.12 -30.00
N PHE S 19 -51.53 35.54 -28.75
CA PHE S 19 -51.14 36.92 -28.53
C PHE S 19 -49.65 37.16 -28.79
N PHE S 20 -48.81 36.16 -28.58
CA PHE S 20 -47.41 36.33 -28.95
C PHE S 20 -47.19 36.24 -30.45
N LEU S 21 -47.96 35.40 -31.14
CA LEU S 21 -47.81 35.30 -32.59
C LEU S 21 -47.91 36.67 -33.23
N GLY S 22 -48.69 37.57 -32.63
CA GLY S 22 -48.66 38.95 -33.07
C GLY S 22 -47.25 39.53 -32.98
N ALA S 23 -46.61 39.35 -31.84
CA ALA S 23 -45.28 39.92 -31.65
C ALA S 23 -44.28 39.34 -32.63
N ILE S 24 -44.35 38.04 -32.88
CA ILE S 24 -43.46 37.37 -33.82
C ILE S 24 -43.60 38.01 -35.19
N ALA S 25 -44.79 37.85 -35.78
CA ALA S 25 -45.02 38.35 -37.13
C ALA S 25 -44.77 39.84 -37.22
N ALA S 26 -45.50 40.62 -36.44
CA ALA S 26 -45.39 42.07 -36.52
C ALA S 26 -43.97 42.55 -36.29
N MET S 27 -43.11 41.72 -35.69
CA MET S 27 -41.70 42.08 -35.62
C MET S 27 -41.02 41.91 -36.97
N GLN S 28 -41.21 40.77 -37.62
CA GLN S 28 -40.42 40.44 -38.81
C GLN S 28 -40.49 41.53 -39.87
N PHE S 29 -41.45 42.43 -39.78
CA PHE S 29 -41.56 43.53 -40.72
C PHE S 29 -40.94 44.82 -40.20
N ILE S 30 -40.29 44.80 -39.03
CA ILE S 30 -39.64 46.01 -38.54
C ILE S 30 -38.33 46.20 -39.29
N GLN S 31 -37.53 47.17 -38.83
CA GLN S 31 -36.19 47.42 -39.37
C GLN S 31 -36.24 47.82 -40.84
N ALA T 1 -37.02 -11.62 28.89
CA ALA T 1 -37.71 -10.61 29.67
C ALA T 1 -36.93 -10.26 30.94
N ARG T 2 -35.80 -9.60 30.77
CA ARG T 2 -34.91 -9.28 31.87
C ARG T 2 -35.25 -7.89 32.38
N ARG T 3 -35.78 -7.81 33.60
CA ARG T 3 -36.26 -6.56 34.17
C ARG T 3 -35.21 -6.05 35.15
N THR T 4 -34.54 -4.97 34.77
CA THR T 4 -33.46 -4.41 35.58
C THR T 4 -33.92 -3.14 36.27
N TRP T 5 -32.98 -2.52 36.96
CA TRP T 5 -33.31 -1.37 37.80
C TRP T 5 -33.84 -0.22 36.96
N LEU T 6 -33.06 0.23 35.99
CA LEU T 6 -33.56 1.24 35.06
C LEU T 6 -34.79 0.72 34.34
N GLY T 7 -34.70 -0.48 33.77
CA GLY T 7 -35.80 -1.03 33.00
C GLY T 7 -37.11 -1.02 33.76
N ASP T 8 -37.05 -1.23 35.07
CA ASP T 8 -38.26 -1.08 35.86
C ASP T 8 -38.61 0.39 36.01
N ILE T 9 -37.62 1.27 36.09
CA ILE T 9 -37.90 2.69 36.33
C ILE T 9 -38.52 3.34 35.11
N LEU T 10 -37.85 3.24 33.96
CA LEU T 10 -38.30 4.02 32.80
C LEU T 10 -39.61 3.48 32.24
N ARG T 11 -39.72 2.18 32.08
CA ARG T 11 -40.79 1.56 31.32
C ARG T 11 -42.16 2.19 31.54
N PRO T 12 -42.55 2.52 32.78
CA PRO T 12 -43.82 3.23 32.95
C PRO T 12 -43.92 4.49 32.12
N LEU T 13 -42.79 5.06 31.73
CA LEU T 13 -42.81 6.23 30.85
C LEU T 13 -43.52 5.93 29.54
N ASN T 14 -42.90 5.09 28.72
CA ASN T 14 -43.33 4.88 27.34
C ASN T 14 -44.38 3.81 27.21
N SER T 15 -44.96 3.37 28.33
CA SER T 15 -45.95 2.31 28.27
C SER T 15 -47.07 2.59 27.26
N GLU T 16 -47.36 3.85 26.96
CA GLU T 16 -48.51 4.18 26.13
C GLU T 16 -48.05 4.24 24.68
N TYR T 17 -48.25 3.15 23.93
CA TYR T 17 -47.84 3.11 22.55
C TYR T 17 -48.97 3.25 21.54
N GLY T 18 -50.20 2.99 21.93
CA GLY T 18 -51.27 2.97 20.95
C GLY T 18 -52.22 4.14 21.03
N LYS T 19 -52.18 4.86 22.15
CA LYS T 19 -53.17 5.89 22.38
C LYS T 19 -52.78 7.14 21.63
N VAL T 20 -53.63 7.55 20.70
CA VAL T 20 -53.36 8.65 19.79
C VAL T 20 -54.48 9.66 19.91
N ALA T 21 -54.13 10.93 19.85
CA ALA T 21 -55.11 11.98 19.97
C ALA T 21 -56.19 11.79 18.92
N PRO T 22 -57.46 11.65 19.30
CA PRO T 22 -58.49 11.33 18.31
C PRO T 22 -58.72 12.48 17.36
N GLY T 23 -59.04 12.13 16.11
CA GLY T 23 -59.34 13.12 15.10
C GLY T 23 -58.14 14.00 14.78
N TRP T 24 -58.44 15.21 14.30
CA TRP T 24 -57.39 16.17 13.99
C TRP T 24 -56.62 16.62 15.21
N GLY T 25 -57.04 16.21 16.41
CA GLY T 25 -56.34 16.59 17.61
C GLY T 25 -56.17 18.08 17.64
N THR T 26 -54.94 18.54 17.79
CA THR T 26 -54.61 19.89 17.36
C THR T 26 -53.58 19.76 16.25
N THR T 27 -54.06 19.79 15.02
CA THR T 27 -53.30 20.15 13.82
C THR T 27 -53.13 21.65 13.67
N PRO T 28 -54.22 22.44 13.72
CA PRO T 28 -54.12 23.83 13.25
C PRO T 28 -53.01 24.60 13.90
N LEU T 29 -52.88 24.48 15.22
CA LEU T 29 -51.88 25.24 15.94
C LEU T 29 -50.48 24.92 15.43
N MET T 30 -50.25 23.69 14.99
CA MET T 30 -48.98 23.38 14.35
C MET T 30 -48.82 24.17 13.05
N ALA T 31 -49.76 24.00 12.12
CA ALA T 31 -49.63 24.65 10.81
C ALA T 31 -49.48 26.15 10.95
N VAL T 32 -49.98 26.72 12.04
CA VAL T 32 -49.77 28.14 12.31
C VAL T 32 -48.28 28.42 12.44
N PHE T 33 -47.61 27.74 13.36
CA PHE T 33 -46.20 28.02 13.58
C PHE T 33 -45.37 27.72 12.35
N MET T 34 -45.60 26.55 11.73
CA MET T 34 -44.82 26.16 10.57
C MET T 34 -44.81 27.26 9.52
N GLY T 35 -45.99 27.70 9.11
CA GLY T 35 -46.07 28.82 8.19
C GLY T 35 -45.38 30.05 8.73
N LEU T 36 -45.55 30.31 10.03
CA LEU T 36 -44.88 31.45 10.63
C LEU T 36 -43.37 31.25 10.63
N PHE T 37 -42.91 30.03 10.89
CA PHE T 37 -41.48 29.77 10.84
C PHE T 37 -40.94 29.98 9.43
N LEU T 38 -41.70 29.58 8.41
CA LEU T 38 -41.23 29.75 7.06
C LEU T 38 -41.02 31.23 6.75
N VAL T 39 -42.04 32.06 7.03
CA VAL T 39 -41.87 33.50 6.90
C VAL T 39 -40.67 33.96 7.71
N PHE T 40 -40.53 33.43 8.91
CA PHE T 40 -39.36 33.72 9.73
C PHE T 40 -38.08 33.43 8.97
N LEU T 41 -37.86 32.16 8.67
CA LEU T 41 -36.63 31.74 8.01
C LEU T 41 -36.35 32.58 6.78
N LEU T 42 -37.40 32.90 6.02
CA LEU T 42 -37.24 33.76 4.86
C LEU T 42 -36.62 35.09 5.25
N ILE T 43 -37.01 35.63 6.40
CA ILE T 43 -36.49 36.93 6.82
C ILE T 43 -35.00 36.85 7.13
N ILE T 44 -34.56 35.75 7.71
CA ILE T 44 -33.13 35.54 7.88
C ILE T 44 -32.43 35.61 6.53
N LEU T 45 -32.96 34.85 5.57
CA LEU T 45 -32.32 34.78 4.26
C LEU T 45 -32.27 36.17 3.62
N GLU T 46 -33.41 36.88 3.63
CA GLU T 46 -33.43 38.22 3.06
C GLU T 46 -32.39 39.12 3.72
N ILE T 47 -32.19 38.97 5.02
CA ILE T 47 -31.19 39.78 5.70
C ILE T 47 -29.80 39.42 5.22
N TYR T 48 -29.45 38.14 5.30
CA TYR T 48 -28.05 37.75 5.15
C TYR T 48 -27.52 37.99 3.75
N ASN T 49 -28.39 38.05 2.75
CA ASN T 49 -27.95 38.42 1.41
C ASN T 49 -27.92 39.93 1.21
N SER T 50 -28.21 40.70 2.25
CA SER T 50 -28.36 42.15 2.15
C SER T 50 -29.45 42.53 1.17
N THR T 51 -30.37 41.60 0.90
CA THR T 51 -31.60 41.97 0.22
C THR T 51 -32.49 42.80 1.14
N LEU T 52 -32.54 42.41 2.40
CA LEU T 52 -33.27 43.13 3.42
C LEU T 52 -32.26 43.86 4.29
N ILE T 53 -32.24 45.18 4.22
CA ILE T 53 -31.40 45.98 5.11
C ILE T 53 -32.30 46.57 6.19
N LEU T 54 -32.16 46.07 7.41
CA LEU T 54 -32.74 46.72 8.56
C LEU T 54 -31.88 47.92 8.92
N ASP T 55 -32.51 48.90 9.55
CA ASP T 55 -31.76 50.09 9.90
C ASP T 55 -30.86 49.76 11.09
N GLY T 56 -29.55 49.90 10.90
CA GLY T 56 -28.59 49.59 11.92
C GLY T 56 -27.87 48.28 11.72
N VAL T 57 -28.44 47.33 11.00
CA VAL T 57 -27.74 46.09 10.70
C VAL T 57 -26.75 46.38 9.58
N ASN T 58 -25.60 45.71 9.61
CA ASN T 58 -24.66 45.81 8.52
C ASN T 58 -24.09 44.44 8.23
N VAL T 59 -24.36 43.93 7.02
CA VAL T 59 -23.71 42.71 6.59
C VAL T 59 -22.25 42.94 6.27
N SER T 60 -21.79 44.18 6.36
CA SER T 60 -20.36 44.42 6.42
C SER T 60 -19.82 43.83 7.72
N TRP T 61 -18.51 43.57 7.73
CA TRP T 61 -17.90 43.00 8.92
C TRP T 61 -17.90 44.00 10.07
N LYS T 62 -18.55 43.62 11.16
CA LYS T 62 -18.68 44.44 12.37
C LYS T 62 -18.91 45.92 12.10
N MET U 1 11.24 -7.44 -43.17
CA MET U 1 10.40 -6.43 -43.80
C MET U 1 9.74 -7.03 -45.03
N GLU U 2 10.54 -7.27 -46.06
CA GLU U 2 10.00 -7.77 -47.32
C GLU U 2 9.36 -9.14 -47.15
N THR U 3 10.01 -10.03 -46.39
CA THR U 3 9.39 -11.31 -46.09
C THR U 3 8.03 -11.13 -45.44
N LEU U 4 7.92 -10.16 -44.55
CA LEU U 4 6.64 -9.89 -43.89
C LEU U 4 5.57 -9.54 -44.91
N LYS U 5 5.92 -8.72 -45.90
CA LYS U 5 4.99 -8.33 -46.94
C LYS U 5 4.27 -9.53 -47.53
N ILE U 6 5.03 -10.44 -48.15
CA ILE U 6 4.42 -11.62 -48.74
C ILE U 6 3.66 -12.42 -47.69
N THR U 7 4.18 -12.45 -46.47
CA THR U 7 3.51 -13.19 -45.40
C THR U 7 2.11 -12.66 -45.16
N VAL U 8 1.97 -11.35 -44.96
CA VAL U 8 0.65 -10.76 -44.75
C VAL U 8 -0.27 -11.09 -45.90
N TYR U 9 0.23 -10.93 -47.14
CA TYR U 9 -0.56 -11.32 -48.29
C TYR U 9 -1.08 -12.74 -48.16
N ILE U 10 -0.18 -13.69 -47.91
CA ILE U 10 -0.59 -15.09 -47.83
C ILE U 10 -1.63 -15.28 -46.73
N VAL U 11 -1.38 -14.73 -45.55
CA VAL U 11 -2.31 -14.91 -44.43
C VAL U 11 -3.66 -14.29 -44.76
N VAL U 12 -3.66 -13.03 -45.18
CA VAL U 12 -4.91 -12.36 -45.51
C VAL U 12 -5.62 -13.09 -46.64
N THR U 13 -4.87 -13.45 -47.69
CA THR U 13 -5.47 -14.19 -48.78
C THR U 13 -6.16 -15.46 -48.28
N PHE U 14 -5.57 -16.09 -47.27
CA PHE U 14 -6.11 -17.37 -46.81
C PHE U 14 -7.49 -17.21 -46.20
N PHE U 15 -7.62 -16.33 -45.21
CA PHE U 15 -8.92 -16.14 -44.55
C PHE U 15 -9.99 -15.77 -45.56
N VAL U 16 -9.77 -14.68 -46.28
CA VAL U 16 -10.73 -14.25 -47.28
C VAL U 16 -11.09 -15.38 -48.23
N LEU U 17 -10.10 -16.19 -48.61
CA LEU U 17 -10.40 -17.35 -49.44
C LEU U 17 -11.26 -18.34 -48.66
N LEU U 18 -10.83 -18.68 -47.45
CA LEU U 18 -11.66 -19.53 -46.60
C LEU U 18 -13.01 -18.91 -46.37
N PHE U 19 -13.10 -17.59 -46.46
CA PHE U 19 -14.32 -16.89 -46.08
C PHE U 19 -15.42 -17.03 -47.11
N VAL U 20 -15.11 -16.84 -48.39
CA VAL U 20 -16.18 -16.75 -49.38
C VAL U 20 -16.89 -18.09 -49.52
N PHE U 21 -16.14 -19.19 -49.56
CA PHE U 21 -16.74 -20.48 -49.84
C PHE U 21 -17.81 -20.84 -48.83
N GLY U 22 -17.65 -20.40 -47.59
CA GLY U 22 -18.69 -20.62 -46.61
C GLY U 22 -20.05 -20.22 -47.15
N PHE U 23 -20.13 -19.04 -47.75
CA PHE U 23 -21.38 -18.64 -48.37
C PHE U 23 -21.56 -19.29 -49.73
N LEU U 24 -20.48 -19.48 -50.48
CA LEU U 24 -20.60 -20.11 -51.78
C LEU U 24 -20.98 -21.58 -51.70
N SER U 25 -20.94 -22.17 -50.52
CA SER U 25 -21.43 -23.53 -50.33
C SER U 25 -22.61 -23.48 -49.37
N GLY U 26 -23.81 -23.69 -49.91
CA GLY U 26 -24.98 -24.07 -49.14
C GLY U 26 -25.21 -23.34 -47.84
N ASP U 27 -24.96 -22.03 -47.80
CA ASP U 27 -25.15 -21.30 -46.54
C ASP U 27 -26.61 -21.27 -46.11
N PRO U 28 -27.58 -20.94 -46.98
CA PRO U 28 -28.97 -20.99 -46.52
C PRO U 28 -29.39 -22.35 -46.03
N ALA U 29 -28.76 -23.42 -46.52
CA ALA U 29 -29.07 -24.75 -46.04
C ALA U 29 -28.81 -24.90 -44.55
N ARG U 30 -28.05 -23.99 -43.95
CA ARG U 30 -27.74 -24.01 -42.53
C ARG U 30 -28.62 -22.98 -41.84
N ASN U 31 -29.61 -23.47 -41.07
CA ASN U 31 -30.66 -22.67 -40.47
C ASN U 31 -31.66 -23.60 -39.79
N PRO U 32 -32.46 -23.11 -38.84
CA PRO U 32 -33.39 -24.01 -38.16
C PRO U 32 -34.40 -24.67 -39.09
N LYS U 33 -35.04 -23.88 -39.94
CA LYS U 33 -36.05 -24.37 -40.85
C LYS U 33 -35.56 -24.21 -42.29
N ARG U 34 -36.39 -24.65 -43.22
CA ARG U 34 -36.19 -24.35 -44.63
C ARG U 34 -37.55 -24.14 -45.28
N PRO V 3 -34.51 32.29 -71.53
CA PRO V 3 -34.69 32.89 -72.86
C PRO V 3 -35.77 33.95 -72.89
N GLU V 4 -35.63 34.87 -73.84
CA GLU V 4 -36.49 36.04 -73.88
C GLU V 4 -37.88 35.73 -74.42
N ALA V 5 -38.00 34.81 -75.37
CA ALA V 5 -39.32 34.37 -75.79
C ALA V 5 -40.09 33.78 -74.62
N TYR V 6 -39.39 33.16 -73.69
CA TYR V 6 -39.95 32.58 -72.48
C TYR V 6 -39.91 33.53 -71.30
N ALA V 7 -39.49 34.77 -71.53
CA ALA V 7 -38.96 35.63 -70.47
C ALA V 7 -39.78 35.59 -69.20
N ILE V 8 -41.10 35.66 -69.32
CA ILE V 8 -41.88 35.60 -68.11
C ILE V 8 -42.77 34.37 -68.03
N PHE V 9 -42.33 33.43 -67.21
CA PHE V 9 -43.23 32.75 -66.31
C PHE V 9 -42.47 32.79 -65.03
N ASP V 10 -42.80 33.72 -64.14
CA ASP V 10 -41.98 33.88 -62.94
C ASP V 10 -42.20 32.75 -61.95
N PRO V 11 -43.42 32.50 -61.45
CA PRO V 11 -43.56 31.51 -60.39
C PRO V 11 -43.27 30.10 -60.85
N LEU V 12 -43.70 29.76 -62.06
CA LEU V 12 -43.47 28.42 -62.58
C LEU V 12 -41.99 28.11 -62.61
N VAL V 13 -41.19 28.97 -63.24
CA VAL V 13 -39.76 28.71 -63.26
C VAL V 13 -39.15 28.94 -61.89
N ASP V 14 -39.75 29.82 -61.08
CA ASP V 14 -39.26 29.98 -59.72
C ASP V 14 -39.36 28.67 -58.95
N VAL V 15 -40.56 28.13 -58.83
CA VAL V 15 -40.71 26.81 -58.25
C VAL V 15 -41.30 25.88 -59.30
N LEU V 16 -40.44 25.14 -59.98
CA LEU V 16 -40.66 23.74 -60.33
C LEU V 16 -40.25 22.78 -59.22
N PRO V 17 -38.98 22.85 -58.76
CA PRO V 17 -38.38 21.70 -58.09
C PRO V 17 -39.00 21.34 -56.76
N VAL V 18 -39.81 22.21 -56.17
CA VAL V 18 -40.39 21.85 -54.89
C VAL V 18 -41.44 20.77 -55.07
N ILE V 19 -42.16 20.78 -56.18
CA ILE V 19 -43.33 19.92 -56.33
C ILE V 19 -42.99 18.43 -56.24
N PRO V 20 -41.81 17.94 -56.67
CA PRO V 20 -41.50 16.53 -56.38
C PRO V 20 -41.66 16.15 -54.92
N VAL V 21 -41.23 17.01 -54.00
CA VAL V 21 -41.46 16.76 -52.58
C VAL V 21 -42.96 16.61 -52.32
N LEU V 22 -43.78 17.43 -52.98
CA LEU V 22 -45.20 17.43 -52.71
C LEU V 22 -45.83 16.06 -52.93
N PHE V 23 -45.26 15.25 -53.82
CA PHE V 23 -45.78 13.90 -54.03
C PHE V 23 -45.74 13.08 -52.76
N LEU V 24 -44.59 13.09 -52.08
CA LEU V 24 -44.51 12.43 -50.78
C LEU V 24 -45.61 12.93 -49.87
N ALA V 25 -45.83 14.24 -49.84
CA ALA V 25 -46.91 14.78 -49.03
C ALA V 25 -48.27 14.27 -49.51
N LEU V 26 -48.47 14.26 -50.83
CA LEU V 26 -49.72 13.77 -51.38
C LEU V 26 -50.04 12.37 -50.87
N ALA V 27 -49.02 11.53 -50.75
CA ALA V 27 -49.24 10.16 -50.31
C ALA V 27 -49.97 10.13 -48.97
N PHE V 28 -49.60 11.00 -48.05
CA PHE V 28 -50.26 11.02 -46.75
C PHE V 28 -51.71 11.47 -46.88
N VAL V 29 -51.95 12.57 -47.59
CA VAL V 29 -53.32 13.00 -47.82
C VAL V 29 -54.09 11.90 -48.52
N TRP V 30 -53.48 11.29 -49.54
CA TRP V 30 -54.13 10.17 -50.19
C TRP V 30 -54.28 8.99 -49.25
N GLN V 31 -53.50 8.93 -48.17
CA GLN V 31 -53.82 8.02 -47.08
C GLN V 31 -54.88 8.59 -46.15
N ALA V 32 -54.91 9.91 -45.98
CA ALA V 32 -55.83 10.50 -45.01
C ALA V 32 -57.28 10.20 -45.38
N ALA V 33 -57.65 10.43 -46.64
CA ALA V 33 -59.01 10.13 -47.06
C ALA V 33 -59.27 8.63 -47.01
N VAL V 34 -58.35 7.83 -47.53
CA VAL V 34 -58.44 6.39 -47.38
C VAL V 34 -58.48 6.02 -45.90
N GLY V 35 -57.73 6.75 -45.09
CA GLY V 35 -57.85 6.58 -43.66
C GLY V 35 -57.19 5.36 -43.09
N PHE V 36 -56.00 5.00 -43.59
CA PHE V 36 -55.17 4.00 -42.94
C PHE V 36 -55.83 2.64 -42.90
N MET W 1 -29.79 -16.89 26.83
CA MET W 1 -31.00 -17.62 26.44
C MET W 1 -31.26 -17.50 24.95
N GLU W 2 -32.36 -16.81 24.61
CA GLU W 2 -32.82 -16.71 23.24
C GLU W 2 -31.83 -15.93 22.39
N PRO W 3 -31.26 -16.52 21.31
CA PRO W 3 -30.26 -15.81 20.50
C PRO W 3 -30.88 -15.03 19.34
N ASN W 4 -31.73 -14.05 19.66
CA ASN W 4 -32.32 -13.18 18.65
C ASN W 4 -33.00 -13.95 17.52
N PRO W 5 -34.23 -14.38 17.71
CA PRO W 5 -34.94 -15.13 16.66
C PRO W 5 -34.87 -14.46 15.30
N ASN W 6 -34.61 -13.16 15.26
CA ASN W 6 -34.50 -12.43 13.99
C ASN W 6 -33.05 -12.44 13.54
N ARG W 7 -32.77 -13.21 12.48
CA ARG W 7 -31.49 -13.27 11.80
C ARG W 7 -31.75 -13.74 10.37
N GLN W 8 -30.83 -13.41 9.48
CA GLN W 8 -30.93 -13.92 8.13
C GLN W 8 -29.52 -14.10 7.58
N PRO W 9 -29.28 -15.12 6.76
CA PRO W 9 -27.99 -15.23 6.09
C PRO W 9 -27.89 -14.25 4.93
N VAL W 10 -26.69 -13.76 4.71
CA VAL W 10 -26.40 -12.83 3.63
C VAL W 10 -26.06 -13.62 2.38
N GLU W 11 -26.69 -13.28 1.27
CA GLU W 11 -26.54 -14.03 0.03
C GLU W 11 -26.10 -13.11 -1.09
N LEU W 12 -25.03 -13.49 -1.76
CA LEU W 12 -24.59 -12.79 -2.95
C LEU W 12 -24.25 -13.84 -4.00
N ASN W 13 -25.03 -13.90 -5.08
CA ASN W 13 -24.81 -14.95 -6.05
C ASN W 13 -23.57 -14.64 -6.88
N ARG W 14 -23.21 -15.56 -7.78
CA ARG W 14 -21.93 -15.44 -8.47
C ARG W 14 -21.87 -14.19 -9.32
N THR W 15 -22.95 -13.84 -9.98
CA THR W 15 -22.96 -12.66 -10.82
C THR W 15 -22.58 -11.41 -10.04
N SER W 16 -23.34 -11.10 -8.99
CA SER W 16 -23.09 -9.88 -8.26
C SER W 16 -21.72 -9.86 -7.63
N LEU W 17 -20.97 -10.95 -7.72
CA LEU W 17 -19.55 -10.89 -7.45
C LEU W 17 -18.80 -10.22 -8.59
N TYR W 18 -19.14 -10.56 -9.82
CA TYR W 18 -18.41 -9.99 -10.96
C TYR W 18 -18.60 -8.48 -11.02
N LEU W 19 -19.85 -8.02 -11.03
CA LEU W 19 -20.11 -6.60 -11.20
C LEU W 19 -19.24 -5.76 -10.28
N GLY W 20 -19.23 -6.09 -9.01
CA GLY W 20 -18.38 -5.38 -8.09
C GLY W 20 -16.92 -5.49 -8.46
N LEU W 21 -16.42 -6.72 -8.57
CA LEU W 21 -15.04 -6.91 -9.01
C LEU W 21 -14.77 -6.16 -10.30
N LEU W 22 -15.77 -6.05 -11.17
CA LEU W 22 -15.62 -5.20 -12.34
C LEU W 22 -15.68 -3.74 -11.95
N LEU W 23 -16.72 -3.35 -11.19
CA LEU W 23 -16.90 -1.94 -10.86
C LEU W 23 -15.70 -1.39 -10.10
N ILE W 24 -15.25 -2.12 -9.09
CA ILE W 24 -14.14 -1.63 -8.27
C ILE W 24 -12.92 -1.36 -9.13
N LEU W 25 -12.50 -2.37 -9.90
CA LEU W 25 -11.31 -2.20 -10.72
C LEU W 25 -11.44 -1.01 -11.65
N VAL W 26 -12.60 -0.87 -12.29
CA VAL W 26 -12.81 0.24 -13.21
C VAL W 26 -12.65 1.57 -12.50
N LEU W 27 -13.36 1.75 -11.38
CA LEU W 27 -13.21 2.99 -10.63
C LEU W 27 -11.77 3.22 -10.23
N ALA W 28 -11.09 2.17 -9.78
CA ALA W 28 -9.67 2.28 -9.53
C ALA W 28 -8.92 2.65 -10.80
N LEU W 29 -9.11 1.85 -11.86
CA LEU W 29 -8.51 2.16 -13.14
C LEU W 29 -8.79 3.58 -13.56
N LEU W 30 -9.95 4.11 -13.19
CA LEU W 30 -10.26 5.49 -13.50
C LEU W 30 -9.65 6.46 -12.50
N PHE W 31 -9.71 6.14 -11.21
CA PHE W 31 -9.20 7.04 -10.17
C PHE W 31 -7.76 6.80 -9.79
N SER W 32 -7.13 5.72 -10.25
CA SER W 32 -5.72 5.56 -9.94
C SER W 32 -4.90 6.65 -10.61
N SER W 33 -5.31 7.11 -11.79
CA SER W 33 -4.55 8.11 -12.50
C SER W 33 -4.42 9.38 -11.69
N TYR W 34 -5.48 9.76 -10.98
CA TYR W 34 -5.42 10.98 -10.18
C TYR W 34 -4.69 10.78 -8.87
N PHE W 35 -4.79 9.59 -8.29
CA PHE W 35 -4.14 9.37 -7.01
C PHE W 35 -2.64 9.48 -7.13
N PHE W 36 -2.07 8.97 -8.22
CA PHE W 36 -0.67 9.24 -8.49
C PHE W 36 -0.45 10.73 -8.71
N ASN W 37 -1.28 11.35 -9.54
CA ASN W 37 -1.25 12.78 -9.78
C ASN W 37 0.10 13.24 -10.38
N MET X 1 9.45 8.63 -13.04
CA MET X 1 9.25 10.05 -12.79
C MET X 1 8.71 10.26 -11.37
N GLU X 2 8.73 11.50 -10.91
CA GLU X 2 8.29 11.79 -9.55
C GLU X 2 6.78 11.59 -9.41
N VAL X 3 6.35 11.30 -8.19
CA VAL X 3 5.02 10.76 -7.95
C VAL X 3 4.66 11.04 -6.51
N ASN X 4 3.36 11.01 -6.22
CA ASN X 4 2.93 10.94 -4.83
C ASN X 4 3.47 9.66 -4.21
N GLN X 5 4.21 9.80 -3.11
CA GLN X 5 4.92 8.66 -2.56
C GLN X 5 3.96 7.62 -2.01
N LEU X 6 2.88 8.06 -1.38
CA LEU X 6 1.93 7.17 -0.75
C LEU X 6 0.79 6.77 -1.67
N GLY X 7 0.68 7.40 -2.83
CA GLY X 7 -0.45 7.16 -3.73
C GLY X 7 -0.65 5.71 -4.08
N LEU X 8 0.41 4.90 -3.97
CA LEU X 8 0.29 3.49 -4.34
C LEU X 8 -0.59 2.73 -3.36
N ILE X 9 -0.44 2.98 -2.06
CA ILE X 9 -1.29 2.32 -1.07
C ILE X 9 -2.75 2.58 -1.36
N ALA X 10 -3.05 3.79 -1.83
CA ALA X 10 -4.42 4.16 -2.17
C ALA X 10 -5.05 3.08 -3.06
N THR X 11 -4.47 2.87 -4.23
CA THR X 11 -4.98 1.85 -5.14
C THR X 11 -5.18 0.51 -4.44
N ALA X 12 -4.12 0.01 -3.79
CA ALA X 12 -4.15 -1.32 -3.20
C ALA X 12 -5.36 -1.49 -2.27
N LEU X 13 -5.51 -0.58 -1.32
CA LEU X 13 -6.65 -0.66 -0.41
C LEU X 13 -7.95 -0.45 -1.15
N PHE X 14 -7.96 0.50 -2.09
CA PHE X 14 -9.18 0.73 -2.85
C PHE X 14 -9.50 -0.45 -3.76
N VAL X 15 -8.48 -1.18 -4.20
CA VAL X 15 -8.74 -2.40 -4.95
C VAL X 15 -9.16 -3.54 -4.02
N LEU X 16 -8.34 -3.82 -3.01
CA LEU X 16 -8.50 -5.06 -2.27
C LEU X 16 -9.72 -5.03 -1.36
N VAL X 17 -9.82 -4.01 -0.51
CA VAL X 17 -10.88 -4.00 0.50
C VAL X 17 -12.26 -4.09 -0.12
N PRO X 18 -12.62 -3.30 -1.13
CA PRO X 18 -13.91 -3.54 -1.79
C PRO X 18 -13.98 -4.89 -2.46
N SER X 19 -12.91 -5.30 -3.15
CA SER X 19 -12.87 -6.63 -3.74
C SER X 19 -13.12 -7.70 -2.69
N VAL X 20 -12.22 -7.78 -1.70
CA VAL X 20 -12.33 -8.77 -0.64
C VAL X 20 -13.74 -8.81 -0.08
N PHE X 21 -14.29 -7.64 0.24
CA PHE X 21 -15.62 -7.59 0.82
C PHE X 21 -16.65 -8.23 -0.09
N LEU X 22 -16.41 -8.28 -1.39
CA LEU X 22 -17.33 -8.99 -2.26
C LEU X 22 -17.07 -10.49 -2.24
N ILE X 23 -15.80 -10.88 -2.15
CA ILE X 23 -15.49 -12.30 -2.07
C ILE X 23 -16.10 -12.90 -0.82
N ILE X 24 -15.79 -12.33 0.34
CA ILE X 24 -16.22 -12.91 1.61
C ILE X 24 -17.72 -13.15 1.59
N LEU X 25 -18.49 -12.17 1.14
CA LEU X 25 -19.92 -12.39 1.01
C LEU X 25 -20.19 -13.53 0.06
N TYR X 26 -19.45 -13.59 -1.05
CA TYR X 26 -19.74 -14.62 -2.05
C TYR X 26 -19.44 -16.01 -1.53
N VAL X 27 -18.23 -16.23 -1.03
CA VAL X 27 -17.84 -17.55 -0.55
C VAL X 27 -18.85 -18.07 0.46
N GLN X 28 -19.36 -17.18 1.31
CA GLN X 28 -20.49 -17.53 2.16
C GLN X 28 -21.62 -18.14 1.35
N THR X 29 -22.17 -17.35 0.42
CA THR X 29 -23.27 -17.83 -0.41
C THR X 29 -22.97 -19.19 -1.01
N GLU X 30 -21.74 -19.40 -1.45
CA GLU X 30 -21.37 -20.72 -1.96
C GLU X 30 -21.56 -21.80 -0.91
N SER X 31 -21.39 -21.44 0.36
CA SER X 31 -21.53 -22.43 1.44
C SER X 31 -22.96 -22.65 1.86
N GLN X 32 -23.89 -21.79 1.45
CA GLN X 32 -25.29 -21.97 1.80
C GLN X 32 -25.75 -23.36 1.38
N GLN X 33 -26.48 -24.04 2.26
CA GLN X 33 -26.83 -25.42 1.93
C GLN X 33 -28.13 -25.49 1.14
N MET Y 1 6.86 1.85 -11.05
CA MET Y 1 5.89 2.18 -10.01
C MET Y 1 4.59 2.70 -10.60
N GLU Y 2 4.65 3.91 -11.16
CA GLU Y 2 3.46 4.54 -11.71
C GLU Y 2 2.80 3.64 -12.72
N THR Y 3 3.48 3.38 -13.83
CA THR Y 3 2.90 2.58 -14.90
C THR Y 3 2.51 1.20 -14.40
N ILE Y 4 3.37 0.56 -13.61
CA ILE Y 4 3.19 -0.85 -13.31
C ILE Y 4 1.91 -1.09 -12.54
N THR Y 5 1.34 -0.07 -11.92
CA THR Y 5 0.04 -0.24 -11.30
C THR Y 5 -1.05 -0.33 -12.35
N TYR Y 6 -0.97 0.51 -13.38
CA TYR Y 6 -2.02 0.53 -14.40
C TYR Y 6 -2.11 -0.81 -15.10
N VAL Y 7 -0.98 -1.33 -15.58
CA VAL Y 7 -0.97 -2.64 -16.22
C VAL Y 7 -1.58 -3.68 -15.29
N PHE Y 8 -1.21 -3.63 -14.01
CA PHE Y 8 -1.79 -4.57 -13.05
C PHE Y 8 -3.31 -4.41 -13.01
N ILE Y 9 -3.79 -3.20 -12.76
CA ILE Y 9 -5.23 -2.97 -12.73
C ILE Y 9 -5.86 -3.41 -14.02
N PHE Y 10 -5.27 -3.01 -15.14
CA PHE Y 10 -5.81 -3.40 -16.43
C PHE Y 10 -5.71 -4.90 -16.66
N ALA Y 11 -4.72 -5.56 -16.07
CA ALA Y 11 -4.62 -7.00 -16.23
C ALA Y 11 -5.83 -7.70 -15.60
N CYS Y 12 -6.10 -7.40 -14.34
CA CYS Y 12 -7.19 -8.09 -13.65
C CYS Y 12 -8.52 -7.91 -14.36
N ILE Y 13 -8.69 -6.81 -15.09
CA ILE Y 13 -9.86 -6.67 -15.95
C ILE Y 13 -9.93 -7.84 -16.92
N ILE Y 14 -8.88 -8.03 -17.70
CA ILE Y 14 -8.85 -9.12 -18.65
C ILE Y 14 -9.04 -10.45 -17.93
N ALA Y 15 -8.27 -10.65 -16.87
CA ALA Y 15 -8.43 -11.87 -16.08
C ALA Y 15 -9.83 -12.01 -15.52
N LEU Y 16 -10.60 -10.93 -15.48
CA LEU Y 16 -12.02 -11.06 -15.16
C LEU Y 16 -12.82 -11.49 -16.40
N PHE Y 17 -12.59 -10.83 -17.53
CA PHE Y 17 -13.31 -11.14 -18.76
C PHE Y 17 -13.28 -12.62 -19.07
N PHE Y 18 -12.11 -13.11 -19.47
CA PHE Y 18 -11.96 -14.54 -19.74
C PHE Y 18 -12.57 -15.36 -18.65
N PHE Y 19 -12.50 -14.87 -17.42
CA PHE Y 19 -13.00 -15.63 -16.30
C PHE Y 19 -14.51 -15.55 -16.22
N ALA Y 20 -15.06 -14.38 -16.52
CA ALA Y 20 -16.50 -14.19 -16.40
C ALA Y 20 -17.28 -14.72 -17.59
N ILE Y 21 -16.64 -14.88 -18.74
CA ILE Y 21 -17.35 -15.38 -19.90
C ILE Y 21 -17.58 -16.88 -19.80
N PHE Y 22 -16.51 -17.63 -19.54
CA PHE Y 22 -16.58 -19.08 -19.61
C PHE Y 22 -17.11 -19.72 -18.34
N PHE Y 23 -16.85 -19.12 -17.19
CA PHE Y 23 -17.14 -19.77 -15.92
C PHE Y 23 -18.47 -19.36 -15.32
N ARG Y 24 -19.29 -18.60 -16.03
CA ARG Y 24 -20.59 -18.24 -15.49
C ARG Y 24 -21.45 -19.49 -15.33
N GLU Y 25 -22.23 -19.49 -14.26
CA GLU Y 25 -23.16 -20.62 -13.99
C GLU Y 25 -24.29 -20.52 -15.01
N PRO Y 26 -24.52 -21.54 -15.87
CA PRO Y 26 -25.57 -21.42 -16.88
C PRO Y 26 -26.93 -21.23 -16.20
N PRO Y 27 -27.75 -20.27 -16.65
CA PRO Y 27 -29.08 -20.05 -16.07
C PRO Y 27 -30.01 -21.03 -16.78
N ARG Y 28 -30.22 -22.21 -16.19
CA ARG Y 28 -31.06 -23.21 -16.84
C ARG Y 28 -32.52 -22.79 -16.83
N ILE Y 29 -33.27 -23.36 -17.77
CA ILE Y 29 -34.69 -23.06 -17.92
C ILE Y 29 -35.47 -23.80 -16.85
N THR Y 30 -36.64 -23.26 -16.50
CA THR Y 30 -37.52 -23.84 -15.48
C THR Y 30 -36.83 -23.92 -14.13
N MET Z 1 -43.19 37.10 -83.58
CA MET Z 1 -44.57 36.85 -83.17
C MET Z 1 -44.63 35.98 -81.92
N THR Z 2 -43.59 36.07 -81.09
CA THR Z 2 -43.52 35.22 -79.91
C THR Z 2 -44.75 35.36 -79.02
N ILE Z 3 -45.39 36.53 -79.02
CA ILE Z 3 -46.62 36.69 -78.24
C ILE Z 3 -47.72 35.79 -78.79
N LEU Z 4 -47.89 35.77 -80.11
CA LEU Z 4 -48.78 34.79 -80.73
C LEU Z 4 -48.46 33.39 -80.23
N PHE Z 5 -47.18 33.07 -80.09
CA PHE Z 5 -46.80 31.74 -79.63
C PHE Z 5 -46.87 31.61 -78.12
N GLN Z 6 -46.54 32.68 -77.38
CA GLN Z 6 -46.58 32.61 -75.93
C GLN Z 6 -47.99 32.35 -75.42
N LEU Z 7 -49.00 32.90 -76.11
CA LEU Z 7 -50.37 32.55 -75.77
C LEU Z 7 -50.64 31.08 -76.06
N ALA Z 8 -50.16 30.58 -77.20
CA ALA Z 8 -50.29 29.15 -77.49
C ALA Z 8 -49.45 28.31 -76.54
N LEU Z 9 -48.32 28.85 -76.08
CA LEU Z 9 -47.50 28.16 -75.10
C LEU Z 9 -48.28 27.93 -73.81
N ALA Z 10 -48.79 29.01 -73.22
CA ALA Z 10 -49.61 28.87 -72.01
C ALA Z 10 -50.82 28.00 -72.27
N ALA Z 11 -51.32 27.97 -73.51
CA ALA Z 11 -52.46 27.11 -73.84
C ALA Z 11 -52.12 25.64 -73.64
N LEU Z 12 -50.84 25.29 -73.75
CA LEU Z 12 -50.41 23.93 -73.42
C LEU Z 12 -50.69 23.64 -71.95
N VAL Z 13 -50.14 24.46 -71.06
CA VAL Z 13 -50.28 24.22 -69.63
C VAL Z 13 -51.74 24.22 -69.23
N ILE Z 14 -52.49 25.24 -69.68
CA ILE Z 14 -53.91 25.34 -69.35
C ILE Z 14 -54.63 24.04 -69.71
N LEU Z 15 -54.39 23.55 -70.91
CA LEU Z 15 -55.01 22.30 -71.34
C LEU Z 15 -54.38 21.10 -70.63
N SER Z 16 -53.08 21.15 -70.40
CA SER Z 16 -52.41 20.05 -69.68
C SER Z 16 -52.88 20.01 -68.23
N PHE Z 17 -52.82 21.15 -67.55
CA PHE Z 17 -53.11 21.20 -66.11
C PHE Z 17 -54.50 20.70 -65.79
N VAL Z 18 -55.44 20.85 -66.71
CA VAL Z 18 -56.77 20.27 -66.50
C VAL Z 18 -56.74 18.76 -66.73
N MET Z 19 -56.09 18.33 -67.80
CA MET Z 19 -55.91 16.89 -68.00
C MET Z 19 -55.12 16.27 -66.87
N VAL Z 20 -54.28 17.07 -66.21
CA VAL Z 20 -53.65 16.61 -64.98
C VAL Z 20 -54.71 16.23 -63.95
N ILE Z 21 -55.80 17.02 -63.89
CA ILE Z 21 -56.89 16.66 -63.00
C ILE Z 21 -57.78 15.60 -63.66
N GLY Z 22 -58.03 15.73 -64.96
CA GLY Z 22 -59.05 14.91 -65.59
C GLY Z 22 -58.67 13.44 -65.66
N VAL Z 23 -57.43 13.15 -66.07
CA VAL Z 23 -57.02 11.76 -66.26
C VAL Z 23 -57.20 10.93 -64.99
N PRO Z 24 -56.67 11.31 -63.83
CA PRO Z 24 -56.90 10.49 -62.63
C PRO Z 24 -58.37 10.37 -62.29
N VAL Z 25 -59.10 11.48 -62.30
CA VAL Z 25 -60.52 11.45 -62.00
C VAL Z 25 -61.26 10.54 -62.98
N ALA Z 26 -60.80 10.50 -64.23
CA ALA Z 26 -61.37 9.57 -65.18
C ALA Z 26 -61.26 8.14 -64.68
N TYR Z 27 -60.17 7.83 -63.99
CA TYR Z 27 -59.99 6.50 -63.42
C TYR Z 27 -60.56 6.39 -62.01
N ALA Z 28 -60.98 7.51 -61.41
CA ALA Z 28 -61.38 7.50 -60.01
C ALA Z 28 -62.61 6.62 -59.80
N SER Z 29 -63.72 6.95 -60.46
CA SER Z 29 -64.93 6.14 -60.37
C SER Z 29 -64.94 5.19 -61.55
N PRO Z 30 -64.67 3.90 -61.36
CA PRO Z 30 -64.61 2.98 -62.49
C PRO Z 30 -65.91 2.91 -63.27
N GLN Z 31 -67.03 3.32 -62.67
CA GLN Z 31 -68.27 3.39 -63.42
C GLN Z 31 -68.11 4.39 -64.56
N ASP Z 32 -68.33 3.91 -65.79
CA ASP Z 32 -68.21 4.73 -66.99
C ASP Z 32 -66.83 5.38 -67.09
N TRP Z 33 -65.85 4.80 -66.41
CA TRP Z 33 -64.47 5.29 -66.50
C TRP Z 33 -63.97 5.18 -67.93
N ASP Z 34 -63.75 3.96 -68.39
CA ASP Z 34 -63.40 3.73 -69.79
C ASP Z 34 -64.62 3.64 -70.68
N ARG Z 35 -65.81 3.47 -70.09
CA ARG Z 35 -67.04 3.43 -70.88
C ARG Z 35 -67.42 4.82 -71.38
N SER Z 36 -67.55 5.78 -70.47
CA SER Z 36 -68.00 7.12 -70.89
C SER Z 36 -66.86 7.94 -71.45
N LYS Z 37 -65.64 7.73 -71.00
CA LYS Z 37 -64.53 8.63 -71.34
C LYS Z 37 -63.69 7.99 -72.44
N GLN Z 38 -63.86 8.50 -73.65
CA GLN Z 38 -62.86 8.40 -74.69
C GLN Z 38 -62.05 9.68 -74.80
N LEU Z 39 -62.39 10.70 -74.00
CA LEU Z 39 -61.77 12.01 -74.09
C LEU Z 39 -60.26 11.93 -73.98
N ILE Z 40 -59.74 10.93 -73.27
CA ILE Z 40 -58.30 10.70 -73.26
C ILE Z 40 -57.79 10.60 -74.69
N PHE Z 41 -58.25 9.57 -75.41
CA PHE Z 41 -57.89 9.44 -76.82
C PHE Z 41 -58.26 10.70 -77.60
N LEU Z 42 -59.26 11.44 -77.14
CA LEU Z 42 -59.60 12.71 -77.78
C LEU Z 42 -58.66 13.82 -77.32
N GLY Z 43 -58.37 13.90 -76.03
CA GLY Z 43 -57.49 14.92 -75.51
C GLY Z 43 -56.01 14.64 -75.72
N SER Z 44 -55.60 13.40 -75.46
CA SER Z 44 -54.18 13.06 -75.51
C SER Z 44 -53.62 13.27 -76.91
N GLY Z 45 -54.23 12.62 -77.91
CA GLY Z 45 -53.81 12.81 -79.29
C GLY Z 45 -53.80 14.26 -79.70
N LEU Z 46 -54.70 15.07 -79.14
CA LEU Z 46 -54.63 16.51 -79.34
C LEU Z 46 -53.61 17.15 -78.41
N TRP Z 47 -53.33 16.54 -77.27
CA TRP Z 47 -52.37 17.11 -76.33
C TRP Z 47 -50.95 16.99 -76.84
N ILE Z 48 -50.60 15.83 -77.39
CA ILE Z 48 -49.24 15.60 -77.85
C ILE Z 48 -48.85 16.63 -78.91
N ALA Z 49 -49.77 16.94 -79.81
CA ALA Z 49 -49.49 17.94 -80.84
C ALA Z 49 -49.18 19.30 -80.21
N LEU Z 50 -49.80 19.60 -79.07
CA LEU Z 50 -49.53 20.86 -78.38
C LEU Z 50 -48.12 20.94 -77.84
N VAL Z 51 -47.38 19.83 -77.84
CA VAL Z 51 -45.97 19.88 -77.49
C VAL Z 51 -45.14 20.31 -78.69
N LEU Z 52 -45.45 19.79 -79.88
CA LEU Z 52 -44.63 20.06 -81.06
C LEU Z 52 -44.68 21.52 -81.44
N VAL Z 53 -45.77 22.22 -81.12
CA VAL Z 53 -45.82 23.64 -81.44
C VAL Z 53 -44.78 24.40 -80.65
N VAL Z 54 -44.41 23.91 -79.48
CA VAL Z 54 -43.47 24.61 -78.61
C VAL Z 54 -42.12 24.80 -79.31
N GLY Z 55 -41.38 23.71 -79.47
CA GLY Z 55 -39.98 23.84 -79.86
C GLY Z 55 -39.79 24.24 -81.30
N VAL Z 56 -40.42 23.50 -82.22
CA VAL Z 56 -40.18 23.70 -83.65
C VAL Z 56 -40.48 25.14 -84.02
N LEU Z 57 -41.46 25.74 -83.37
CA LEU Z 57 -41.78 27.14 -83.60
C LEU Z 57 -40.73 28.04 -82.96
N ASN Z 58 -40.39 27.77 -81.71
CA ASN Z 58 -39.45 28.61 -80.97
C ASN Z 58 -38.07 28.56 -81.58
N PHE Z 59 -37.67 27.41 -82.13
CA PHE Z 59 -36.41 27.34 -82.85
C PHE Z 59 -36.34 28.40 -83.94
N PHE Z 60 -37.45 28.65 -84.63
CA PHE Z 60 -37.53 29.78 -85.54
C PHE Z 60 -37.88 31.08 -84.82
N VAL Z 61 -38.69 31.01 -83.75
CA VAL Z 61 -39.11 32.23 -83.09
C VAL Z 61 -37.95 32.86 -82.32
N VAL Z 62 -37.30 32.09 -81.46
CA VAL Z 62 -36.24 32.64 -80.62
C VAL Z 62 -34.91 31.96 -80.92
N VAL AA 2 50.39 -29.75 56.15
CA VAL AA 2 49.44 -30.30 55.19
C VAL AA 2 49.68 -31.78 54.92
N ILE AA 3 50.66 -32.36 55.60
CA ILE AA 3 50.99 -33.77 55.43
C ILE AA 3 49.96 -34.66 56.13
N ALA AA 4 49.33 -34.11 57.15
CA ALA AA 4 48.32 -34.85 57.93
C ALA AA 4 46.94 -34.21 57.84
N GLN AA 5 46.78 -33.25 56.94
CA GLN AA 5 45.48 -32.58 56.78
C GLN AA 5 44.44 -33.62 56.45
N LEU AA 6 44.74 -34.46 55.46
CA LEU AA 6 43.83 -35.51 55.06
C LEU AA 6 43.85 -36.66 56.06
N THR AA 7 44.97 -36.81 56.76
CA THR AA 7 45.12 -37.87 57.75
C THR AA 7 43.99 -37.77 58.78
N MET AA 8 43.93 -36.64 59.47
CA MET AA 8 42.88 -36.42 60.48
C MET AA 8 41.52 -36.35 59.81
N ILE AA 9 41.47 -35.74 58.62
CA ILE AA 9 40.23 -35.64 57.87
C ILE AA 9 39.66 -37.01 57.57
N ALA AA 10 40.53 -37.94 57.15
CA ALA AA 10 40.08 -39.30 56.87
C ALA AA 10 39.50 -39.89 58.15
N MET AA 11 40.24 -39.74 59.24
CA MET AA 11 39.82 -40.25 60.54
C MET AA 11 38.39 -39.80 60.90
N ILE AA 12 38.14 -38.50 60.79
CA ILE AA 12 36.82 -37.95 61.11
C ILE AA 12 35.81 -38.19 59.99
N GLY AA 13 36.27 -38.05 58.75
CA GLY AA 13 35.40 -38.25 57.59
C GLY AA 13 34.84 -39.65 57.57
N ILE AA 14 35.69 -40.63 57.85
CA ILE AA 14 35.27 -42.03 57.86
C ILE AA 14 34.52 -42.38 59.14
N ALA AA 15 34.71 -41.58 60.18
CA ALA AA 15 34.04 -41.81 61.45
C ALA AA 15 32.52 -41.77 61.31
N GLY AA 16 32.03 -40.89 60.46
CA GLY AA 16 30.59 -40.78 60.24
C GLY AA 16 29.99 -42.12 59.89
N PRO AA 17 30.49 -42.74 58.83
CA PRO AA 17 30.01 -44.04 58.38
C PRO AA 17 30.01 -45.06 59.51
N MET AA 18 31.00 -45.00 60.38
CA MET AA 18 31.07 -45.93 61.49
C MET AA 18 29.70 -46.09 62.12
N ILE AA 19 29.05 -44.96 62.43
CA ILE AA 19 27.73 -44.97 63.03
C ILE AA 19 26.75 -45.81 62.21
N ILE AA 20 26.73 -45.57 60.90
CA ILE AA 20 25.84 -46.31 60.02
C ILE AA 20 26.27 -47.78 59.94
N PHE AA 21 27.57 -48.01 59.83
CA PHE AA 21 28.10 -49.37 59.73
C PHE AA 21 27.69 -50.23 60.92
N LEU AA 22 28.20 -49.88 62.10
CA LEU AA 22 27.91 -50.62 63.32
C LEU AA 22 26.42 -50.85 63.55
N LEU AA 23 25.63 -49.79 63.44
CA LEU AA 23 24.19 -49.90 63.62
C LEU AA 23 23.62 -50.95 62.68
N ALA AA 24 23.97 -50.84 61.40
CA ALA AA 24 23.49 -51.78 60.41
C ALA AA 24 24.04 -53.17 60.74
N VAL AA 25 25.31 -53.23 61.10
CA VAL AA 25 25.96 -54.48 61.45
C VAL AA 25 25.18 -55.20 62.54
N ARG AA 26 25.06 -54.57 63.70
CA ARG AA 26 24.32 -55.15 64.81
C ARG AA 26 22.81 -55.03 64.66
N ARG AA 27 22.37 -54.52 63.53
CA ARG AA 27 20.94 -54.36 63.23
C ARG AA 27 20.17 -53.68 64.36
N GLY AA 28 20.50 -52.42 64.61
CA GLY AA 28 19.83 -51.65 65.65
C GLY AA 28 18.72 -50.80 65.07
N ASN AA 29 17.89 -50.23 65.93
CA ASN AA 29 16.79 -49.40 65.48
C ASN AA 29 17.27 -48.27 64.59
N LEU AA 30 17.27 -48.50 63.28
CA LEU AA 30 17.72 -47.50 62.32
C LEU AA 30 16.52 -46.80 61.69
N THR BA 1 -1.67 16.27 -86.29
CA THR BA 1 -0.28 15.84 -86.17
C THR BA 1 0.13 14.88 -87.26
N GLY BA 2 -0.36 13.65 -87.15
CA GLY BA 2 0.25 12.53 -87.83
C GLY BA 2 1.36 11.89 -87.03
N LEU BA 3 1.31 12.02 -85.71
CA LEU BA 3 2.35 11.47 -84.86
C LEU BA 3 2.28 9.96 -84.82
N THR BA 4 3.44 9.31 -84.93
CA THR BA 4 3.54 7.86 -84.85
C THR BA 4 4.81 7.51 -84.09
N GLY BA 5 5.09 6.21 -84.03
CA GLY BA 5 6.33 5.70 -83.50
C GLY BA 5 6.58 6.15 -82.07
N ASN BA 6 7.85 6.23 -81.71
CA ASN BA 6 8.25 6.62 -80.37
C ASN BA 6 8.01 8.10 -80.15
N PHE BA 7 8.36 8.55 -78.94
CA PHE BA 7 8.26 9.97 -78.62
C PHE BA 7 9.32 10.78 -79.35
N ARG BA 8 10.55 10.24 -79.42
CA ARG BA 8 11.68 11.04 -79.85
C ARG BA 8 11.48 11.62 -81.25
N GLU BA 9 11.38 10.74 -82.25
CA GLU BA 9 11.26 11.21 -83.62
C GLU BA 9 10.11 12.21 -83.77
N ASP BA 10 8.96 11.90 -83.16
CA ASP BA 10 7.83 12.82 -83.27
C ASP BA 10 8.07 14.11 -82.51
N THR BA 11 8.66 14.01 -81.30
CA THR BA 11 8.97 15.20 -80.54
C THR BA 11 9.82 16.16 -81.37
N LEU BA 12 10.87 15.62 -82.00
CA LEU BA 12 11.66 16.41 -82.94
C LEU BA 12 10.79 16.91 -84.09
N ALA BA 13 9.92 16.03 -84.61
CA ALA BA 13 9.12 16.39 -85.78
C ALA BA 13 8.22 17.57 -85.49
N LEU BA 14 7.59 17.59 -84.31
CA LEU BA 14 6.65 18.67 -84.02
C LEU BA 14 7.36 20.01 -83.95
N ILE BA 15 8.62 20.01 -83.47
CA ILE BA 15 9.38 21.26 -83.38
C ILE BA 15 9.60 21.84 -84.76
N SER BA 16 9.73 20.99 -85.78
CA SER BA 16 9.83 21.48 -87.16
C SER BA 16 8.64 22.36 -87.50
N SER BA 17 7.45 22.01 -87.00
CA SER BA 17 6.29 22.88 -87.15
C SER BA 17 6.31 24.02 -86.15
N LEU BA 18 6.68 23.72 -84.90
CA LEU BA 18 6.60 24.71 -83.83
C LEU BA 18 7.54 25.89 -84.08
N ARG BA 19 8.84 25.62 -84.18
CA ARG BA 19 9.80 26.70 -84.33
C ARG BA 19 9.57 27.50 -85.61
N GLU BA 20 9.17 26.81 -86.69
CA GLU BA 20 8.80 27.50 -87.92
C GLU BA 20 7.64 28.47 -87.68
N ALA BA 21 6.49 27.95 -87.27
CA ALA BA 21 5.24 28.71 -87.26
C ALA BA 21 5.27 29.91 -86.33
N ILE BA 22 6.33 30.09 -85.53
CA ILE BA 22 6.34 31.19 -84.57
C ILE BA 22 6.23 32.53 -85.29
N ALA BA 23 7.19 32.84 -86.17
CA ALA BA 23 7.22 34.13 -86.85
C ALA BA 23 7.02 33.92 -88.34
N LEU BA 24 5.85 34.33 -88.83
CA LEU BA 24 5.52 34.32 -90.25
C LEU BA 24 4.87 35.65 -90.59
N PRO BA 25 4.56 35.93 -91.87
CA PRO BA 25 3.86 37.18 -92.18
C PRO BA 25 2.44 37.14 -91.65
N GLU BA 26 2.02 38.23 -91.01
CA GLU BA 26 0.63 38.36 -90.57
C GLU BA 26 -0.30 38.68 -91.72
N ASN BA 27 0.21 39.33 -92.75
CA ASN BA 27 -0.57 39.75 -93.91
C ASN BA 27 -0.60 38.71 -95.02
N ASP BA 28 -0.06 37.52 -94.79
CA ASP BA 28 -0.12 36.44 -95.78
C ASP BA 28 -1.58 36.04 -95.98
N PRO BA 29 -1.90 35.14 -96.92
CA PRO BA 29 -3.33 34.79 -97.08
C PRO BA 29 -3.94 34.21 -95.81
N ASN BA 30 -3.29 33.22 -95.19
CA ASN BA 30 -3.60 32.83 -93.82
C ASN BA 30 -2.31 32.59 -93.07
N LYS BA 31 -1.98 33.46 -92.11
CA LYS BA 31 -1.13 32.98 -91.03
C LYS BA 31 -1.96 32.36 -89.91
N LYS BA 32 -3.07 33.01 -89.55
CA LYS BA 32 -3.93 32.54 -88.48
C LYS BA 32 -4.38 31.11 -88.75
N ALA BA 33 -5.12 30.90 -89.84
CA ALA BA 33 -5.63 29.57 -90.17
C ALA BA 33 -4.50 28.55 -90.24
N ALA BA 34 -3.37 28.95 -90.84
CA ALA BA 34 -2.19 28.09 -90.80
C ALA BA 34 -1.70 27.89 -89.38
N GLN BA 35 -1.58 28.99 -88.62
CA GLN BA 35 -1.22 28.89 -87.21
C GLN BA 35 -2.32 28.19 -86.42
N ALA BA 36 -3.56 28.31 -86.87
CA ALA BA 36 -4.66 27.59 -86.20
C ALA BA 36 -4.46 26.09 -86.31
N GLU BA 37 -4.35 25.57 -87.53
CA GLU BA 37 -4.24 24.13 -87.71
C GLU BA 37 -2.91 23.61 -87.15
N ALA BA 38 -1.86 24.43 -87.20
CA ALA BA 38 -0.57 24.00 -86.68
C ALA BA 38 -0.64 23.77 -85.17
N ARG BA 39 -1.26 24.69 -84.43
CA ARG BA 39 -1.38 24.54 -82.99
C ARG BA 39 -2.41 23.50 -82.58
N LYS BA 40 -3.37 23.20 -83.45
CA LYS BA 40 -4.29 22.11 -83.15
C LYS BA 40 -3.55 20.80 -82.98
N LYS BA 41 -2.41 20.65 -83.64
CA LYS BA 41 -1.60 19.46 -83.48
C LYS BA 41 -1.13 19.30 -82.04
N LEU BA 42 -0.82 20.42 -81.37
CA LEU BA 42 -0.46 20.38 -79.96
C LEU BA 42 -1.49 19.60 -79.17
N ASN BA 43 -2.76 19.96 -79.36
CA ASN BA 43 -3.86 19.23 -78.77
C ASN BA 43 -3.70 17.73 -79.02
N ASP BA 44 -3.70 17.35 -80.30
CA ASP BA 44 -3.42 15.96 -80.66
C ASP BA 44 -2.11 15.49 -80.04
N PHE BA 45 -1.07 16.31 -80.17
CA PHE BA 45 0.24 15.91 -79.65
C PHE BA 45 0.19 15.61 -78.17
N PHE BA 46 0.00 16.65 -77.36
CA PHE BA 46 0.30 16.56 -75.94
C PHE BA 46 -0.76 15.78 -75.18
N ALA BA 47 -1.85 15.38 -75.83
CA ALA BA 47 -2.82 14.51 -75.17
C ALA BA 47 -2.23 13.13 -74.92
N LEU BA 48 -1.66 12.50 -75.95
CA LEU BA 48 -1.19 11.12 -75.82
C LEU BA 48 0.03 11.02 -74.93
N TYR BA 49 0.86 12.06 -74.88
CA TYR BA 49 2.06 11.99 -74.07
C TYR BA 49 1.77 12.24 -72.60
N ARG BA 50 0.68 12.94 -72.27
CA ARG BA 50 0.24 12.96 -70.88
C ARG BA 50 0.10 11.55 -70.33
N ARG BA 51 -0.32 10.63 -71.19
CA ARG BA 51 -0.58 9.22 -70.78
C ARG BA 51 0.71 8.54 -70.31
N ASP BA 52 1.88 9.01 -70.74
CA ASP BA 52 3.10 8.28 -70.44
C ASP BA 52 3.57 8.61 -69.03
N ASP BA 53 3.72 7.57 -68.20
CA ASP BA 53 4.28 7.75 -66.86
C ASP BA 53 5.80 7.78 -66.89
N SER BA 54 6.42 7.08 -67.84
CA SER BA 54 7.87 7.06 -67.99
C SER BA 54 8.42 8.46 -68.20
N LEU BA 55 8.10 9.06 -69.35
CA LEU BA 55 8.61 10.39 -69.66
C LEU BA 55 8.13 11.45 -68.68
N ARG BA 56 7.08 11.14 -67.91
CA ARG BA 56 6.62 12.05 -66.86
C ARG BA 56 7.68 12.29 -65.80
N SER BA 57 8.75 11.49 -65.78
CA SER BA 57 9.83 11.64 -64.82
C SER BA 57 10.94 12.55 -65.34
N LEU BA 58 11.59 12.13 -66.42
CA LEU BA 58 12.79 12.79 -66.91
C LEU BA 58 12.52 14.20 -67.41
N SER BA 59 13.60 14.98 -67.46
CA SER BA 59 13.53 16.38 -67.88
C SER BA 59 12.97 16.51 -69.29
N SER BA 60 13.69 15.97 -70.27
CA SER BA 60 13.51 16.35 -71.67
C SER BA 60 12.05 16.32 -72.11
N PHE BA 61 11.27 15.39 -71.57
CA PHE BA 61 9.83 15.42 -71.84
C PHE BA 61 9.16 16.58 -71.12
N MET BA 62 9.40 16.70 -69.81
CA MET BA 62 8.77 17.79 -69.08
C MET BA 62 9.31 19.14 -69.52
N THR BA 63 10.46 19.17 -70.19
CA THR BA 63 10.86 20.39 -70.86
C THR BA 63 9.83 20.78 -71.92
N MET BA 64 9.54 19.87 -72.84
CA MET BA 64 8.57 20.14 -73.90
C MET BA 64 7.24 20.60 -73.33
N GLN BA 65 6.78 19.97 -72.25
CA GLN BA 65 5.55 20.41 -71.62
C GLN BA 65 5.64 21.88 -71.20
N THR BA 66 6.80 22.28 -70.66
CA THR BA 66 7.00 23.69 -70.35
C THR BA 66 6.88 24.55 -71.60
N ALA BA 67 7.45 24.08 -72.72
CA ALA BA 67 7.32 24.81 -73.97
C ALA BA 67 5.87 24.81 -74.45
N LEU BA 68 5.26 23.62 -74.51
CA LEU BA 68 3.89 23.53 -75.01
C LEU BA 68 2.95 24.39 -74.19
N ASN BA 69 3.04 24.29 -72.86
CA ASN BA 69 2.15 25.08 -72.02
C ASN BA 69 2.41 26.56 -72.18
N SER BA 70 3.65 26.94 -72.45
CA SER BA 70 3.97 28.34 -72.69
C SER BA 70 3.30 28.84 -73.97
N LEU BA 71 3.56 28.18 -75.08
CA LEU BA 71 3.04 28.57 -76.38
C LEU BA 71 1.52 28.54 -76.43
N ALA BA 72 0.94 27.34 -76.31
CA ALA BA 72 -0.47 27.16 -76.58
C ALA BA 72 -1.35 27.94 -75.60
N GLY BA 73 -0.92 28.08 -74.35
CA GLY BA 73 -1.70 28.79 -73.36
C GLY BA 73 -2.07 30.21 -73.75
N HIS BA 74 -1.29 30.82 -74.64
CA HIS BA 74 -1.63 32.15 -75.13
C HIS BA 74 -2.89 32.14 -75.97
N TYR BA 75 -3.20 31.00 -76.60
CA TYR BA 75 -4.19 30.99 -77.66
C TYR BA 75 -5.61 30.83 -77.18
N SER BA 76 -5.83 30.49 -75.91
CA SER BA 76 -7.19 30.54 -75.38
C SER BA 76 -7.57 31.94 -74.94
N SER BA 77 -6.64 32.63 -74.24
CA SER BA 77 -6.89 33.98 -73.76
C SER BA 77 -7.20 34.95 -74.89
N TYR BA 78 -6.19 35.29 -75.69
CA TYR BA 78 -6.37 36.14 -76.87
C TYR BA 78 -5.47 35.65 -77.98
N PRO BA 79 -5.92 34.67 -78.76
CA PRO BA 79 -5.05 34.11 -79.81
C PRO BA 79 -4.77 35.07 -80.95
N ASN BA 80 -5.59 36.10 -81.13
CA ASN BA 80 -5.45 36.95 -82.31
C ASN BA 80 -4.11 37.69 -82.30
N ARG BA 81 -3.82 38.38 -81.20
CA ARG BA 81 -2.57 39.10 -81.12
C ARG BA 81 -1.40 38.12 -81.17
N PRO BA 82 -0.38 38.38 -81.99
CA PRO BA 82 0.79 37.51 -81.98
C PRO BA 82 1.52 37.60 -80.65
N LEU BA 83 2.38 36.61 -80.42
CA LEU BA 83 3.11 36.54 -79.18
C LEU BA 83 4.02 37.75 -79.02
N PRO BA 84 4.39 38.10 -77.79
CA PRO BA 84 5.54 38.98 -77.59
C PRO BA 84 6.81 38.28 -78.04
N GLU BA 85 7.72 39.05 -78.65
CA GLU BA 85 8.99 38.49 -79.08
C GLU BA 85 9.71 37.82 -77.92
N LYS BA 86 9.66 38.42 -76.73
CA LYS BA 86 10.33 37.85 -75.57
C LYS BA 86 9.80 36.46 -75.25
N LEU BA 87 8.53 36.21 -75.52
CA LEU BA 87 8.01 34.85 -75.37
C LEU BA 87 8.36 33.99 -76.58
N LYS BA 88 8.55 34.60 -77.75
CA LYS BA 88 8.87 33.83 -78.94
C LYS BA 88 10.28 33.27 -78.90
N ALA BA 89 11.27 34.13 -78.60
CA ALA BA 89 12.66 33.70 -78.61
C ALA BA 89 12.92 32.62 -77.58
N ARG BA 90 12.33 32.76 -76.38
CA ARG BA 90 12.54 31.78 -75.33
C ARG BA 90 12.10 30.38 -75.74
N LEU BA 91 11.17 30.28 -76.68
CA LEU BA 91 10.71 28.97 -77.14
C LEU BA 91 11.84 28.20 -77.80
N GLU BA 92 12.45 28.80 -78.83
CA GLU BA 92 13.57 28.14 -79.52
C GLU BA 92 14.66 27.76 -78.54
N GLN BA 93 15.06 28.71 -77.69
CA GLN BA 93 16.08 28.45 -76.68
C GLN BA 93 15.69 27.27 -75.81
N GLU BA 94 14.39 27.04 -75.63
CA GLU BA 94 13.96 25.83 -74.95
C GLU BA 94 14.07 24.63 -75.86
N PHE BA 95 13.56 24.74 -77.10
CA PHE BA 95 13.68 23.63 -78.04
C PHE BA 95 15.13 23.25 -78.27
N LYS BA 96 15.99 24.25 -78.46
CA LYS BA 96 17.42 24.00 -78.68
C LYS BA 96 18.01 23.17 -77.55
N GLN BA 97 17.68 23.52 -76.31
CA GLN BA 97 18.08 22.68 -75.19
C GLN BA 97 17.45 21.30 -75.28
N VAL BA 98 16.17 21.25 -75.63
CA VAL BA 98 15.41 20.00 -75.59
C VAL BA 98 16.08 18.93 -76.42
N GLU BA 99 16.06 19.06 -77.75
CA GLU BA 99 16.55 17.98 -78.61
C GLU BA 99 17.96 17.56 -78.25
N LEU BA 100 18.79 18.51 -77.79
CA LEU BA 100 20.07 18.14 -77.20
C LEU BA 100 19.85 17.34 -75.91
N ALA BA 101 19.14 17.93 -74.95
CA ALA BA 101 18.87 17.23 -73.70
C ALA BA 101 18.02 15.99 -73.95
N LEU BA 102 17.11 16.07 -74.92
CA LEU BA 102 16.41 14.89 -75.38
C LEU BA 102 17.39 13.81 -75.82
N ASP BA 103 18.34 14.19 -76.67
CA ASP BA 103 19.36 13.24 -77.10
C ASP BA 103 20.21 12.79 -75.91
N ARG BA 104 20.33 13.64 -74.89
CA ARG BA 104 21.09 13.24 -73.71
C ARG BA 104 20.47 12.02 -73.03
N GLU BA 105 19.17 11.82 -73.19
CA GLU BA 105 18.53 10.66 -72.55
C GLU BA 105 18.93 9.37 -73.25
N ALA BA 106 18.76 9.31 -74.57
CA ALA BA 106 18.97 8.05 -75.29
C ALA BA 106 20.41 7.58 -75.15
N LYS BA 107 21.36 8.45 -75.43
CA LYS BA 107 22.78 8.10 -75.44
C LYS BA 107 23.48 8.40 -74.12
N SER BA 108 22.74 8.73 -73.07
CA SER BA 108 23.28 8.94 -71.72
C SER BA 108 24.41 7.98 -71.35
N THR CA 1 33.05 15.42 80.16
CA THR CA 1 32.55 16.75 79.83
C THR CA 1 31.81 17.40 80.99
N GLY CA 2 30.61 16.90 81.24
CA GLY CA 2 29.63 17.65 82.00
C GLY CA 2 28.79 18.55 81.13
N LEU CA 3 28.64 18.20 79.86
CA LEU CA 3 27.88 19.04 78.93
C LEU CA 3 26.40 18.95 79.24
N THR CA 4 25.74 20.11 79.22
CA THR CA 4 24.30 20.20 79.43
C THR CA 4 23.73 21.26 78.51
N GLY CA 5 22.44 21.52 78.66
CA GLY CA 5 21.78 22.62 77.98
C GLY CA 5 21.91 22.53 76.48
N ASN CA 6 21.86 23.69 75.84
CA ASN CA 6 21.94 23.77 74.39
C ASN CA 6 23.36 23.48 73.91
N PHE CA 7 23.53 23.56 72.60
CA PHE CA 7 24.85 23.38 72.01
C PHE CA 7 25.74 24.58 72.29
N ARG CA 8 25.18 25.79 72.21
CA ARG CA 8 25.99 27.00 72.20
C ARG CA 8 26.85 27.10 73.44
N GLU CA 9 26.22 27.24 74.61
CA GLU CA 9 26.97 27.43 75.84
C GLU CA 9 28.02 26.34 76.02
N ASP CA 10 27.64 25.09 75.77
CA ASP CA 10 28.61 24.00 75.93
C ASP CA 10 29.70 24.06 74.87
N THR CA 11 29.34 24.36 73.62
CA THR CA 11 30.34 24.49 72.56
C THR CA 11 31.39 25.50 72.97
N LEU CA 12 30.96 26.67 73.45
CA LEU CA 12 31.88 27.65 74.00
C LEU CA 12 32.64 27.06 75.19
N ALA CA 13 31.94 26.34 76.05
CA ALA CA 13 32.56 25.82 77.26
C ALA CA 13 33.71 24.88 76.94
N LEU CA 14 33.51 24.00 75.96
CA LEU CA 14 34.54 23.02 75.66
C LEU CA 14 35.81 23.69 75.14
N ILE CA 15 35.65 24.80 74.42
CA ILE CA 15 36.81 25.52 73.89
C ILE CA 15 37.66 26.04 75.04
N SER CA 16 37.03 26.41 76.16
CA SER CA 16 37.79 26.81 77.34
C SER CA 16 38.78 25.72 77.75
N SER CA 17 38.40 24.46 77.60
CA SER CA 17 39.33 23.37 77.83
C SER CA 17 40.23 23.15 76.62
N LEU CA 18 39.66 23.23 75.41
CA LEU CA 18 40.42 22.91 74.20
C LEU CA 18 41.57 23.87 73.97
N ARG CA 19 41.27 25.16 73.85
CA ARG CA 19 42.31 26.15 73.55
C ARG CA 19 43.36 26.20 74.65
N GLU CA 20 42.94 26.05 75.90
CA GLU CA 20 43.88 25.97 77.02
C GLU CA 20 44.83 24.79 76.84
N ALA CA 21 44.29 23.57 76.81
CA ALA CA 21 45.10 22.35 76.92
C ALA CA 21 46.07 22.16 75.76
N ILE CA 22 46.03 23.01 74.74
CA ILE CA 22 46.91 22.82 73.58
C ILE CA 22 48.37 22.86 74.00
N ALA CA 23 48.81 23.98 74.57
CA ALA CA 23 50.21 24.17 74.93
C ALA CA 23 50.33 24.32 76.44
N LEU CA 24 50.88 23.29 77.08
CA LEU CA 24 51.18 23.28 78.51
C LEU CA 24 52.59 22.74 78.70
N PRO CA 25 53.13 22.71 79.92
CA PRO CA 25 54.45 22.09 80.11
C PRO CA 25 54.37 20.58 79.93
N GLU CA 26 55.32 20.03 79.18
CA GLU CA 26 55.42 18.59 79.03
C GLU CA 26 56.01 17.94 80.27
N ASN CA 27 56.84 18.67 81.00
CA ASN CA 27 57.53 18.17 82.18
C ASN CA 27 56.74 18.38 83.47
N ASP CA 28 55.50 18.85 83.39
CA ASP CA 28 54.66 19.03 84.56
C ASP CA 28 54.39 17.66 85.17
N PRO CA 29 53.71 17.55 86.33
CA PRO CA 29 53.46 16.20 86.86
C PRO CA 29 52.66 15.32 85.93
N ASN CA 30 51.54 15.82 85.39
CA ASN CA 30 50.89 15.21 84.25
C ASN CA 30 50.44 16.31 83.29
N LYS CA 31 51.07 16.40 82.12
CA LYS CA 31 50.35 16.98 81.00
C LYS CA 31 49.55 15.92 80.25
N LYS CA 32 50.16 14.76 80.01
CA LYS CA 32 49.50 13.69 79.29
C LYS CA 32 48.19 13.30 79.95
N ALA CA 33 48.25 12.83 81.19
CA ALA CA 33 47.03 12.41 81.89
C ALA CA 33 46.00 13.54 81.94
N ALA CA 34 46.46 14.76 82.17
CA ALA CA 34 45.56 15.91 82.07
C ALA CA 34 45.06 16.06 80.64
N GLN CA 35 45.97 16.01 79.66
CA GLN CA 35 45.55 16.04 78.26
C GLN CA 35 44.75 14.79 77.90
N ALA CA 36 45.02 13.68 78.57
CA ALA CA 36 44.24 12.46 78.34
C ALA CA 36 42.78 12.69 78.71
N GLU CA 37 42.52 13.07 79.96
CA GLU CA 37 41.15 13.22 80.41
C GLU CA 37 40.47 14.40 79.70
N ALA CA 38 41.23 15.43 79.34
CA ALA CA 38 40.63 16.56 78.65
C ALA CA 38 40.10 16.16 77.28
N ARG CA 39 40.88 15.38 76.52
CA ARG CA 39 40.44 14.95 75.19
C ARG CA 39 39.38 13.85 75.26
N LYS CA 40 39.31 13.10 76.36
CA LYS CA 40 38.22 12.14 76.51
C LYS CA 40 36.88 12.83 76.47
N LYS CA 41 36.83 14.10 76.87
CA LYS CA 41 35.58 14.86 76.79
C LYS CA 41 35.12 14.99 75.35
N LEU CA 42 36.05 15.14 74.41
CA LEU CA 42 35.70 15.17 73.00
C LEU CA 42 34.82 13.98 72.64
N ASN CA 43 35.27 12.79 73.01
CA ASN CA 43 34.47 11.58 72.85
C ASN CA 43 33.07 11.80 73.38
N ASP CA 44 32.96 12.08 74.68
CA ASP CA 44 31.67 12.44 75.26
C ASP CA 44 31.02 13.58 74.48
N PHE CA 45 31.79 14.64 74.19
CA PHE CA 45 31.24 15.79 73.50
C PHE CA 45 30.64 15.41 72.16
N PHE CA 46 31.49 15.04 71.21
CA PHE CA 46 31.10 15.01 69.82
C PHE CA 46 30.22 13.80 69.48
N ALA CA 47 30.03 12.89 70.43
CA ALA CA 47 29.08 11.81 70.20
C ALA CA 47 27.65 12.33 70.13
N LEU CA 48 27.22 13.11 71.13
CA LEU CA 48 25.83 13.54 71.19
C LEU CA 48 25.49 14.53 70.08
N TYR CA 49 26.46 15.33 69.64
CA TYR CA 49 26.17 16.31 68.62
C TYR CA 49 26.11 15.69 67.23
N ARG CA 50 26.85 14.61 67.02
CA ARG CA 50 26.70 13.76 65.85
C ARG CA 50 25.24 13.40 65.60
N ARG CA 51 24.44 13.38 66.68
CA ARG CA 51 23.01 12.99 66.58
C ARG CA 51 22.10 14.13 66.12
N ASP CA 52 22.58 15.39 66.12
CA ASP CA 52 21.74 16.50 65.72
C ASP CA 52 21.75 16.66 64.20
N ASP CA 53 20.56 16.61 63.60
CA ASP CA 53 20.43 16.86 62.17
C ASP CA 53 20.40 18.34 61.85
N SER CA 54 19.88 19.15 62.76
CA SER CA 54 19.82 20.60 62.59
C SER CA 54 21.21 21.19 62.37
N LEU CA 55 22.05 21.14 63.40
CA LEU CA 55 23.38 21.71 63.32
C LEU CA 55 24.24 21.01 62.27
N ARG CA 56 23.83 19.82 61.82
CA ARG CA 56 24.51 19.12 60.74
C ARG CA 56 24.48 19.92 59.44
N SER CA 57 23.65 20.96 59.36
CA SER CA 57 23.53 21.79 58.16
C SER CA 57 24.49 22.99 58.22
N LEU CA 58 24.28 23.86 59.20
CA LEU CA 58 24.96 25.14 59.26
C LEU CA 58 26.47 24.99 59.50
N SER CA 59 27.19 26.06 59.13
CA SER CA 59 28.64 26.08 59.26
C SER CA 59 29.09 25.85 60.69
N SER CA 60 28.72 26.78 61.59
CA SER CA 60 29.40 26.91 62.88
C SER CA 60 29.53 25.59 63.62
N PHE CA 61 28.54 24.71 63.49
CA PHE CA 61 28.69 23.37 64.05
C PHE CA 61 29.71 22.56 63.27
N MET CA 62 29.54 22.49 61.94
CA MET CA 62 30.49 21.71 61.15
C MET CA 62 31.87 22.33 61.16
N THR CA 63 31.99 23.59 61.54
CA THR CA 63 33.31 24.14 61.83
C THR CA 63 33.95 23.38 62.98
N MET CA 64 33.26 23.31 64.13
CA MET CA 64 33.80 22.61 65.28
C MET CA 64 34.19 21.17 64.93
N GLN CA 65 33.36 20.48 64.15
CA GLN CA 65 33.73 19.14 63.72
C GLN CA 65 35.07 19.13 62.99
N THR CA 66 35.30 20.14 62.14
CA THR CA 66 36.60 20.26 61.49
C THR CA 66 37.70 20.43 62.53
N ALA CA 67 37.45 21.23 63.57
CA ALA CA 67 38.43 21.38 64.64
C ALA CA 67 38.59 20.08 65.41
N LEU CA 68 37.48 19.49 65.86
CA LEU CA 68 37.55 18.28 66.65
C LEU CA 68 38.27 17.17 65.89
N ASN CA 69 37.89 16.97 64.64
CA ASN CA 69 38.53 15.91 63.87
C ASN CA 69 39.99 16.19 63.64
N SER CA 70 40.37 17.47 63.56
CA SER CA 70 41.77 17.81 63.41
C SER CA 70 42.55 17.45 64.66
N LEU CA 71 42.12 17.98 65.81
CA LEU CA 71 42.81 17.75 67.08
C LEU CA 71 42.85 16.28 67.47
N ALA CA 72 41.69 15.70 67.74
CA ALA CA 72 41.63 14.37 68.34
C ALA CA 72 42.23 13.30 67.44
N GLY CA 73 42.09 13.44 66.12
CA GLY CA 73 42.61 12.44 65.20
C GLY CA 73 44.09 12.18 65.35
N HIS CA 74 44.83 13.13 65.90
CA HIS CA 74 46.25 12.92 66.16
C HIS CA 74 46.47 11.88 67.25
N TYR CA 75 45.51 11.71 68.15
CA TYR CA 75 45.76 11.00 69.39
C TYR CA 75 45.57 9.49 69.27
N SER CA 76 44.98 9.00 68.18
CA SER CA 76 44.98 7.56 67.97
C SER CA 76 46.28 7.08 67.33
N SER CA 77 46.77 7.82 66.32
CA SER CA 77 48.00 7.47 65.62
C SER CA 77 49.19 7.42 66.57
N TYR CA 78 49.65 8.58 67.03
CA TYR CA 78 50.73 8.67 68.01
C TYR CA 78 50.44 9.81 68.98
N PRO CA 79 49.66 9.54 70.03
CA PRO CA 79 49.29 10.63 70.95
C PRO CA 79 50.45 11.16 71.77
N ASN CA 80 51.53 10.40 71.92
CA ASN CA 80 52.61 10.81 72.81
C ASN CA 80 53.27 12.09 72.35
N ARG CA 81 53.71 12.13 71.10
CA ARG CA 81 54.34 13.34 70.59
C ARG CA 81 53.33 14.48 70.59
N PRO CA 82 53.70 15.66 71.09
CA PRO CA 82 52.80 16.81 71.01
C PRO CA 82 52.57 17.21 69.56
N LEU CA 83 51.52 17.99 69.36
CA LEU CA 83 51.17 18.43 68.02
C LEU CA 83 52.28 19.29 67.42
N PRO CA 84 52.34 19.36 66.09
CA PRO CA 84 53.11 20.44 65.47
C PRO CA 84 52.47 21.78 65.77
N GLU CA 85 53.31 22.79 65.97
CA GLU CA 85 52.78 24.13 66.22
C GLU CA 85 51.85 24.58 65.11
N LYS CA 86 52.20 24.26 63.86
CA LYS CA 86 51.37 24.65 62.73
C LYS CA 86 49.96 24.07 62.83
N LEU CA 87 49.83 22.89 63.43
CA LEU CA 87 48.50 22.35 63.69
C LEU CA 87 47.89 22.96 64.94
N LYS CA 88 48.74 23.39 65.87
CA LYS CA 88 48.28 23.98 67.16
C LYS CA 88 47.88 25.44 66.95
N ALA CA 89 48.63 26.18 66.12
CA ALA CA 89 48.35 27.61 65.86
C ALA CA 89 47.23 27.76 64.83
N ARG CA 90 46.92 26.68 64.09
CA ARG CA 90 45.86 26.70 63.05
C ARG CA 90 44.51 26.36 63.69
N LEU CA 91 44.51 25.99 64.98
CA LEU CA 91 43.26 25.62 65.69
C LEU CA 91 42.58 26.89 66.19
N GLU CA 92 43.09 27.47 67.28
CA GLU CA 92 42.55 28.71 67.82
C GLU CA 92 41.92 29.57 66.73
N GLN CA 93 42.67 29.76 65.64
CA GLN CA 93 42.15 30.52 64.51
C GLN CA 93 40.83 29.95 64.02
N GLU CA 94 40.63 28.64 64.17
CA GLU CA 94 39.32 28.07 63.88
C GLU CA 94 38.33 28.39 64.98
N PHE CA 95 38.73 28.17 66.25
CA PHE CA 95 37.83 28.50 67.36
C PHE CA 95 37.44 29.97 67.33
N LYS CA 96 38.42 30.85 67.11
CA LYS CA 96 38.15 32.28 67.06
C LYS CA 96 37.08 32.61 66.03
N GLN CA 97 37.18 32.00 64.84
CA GLN CA 97 36.11 32.15 63.86
C GLN CA 97 34.81 31.55 64.39
N VAL CA 98 34.88 30.39 65.02
CA VAL CA 98 33.69 29.64 65.41
C VAL CA 98 32.79 30.50 66.28
N GLU CA 99 33.20 30.77 67.53
CA GLU CA 99 32.30 31.43 68.46
C GLU CA 99 31.74 32.73 67.89
N LEU CA 100 32.54 33.43 67.08
CA LEU CA 100 31.99 34.54 66.31
C LEU CA 100 30.96 34.05 65.30
N ALA CA 101 31.37 33.14 64.41
CA ALA CA 101 30.43 32.59 63.44
C ALA CA 101 29.32 31.83 64.13
N LEU CA 102 29.63 31.16 65.24
CA LEU CA 102 28.61 30.56 66.08
C LEU CA 102 27.60 31.63 66.51
N ASP CA 103 28.10 32.75 67.03
CA ASP CA 103 27.22 33.84 67.40
C ASP CA 103 26.49 34.41 66.19
N ARG CA 104 27.10 34.28 65.01
CA ARG CA 104 26.43 34.76 63.80
C ARG CA 104 25.13 34.01 63.55
N GLU CA 105 25.02 32.77 64.03
CA GLU CA 105 23.80 32.01 63.82
C GLU CA 105 22.66 32.56 64.66
N ALA CA 106 22.88 32.70 65.97
CA ALA CA 106 21.79 33.07 66.87
C ALA CA 106 21.23 34.44 66.53
N LYS CA 107 22.10 35.43 66.39
CA LYS CA 107 21.71 36.81 66.17
C LYS CA 107 21.68 37.20 64.69
N SER CA 108 21.83 36.23 63.79
CA SER CA 108 21.73 36.46 62.34
C SER CA 108 20.66 37.47 61.94
N VAL DA 2 -43.06 38.36 -57.13
CA VAL DA 2 -43.04 38.04 -55.71
C VAL DA 2 -44.40 37.53 -55.25
N ILE DA 3 -45.14 38.59 -54.92
CA ILE DA 3 -46.53 38.61 -54.49
C ILE DA 3 -47.34 38.27 -55.71
N ALA DA 4 -46.95 38.86 -56.83
CA ALA DA 4 -47.58 38.51 -58.09
C ALA DA 4 -47.07 37.11 -58.36
N GLN DA 5 -45.76 36.94 -58.21
CA GLN DA 5 -45.09 35.68 -58.39
C GLN DA 5 -45.55 34.71 -57.31
N LEU DA 6 -45.73 35.21 -56.09
CA LEU DA 6 -46.19 34.38 -54.98
C LEU DA 6 -47.59 33.86 -55.27
N THR DA 7 -48.43 34.74 -55.82
CA THR DA 7 -49.81 34.38 -56.17
C THR DA 7 -49.77 33.35 -57.28
N MET DA 8 -48.86 33.55 -58.22
CA MET DA 8 -48.72 32.64 -59.32
C MET DA 8 -48.34 31.29 -58.73
N ILE DA 9 -47.40 31.22 -57.80
CA ILE DA 9 -47.05 29.91 -57.25
C ILE DA 9 -48.22 29.27 -56.50
N ALA DA 10 -48.98 30.05 -55.74
CA ALA DA 10 -50.09 29.48 -55.00
C ALA DA 10 -51.10 28.90 -55.97
N MET DA 11 -51.40 29.65 -57.02
CA MET DA 11 -52.33 29.18 -58.04
C MET DA 11 -51.81 28.02 -58.87
N ILE DA 12 -50.51 28.03 -59.17
CA ILE DA 12 -49.95 27.02 -60.05
C ILE DA 12 -49.99 25.60 -59.56
N GLY DA 13 -49.71 25.26 -58.31
CA GLY DA 13 -49.92 23.83 -58.28
C GLY DA 13 -50.71 23.36 -57.08
N ILE DA 14 -52.02 23.57 -57.10
CA ILE DA 14 -52.88 23.17 -56.01
C ILE DA 14 -53.82 22.04 -56.44
N ALA DA 15 -53.36 21.24 -57.40
CA ALA DA 15 -54.15 20.13 -57.90
C ALA DA 15 -54.14 18.95 -56.93
N GLY DA 16 -53.13 18.89 -56.09
CA GLY DA 16 -53.03 17.81 -55.11
C GLY DA 16 -54.32 17.70 -54.32
N PRO DA 17 -54.54 18.65 -53.42
CA PRO DA 17 -55.75 18.66 -52.60
C PRO DA 17 -57.01 18.63 -53.46
N MET DA 18 -57.04 19.46 -54.50
CA MET DA 18 -58.20 19.51 -55.38
C MET DA 18 -58.48 18.13 -55.95
N ILE DA 19 -57.44 17.48 -56.46
CA ILE DA 19 -57.56 16.14 -57.05
C ILE DA 19 -58.24 15.18 -56.08
N ILE DA 20 -57.78 15.16 -54.84
CA ILE DA 20 -58.35 14.28 -53.83
C ILE DA 20 -59.80 14.64 -53.52
N PHE DA 21 -60.07 15.94 -53.40
CA PHE DA 21 -61.42 16.40 -53.07
C PHE DA 21 -62.41 16.02 -54.15
N LEU DA 22 -62.02 16.23 -55.41
CA LEU DA 22 -62.90 15.87 -56.52
C LEU DA 22 -63.10 14.37 -56.52
N LEU DA 23 -62.00 13.64 -56.32
CA LEU DA 23 -62.04 12.19 -56.26
C LEU DA 23 -62.87 11.72 -55.09
N ALA DA 24 -62.74 12.40 -53.95
CA ALA DA 24 -63.51 12.05 -52.77
C ALA DA 24 -65.00 12.22 -53.05
N VAL DA 25 -65.35 13.31 -53.72
CA VAL DA 25 -66.75 13.58 -54.05
C VAL DA 25 -67.28 12.50 -54.99
N ARG DA 26 -66.44 12.11 -55.95
CA ARG DA 26 -66.75 11.09 -56.93
C ARG DA 26 -66.90 9.68 -56.32
N ARG DA 27 -66.19 9.45 -55.22
CA ARG DA 27 -66.16 8.17 -54.51
C ARG DA 27 -65.69 7.12 -55.50
N GLY DA 28 -64.71 7.52 -56.30
CA GLY DA 28 -64.13 6.66 -57.33
C GLY DA 28 -63.45 5.46 -56.71
N ASN DA 29 -62.13 5.43 -56.79
CA ASN DA 29 -61.35 4.32 -56.22
C ASN DA 29 -60.12 4.83 -55.49
N LEU DA 30 -59.68 4.06 -54.51
CA LEU DA 30 -58.49 4.42 -53.74
C LEU DA 30 -57.89 3.20 -53.03
N ILE EA 2 49.59 -40.38 -10.97
CA ILE EA 2 49.21 -40.53 -9.57
C ILE EA 2 49.91 -39.48 -8.72
N THR EA 3 49.18 -38.42 -8.40
CA THR EA 3 49.70 -37.39 -7.52
C THR EA 3 49.74 -37.96 -6.10
N PRO EA 4 50.51 -37.29 -5.25
CA PRO EA 4 50.50 -37.65 -3.84
C PRO EA 4 49.04 -37.54 -3.38
N SER EA 5 48.33 -36.53 -3.91
CA SER EA 5 46.92 -36.29 -3.62
C SER EA 5 46.10 -37.41 -4.24
N LEU EA 6 46.26 -37.63 -5.53
CA LEU EA 6 45.51 -38.67 -6.22
C LEU EA 6 45.71 -40.03 -5.55
N LYS EA 7 46.98 -40.41 -5.38
CA LYS EA 7 47.32 -41.67 -4.76
C LYS EA 7 46.77 -41.77 -3.35
N GLY EA 8 46.88 -40.68 -2.60
CA GLY EA 8 46.40 -40.63 -1.24
C GLY EA 8 44.90 -40.86 -1.19
N PHE EA 9 44.18 -40.24 -2.11
CA PHE EA 9 42.74 -40.36 -2.19
C PHE EA 9 42.38 -41.80 -2.51
N PHE EA 10 43.13 -42.41 -3.43
CA PHE EA 10 42.92 -43.80 -3.77
C PHE EA 10 43.05 -44.64 -2.50
N ILE EA 11 44.13 -44.43 -1.75
CA ILE EA 11 44.36 -45.14 -0.50
C ILE EA 11 43.17 -44.99 0.42
N GLY EA 12 42.73 -43.75 0.61
CA GLY EA 12 41.59 -43.47 1.45
C GLY EA 12 40.37 -44.28 1.05
N LEU EA 13 39.98 -44.19 -0.21
CA LEU EA 13 38.82 -44.94 -0.67
C LEU EA 13 38.97 -46.43 -0.43
N LEU EA 14 40.14 -46.96 -0.75
CA LEU EA 14 40.41 -48.37 -0.55
C LEU EA 14 40.17 -48.75 0.90
N SER EA 15 40.78 -48.00 1.81
CA SER EA 15 40.63 -48.27 3.23
C SER EA 15 39.16 -48.23 3.62
N GLY EA 16 38.45 -47.21 3.17
CA GLY EA 16 37.04 -47.07 3.48
C GLY EA 16 36.27 -48.31 3.07
N ALA EA 17 36.45 -48.74 1.82
CA ALA EA 17 35.76 -49.92 1.33
C ALA EA 17 36.09 -51.12 2.19
N VAL EA 18 37.38 -51.31 2.47
CA VAL EA 18 37.82 -52.43 3.29
C VAL EA 18 37.09 -52.44 4.63
N VAL EA 19 37.04 -51.29 5.29
CA VAL EA 19 36.37 -51.16 6.57
C VAL EA 19 34.90 -51.53 6.44
N LEU EA 20 34.15 -50.72 5.72
CA LEU EA 20 32.74 -51.01 5.51
C LEU EA 20 32.61 -52.49 5.19
N GLY EA 21 33.53 -52.98 4.38
CA GLY EA 21 33.53 -54.38 4.01
C GLY EA 21 33.60 -55.21 5.28
N LEU EA 22 34.67 -55.00 6.04
CA LEU EA 22 34.86 -55.75 7.27
C LEU EA 22 33.68 -55.63 8.23
N THR EA 23 33.20 -54.41 8.45
CA THR EA 23 32.06 -54.21 9.34
C THR EA 23 30.86 -55.03 8.91
N PHE EA 24 30.52 -54.92 7.62
CA PHE EA 24 29.39 -55.65 7.07
C PHE EA 24 29.57 -57.13 7.26
N ALA EA 25 30.76 -57.62 6.95
CA ALA EA 25 31.07 -59.04 7.09
C ALA EA 25 30.79 -59.48 8.51
N VAL EA 26 31.34 -58.74 9.47
CA VAL EA 26 31.16 -59.04 10.87
C VAL EA 26 29.68 -59.13 11.21
N LEU EA 27 28.92 -58.10 10.85
CA LEU EA 27 27.49 -58.09 11.14
C LEU EA 27 26.80 -59.33 10.56
N ILE EA 28 27.08 -59.60 9.30
CA ILE EA 28 26.50 -60.74 8.61
C ILE EA 28 26.77 -62.02 9.39
N ALA EA 29 28.06 -62.29 9.60
CA ALA EA 29 28.49 -63.47 10.33
C ALA EA 29 27.82 -63.54 11.68
N ILE EA 30 27.89 -62.45 12.42
CA ILE EA 30 27.28 -62.36 13.74
C ILE EA 30 25.79 -62.69 13.62
N SER EA 31 25.13 -62.01 12.68
CA SER EA 31 23.72 -62.25 12.41
C SER EA 31 23.52 -63.72 12.07
N GLN EA 32 24.34 -64.25 11.17
CA GLN EA 32 24.27 -65.65 10.76
C GLN EA 32 24.52 -66.60 11.92
N ILE EA 33 25.44 -66.23 12.81
CA ILE EA 33 25.78 -67.05 13.96
C ILE EA 33 24.53 -67.43 14.77
N ASP EA 34 23.69 -66.43 15.06
CA ASP EA 34 22.46 -66.67 15.80
C ASP EA 34 21.39 -67.19 14.86
N LYS EA 35 20.41 -67.90 15.41
CA LYS EA 35 19.33 -68.45 14.60
C LYS EA 35 18.09 -68.73 15.42
N VAL EA 36 17.55 -67.70 16.06
CA VAL EA 36 16.35 -67.84 16.88
C VAL EA 36 15.23 -68.45 16.04
N ILE FA 2 -39.57 51.65 9.80
CA ILE FA 2 -39.91 51.01 8.54
C ILE FA 2 -39.13 51.63 7.38
N THR FA 3 -38.02 51.01 7.01
CA THR FA 3 -37.22 51.52 5.90
C THR FA 3 -37.75 51.02 4.56
N PRO FA 4 -37.12 51.47 3.48
CA PRO FA 4 -37.54 51.05 2.14
C PRO FA 4 -37.57 49.53 2.01
N SER FA 5 -36.44 48.90 2.29
CA SER FA 5 -36.32 47.44 2.19
C SER FA 5 -37.43 46.72 2.95
N LEU FA 6 -37.49 46.94 4.26
CA LEU FA 6 -38.50 46.30 5.09
C LEU FA 6 -39.91 46.53 4.56
N LYS FA 7 -40.26 47.78 4.31
CA LYS FA 7 -41.58 48.10 3.78
C LYS FA 7 -41.79 47.36 2.48
N GLY FA 8 -40.81 47.48 1.59
CA GLY FA 8 -40.87 46.81 0.31
C GLY FA 8 -41.04 45.32 0.49
N PHE FA 9 -40.22 44.73 1.37
CA PHE FA 9 -40.31 43.30 1.60
C PHE FA 9 -41.70 42.95 2.10
N PHE FA 10 -42.24 43.80 2.97
CA PHE FA 10 -43.57 43.58 3.52
C PHE FA 10 -44.59 43.46 2.40
N ILE FA 11 -44.54 44.40 1.46
CA ILE FA 11 -45.43 44.41 0.32
C ILE FA 11 -45.44 43.07 -0.39
N GLY FA 12 -44.24 42.53 -0.62
CA GLY FA 12 -44.09 41.25 -1.27
C GLY FA 12 -44.91 40.18 -0.57
N LEU FA 13 -44.46 39.78 0.61
CA LEU FA 13 -45.14 38.74 1.38
C LEU FA 13 -46.64 38.98 1.55
N LEU FA 14 -47.01 40.21 1.90
CA LEU FA 14 -48.40 40.58 2.10
C LEU FA 14 -49.27 40.17 0.91
N SER FA 15 -48.95 40.69 -0.26
CA SER FA 15 -49.71 40.34 -1.45
C SER FA 15 -49.38 38.90 -1.84
N GLY FA 16 -48.12 38.52 -1.64
CA GLY FA 16 -47.68 37.18 -1.96
C GLY FA 16 -48.54 36.13 -1.28
N ALA FA 17 -48.53 36.15 0.04
CA ALA FA 17 -49.30 35.19 0.82
C ALA FA 17 -50.76 35.22 0.42
N VAL FA 18 -51.33 36.42 0.34
CA VAL FA 18 -52.73 36.58 -0.04
C VAL FA 18 -53.02 35.89 -1.36
N VAL FA 19 -52.18 36.12 -2.36
CA VAL FA 19 -52.35 35.49 -3.66
C VAL FA 19 -52.36 33.98 -3.49
N LEU FA 20 -51.35 33.48 -2.77
CA LEU FA 20 -51.26 32.05 -2.52
C LEU FA 20 -52.51 31.58 -1.77
N GLY FA 21 -52.89 32.33 -0.75
CA GLY FA 21 -54.05 32.01 0.06
C GLY FA 21 -55.36 32.09 -0.71
N LEU FA 22 -55.42 32.99 -1.68
CA LEU FA 22 -56.63 33.15 -2.48
C LEU FA 22 -56.91 31.92 -3.32
N THR FA 23 -55.85 31.29 -3.81
CA THR FA 23 -55.97 30.08 -4.63
C THR FA 23 -56.69 29.01 -3.82
N PHE FA 24 -56.29 28.84 -2.57
CA PHE FA 24 -56.89 27.85 -1.69
C PHE FA 24 -58.40 28.02 -1.63
N ALA FA 25 -58.85 29.26 -1.42
CA ALA FA 25 -60.27 29.56 -1.37
C ALA FA 25 -60.95 29.06 -2.63
N VAL FA 26 -60.39 29.42 -3.78
CA VAL FA 26 -60.94 28.99 -5.07
C VAL FA 26 -61.06 27.48 -5.10
N LEU FA 27 -59.99 26.78 -4.73
CA LEU FA 27 -60.02 25.33 -4.72
C LEU FA 27 -61.05 24.85 -3.71
N ILE FA 28 -60.98 25.39 -2.50
CA ILE FA 28 -61.90 25.02 -1.44
C ILE FA 28 -63.34 25.22 -1.89
N ALA FA 29 -63.63 26.39 -2.45
CA ALA FA 29 -64.97 26.69 -2.91
C ALA FA 29 -65.40 25.74 -4.02
N ILE FA 30 -64.58 25.64 -5.06
CA ILE FA 30 -64.86 24.78 -6.21
C ILE FA 30 -65.23 23.36 -5.79
N SER FA 31 -64.43 22.77 -4.92
CA SER FA 31 -64.67 21.42 -4.45
C SER FA 31 -66.06 21.34 -3.83
N GLN FA 32 -66.37 22.28 -2.96
CA GLN FA 32 -67.68 22.31 -2.31
C GLN FA 32 -68.78 22.34 -3.35
N ILE FA 33 -68.54 23.07 -4.44
CA ILE FA 33 -69.49 23.18 -5.52
C ILE FA 33 -69.80 21.84 -6.18
N ASP FA 34 -68.78 21.07 -6.51
CA ASP FA 34 -68.97 19.77 -7.14
C ASP FA 34 -68.84 18.63 -6.14
N LYS FA 35 -69.80 18.56 -5.23
CA LYS FA 35 -69.81 17.52 -4.21
C LYS FA 35 -70.54 16.29 -4.75
N VAL FA 36 -69.80 15.20 -4.91
CA VAL FA 36 -70.37 13.97 -5.43
C VAL FA 36 -71.16 13.23 -4.36
#